data_6GVS
#
_entry.id   6GVS
#
_cell.length_a   362.202
_cell.length_b   123.183
_cell.length_c   165.096
_cell.angle_alpha   90.000
_cell.angle_beta   109.250
_cell.angle_gamma   90.000
#
_symmetry.space_group_name_H-M   'C 1 2 1'
#
loop_
_entity.id
_entity.type
_entity.pdbx_description
1 polymer 'Aldehyde dehydrogenase'
2 non-polymer 'NADP NICOTINAMIDE-ADENINE-DINUCLEOTIDE PHOSPHATE'
3 non-polymer 'POTASSIUM ION'
4 water water
#
_entity_poly.entity_id   1
_entity_poly.type   'polypeptide(L)'
_entity_poly.pdbx_seq_one_letter_code
;MAHHHHHHVGTNDANIADVVTKVLGEYGAPGAVSVAALTAKSPDGKSNSSADADVVARMVAKAIRDHAGTAQPSGNAATS
SAAVSDGVFETMDAAVEAAALAQQQYLLCSMSDRARFVQGIRDVILNQDTLEKMSRMAVEETGMGNYEHKLIKNRLAGEK
TPGIEDLTTDAFSGDNGLTLVEYSPFGVIGAITPTTNPTETIVCNSIGMLAAGNSVVFSPHGRARQVSLLLVRLINQKLA
ALGAPENLVVTVEKPSRENTLAMMAHPKVRMLVATGGPALVKAVLSTGKKAIGAGAGNPPVVVDETANIEKAACDIVNGC
SFDNNITCTAEKEIIAVAQIADYLIFNLKKNGAYEIKDPAVLQQLQDLVLTAKGGPQTKCVGKSAVWLLSQIGISVDASI
KIILMEVPREHPFVQEELMMPILPLVRVETVDDAIDLAIEVEHDNRHTAIMHSTDVRKLTKMAKLIQTTIFVKNGPSYAG
HGAGGEGYSTFTIAGPTGEGLTSAKSFARRRKCVMVEALNIR
;
_entity_poly.pdbx_strand_id   A,B,C,D,E,F,G,H,I,J
#
loop_
_chem_comp.id
_chem_comp.type
_chem_comp.name
_chem_comp.formula
K non-polymer 'POTASSIUM ION' 'K 1'
NAP non-polymer 'NADP NICOTINAMIDE-ADENINE-DINUCLEOTIDE PHOSPHATE' 'C21 H28 N7 O17 P3'
#
# COMPACT_ATOMS: atom_id res chain seq x y z
N ALA A 82 -10.40 -19.10 0.01
CA ALA A 82 -10.17 -20.50 0.39
C ALA A 82 -9.05 -21.19 -0.40
N ALA A 83 -7.82 -20.69 -0.30
CA ALA A 83 -6.72 -21.30 -1.03
C ALA A 83 -5.87 -22.08 -0.07
N VAL A 84 -5.87 -23.39 -0.22
CA VAL A 84 -5.12 -24.22 0.67
C VAL A 84 -3.70 -24.30 0.23
N SER A 85 -2.79 -24.19 1.17
CA SER A 85 -1.40 -24.21 0.88
C SER A 85 -0.91 -25.57 0.50
N ASP A 86 0.14 -25.63 -0.31
CA ASP A 86 0.69 -26.89 -0.73
C ASP A 86 1.95 -27.15 -0.01
N GLY A 87 2.35 -26.23 0.83
CA GLY A 87 3.48 -26.43 1.70
C GLY A 87 4.79 -25.87 1.20
N VAL A 88 4.86 -25.45 -0.06
CA VAL A 88 6.09 -24.93 -0.65
C VAL A 88 6.01 -23.41 -0.67
N PHE A 89 7.01 -22.76 -0.11
CA PHE A 89 7.02 -21.32 0.07
C PHE A 89 8.17 -20.68 -0.70
N GLU A 90 8.01 -19.39 -0.99
CA GLU A 90 9.01 -18.67 -1.78
C GLU A 90 10.29 -18.43 -0.98
N THR A 91 10.16 -18.11 0.30
CA THR A 91 11.30 -17.82 1.15
C THR A 91 11.30 -18.76 2.35
N MET A 92 12.49 -18.96 2.92
CA MET A 92 12.61 -19.80 4.11
C MET A 92 11.90 -19.16 5.29
N ASP A 93 11.94 -17.83 5.40
CA ASP A 93 11.28 -17.16 6.52
C ASP A 93 9.78 -17.43 6.51
N ALA A 94 9.16 -17.43 5.33
CA ALA A 94 7.73 -17.69 5.25
C ALA A 94 7.41 -19.13 5.62
N ALA A 95 8.23 -20.08 5.15
CA ALA A 95 8.02 -21.48 5.50
C ALA A 95 8.07 -21.69 7.01
N VAL A 96 9.02 -21.04 7.68
CA VAL A 96 9.17 -21.23 9.12
C VAL A 96 7.97 -20.64 9.87
N GLU A 97 7.59 -19.41 9.52
CA GLU A 97 6.43 -18.79 10.15
C GLU A 97 5.18 -19.63 9.94
N ALA A 98 5.01 -20.19 8.75
CA ALA A 98 3.86 -21.05 8.48
C ALA A 98 3.90 -22.31 9.33
N ALA A 99 5.07 -22.96 9.40
CA ALA A 99 5.20 -24.16 10.20
C ALA A 99 5.03 -23.87 11.69
N ALA A 100 5.42 -22.67 12.13
CA ALA A 100 5.21 -22.28 13.52
C ALA A 100 3.72 -22.18 13.84
N LEU A 101 2.98 -21.43 13.00
CA LEU A 101 1.54 -21.32 13.21
C LEU A 101 0.89 -22.69 13.16
N ALA A 102 1.34 -23.56 12.25
CA ALA A 102 0.78 -24.90 12.18
C ALA A 102 1.04 -25.67 13.48
N GLN A 103 2.21 -25.47 14.08
CA GLN A 103 2.54 -26.18 15.31
C GLN A 103 1.60 -25.79 16.45
N GLN A 104 1.25 -24.50 16.54
CA GLN A 104 0.32 -24.06 17.57
C GLN A 104 -1.03 -24.74 17.41
N GLN A 105 -1.50 -24.86 16.16
CA GLN A 105 -2.77 -25.51 15.90
C GLN A 105 -2.68 -27.01 16.12
N TYR A 106 -1.54 -27.61 15.79
CA TYR A 106 -1.35 -29.04 15.98
C TYR A 106 -1.42 -29.42 17.45
N LEU A 107 -1.03 -28.51 18.34
CA LEU A 107 -1.13 -28.77 19.78
C LEU A 107 -2.57 -28.99 20.23
N LEU A 108 -3.55 -28.47 19.49
CA LEU A 108 -4.96 -28.67 19.82
C LEU A 108 -5.49 -29.99 19.30
N CYS A 109 -4.67 -30.80 18.64
CA CYS A 109 -5.14 -32.05 18.06
C CYS A 109 -4.96 -33.21 19.02
N SER A 110 -5.66 -34.31 18.72
CA SER A 110 -5.63 -35.51 19.54
C SER A 110 -4.54 -36.45 19.04
N MET A 111 -4.21 -37.44 19.87
CA MET A 111 -3.34 -38.52 19.41
C MET A 111 -3.98 -39.26 18.25
N SER A 112 -5.31 -39.40 18.26
CA SER A 112 -6.01 -40.01 17.13
C SER A 112 -5.77 -39.21 15.85
N ASP A 113 -5.80 -37.88 15.95
CA ASP A 113 -5.50 -37.03 14.79
C ASP A 113 -4.07 -37.23 14.32
N ARG A 114 -3.12 -37.25 15.26
CA ARG A 114 -1.74 -37.56 14.90
C ARG A 114 -1.66 -38.86 14.12
N ALA A 115 -2.32 -39.90 14.62
CA ALA A 115 -2.23 -41.22 13.98
C ALA A 115 -2.81 -41.19 12.57
N ARG A 116 -3.88 -40.42 12.35
CA ARG A 116 -4.45 -40.32 11.02
C ARG A 116 -3.48 -39.62 10.06
N PHE A 117 -2.84 -38.55 10.53
CA PHE A 117 -1.87 -37.84 9.68
C PHE A 117 -0.66 -38.71 9.39
N VAL A 118 -0.14 -39.40 10.41
CA VAL A 118 0.96 -40.33 10.19
C VAL A 118 0.56 -41.38 9.15
N GLN A 119 -0.66 -41.93 9.28
CA GLN A 119 -1.11 -42.92 8.32
C GLN A 119 -1.27 -42.32 6.92
N GLY A 120 -1.58 -41.02 6.84
CA GLY A 120 -1.69 -40.38 5.54
C GLY A 120 -0.37 -40.33 4.81
N ILE A 121 0.72 -40.06 5.55
CA ILE A 121 2.05 -40.04 4.92
C ILE A 121 2.40 -41.42 4.38
N ARG A 122 2.13 -42.47 5.16
CA ARG A 122 2.35 -43.83 4.66
C ARG A 122 1.56 -44.07 3.39
N ASP A 123 0.26 -43.71 3.41
CA ASP A 123 -0.57 -43.90 2.22
C ASP A 123 0.04 -43.22 1.00
N VAL A 124 0.62 -42.04 1.19
CA VAL A 124 1.17 -41.29 0.05
C VAL A 124 2.30 -42.07 -0.60
N ILE A 125 3.34 -42.39 0.18
CA ILE A 125 4.53 -43.03 -0.38
C ILE A 125 4.25 -44.46 -0.80
N LEU A 126 3.28 -45.12 -0.16
CA LEU A 126 3.01 -46.52 -0.43
C LEU A 126 2.03 -46.73 -1.58
N ASN A 127 1.32 -45.69 -2.01
CA ASN A 127 0.50 -45.80 -3.22
C ASN A 127 1.37 -46.20 -4.39
N GLN A 128 1.03 -47.33 -5.03
CA GLN A 128 1.95 -47.96 -5.98
C GLN A 128 2.44 -46.98 -7.03
N ASP A 129 1.55 -46.12 -7.53
CA ASP A 129 1.96 -45.15 -8.55
C ASP A 129 3.00 -44.19 -7.97
N THR A 130 2.64 -43.47 -6.91
CA THR A 130 3.56 -42.51 -6.31
C THR A 130 4.88 -43.17 -5.93
N LEU A 131 4.82 -44.40 -5.41
CA LEU A 131 6.04 -45.12 -5.04
C LEU A 131 6.96 -45.28 -6.25
N GLU A 132 6.39 -45.70 -7.38
CA GLU A 132 7.19 -45.91 -8.59
C GLU A 132 7.73 -44.58 -9.11
N LYS A 133 6.88 -43.56 -9.18
CA LYS A 133 7.35 -42.24 -9.63
C LYS A 133 8.47 -41.74 -8.74
N MET A 134 8.26 -41.71 -7.42
CA MET A 134 9.28 -41.20 -6.50
C MET A 134 10.60 -41.93 -6.70
N SER A 135 10.57 -43.27 -6.75
CA SER A 135 11.80 -44.04 -6.86
C SER A 135 12.53 -43.71 -8.16
N ARG A 136 11.81 -43.75 -9.29
CA ARG A 136 12.42 -43.41 -10.56
C ARG A 136 12.81 -41.94 -10.62
N MET A 137 11.95 -41.06 -10.13
CA MET A 137 12.19 -39.62 -10.24
C MET A 137 13.46 -39.23 -9.48
N ALA A 138 13.71 -39.83 -8.33
CA ALA A 138 14.87 -39.45 -7.54
C ALA A 138 16.17 -39.91 -8.18
N VAL A 139 16.17 -41.13 -8.73
CA VAL A 139 17.38 -41.65 -9.37
C VAL A 139 17.71 -40.83 -10.61
N GLU A 140 16.70 -40.41 -11.37
CA GLU A 140 16.94 -39.60 -12.56
C GLU A 140 17.48 -38.23 -12.20
N GLU A 141 16.96 -37.61 -11.14
CA GLU A 141 17.33 -36.23 -10.84
C GLU A 141 18.72 -36.15 -10.22
N THR A 142 19.07 -37.10 -9.35
CA THR A 142 20.36 -37.10 -8.69
C THR A 142 21.39 -37.95 -9.41
N GLY A 143 20.96 -38.92 -10.22
CA GLY A 143 21.88 -39.85 -10.84
C GLY A 143 22.52 -40.83 -9.88
N MET A 144 21.92 -41.02 -8.71
CA MET A 144 22.48 -41.86 -7.66
C MET A 144 21.48 -42.92 -7.26
N GLY A 145 21.93 -44.16 -7.15
CA GLY A 145 21.07 -45.26 -6.82
C GLY A 145 20.50 -45.94 -8.05
N ASN A 146 19.56 -46.85 -7.79
CA ASN A 146 18.85 -47.54 -8.87
C ASN A 146 17.39 -47.68 -8.51
N TYR A 147 16.55 -47.76 -9.54
CA TYR A 147 15.11 -47.71 -9.36
C TYR A 147 14.60 -48.83 -8.46
N GLU A 148 14.95 -50.08 -8.79
CA GLU A 148 14.35 -51.22 -8.10
C GLU A 148 14.60 -51.15 -6.59
N HIS A 149 15.80 -50.73 -6.20
CA HIS A 149 16.14 -50.67 -4.78
C HIS A 149 15.54 -49.44 -4.11
N LYS A 150 15.34 -48.34 -4.85
CA LYS A 150 14.61 -47.21 -4.29
C LYS A 150 13.17 -47.59 -3.96
N LEU A 151 12.56 -48.46 -4.76
CA LEU A 151 11.25 -48.98 -4.42
C LEU A 151 11.25 -49.63 -3.05
N ILE A 152 12.28 -50.43 -2.77
CA ILE A 152 12.35 -51.13 -1.49
C ILE A 152 12.59 -50.13 -0.35
N LYS A 153 13.58 -49.25 -0.51
CA LYS A 153 13.91 -48.32 0.56
C LYS A 153 12.77 -47.35 0.83
N ASN A 154 12.12 -46.84 -0.22
CA ASN A 154 10.96 -45.97 -0.02
C ASN A 154 9.86 -46.72 0.73
N ARG A 155 9.59 -47.96 0.33
CA ARG A 155 8.57 -48.75 1.00
C ARG A 155 8.98 -49.00 2.46
N LEU A 156 10.23 -49.38 2.69
CA LEU A 156 10.70 -49.60 4.04
C LEU A 156 10.42 -48.39 4.93
N ALA A 157 10.64 -47.19 4.41
CA ALA A 157 10.41 -45.99 5.21
C ALA A 157 8.93 -45.83 5.54
N GLY A 158 8.06 -46.01 4.55
CA GLY A 158 6.64 -45.80 4.77
C GLY A 158 6.00 -46.85 5.64
N GLU A 159 6.52 -48.08 5.62
CA GLU A 159 5.90 -49.18 6.35
C GLU A 159 6.46 -49.38 7.75
N LYS A 160 7.74 -49.09 7.98
CA LYS A 160 8.40 -49.48 9.23
C LYS A 160 9.02 -48.30 9.96
N THR A 161 8.54 -47.08 9.72
CA THR A 161 8.93 -45.95 10.55
C THR A 161 7.96 -45.84 11.73
N PRO A 162 8.43 -45.91 12.97
CA PRO A 162 7.49 -45.94 14.10
C PRO A 162 6.58 -44.73 14.11
N GLY A 163 5.32 -44.98 14.45
CA GLY A 163 4.32 -43.94 14.63
C GLY A 163 4.17 -43.55 16.08
N ILE A 164 2.95 -43.11 16.44
CA ILE A 164 2.71 -42.61 17.79
C ILE A 164 2.96 -43.67 18.85
N GLU A 165 2.86 -44.95 18.49
CA GLU A 165 3.15 -46.01 19.46
C GLU A 165 4.56 -45.88 20.02
N ASP A 166 5.47 -45.20 19.32
CA ASP A 166 6.83 -45.01 19.81
C ASP A 166 6.87 -44.11 21.05
N LEU A 167 5.80 -43.37 21.32
CA LEU A 167 5.78 -42.41 22.43
C LEU A 167 5.18 -43.08 23.65
N THR A 168 5.99 -43.92 24.29
CA THR A 168 5.56 -44.65 25.47
C THR A 168 5.49 -43.72 26.68
N THR A 169 5.10 -44.29 27.81
CA THR A 169 4.95 -43.54 29.06
C THR A 169 5.59 -44.35 30.18
N ASP A 170 6.37 -43.68 31.02
CA ASP A 170 6.94 -44.29 32.22
C ASP A 170 6.15 -43.86 33.45
N ALA A 171 6.02 -44.78 34.41
CA ALA A 171 5.24 -44.52 35.61
C ALA A 171 5.92 -45.14 36.82
N PHE A 172 6.00 -44.37 37.90
CA PHE A 172 6.52 -44.83 39.18
C PHE A 172 5.51 -44.44 40.25
N SER A 173 4.97 -45.44 40.95
CA SER A 173 3.97 -45.21 41.98
C SER A 173 4.47 -45.75 43.31
N GLY A 174 4.33 -44.95 44.35
CA GLY A 174 4.75 -45.34 45.68
C GLY A 174 4.07 -44.49 46.72
N ASP A 175 4.75 -44.34 47.87
CA ASP A 175 4.17 -43.59 48.98
C ASP A 175 4.05 -42.10 48.65
N ASN A 176 4.97 -41.56 47.84
CA ASN A 176 4.97 -40.15 47.52
C ASN A 176 4.03 -39.79 46.38
N GLY A 177 3.20 -40.73 45.93
CA GLY A 177 2.24 -40.45 44.89
C GLY A 177 2.55 -41.16 43.58
N LEU A 178 2.24 -40.51 42.47
CA LEU A 178 2.49 -41.05 41.14
C LEU A 178 3.35 -40.09 40.34
N THR A 179 4.24 -40.64 39.53
CA THR A 179 5.06 -39.85 38.63
C THR A 179 4.94 -40.43 37.23
N LEU A 180 4.59 -39.57 36.26
CA LEU A 180 4.52 -39.95 34.86
C LEU A 180 5.62 -39.23 34.09
N VAL A 181 6.20 -39.91 33.12
CA VAL A 181 7.21 -39.33 32.23
C VAL A 181 6.70 -39.51 30.80
N GLU A 182 6.56 -38.40 30.08
CA GLU A 182 5.97 -38.40 28.75
C GLU A 182 6.92 -37.78 27.73
N TYR A 183 6.65 -38.08 26.45
CA TYR A 183 7.40 -37.54 25.32
C TYR A 183 6.54 -36.48 24.65
N SER A 184 6.90 -35.22 24.86
CA SER A 184 6.12 -34.09 24.35
C SER A 184 6.82 -33.42 23.18
N PRO A 185 6.12 -32.58 22.42
CA PRO A 185 6.70 -32.02 21.20
C PRO A 185 7.78 -30.99 21.52
N PHE A 186 8.67 -30.81 20.55
CA PHE A 186 9.69 -29.77 20.60
C PHE A 186 9.18 -28.44 20.05
N GLY A 187 8.37 -28.49 19.00
CA GLY A 187 7.94 -27.29 18.30
C GLY A 187 8.21 -27.41 16.82
N VAL A 188 8.86 -26.40 16.24
CA VAL A 188 9.20 -26.41 14.82
C VAL A 188 10.59 -27.03 14.67
N ILE A 189 10.66 -28.13 13.93
CA ILE A 189 11.91 -28.82 13.64
C ILE A 189 12.36 -28.47 12.24
N GLY A 190 13.65 -28.15 12.08
CA GLY A 190 14.22 -27.91 10.78
C GLY A 190 15.12 -29.05 10.36
N ALA A 191 14.72 -29.78 9.33
CA ALA A 191 15.43 -30.97 8.89
C ALA A 191 16.16 -30.69 7.58
N ILE A 192 17.38 -31.22 7.47
CA ILE A 192 18.24 -31.06 6.30
C ILE A 192 18.48 -32.45 5.74
N THR A 193 18.01 -32.70 4.52
CA THR A 193 18.04 -34.04 3.95
C THR A 193 19.18 -34.18 2.94
N PRO A 194 19.60 -35.42 2.68
CA PRO A 194 20.73 -35.63 1.77
C PRO A 194 20.32 -35.86 0.32
N THR A 195 21.32 -36.01 -0.56
CA THR A 195 21.05 -36.33 -1.95
C THR A 195 20.90 -37.81 -2.20
N THR A 196 21.45 -38.66 -1.33
CA THR A 196 21.40 -40.11 -1.56
C THR A 196 19.99 -40.64 -1.32
N ASN A 197 19.35 -40.23 -0.22
CA ASN A 197 18.04 -40.72 0.15
C ASN A 197 17.10 -39.53 0.32
N PRO A 198 16.76 -38.86 -0.79
CA PRO A 198 15.97 -37.62 -0.67
C PRO A 198 14.53 -37.85 -0.29
N THR A 199 13.89 -38.90 -0.83
CA THR A 199 12.49 -39.17 -0.50
C THR A 199 12.35 -40.00 0.77
N GLU A 200 13.24 -40.99 0.96
CA GLU A 200 13.17 -41.84 2.12
C GLU A 200 13.33 -41.05 3.41
N THR A 201 14.24 -40.06 3.40
CA THR A 201 14.48 -39.27 4.60
C THR A 201 13.37 -38.26 4.86
N ILE A 202 12.69 -37.78 3.81
CA ILE A 202 11.53 -36.91 4.02
C ILE A 202 10.39 -37.72 4.64
N VAL A 203 10.19 -38.96 4.17
CA VAL A 203 9.13 -39.79 4.71
C VAL A 203 9.40 -40.14 6.17
N CYS A 204 10.63 -40.56 6.46
CA CYS A 204 10.96 -41.02 7.81
C CYS A 204 10.93 -39.87 8.80
N ASN A 205 11.53 -38.73 8.44
CA ASN A 205 11.55 -37.59 9.34
C ASN A 205 10.15 -37.07 9.60
N SER A 206 9.34 -36.92 8.54
CA SER A 206 8.02 -36.33 8.72
C SER A 206 7.12 -37.22 9.57
N ILE A 207 7.17 -38.54 9.34
CA ILE A 207 6.34 -39.46 10.13
C ILE A 207 6.71 -39.37 11.60
N GLY A 208 8.00 -39.50 11.92
CA GLY A 208 8.42 -39.46 13.31
C GLY A 208 8.22 -38.12 13.96
N MET A 209 8.48 -37.04 13.23
CA MET A 209 8.35 -35.70 13.81
C MET A 209 6.90 -35.33 14.01
N LEU A 210 6.02 -35.69 13.08
CA LEU A 210 4.60 -35.41 13.25
C LEU A 210 3.98 -36.32 14.30
N ALA A 211 4.47 -37.55 14.41
CA ALA A 211 3.97 -38.44 15.46
C ALA A 211 4.24 -37.85 16.84
N ALA A 212 5.36 -37.15 17.00
CA ALA A 212 5.71 -36.52 18.25
C ALA A 212 5.05 -35.16 18.44
N GLY A 213 4.21 -34.74 17.49
CA GLY A 213 3.46 -33.50 17.64
C GLY A 213 4.16 -32.26 17.12
N ASN A 214 5.18 -32.41 16.30
CA ASN A 214 5.91 -31.28 15.76
C ASN A 214 5.44 -30.92 14.35
N SER A 215 5.88 -29.76 13.88
CA SER A 215 5.89 -29.43 12.47
C SER A 215 7.34 -29.45 11.99
N VAL A 216 7.53 -29.80 10.73
CA VAL A 216 8.87 -29.96 10.16
C VAL A 216 9.02 -29.06 8.95
N VAL A 217 10.08 -28.26 8.94
CA VAL A 217 10.52 -27.51 7.77
C VAL A 217 11.67 -28.27 7.13
N PHE A 218 11.55 -28.58 5.85
CA PHE A 218 12.58 -29.30 5.12
C PHE A 218 13.40 -28.32 4.27
N SER A 219 14.71 -28.34 4.47
CA SER A 219 15.64 -27.68 3.56
C SER A 219 16.32 -28.76 2.71
N PRO A 220 15.76 -29.13 1.57
CA PRO A 220 16.29 -30.26 0.81
C PRO A 220 17.50 -29.89 -0.02
N HIS A 221 18.18 -30.92 -0.51
CA HIS A 221 19.31 -30.73 -1.40
C HIS A 221 18.84 -30.18 -2.74
N GLY A 222 19.57 -29.17 -3.24
CA GLY A 222 19.22 -28.60 -4.53
C GLY A 222 19.22 -29.62 -5.65
N ARG A 223 20.07 -30.64 -5.55
CA ARG A 223 20.14 -31.69 -6.55
C ARG A 223 18.94 -32.62 -6.50
N ALA A 224 18.10 -32.51 -5.47
CA ALA A 224 16.89 -33.31 -5.32
C ALA A 224 15.64 -32.43 -5.26
N ARG A 225 15.69 -31.27 -5.92
CA ARG A 225 14.64 -30.27 -5.78
C ARG A 225 13.29 -30.81 -6.25
N GLN A 226 13.20 -31.19 -7.52
CA GLN A 226 11.90 -31.52 -8.10
C GLN A 226 11.20 -32.61 -7.31
N VAL A 227 11.91 -33.69 -6.98
CA VAL A 227 11.27 -34.81 -6.31
C VAL A 227 10.95 -34.47 -4.87
N SER A 228 11.86 -33.80 -4.18
CA SER A 228 11.62 -33.40 -2.80
C SER A 228 10.39 -32.51 -2.69
N LEU A 229 10.28 -31.52 -3.57
CA LEU A 229 9.15 -30.60 -3.51
C LEU A 229 7.84 -31.29 -3.89
N LEU A 230 7.89 -32.19 -4.89
CA LEU A 230 6.68 -32.91 -5.26
C LEU A 230 6.16 -33.74 -4.09
N LEU A 231 7.07 -34.39 -3.36
CA LEU A 231 6.64 -35.21 -2.23
C LEU A 231 6.00 -34.35 -1.14
N VAL A 232 6.56 -33.18 -0.87
CA VAL A 232 5.97 -32.27 0.10
C VAL A 232 4.56 -31.87 -0.34
N ARG A 233 4.41 -31.49 -1.61
CA ARG A 233 3.09 -31.13 -2.10
C ARG A 233 2.11 -32.28 -1.95
N LEU A 234 2.55 -33.51 -2.26
CA LEU A 234 1.67 -34.66 -2.12
C LEU A 234 1.26 -34.88 -0.67
N ILE A 235 2.21 -34.74 0.26
CA ILE A 235 1.89 -34.92 1.68
C ILE A 235 0.85 -33.88 2.11
N ASN A 236 1.09 -32.61 1.80
CA ASN A 236 0.13 -31.57 2.15
C ASN A 236 -1.24 -31.87 1.57
N GLN A 237 -1.28 -32.38 0.33
CA GLN A 237 -2.56 -32.73 -0.29
C GLN A 237 -3.31 -33.75 0.56
N LYS A 238 -2.65 -34.84 0.91
CA LYS A 238 -3.29 -35.87 1.72
C LYS A 238 -3.68 -35.33 3.08
N LEU A 239 -2.78 -34.57 3.73
CA LEU A 239 -3.08 -34.05 5.06
C LEU A 239 -4.27 -33.10 5.02
N ALA A 240 -4.38 -32.30 3.96
CA ALA A 240 -5.53 -31.41 3.82
C ALA A 240 -6.82 -32.23 3.71
N ALA A 241 -6.79 -33.35 2.99
CA ALA A 241 -7.94 -34.21 2.89
C ALA A 241 -8.31 -34.85 4.22
N LEU A 242 -7.36 -34.96 5.14
CA LEU A 242 -7.62 -35.51 6.47
C LEU A 242 -8.01 -34.44 7.49
N GLY A 243 -8.13 -33.19 7.06
CA GLY A 243 -8.51 -32.13 7.97
C GLY A 243 -7.41 -31.65 8.89
N ALA A 244 -6.15 -31.93 8.55
CA ALA A 244 -5.04 -31.51 9.39
C ALA A 244 -4.86 -30.00 9.29
N PRO A 245 -4.21 -29.39 10.27
CA PRO A 245 -3.84 -27.98 10.13
C PRO A 245 -2.86 -27.78 8.99
N GLU A 246 -3.08 -26.74 8.21
CA GLU A 246 -2.22 -26.48 7.06
C GLU A 246 -0.78 -26.29 7.50
N ASN A 247 0.16 -26.77 6.67
CA ASN A 247 1.58 -26.48 6.77
C ASN A 247 2.25 -27.21 7.93
N LEU A 248 1.85 -28.47 8.16
CA LEU A 248 2.60 -29.29 9.11
C LEU A 248 3.94 -29.70 8.54
N VAL A 249 4.04 -29.81 7.21
CA VAL A 249 5.28 -30.14 6.50
C VAL A 249 5.46 -29.11 5.40
N VAL A 250 6.60 -28.42 5.41
CA VAL A 250 6.84 -27.33 4.47
C VAL A 250 8.29 -27.36 4.00
N THR A 251 8.51 -26.71 2.85
CA THR A 251 9.84 -26.53 2.31
C THR A 251 9.84 -25.22 1.50
N VAL A 252 10.92 -25.00 0.75
CA VAL A 252 11.07 -23.78 -0.04
C VAL A 252 11.03 -24.13 -1.52
N GLU A 253 10.67 -23.13 -2.32
CA GLU A 253 10.55 -23.33 -3.77
C GLU A 253 11.90 -23.39 -4.47
N LYS A 254 12.95 -22.86 -3.86
CA LYS A 254 14.28 -22.79 -4.47
C LYS A 254 15.32 -23.32 -3.49
N PRO A 255 15.34 -24.64 -3.29
CA PRO A 255 16.29 -25.22 -2.31
C PRO A 255 17.71 -24.77 -2.58
N SER A 256 18.37 -24.32 -1.55
CA SER A 256 19.72 -23.88 -1.66
C SER A 256 20.36 -23.82 -0.32
N ARG A 257 21.66 -23.76 -0.30
CA ARG A 257 22.40 -23.67 0.93
C ARG A 257 22.14 -22.40 1.70
N GLU A 258 21.86 -21.33 1.01
CA GLU A 258 21.53 -20.08 1.60
C GLU A 258 20.29 -20.28 2.43
N ASN A 259 19.35 -21.10 1.98
CA ASN A 259 18.12 -21.30 2.74
C ASN A 259 18.37 -22.17 3.97
N THR A 260 19.19 -23.21 3.82
CA THR A 260 19.57 -24.00 4.99
C THR A 260 20.10 -23.10 6.09
N LEU A 261 21.07 -22.23 5.77
CA LEU A 261 21.61 -21.32 6.76
C LEU A 261 20.52 -20.44 7.36
N ALA A 262 19.59 -19.96 6.54
CA ALA A 262 18.51 -19.12 7.03
C ALA A 262 17.63 -19.88 8.03
N MET A 263 17.38 -21.16 7.74
CA MET A 263 16.65 -22.01 8.68
C MET A 263 17.43 -22.19 9.98
N MET A 264 18.73 -22.50 9.87
CA MET A 264 19.58 -22.70 11.04
C MET A 264 19.61 -21.46 11.93
N ALA A 265 19.32 -20.28 11.38
CA ALA A 265 19.40 -19.04 12.12
C ALA A 265 18.05 -18.51 12.58
N HIS A 266 16.94 -19.15 12.19
CA HIS A 266 15.62 -18.59 12.49
C HIS A 266 15.27 -18.79 13.96
N PRO A 267 14.84 -17.75 14.66
CA PRO A 267 14.56 -17.91 16.11
C PRO A 267 13.46 -18.92 16.40
N LYS A 268 12.52 -19.11 15.48
CA LYS A 268 11.37 -19.98 15.73
C LYS A 268 11.62 -21.45 15.40
N VAL A 269 12.84 -21.80 15.01
CA VAL A 269 13.21 -23.20 14.80
C VAL A 269 13.78 -23.71 16.13
N ARG A 270 13.11 -24.70 16.72
CA ARG A 270 13.47 -25.16 18.06
C ARG A 270 14.45 -26.33 18.04
N MET A 271 14.66 -26.97 16.89
CA MET A 271 15.53 -28.13 16.80
C MET A 271 15.93 -28.34 15.36
N LEU A 272 17.18 -28.71 15.14
CA LEU A 272 17.71 -29.05 13.83
C LEU A 272 17.99 -30.55 13.76
N VAL A 273 17.70 -31.14 12.61
CA VAL A 273 18.00 -32.55 12.36
C VAL A 273 18.75 -32.62 11.04
N ALA A 274 20.04 -32.89 11.11
CA ALA A 274 20.93 -32.84 9.95
C ALA A 274 21.32 -34.26 9.54
N THR A 275 20.99 -34.62 8.32
CA THR A 275 21.37 -35.90 7.73
C THR A 275 22.29 -35.59 6.55
N GLY A 276 23.60 -35.76 6.77
CA GLY A 276 24.57 -35.46 5.73
C GLY A 276 26.00 -35.72 6.13
N GLY A 277 26.92 -34.89 5.63
CA GLY A 277 28.32 -35.09 5.88
C GLY A 277 28.76 -34.49 7.19
N PRO A 278 30.03 -34.73 7.53
CA PRO A 278 30.56 -34.17 8.78
C PRO A 278 30.58 -32.65 8.81
N ALA A 279 30.78 -32.00 7.66
CA ALA A 279 30.76 -30.54 7.64
C ALA A 279 29.38 -30.00 8.02
N LEU A 280 28.32 -30.67 7.56
CA LEU A 280 26.97 -30.25 7.93
C LEU A 280 26.71 -30.46 9.41
N VAL A 281 27.12 -31.62 9.95
CA VAL A 281 26.86 -31.92 11.35
C VAL A 281 27.48 -30.86 12.25
N LYS A 282 28.72 -30.45 11.94
CA LYS A 282 29.36 -29.43 12.75
C LYS A 282 28.61 -28.10 12.66
N ALA A 283 28.05 -27.79 11.49
CA ALA A 283 27.41 -26.50 11.29
C ALA A 283 26.17 -26.35 12.19
N VAL A 284 25.32 -27.37 12.21
CA VAL A 284 24.08 -27.29 13.00
C VAL A 284 24.38 -27.32 14.49
N LEU A 285 25.48 -27.97 14.89
CA LEU A 285 25.90 -27.95 16.29
C LEU A 285 26.61 -26.67 16.68
N SER A 286 26.58 -25.65 15.80
CA SER A 286 27.21 -24.36 16.07
C SER A 286 26.20 -23.23 16.01
N THR A 287 24.90 -23.55 16.09
CA THR A 287 23.83 -22.59 15.89
C THR A 287 23.21 -22.10 17.19
N GLY A 288 23.53 -22.71 18.33
CA GLY A 288 22.85 -22.39 19.56
C GLY A 288 21.51 -23.07 19.71
N LYS A 289 21.24 -24.11 18.92
CA LYS A 289 19.99 -24.85 18.98
C LYS A 289 20.26 -26.32 19.26
N LYS A 290 19.29 -26.97 19.91
CA LYS A 290 19.28 -28.42 19.97
C LYS A 290 19.38 -28.98 18.56
N ALA A 291 20.28 -29.94 18.37
CA ALA A 291 20.53 -30.45 17.03
C ALA A 291 20.91 -31.93 17.09
N ILE A 292 20.25 -32.73 16.26
CA ILE A 292 20.60 -34.12 16.06
C ILE A 292 21.45 -34.21 14.79
N GLY A 293 22.62 -34.82 14.90
CA GLY A 293 23.54 -34.91 13.79
C GLY A 293 23.78 -36.33 13.32
N ALA A 294 23.36 -36.64 12.11
CA ALA A 294 23.57 -37.95 11.51
C ALA A 294 24.68 -37.80 10.46
N GLY A 295 25.91 -38.12 10.87
CA GLY A 295 27.07 -37.94 10.02
C GLY A 295 27.31 -39.09 9.08
N ALA A 296 28.54 -39.16 8.56
CA ALA A 296 28.91 -40.16 7.58
C ALA A 296 29.64 -41.31 8.27
N GLY A 297 29.96 -42.33 7.47
CA GLY A 297 30.71 -43.48 7.95
C GLY A 297 31.58 -44.06 6.86
N ASN A 298 32.28 -45.14 7.22
CA ASN A 298 33.08 -45.91 6.27
C ASN A 298 33.03 -47.37 6.70
N PRO A 299 31.88 -48.02 6.50
CA PRO A 299 31.61 -49.29 7.19
C PRO A 299 32.53 -50.40 6.72
N PRO A 300 33.35 -50.95 7.61
CA PRO A 300 34.10 -52.17 7.28
C PRO A 300 33.30 -53.43 7.58
N VAL A 301 33.61 -54.48 6.84
CA VAL A 301 33.05 -55.81 7.08
C VAL A 301 34.20 -56.80 7.23
N VAL A 302 34.20 -57.55 8.32
CA VAL A 302 35.29 -58.44 8.69
C VAL A 302 34.80 -59.88 8.56
N VAL A 303 35.56 -60.69 7.85
CA VAL A 303 35.24 -62.10 7.63
C VAL A 303 36.37 -62.92 8.23
N ASP A 304 36.09 -63.64 9.31
CA ASP A 304 37.08 -64.47 9.97
C ASP A 304 36.92 -65.92 9.53
N GLU A 305 37.84 -66.78 10.00
CA GLU A 305 37.93 -68.14 9.50
C GLU A 305 36.76 -69.02 9.93
N THR A 306 35.96 -68.59 10.90
CA THR A 306 34.86 -69.41 11.40
C THR A 306 33.54 -69.15 10.67
N ALA A 307 33.57 -68.34 9.62
CA ALA A 307 32.34 -67.84 9.01
C ALA A 307 31.87 -68.71 7.87
N ASN A 308 30.55 -68.70 7.66
CA ASN A 308 29.94 -69.32 6.48
C ASN A 308 30.35 -68.52 5.24
N ILE A 309 31.49 -68.87 4.65
CA ILE A 309 32.08 -68.04 3.60
C ILE A 309 31.10 -67.86 2.43
N GLU A 310 30.37 -68.87 2.09
CA GLU A 310 29.45 -68.75 1.02
C GLU A 310 28.38 -67.72 1.31
N LYS A 311 27.87 -67.75 2.52
CA LYS A 311 26.88 -66.80 2.97
C LYS A 311 27.44 -65.41 3.07
N ALA A 312 28.64 -65.29 3.59
CA ALA A 312 29.25 -64.02 3.75
C ALA A 312 29.46 -63.39 2.43
N ALA A 313 29.86 -64.16 1.45
CA ALA A 313 30.04 -63.60 0.12
C ALA A 313 28.72 -63.08 -0.43
N CYS A 314 27.64 -63.85 -0.26
CA CYS A 314 26.34 -63.41 -0.74
C CYS A 314 25.85 -62.18 0.01
N ASP A 315 26.04 -62.15 1.33
CA ASP A 315 25.57 -61.00 2.10
C ASP A 315 26.38 -59.75 1.79
N ILE A 316 27.67 -59.90 1.51
CA ILE A 316 28.53 -58.73 1.31
C ILE A 316 28.24 -58.07 -0.04
N VAL A 317 28.01 -58.87 -1.08
CA VAL A 317 27.69 -58.30 -2.38
C VAL A 317 26.32 -57.63 -2.35
N ASN A 318 25.34 -58.29 -1.74
CA ASN A 318 24.02 -57.69 -1.61
C ASN A 318 24.09 -56.40 -0.79
N GLY A 319 24.81 -56.44 0.33
CA GLY A 319 24.90 -55.26 1.18
C GLY A 319 25.64 -54.12 0.52
N CYS A 320 26.71 -54.43 -0.22
CA CYS A 320 27.51 -53.40 -0.86
C CYS A 320 26.79 -52.80 -2.07
N SER A 321 26.18 -53.63 -2.90
CA SER A 321 25.59 -53.16 -4.14
C SER A 321 24.19 -52.58 -3.97
N PHE A 322 23.56 -52.76 -2.82
CA PHE A 322 22.20 -52.26 -2.62
C PHE A 322 22.18 -50.74 -2.81
N ASP A 323 21.28 -50.29 -3.69
CA ASP A 323 21.19 -48.87 -4.08
C ASP A 323 22.55 -48.35 -4.55
N ASN A 324 23.36 -49.23 -5.12
CA ASN A 324 24.68 -48.85 -5.63
C ASN A 324 25.53 -48.20 -4.54
N ASN A 325 25.38 -48.69 -3.31
CA ASN A 325 26.29 -48.39 -2.20
C ASN A 325 26.10 -47.00 -1.63
N ILE A 326 24.95 -46.36 -1.84
CA ILE A 326 24.78 -44.99 -1.38
C ILE A 326 24.11 -44.90 0.00
N THR A 327 23.77 -46.04 0.61
CA THR A 327 23.26 -46.01 1.97
C THR A 327 24.42 -45.90 2.95
N CYS A 328 24.25 -45.06 3.97
CA CYS A 328 25.32 -44.75 4.91
C CYS A 328 25.83 -45.96 5.67
N THR A 329 25.14 -47.10 5.58
CA THR A 329 25.53 -48.30 6.30
C THR A 329 26.16 -49.36 5.42
N ALA A 330 26.18 -49.16 4.10
CA ALA A 330 26.64 -50.19 3.19
C ALA A 330 28.10 -50.53 3.43
N GLU A 331 28.45 -51.79 3.16
CA GLU A 331 29.84 -52.22 3.21
C GLU A 331 30.68 -51.41 2.23
N LYS A 332 31.82 -50.88 2.70
CA LYS A 332 32.70 -50.09 1.86
C LYS A 332 34.16 -50.49 1.98
N GLU A 333 34.45 -51.64 2.60
CA GLU A 333 35.76 -52.26 2.56
C GLU A 333 35.68 -53.62 3.25
N ILE A 334 36.37 -54.61 2.69
CA ILE A 334 36.42 -55.95 3.26
C ILE A 334 37.76 -56.13 3.98
N ILE A 335 37.72 -56.68 5.18
CA ILE A 335 38.91 -57.05 5.93
C ILE A 335 38.79 -58.54 6.20
N ALA A 336 39.48 -59.35 5.40
CA ALA A 336 39.36 -60.79 5.46
C ALA A 336 40.58 -61.41 6.13
N VAL A 337 40.36 -62.48 6.90
CA VAL A 337 41.46 -63.25 7.45
C VAL A 337 42.09 -64.07 6.32
N ALA A 338 43.43 -64.08 6.27
CA ALA A 338 44.14 -64.69 5.15
C ALA A 338 43.69 -66.13 4.92
N GLN A 339 43.55 -66.91 5.98
CA GLN A 339 43.20 -68.32 5.86
C GLN A 339 41.98 -68.55 4.98
N ILE A 340 41.01 -67.63 4.99
CA ILE A 340 39.79 -67.79 4.23
C ILE A 340 39.66 -66.77 3.12
N ALA A 341 40.67 -65.90 2.92
CA ALA A 341 40.53 -64.82 1.97
C ALA A 341 40.31 -65.34 0.55
N ASP A 342 41.08 -66.35 0.14
CA ASP A 342 40.98 -66.83 -1.24
C ASP A 342 39.61 -67.43 -1.51
N TYR A 343 39.13 -68.29 -0.60
CA TYR A 343 37.82 -68.91 -0.79
C TYR A 343 36.71 -67.88 -0.74
N LEU A 344 36.90 -66.79 0.01
CA LEU A 344 35.93 -65.70 0.02
C LEU A 344 35.86 -65.03 -1.35
N ILE A 345 37.01 -64.69 -1.93
CA ILE A 345 37.04 -64.02 -3.23
C ILE A 345 36.39 -64.92 -4.29
N PHE A 346 36.65 -66.22 -4.23
CA PHE A 346 36.01 -67.14 -5.17
C PHE A 346 34.50 -67.05 -5.10
N ASN A 347 33.94 -67.09 -3.88
CA ASN A 347 32.49 -67.02 -3.72
C ASN A 347 31.98 -65.62 -4.03
N LEU A 348 32.76 -64.58 -3.73
CA LEU A 348 32.37 -63.23 -4.12
C LEU A 348 32.12 -63.15 -5.62
N LYS A 349 33.04 -63.70 -6.42
CA LYS A 349 32.88 -63.68 -7.87
C LYS A 349 31.71 -64.53 -8.34
N LYS A 350 31.31 -65.53 -7.54
CA LYS A 350 30.11 -66.30 -7.89
C LYS A 350 28.84 -65.48 -7.74
N ASN A 351 28.83 -64.52 -6.82
CA ASN A 351 27.64 -63.73 -6.52
C ASN A 351 27.64 -62.37 -7.21
N GLY A 352 28.43 -62.20 -8.26
CA GLY A 352 28.40 -60.99 -9.05
C GLY A 352 29.51 -60.00 -8.78
N ALA A 353 30.64 -60.45 -8.23
CA ALA A 353 31.79 -59.58 -8.01
C ALA A 353 32.75 -59.73 -9.18
N TYR A 354 33.13 -58.61 -9.78
CA TYR A 354 34.10 -58.58 -10.87
C TYR A 354 35.45 -58.18 -10.28
N GLU A 355 36.39 -59.12 -10.28
CA GLU A 355 37.70 -58.89 -9.69
C GLU A 355 38.63 -58.22 -10.69
N ILE A 356 39.19 -57.09 -10.28
CA ILE A 356 40.21 -56.40 -11.06
C ILE A 356 41.57 -56.81 -10.50
N LYS A 357 42.32 -57.58 -11.28
CA LYS A 357 43.65 -58.03 -10.90
C LYS A 357 44.76 -57.21 -11.57
N ASP A 358 44.48 -56.58 -12.71
CA ASP A 358 45.48 -55.81 -13.45
C ASP A 358 45.72 -54.45 -12.80
N PRO A 359 46.92 -54.20 -12.27
CA PRO A 359 47.16 -52.91 -11.62
C PRO A 359 46.98 -51.71 -12.53
N ALA A 360 47.01 -51.90 -13.86
CA ALA A 360 46.74 -50.81 -14.77
C ALA A 360 45.24 -50.52 -14.86
N VAL A 361 44.42 -51.57 -14.88
CA VAL A 361 42.97 -51.38 -14.87
C VAL A 361 42.53 -50.73 -13.56
N LEU A 362 43.21 -51.05 -12.45
CA LEU A 362 42.88 -50.43 -11.18
C LEU A 362 43.16 -48.93 -11.20
N GLN A 363 44.23 -48.52 -11.88
CA GLN A 363 44.55 -47.09 -11.95
C GLN A 363 43.53 -46.34 -12.78
N GLN A 364 42.98 -46.96 -13.83
CA GLN A 364 41.94 -46.30 -14.61
C GLN A 364 40.73 -46.00 -13.74
N LEU A 365 40.30 -46.98 -12.94
CA LEU A 365 39.18 -46.78 -12.03
C LEU A 365 39.47 -45.64 -11.06
N GLN A 366 40.67 -45.60 -10.50
CA GLN A 366 41.03 -44.51 -9.60
C GLN A 366 40.87 -43.16 -10.28
N ASP A 367 41.42 -43.03 -11.49
CA ASP A 367 41.33 -41.77 -12.21
C ASP A 367 39.88 -41.38 -12.48
N LEU A 368 39.00 -42.38 -12.63
CA LEU A 368 37.60 -42.11 -12.94
C LEU A 368 36.82 -41.63 -11.72
N VAL A 369 36.90 -42.36 -10.64
CA VAL A 369 36.14 -42.08 -9.45
C VAL A 369 36.70 -41.14 -8.41
N LEU A 370 37.94 -40.77 -8.49
CA LEU A 370 38.49 -39.88 -7.51
C LEU A 370 38.76 -38.55 -8.09
N THR A 371 38.81 -37.57 -7.23
CA THR A 371 39.08 -36.22 -7.60
C THR A 371 40.49 -35.87 -7.31
N ALA A 372 40.83 -34.65 -7.59
CA ALA A 372 42.15 -34.15 -7.35
C ALA A 372 42.44 -34.25 -5.90
N LYS A 373 41.45 -34.02 -5.07
CA LYS A 373 41.61 -34.08 -3.62
C LYS A 373 41.51 -35.51 -3.09
N GLY A 374 41.47 -36.51 -3.98
CA GLY A 374 41.39 -37.89 -3.53
C GLY A 374 40.06 -38.29 -2.96
N GLY A 375 39.01 -37.49 -3.19
CA GLY A 375 37.70 -37.80 -2.71
C GLY A 375 36.80 -38.35 -3.81
N PRO A 376 35.66 -38.92 -3.43
CA PRO A 376 34.77 -39.51 -4.43
C PRO A 376 34.26 -38.46 -5.40
N GLN A 377 34.17 -38.85 -6.66
CA GLN A 377 33.71 -37.96 -7.72
C GLN A 377 32.19 -38.02 -7.78
N THR A 378 31.54 -36.87 -7.74
CA THR A 378 30.08 -36.82 -7.64
C THR A 378 29.42 -37.58 -8.78
N LYS A 379 29.88 -37.36 -10.02
CA LYS A 379 29.22 -37.96 -11.17
C LYS A 379 29.27 -39.49 -11.13
N CYS A 380 30.13 -40.06 -10.30
CA CYS A 380 30.23 -41.52 -10.18
C CYS A 380 29.48 -42.08 -8.98
N VAL A 381 29.18 -41.24 -7.97
CA VAL A 381 28.45 -41.71 -6.81
C VAL A 381 27.12 -42.30 -7.25
N GLY A 382 26.80 -43.48 -6.73
CA GLY A 382 25.52 -44.10 -6.98
C GLY A 382 25.35 -44.72 -8.35
N LYS A 383 26.43 -44.93 -9.09
CA LYS A 383 26.35 -45.58 -10.38
C LYS A 383 26.55 -47.08 -10.21
N SER A 384 25.91 -47.85 -11.09
CA SER A 384 26.04 -49.29 -11.04
C SER A 384 27.47 -49.70 -11.39
N ALA A 385 27.84 -50.92 -10.97
CA ALA A 385 29.16 -51.45 -11.32
C ALA A 385 29.31 -51.57 -12.82
N VAL A 386 28.23 -51.96 -13.51
CA VAL A 386 28.27 -52.02 -14.97
C VAL A 386 28.67 -50.67 -15.54
N TRP A 387 27.95 -49.62 -15.16
CA TRP A 387 28.26 -48.28 -15.68
C TRP A 387 29.71 -47.92 -15.41
N LEU A 388 30.19 -48.15 -14.19
CA LEU A 388 31.56 -47.78 -13.86
C LEU A 388 32.57 -48.54 -14.72
N LEU A 389 32.36 -49.84 -14.90
CA LEU A 389 33.24 -50.61 -15.77
C LEU A 389 33.11 -50.16 -17.23
N SER A 390 31.90 -49.82 -17.65
CA SER A 390 31.70 -49.30 -18.99
C SER A 390 32.58 -48.09 -19.27
N GLN A 391 32.80 -47.25 -18.26
CA GLN A 391 33.55 -46.02 -18.46
C GLN A 391 35.04 -46.27 -18.72
N ILE A 392 35.58 -47.38 -18.25
CA ILE A 392 36.99 -47.69 -18.46
C ILE A 392 37.18 -48.79 -19.51
N GLY A 393 36.21 -48.95 -20.39
CA GLY A 393 36.34 -49.82 -21.53
C GLY A 393 36.08 -51.29 -21.29
N ILE A 394 35.51 -51.66 -20.15
CA ILE A 394 35.19 -53.05 -19.84
C ILE A 394 33.68 -53.21 -19.96
N SER A 395 33.25 -54.25 -20.67
CA SER A 395 31.84 -54.55 -20.89
C SER A 395 31.48 -55.83 -20.15
N VAL A 396 30.51 -55.73 -19.24
CA VAL A 396 30.01 -56.87 -18.49
C VAL A 396 28.49 -56.81 -18.46
N ASP A 397 27.88 -57.96 -18.16
CA ASP A 397 26.44 -58.07 -18.14
C ASP A 397 25.89 -57.71 -16.76
N ALA A 398 24.56 -57.72 -16.64
CA ALA A 398 23.89 -57.27 -15.42
C ALA A 398 24.27 -58.10 -14.21
N SER A 399 24.78 -59.32 -14.40
CA SER A 399 25.09 -60.17 -13.26
C SER A 399 26.18 -59.61 -12.38
N ILE A 400 26.97 -58.66 -12.86
CA ILE A 400 28.03 -58.04 -12.06
C ILE A 400 27.43 -56.90 -11.25
N LYS A 401 27.58 -56.98 -9.93
CA LYS A 401 27.00 -56.00 -9.02
C LYS A 401 28.03 -55.12 -8.33
N ILE A 402 29.20 -55.65 -8.00
CA ILE A 402 30.26 -54.86 -7.39
C ILE A 402 31.55 -55.06 -8.17
N ILE A 403 32.48 -54.11 -7.98
CA ILE A 403 33.83 -54.20 -8.51
C ILE A 403 34.76 -54.48 -7.33
N LEU A 404 35.60 -55.49 -7.47
CA LEU A 404 36.37 -56.05 -6.37
C LEU A 404 37.85 -56.01 -6.67
N MET A 405 38.66 -55.65 -5.67
CA MET A 405 40.10 -55.62 -5.83
C MET A 405 40.76 -55.79 -4.46
N GLU A 406 41.84 -56.57 -4.43
CA GLU A 406 42.64 -56.72 -3.22
C GLU A 406 43.76 -55.68 -3.28
N VAL A 407 43.86 -54.85 -2.24
CA VAL A 407 44.76 -53.70 -2.23
C VAL A 407 45.32 -53.53 -0.82
N PRO A 408 46.31 -52.68 -0.62
CA PRO A 408 46.79 -52.41 0.74
C PRO A 408 45.82 -51.54 1.52
N ARG A 409 45.95 -51.60 2.85
CA ARG A 409 45.06 -50.84 3.73
C ARG A 409 45.10 -49.34 3.44
N GLU A 410 46.21 -48.83 2.88
CA GLU A 410 46.33 -47.41 2.62
C GLU A 410 45.63 -46.97 1.34
N HIS A 411 45.09 -47.90 0.56
CA HIS A 411 44.50 -47.54 -0.73
C HIS A 411 43.37 -46.54 -0.54
N PRO A 412 43.20 -45.59 -1.46
CA PRO A 412 42.10 -44.62 -1.29
C PRO A 412 40.72 -45.24 -1.24
N PHE A 413 40.45 -46.24 -2.09
CA PHE A 413 39.16 -46.92 -2.06
C PHE A 413 38.83 -47.40 -0.64
N VAL A 414 39.84 -47.86 0.09
CA VAL A 414 39.61 -48.27 1.47
C VAL A 414 39.39 -47.05 2.36
N GLN A 415 40.27 -46.05 2.25
CA GLN A 415 40.24 -44.91 3.16
C GLN A 415 39.03 -44.02 2.93
N GLU A 416 38.52 -43.96 1.71
CA GLU A 416 37.48 -43.01 1.35
C GLU A 416 36.11 -43.68 1.36
N GLU A 417 35.08 -42.85 1.55
CA GLU A 417 33.69 -43.28 1.48
C GLU A 417 33.22 -43.05 0.05
N LEU A 418 33.54 -44.01 -0.82
CA LEU A 418 33.24 -43.83 -2.24
C LEU A 418 31.74 -43.72 -2.48
N MET A 419 30.95 -44.50 -1.74
CA MET A 419 29.52 -44.60 -1.99
C MET A 419 29.26 -45.13 -3.40
N MET A 420 30.05 -46.12 -3.80
CA MET A 420 29.95 -46.76 -5.10
C MET A 420 30.07 -48.26 -4.89
N PRO A 421 29.56 -49.05 -5.84
CA PRO A 421 29.73 -50.51 -5.72
C PRO A 421 31.16 -50.95 -6.00
N ILE A 422 32.12 -50.21 -5.45
CA ILE A 422 33.55 -50.52 -5.52
C ILE A 422 33.96 -50.98 -4.14
N LEU A 423 34.36 -52.24 -4.03
CA LEU A 423 34.62 -52.85 -2.72
C LEU A 423 36.06 -53.35 -2.64
N PRO A 424 36.93 -52.66 -1.90
CA PRO A 424 38.28 -53.19 -1.69
C PRO A 424 38.30 -54.31 -0.67
N LEU A 425 39.36 -55.12 -0.75
CA LEU A 425 39.60 -56.20 0.19
C LEU A 425 41.03 -56.11 0.69
N VAL A 426 41.20 -56.13 2.01
CA VAL A 426 42.52 -56.15 2.63
C VAL A 426 42.69 -57.49 3.33
N ARG A 427 43.86 -58.09 3.15
CA ARG A 427 44.19 -59.39 3.73
C ARG A 427 44.97 -59.19 5.01
N VAL A 428 44.55 -59.87 6.07
CA VAL A 428 45.22 -59.82 7.36
C VAL A 428 45.40 -61.24 7.87
N GLU A 429 46.29 -61.39 8.86
CA GLU A 429 46.70 -62.72 9.30
C GLU A 429 45.65 -63.35 10.20
N THR A 430 45.29 -62.67 11.29
CA THR A 430 44.39 -63.24 12.28
C THR A 430 43.13 -62.39 12.41
N VAL A 431 42.15 -62.95 13.13
CA VAL A 431 40.89 -62.26 13.36
C VAL A 431 41.11 -61.02 14.23
N ASP A 432 42.09 -61.07 15.14
CA ASP A 432 42.37 -59.92 15.98
C ASP A 432 43.00 -58.78 15.18
N ASP A 433 43.78 -59.10 14.14
CA ASP A 433 44.32 -58.06 13.28
C ASP A 433 43.20 -57.36 12.51
N ALA A 434 42.23 -58.14 12.00
CA ALA A 434 41.10 -57.55 11.30
C ALA A 434 40.35 -56.57 12.19
N ILE A 435 40.10 -56.96 13.45
CA ILE A 435 39.38 -56.09 14.37
C ILE A 435 40.13 -54.79 14.56
N ASP A 436 41.46 -54.87 14.76
CA ASP A 436 42.25 -53.66 14.94
C ASP A 436 42.17 -52.77 13.70
N LEU A 437 42.31 -53.36 12.51
CA LEU A 437 42.26 -52.58 11.29
C LEU A 437 40.86 -52.07 10.99
N ALA A 438 39.82 -52.82 11.39
CA ALA A 438 38.46 -52.35 11.22
C ALA A 438 38.19 -51.12 12.07
N ILE A 439 38.71 -51.09 13.29
CA ILE A 439 38.58 -49.90 14.13
C ILE A 439 39.32 -48.73 13.52
N GLU A 440 40.51 -48.98 12.98
CA GLU A 440 41.34 -47.91 12.41
C GLU A 440 40.69 -47.31 11.18
N VAL A 441 40.24 -48.17 10.25
CA VAL A 441 39.69 -47.67 9.00
C VAL A 441 38.29 -47.10 9.15
N GLU A 442 37.60 -47.40 10.27
CA GLU A 442 36.30 -46.79 10.52
C GLU A 442 36.39 -45.28 10.75
N HIS A 443 37.61 -44.76 10.97
CA HIS A 443 37.83 -43.32 11.13
C HIS A 443 37.04 -42.75 12.30
N ASP A 444 36.76 -43.59 13.30
CA ASP A 444 36.07 -43.15 14.51
C ASP A 444 34.76 -42.42 14.19
N ASN A 445 34.11 -42.81 13.08
CA ASN A 445 32.79 -42.29 12.81
C ASN A 445 31.75 -42.86 13.76
N ARG A 446 32.06 -43.97 14.43
CA ARG A 446 31.10 -44.64 15.31
C ARG A 446 29.75 -44.82 14.60
N HIS A 447 29.81 -45.21 13.32
CA HIS A 447 28.60 -45.32 12.52
C HIS A 447 28.17 -46.78 12.35
N THR A 448 28.80 -47.50 11.43
CA THR A 448 28.39 -48.86 11.12
C THR A 448 29.61 -49.74 10.88
N ALA A 449 29.46 -51.02 11.20
CA ALA A 449 30.48 -52.03 10.94
C ALA A 449 29.80 -53.39 10.92
N ILE A 450 30.42 -54.33 10.21
CA ILE A 450 29.84 -55.64 9.98
C ILE A 450 30.90 -56.71 10.25
N MET A 451 30.44 -57.90 10.63
CA MET A 451 31.33 -59.01 10.89
C MET A 451 30.63 -60.32 10.56
N HIS A 452 31.36 -61.22 9.90
CA HIS A 452 30.89 -62.56 9.61
C HIS A 452 31.75 -63.54 10.39
N SER A 453 31.10 -64.34 11.23
CA SER A 453 31.78 -65.24 12.17
C SER A 453 30.75 -66.00 12.99
N THR A 454 31.07 -67.24 13.37
CA THR A 454 30.19 -68.03 14.21
C THR A 454 30.66 -68.15 15.65
N ASP A 455 31.89 -67.72 15.95
CA ASP A 455 32.45 -67.78 17.29
C ASP A 455 31.85 -66.63 18.11
N VAL A 456 31.02 -66.97 19.11
CA VAL A 456 30.40 -65.95 19.94
C VAL A 456 31.45 -65.04 20.55
N ARG A 457 32.63 -65.59 20.88
CA ARG A 457 33.67 -64.78 21.49
C ARG A 457 34.18 -63.70 20.55
N LYS A 458 34.38 -64.05 19.28
CA LYS A 458 34.90 -63.06 18.33
C LYS A 458 33.82 -62.04 17.97
N LEU A 459 32.58 -62.49 17.76
CA LEU A 459 31.49 -61.55 17.53
C LEU A 459 31.39 -60.56 18.69
N THR A 460 31.55 -61.03 19.92
CA THR A 460 31.47 -60.14 21.08
C THR A 460 32.63 -59.16 21.10
N LYS A 461 33.85 -59.63 20.82
CA LYS A 461 35.02 -58.76 20.92
C LYS A 461 34.90 -57.56 19.98
N MET A 462 34.62 -57.82 18.70
CA MET A 462 34.57 -56.72 17.74
C MET A 462 33.42 -55.78 18.05
N ALA A 463 32.22 -56.32 18.30
CA ALA A 463 31.08 -55.48 18.64
C ALA A 463 31.41 -54.55 19.80
N LYS A 464 32.06 -55.09 20.84
CA LYS A 464 32.40 -54.28 22.00
C LYS A 464 33.40 -53.19 21.64
N LEU A 465 34.44 -53.53 20.89
CA LEU A 465 35.56 -52.62 20.71
C LEU A 465 35.25 -51.50 19.72
N ILE A 466 34.57 -51.80 18.61
CA ILE A 466 34.44 -50.82 17.55
C ILE A 466 33.44 -49.72 17.91
N GLN A 467 32.50 -49.99 18.81
CA GLN A 467 31.64 -48.95 19.38
C GLN A 467 30.91 -48.16 18.30
N THR A 468 30.31 -48.87 17.35
CA THR A 468 29.53 -48.24 16.30
C THR A 468 28.04 -48.20 16.67
N THR A 469 27.35 -47.17 16.16
CA THR A 469 25.91 -47.05 16.38
C THR A 469 25.17 -48.27 15.85
N ILE A 470 25.65 -48.86 14.76
CA ILE A 470 25.05 -50.08 14.20
C ILE A 470 26.17 -51.11 14.04
N PHE A 471 25.87 -52.34 14.42
CA PHE A 471 26.80 -53.45 14.24
C PHE A 471 26.01 -54.68 13.83
N VAL A 472 26.26 -55.17 12.63
CA VAL A 472 25.54 -56.32 12.07
C VAL A 472 26.47 -57.52 12.10
N LYS A 473 25.90 -58.70 12.39
CA LYS A 473 26.66 -59.95 12.46
C LYS A 473 26.01 -60.97 11.53
N ASN A 474 26.80 -61.52 10.62
CA ASN A 474 26.38 -62.62 9.76
C ASN A 474 25.15 -62.26 8.93
N GLY A 475 25.22 -61.11 8.28
CA GLY A 475 24.15 -60.67 7.41
C GLY A 475 24.51 -59.37 6.72
N PRO A 476 23.73 -59.01 5.70
CA PRO A 476 24.01 -57.77 4.96
C PRO A 476 23.89 -56.55 5.87
N SER A 477 24.58 -55.49 5.47
CA SER A 477 24.58 -54.27 6.27
C SER A 477 23.16 -53.76 6.49
N TYR A 478 22.30 -53.87 5.47
CA TYR A 478 20.98 -53.28 5.60
C TYR A 478 20.10 -54.00 6.62
N ALA A 479 20.57 -55.09 7.23
CA ALA A 479 19.82 -55.68 8.33
C ALA A 479 19.77 -54.75 9.54
N GLY A 480 20.77 -53.87 9.68
CA GLY A 480 20.72 -52.86 10.71
C GLY A 480 19.70 -51.77 10.47
N HIS A 481 19.15 -51.70 9.26
CA HIS A 481 18.12 -50.73 8.91
C HIS A 481 16.71 -51.26 9.13
N GLY A 482 16.56 -52.50 9.58
CA GLY A 482 15.26 -53.11 9.75
C GLY A 482 14.83 -54.00 8.61
N ALA A 483 15.58 -54.05 7.51
CA ALA A 483 15.28 -54.91 6.37
C ALA A 483 16.21 -56.11 6.45
N GLY A 484 15.77 -57.15 7.17
CA GLY A 484 16.56 -58.34 7.37
C GLY A 484 17.03 -58.55 8.80
N GLY A 485 16.88 -57.54 9.66
CA GLY A 485 17.18 -57.67 11.06
C GLY A 485 16.02 -57.18 11.90
N GLU A 486 16.07 -57.53 13.19
CA GLU A 486 15.00 -57.17 14.10
C GLU A 486 15.11 -55.70 14.50
N GLY A 487 13.96 -55.07 14.66
CA GLY A 487 13.87 -53.64 14.93
C GLY A 487 13.19 -52.89 13.81
N TYR A 488 12.89 -51.63 14.09
CA TYR A 488 12.25 -50.73 13.14
C TYR A 488 13.29 -50.20 12.15
N SER A 489 12.84 -49.31 11.26
CA SER A 489 13.69 -48.72 10.24
C SER A 489 13.78 -47.22 10.43
N THR A 490 14.87 -46.65 9.91
CA THR A 490 15.09 -45.21 9.95
C THR A 490 16.10 -44.85 8.86
N PHE A 491 16.17 -43.55 8.56
CA PHE A 491 17.15 -43.04 7.61
C PHE A 491 17.89 -41.84 8.15
N THR A 492 17.86 -41.63 9.47
CA THR A 492 18.68 -40.64 10.15
C THR A 492 19.35 -41.35 11.32
N ILE A 493 20.59 -41.77 11.12
CA ILE A 493 21.35 -42.53 12.10
C ILE A 493 22.35 -41.59 12.74
N ALA A 494 22.12 -41.26 14.01
CA ALA A 494 22.89 -40.24 14.72
C ALA A 494 23.95 -40.89 15.57
N GLY A 495 25.18 -40.94 15.06
CA GLY A 495 26.31 -41.37 15.83
C GLY A 495 26.86 -40.27 16.72
N PRO A 496 27.23 -39.13 16.11
CA PRO A 496 27.83 -38.04 16.90
C PRO A 496 27.00 -37.61 18.09
N THR A 497 25.74 -37.23 17.85
CA THR A 497 24.90 -36.71 18.92
C THR A 497 24.32 -37.80 19.81
N GLY A 498 24.46 -39.07 19.45
CA GLY A 498 24.20 -40.17 20.37
C GLY A 498 22.79 -40.72 20.37
N GLU A 499 21.87 -40.16 19.57
CA GLU A 499 20.48 -40.60 19.61
C GLU A 499 20.27 -41.96 18.95
N GLY A 500 21.25 -42.48 18.22
CA GLY A 500 21.11 -43.78 17.59
C GLY A 500 20.20 -43.76 16.39
N LEU A 501 19.42 -44.82 16.20
CA LEU A 501 18.46 -44.90 15.10
C LEU A 501 17.25 -44.05 15.47
N THR A 502 17.19 -42.84 14.91
CA THR A 502 16.16 -41.88 15.33
C THR A 502 14.77 -42.40 15.04
N SER A 503 13.82 -41.95 15.86
CA SER A 503 12.39 -42.20 15.66
C SER A 503 11.65 -41.08 16.38
N ALA A 504 10.36 -41.22 16.49
CA ALA A 504 9.57 -40.18 17.07
C ALA A 504 10.02 -39.82 18.43
N LYS A 505 10.60 -40.75 19.15
CA LYS A 505 11.07 -40.47 20.49
C LYS A 505 12.13 -39.42 20.50
N SER A 506 13.03 -39.47 19.53
CA SER A 506 14.10 -38.53 19.37
C SER A 506 13.66 -37.10 19.15
N PHE A 507 12.51 -36.92 18.57
CA PHE A 507 12.01 -35.58 18.27
C PHE A 507 11.03 -35.10 19.33
N ALA A 508 11.24 -35.50 20.58
CA ALA A 508 10.33 -35.17 21.67
C ALA A 508 11.13 -34.80 22.91
N ARG A 509 10.59 -33.91 23.70
CA ARG A 509 11.17 -33.51 24.95
C ARG A 509 10.64 -34.41 26.01
N ARG A 510 11.39 -34.70 27.05
CA ARG A 510 10.94 -35.56 28.11
C ARG A 510 10.37 -34.75 29.21
N ARG A 511 9.20 -35.10 29.69
CA ARG A 511 8.58 -34.34 30.75
C ARG A 511 8.21 -35.16 31.94
N LYS A 512 8.33 -34.60 33.12
CA LYS A 512 8.03 -35.30 34.37
C LYS A 512 6.79 -34.65 35.00
N CYS A 513 5.86 -35.48 35.44
CA CYS A 513 4.60 -35.02 36.04
C CYS A 513 4.42 -35.74 37.36
N VAL A 514 4.44 -34.98 38.46
CA VAL A 514 4.47 -35.55 39.80
C VAL A 514 3.17 -35.20 40.52
N MET A 515 2.36 -36.19 40.80
CA MET A 515 1.15 -36.02 41.52
C MET A 515 1.47 -36.53 42.89
N VAL A 516 1.61 -35.61 43.81
CA VAL A 516 2.00 -35.88 45.15
C VAL A 516 0.96 -36.47 46.06
N GLU A 517 1.30 -37.56 46.69
CA GLU A 517 0.43 -38.23 47.62
C GLU A 517 -0.95 -38.51 47.09
N ALA A 518 -1.02 -39.07 45.92
CA ALA A 518 -2.29 -39.34 45.26
C ALA A 518 -2.02 -40.18 44.02
N LEU A 519 -3.06 -40.91 43.59
CA LEU A 519 -3.00 -41.80 42.43
C LEU A 519 -2.01 -42.94 42.62
N ASN A 520 -1.70 -43.28 43.87
CA ASN A 520 -0.93 -44.47 44.21
C ASN A 520 -1.94 -45.51 44.71
N ILE A 521 -2.39 -46.32 43.79
CA ILE A 521 -3.44 -47.27 44.06
C ILE A 521 -3.03 -48.69 44.04
N ARG A 522 -1.77 -48.95 44.24
CA ARG A 522 -1.29 -50.30 44.29
C ARG A 522 -1.76 -50.96 45.56
N ALA B 83 53.85 -38.55 41.55
CA ALA B 83 52.94 -39.34 42.37
C ALA B 83 51.60 -39.56 41.70
N VAL B 84 50.55 -39.44 42.48
CA VAL B 84 49.23 -39.70 42.01
C VAL B 84 48.49 -38.38 41.97
N SER B 85 47.77 -38.14 40.89
CA SER B 85 47.09 -36.90 40.70
C SER B 85 45.95 -36.66 41.63
N ASP B 86 45.88 -35.47 42.15
CA ASP B 86 44.74 -35.06 42.97
C ASP B 86 43.57 -34.56 42.14
N GLY B 87 43.70 -34.57 40.82
CA GLY B 87 42.64 -34.20 39.91
C GLY B 87 42.67 -32.78 39.43
N VAL B 88 43.45 -31.91 40.07
CA VAL B 88 43.50 -30.49 39.72
C VAL B 88 44.73 -30.22 38.87
N PHE B 89 44.58 -29.36 37.87
CA PHE B 89 45.63 -29.06 36.91
C PHE B 89 45.77 -27.55 36.75
N GLU B 90 46.89 -27.14 36.17
CA GLU B 90 47.20 -25.72 36.05
C GLU B 90 46.50 -25.10 34.86
N THR B 91 46.44 -25.79 33.73
CA THR B 91 45.80 -25.30 32.53
C THR B 91 44.63 -26.21 32.16
N MET B 92 43.65 -25.64 31.45
CA MET B 92 42.51 -26.43 31.02
C MET B 92 42.95 -27.52 30.04
N ASP B 93 43.86 -27.20 29.12
CA ASP B 93 44.34 -28.19 28.17
C ASP B 93 45.02 -29.36 28.88
N ALA B 94 45.68 -29.11 30.00
CA ALA B 94 46.26 -30.19 30.77
C ALA B 94 45.16 -31.10 31.34
N ALA B 95 44.08 -30.51 31.84
CA ALA B 95 43.01 -31.29 32.45
C ALA B 95 42.31 -32.17 31.42
N VAL B 96 41.99 -31.61 30.25
CA VAL B 96 41.30 -32.39 29.22
C VAL B 96 42.17 -33.55 28.77
N GLU B 97 43.47 -33.29 28.54
CA GLU B 97 44.36 -34.36 28.11
C GLU B 97 44.44 -35.46 29.15
N ALA B 98 44.49 -35.10 30.44
CA ALA B 98 44.50 -36.10 31.49
C ALA B 98 43.21 -36.92 31.47
N ALA B 99 42.07 -36.25 31.38
CA ALA B 99 40.79 -36.95 31.34
C ALA B 99 40.68 -37.82 30.10
N ALA B 100 41.20 -37.32 28.96
CA ALA B 100 41.12 -38.09 27.73
C ALA B 100 41.83 -39.44 27.87
N LEU B 101 43.00 -39.44 28.53
CA LEU B 101 43.71 -40.69 28.73
C LEU B 101 42.99 -41.57 29.76
N ALA B 102 42.48 -40.96 30.83
CA ALA B 102 41.71 -41.71 31.80
C ALA B 102 40.53 -42.41 31.14
N GLN B 103 39.88 -41.74 30.18
CA GLN B 103 38.74 -42.36 29.50
C GLN B 103 39.17 -43.58 28.71
N GLN B 104 40.27 -43.46 27.95
CA GLN B 104 40.81 -44.63 27.26
C GLN B 104 41.07 -45.77 28.24
N GLN B 105 41.75 -45.47 29.34
CA GLN B 105 41.96 -46.48 30.38
C GLN B 105 40.64 -46.98 30.93
N TYR B 106 39.65 -46.09 31.06
CA TYR B 106 38.37 -46.47 31.66
C TYR B 106 37.64 -47.51 30.82
N LEU B 107 37.79 -47.47 29.49
CA LEU B 107 37.12 -48.42 28.63
C LEU B 107 37.49 -49.86 28.94
N LEU B 108 38.66 -50.09 29.53
CA LEU B 108 39.08 -51.45 29.87
C LEU B 108 38.47 -51.96 31.15
N CYS B 109 37.94 -51.07 31.99
CA CYS B 109 37.37 -51.49 33.26
C CYS B 109 36.01 -52.16 33.03
N SER B 110 35.59 -52.92 34.04
CA SER B 110 34.34 -53.66 33.98
C SER B 110 33.19 -52.82 34.53
N MET B 111 31.97 -53.32 34.33
CA MET B 111 30.82 -52.68 34.96
C MET B 111 30.93 -52.73 36.47
N SER B 112 31.51 -53.80 37.01
CA SER B 112 31.75 -53.88 38.44
C SER B 112 32.67 -52.76 38.91
N ASP B 113 33.69 -52.44 38.11
CA ASP B 113 34.58 -51.33 38.45
C ASP B 113 33.83 -50.00 38.47
N ARG B 114 33.02 -49.75 37.43
CA ARG B 114 32.17 -48.56 37.44
C ARG B 114 31.32 -48.50 38.70
N ALA B 115 30.78 -49.65 39.12
CA ALA B 115 29.92 -49.68 40.30
C ALA B 115 30.68 -49.24 41.55
N ARG B 116 31.90 -49.74 41.72
CA ARG B 116 32.69 -49.36 42.90
C ARG B 116 33.03 -47.87 42.87
N PHE B 117 33.49 -47.39 41.71
CA PHE B 117 33.83 -45.97 41.61
C PHE B 117 32.61 -45.11 41.90
N VAL B 118 31.43 -45.52 41.41
CA VAL B 118 30.22 -44.77 41.70
C VAL B 118 29.94 -44.79 43.20
N GLN B 119 30.04 -45.96 43.81
CA GLN B 119 29.85 -46.06 45.26
C GLN B 119 30.86 -45.20 46.01
N GLY B 120 32.08 -45.08 45.46
CA GLY B 120 33.08 -44.25 46.11
C GLY B 120 32.66 -42.80 46.19
N ILE B 121 32.04 -42.28 45.14
CA ILE B 121 31.59 -40.89 45.16
C ILE B 121 30.45 -40.72 46.17
N ARG B 122 29.54 -41.69 46.24
CA ARG B 122 28.50 -41.63 47.26
C ARG B 122 29.12 -41.59 48.65
N ASP B 123 30.16 -42.41 48.89
CA ASP B 123 30.80 -42.46 50.19
C ASP B 123 31.50 -41.14 50.52
N VAL B 124 32.09 -40.49 49.51
CA VAL B 124 32.79 -39.23 49.75
C VAL B 124 31.83 -38.17 50.29
N ILE B 125 30.63 -38.09 49.71
CA ILE B 125 29.71 -37.02 50.08
C ILE B 125 28.79 -37.44 51.23
N LEU B 126 28.50 -38.74 51.36
CA LEU B 126 27.66 -39.22 52.45
C LEU B 126 28.46 -39.45 53.73
N ASN B 127 29.77 -39.30 53.71
CA ASN B 127 30.55 -39.26 54.94
C ASN B 127 30.15 -38.05 55.76
N GLN B 128 29.62 -38.29 56.96
CA GLN B 128 28.97 -37.24 57.72
C GLN B 128 29.85 -36.00 57.85
N ASP B 129 31.14 -36.19 58.11
CA ASP B 129 32.02 -35.04 58.29
C ASP B 129 32.20 -34.25 57.00
N THR B 130 32.45 -34.95 55.89
CA THR B 130 32.55 -34.27 54.61
C THR B 130 31.23 -33.62 54.22
N LEU B 131 30.12 -34.30 54.51
CA LEU B 131 28.80 -33.73 54.21
C LEU B 131 28.63 -32.38 54.90
N GLU B 132 28.88 -32.33 56.22
CA GLU B 132 28.75 -31.07 56.95
C GLU B 132 29.76 -30.04 56.47
N LYS B 133 31.01 -30.46 56.24
CA LYS B 133 32.03 -29.54 55.76
C LYS B 133 31.61 -28.94 54.42
N MET B 134 31.16 -29.78 53.48
CA MET B 134 30.77 -29.30 52.16
C MET B 134 29.56 -28.37 52.24
N SER B 135 28.57 -28.72 53.06
CA SER B 135 27.39 -27.86 53.20
C SER B 135 27.77 -26.50 53.76
N ARG B 136 28.52 -26.49 54.87
CA ARG B 136 28.93 -25.23 55.48
C ARG B 136 29.84 -24.45 54.55
N MET B 137 30.88 -25.11 54.02
CA MET B 137 31.87 -24.41 53.20
C MET B 137 31.24 -23.82 51.95
N ALA B 138 30.25 -24.51 51.37
CA ALA B 138 29.59 -23.99 50.18
C ALA B 138 28.83 -22.70 50.49
N VAL B 139 28.03 -22.71 51.56
CA VAL B 139 27.26 -21.52 51.92
C VAL B 139 28.19 -20.36 52.24
N GLU B 140 29.28 -20.63 52.96
CA GLU B 140 30.19 -19.55 53.35
C GLU B 140 30.83 -18.91 52.13
N GLU B 141 31.34 -19.72 51.21
CA GLU B 141 32.10 -19.18 50.09
C GLU B 141 31.19 -18.41 49.13
N THR B 142 30.10 -19.04 48.68
CA THR B 142 29.22 -18.41 47.71
C THR B 142 28.28 -17.38 48.34
N GLY B 143 28.05 -17.46 49.65
CA GLY B 143 27.12 -16.57 50.30
C GLY B 143 25.68 -16.80 49.94
N MET B 144 25.37 -17.98 49.40
CA MET B 144 24.02 -18.30 48.92
C MET B 144 23.58 -19.60 49.56
N GLY B 145 22.30 -19.66 49.93
CA GLY B 145 21.75 -20.83 50.57
C GLY B 145 21.88 -20.78 52.07
N ASN B 146 21.48 -21.88 52.71
CA ASN B 146 21.62 -22.02 54.14
C ASN B 146 22.10 -23.42 54.46
N TYR B 147 22.87 -23.53 55.55
CA TYR B 147 23.60 -24.76 55.86
C TYR B 147 22.66 -25.96 55.96
N GLU B 148 21.57 -25.81 56.70
CA GLU B 148 20.73 -26.96 57.02
C GLU B 148 20.14 -27.59 55.75
N HIS B 149 19.78 -26.76 54.76
CA HIS B 149 19.16 -27.30 53.56
C HIS B 149 20.19 -27.83 52.57
N LYS B 150 21.41 -27.28 52.58
CA LYS B 150 22.49 -27.89 51.80
C LYS B 150 22.76 -29.32 52.26
N LEU B 151 22.66 -29.58 53.56
CA LEU B 151 22.83 -30.94 54.06
C LEU B 151 21.84 -31.89 53.40
N ILE B 152 20.62 -31.40 53.12
CA ILE B 152 19.60 -32.24 52.49
C ILE B 152 19.91 -32.43 51.01
N LYS B 153 20.23 -31.34 50.32
CA LYS B 153 20.47 -31.42 48.87
C LYS B 153 21.69 -32.28 48.57
N ASN B 154 22.80 -32.03 49.27
CA ASN B 154 24.00 -32.81 49.05
C ASN B 154 23.75 -34.30 49.32
N ARG B 155 22.98 -34.61 50.36
CA ARG B 155 22.68 -36.01 50.63
C ARG B 155 21.80 -36.60 49.54
N LEU B 156 20.87 -35.82 49.01
CA LEU B 156 20.01 -36.31 47.92
C LEU B 156 20.84 -36.62 46.68
N ALA B 157 21.81 -35.76 46.35
CA ALA B 157 22.65 -36.01 45.19
C ALA B 157 23.44 -37.31 45.34
N GLY B 158 23.86 -37.62 46.57
CA GLY B 158 24.67 -38.81 46.79
C GLY B 158 23.87 -40.09 46.92
N GLU B 159 22.63 -40.00 47.41
CA GLU B 159 21.83 -41.18 47.66
C GLU B 159 20.96 -41.57 46.47
N LYS B 160 20.33 -40.59 45.81
CA LYS B 160 19.29 -40.88 44.83
C LYS B 160 19.69 -40.53 43.40
N THR B 161 20.98 -40.33 43.16
CA THR B 161 21.46 -40.19 41.78
C THR B 161 21.67 -41.59 41.20
N PRO B 162 21.03 -41.93 40.08
CA PRO B 162 21.15 -43.30 39.58
C PRO B 162 22.58 -43.66 39.21
N GLY B 163 22.91 -44.93 39.41
CA GLY B 163 24.20 -45.50 39.07
C GLY B 163 24.14 -46.26 37.77
N ILE B 164 24.89 -47.37 37.70
CA ILE B 164 24.97 -48.13 36.47
C ILE B 164 23.69 -48.92 36.18
N GLU B 165 22.80 -49.04 37.17
CA GLU B 165 21.51 -49.68 36.91
C GLU B 165 20.68 -48.88 35.93
N ASP B 166 20.97 -47.59 35.78
CA ASP B 166 20.24 -46.75 34.83
C ASP B 166 20.50 -47.14 33.38
N LEU B 167 21.59 -47.88 33.12
CA LEU B 167 21.96 -48.24 31.75
C LEU B 167 21.32 -49.59 31.40
N THR B 168 20.06 -49.53 31.00
CA THR B 168 19.29 -50.71 30.68
C THR B 168 19.55 -51.15 29.24
N THR B 169 19.12 -52.38 28.95
CA THR B 169 19.32 -52.98 27.64
C THR B 169 17.96 -53.33 27.03
N ASP B 170 17.72 -52.85 25.82
CA ASP B 170 16.54 -53.23 25.05
C ASP B 170 16.87 -54.40 24.15
N ALA B 171 15.87 -55.26 23.92
CA ALA B 171 16.09 -56.47 23.16
C ALA B 171 14.85 -56.81 22.35
N PHE B 172 15.07 -57.21 21.10
CA PHE B 172 14.01 -57.67 20.22
C PHE B 172 14.50 -58.92 19.51
N SER B 173 13.73 -60.01 19.59
CA SER B 173 14.09 -61.26 18.94
C SER B 173 12.92 -61.75 18.10
N GLY B 174 13.25 -62.26 16.92
CA GLY B 174 12.25 -62.78 16.01
C GLY B 174 12.88 -63.72 15.02
N ASP B 175 12.29 -63.80 13.82
CA ASP B 175 12.83 -64.70 12.79
C ASP B 175 14.18 -64.23 12.28
N ASN B 176 14.42 -62.91 12.29
CA ASN B 176 15.65 -62.34 11.78
C ASN B 176 16.76 -62.32 12.84
N GLY B 177 16.62 -63.08 13.91
CA GLY B 177 17.65 -63.16 14.93
C GLY B 177 17.40 -62.30 16.15
N LEU B 178 18.48 -61.76 16.73
CA LEU B 178 18.41 -60.96 17.94
C LEU B 178 18.98 -59.57 17.67
N THR B 179 18.41 -58.58 18.35
CA THR B 179 18.91 -57.22 18.32
C THR B 179 18.95 -56.69 19.75
N LEU B 180 20.06 -56.08 20.11
CA LEU B 180 20.23 -55.45 21.41
C LEU B 180 20.48 -53.96 21.22
N VAL B 181 20.04 -53.16 22.19
CA VAL B 181 20.29 -51.73 22.19
C VAL B 181 20.89 -51.38 23.56
N GLU B 182 22.09 -50.80 23.54
CA GLU B 182 22.86 -50.58 24.75
C GLU B 182 23.24 -49.10 24.85
N TYR B 183 23.59 -48.69 26.07
CA TYR B 183 24.09 -47.35 26.34
C TYR B 183 25.61 -47.43 26.49
N SER B 184 26.33 -46.78 25.58
CA SER B 184 27.79 -46.82 25.58
C SER B 184 28.37 -45.44 25.83
N PRO B 185 29.63 -45.36 26.17
CA PRO B 185 30.26 -44.09 26.50
C PRO B 185 30.41 -43.07 25.42
N PHE B 186 30.34 -41.83 25.82
CA PHE B 186 30.52 -40.72 24.95
C PHE B 186 31.95 -40.31 24.86
N GLY B 187 32.68 -40.34 25.95
CA GLY B 187 34.04 -39.90 25.91
C GLY B 187 34.34 -38.94 27.04
N VAL B 188 35.02 -37.87 26.74
CA VAL B 188 35.31 -36.89 27.74
C VAL B 188 34.21 -35.86 27.72
N ILE B 189 33.65 -35.60 28.89
CA ILE B 189 32.54 -34.68 29.06
C ILE B 189 33.02 -33.46 29.83
N GLY B 190 32.71 -32.29 29.34
CA GLY B 190 33.06 -31.09 30.03
C GLY B 190 31.80 -30.52 30.61
N ALA B 191 31.82 -30.26 31.90
CA ALA B 191 30.67 -29.77 32.62
C ALA B 191 30.85 -28.46 33.30
N ILE B 192 29.90 -27.57 33.15
CA ILE B 192 29.93 -26.28 33.77
C ILE B 192 28.94 -26.30 34.90
N THR B 193 29.32 -25.91 36.10
CA THR B 193 28.41 -25.98 37.20
C THR B 193 28.16 -24.67 37.81
N PRO B 194 26.97 -24.48 38.32
CA PRO B 194 26.39 -23.31 38.96
C PRO B 194 26.88 -22.99 40.33
N THR B 195 26.99 -21.72 40.62
CA THR B 195 27.38 -21.27 41.95
C THR B 195 26.32 -21.55 42.99
N THR B 196 25.05 -21.70 42.57
CA THR B 196 23.98 -21.95 43.54
C THR B 196 24.06 -23.37 44.09
N ASN B 197 24.26 -24.35 43.21
CA ASN B 197 24.36 -25.76 43.60
C ASN B 197 25.71 -26.31 43.15
N PRO B 198 26.81 -25.78 43.70
CA PRO B 198 28.12 -26.18 43.17
C PRO B 198 28.51 -27.61 43.51
N THR B 199 28.26 -28.05 44.75
CA THR B 199 28.67 -29.40 45.13
C THR B 199 27.64 -30.44 44.74
N GLU B 200 26.35 -30.09 44.79
CA GLU B 200 25.31 -31.05 44.41
C GLU B 200 25.43 -31.42 42.93
N THR B 201 25.72 -30.44 42.08
CA THR B 201 25.84 -30.72 40.65
C THR B 201 27.07 -31.55 40.35
N ILE B 202 28.21 -31.25 40.99
CA ILE B 202 29.42 -32.02 40.77
C ILE B 202 29.19 -33.48 41.18
N VAL B 203 28.51 -33.69 42.31
CA VAL B 203 28.25 -35.05 42.77
C VAL B 203 27.27 -35.75 41.85
N CYS B 204 26.23 -35.05 41.42
CA CYS B 204 25.21 -35.66 40.57
C CYS B 204 25.76 -35.90 39.16
N ASN B 205 26.44 -34.92 38.59
CA ASN B 205 27.03 -35.09 37.26
C ASN B 205 28.02 -36.26 37.24
N SER B 206 29.01 -36.25 38.13
CA SER B 206 30.09 -37.22 38.05
C SER B 206 29.58 -38.64 38.23
N ILE B 207 28.62 -38.86 39.14
CA ILE B 207 28.12 -40.22 39.35
C ILE B 207 27.53 -40.76 38.05
N GLY B 208 26.65 -40.00 37.42
CA GLY B 208 26.03 -40.47 36.19
C GLY B 208 27.03 -40.58 35.05
N MET B 209 27.95 -39.62 34.95
CA MET B 209 28.90 -39.62 33.84
C MET B 209 29.88 -40.78 33.96
N LEU B 210 30.43 -41.01 35.15
CA LEU B 210 31.32 -42.16 35.34
C LEU B 210 30.55 -43.47 35.25
N ALA B 211 29.26 -43.47 35.62
CA ALA B 211 28.45 -44.66 35.48
C ALA B 211 28.29 -45.06 34.01
N ALA B 212 28.24 -44.07 33.12
CA ALA B 212 28.09 -44.33 31.69
C ALA B 212 29.42 -44.65 31.02
N GLY B 213 30.52 -44.63 31.75
CA GLY B 213 31.83 -44.93 31.19
C GLY B 213 32.61 -43.73 30.69
N ASN B 214 32.32 -42.54 31.20
CA ASN B 214 33.00 -41.33 30.76
C ASN B 214 33.95 -40.82 31.83
N SER B 215 34.85 -39.94 31.40
CA SER B 215 35.56 -39.03 32.28
C SER B 215 34.88 -37.67 32.18
N VAL B 216 35.08 -36.85 33.21
CA VAL B 216 34.42 -35.55 33.29
C VAL B 216 35.44 -34.48 33.66
N VAL B 217 35.45 -33.40 32.88
CA VAL B 217 36.19 -32.19 33.22
C VAL B 217 35.19 -31.18 33.75
N PHE B 218 35.39 -30.75 35.00
CA PHE B 218 34.52 -29.78 35.62
C PHE B 218 35.13 -28.39 35.48
N SER B 219 34.30 -27.42 35.11
CA SER B 219 34.71 -26.01 34.97
C SER B 219 33.81 -25.19 35.89
N PRO B 220 34.10 -25.19 37.21
CA PRO B 220 33.22 -24.47 38.13
C PRO B 220 33.30 -22.97 37.92
N HIS B 221 32.55 -22.23 38.72
CA HIS B 221 32.59 -20.77 38.69
C HIS B 221 33.49 -20.25 39.80
N GLY B 222 34.00 -19.03 39.60
CA GLY B 222 34.96 -18.49 40.54
C GLY B 222 34.42 -18.37 41.95
N ARG B 223 33.13 -18.05 42.08
CA ARG B 223 32.53 -17.83 43.38
C ARG B 223 32.47 -19.08 44.23
N ALA B 224 32.66 -20.23 43.62
CA ALA B 224 32.63 -21.48 44.34
C ALA B 224 33.87 -22.22 44.15
N ARG B 225 34.94 -21.54 43.89
CA ARG B 225 36.17 -22.23 43.61
C ARG B 225 36.73 -23.11 44.67
N GLN B 226 36.80 -22.68 45.90
CA GLN B 226 37.42 -23.50 46.90
C GLN B 226 36.71 -24.78 47.23
N VAL B 227 35.42 -24.72 47.36
CA VAL B 227 34.63 -25.89 47.72
C VAL B 227 34.59 -26.89 46.56
N SER B 228 34.54 -26.39 45.33
CA SER B 228 34.53 -27.27 44.17
C SER B 228 35.87 -28.01 44.04
N LEU B 229 36.99 -27.32 44.27
CA LEU B 229 38.28 -27.97 44.18
C LEU B 229 38.47 -28.98 45.30
N LEU B 230 38.00 -28.66 46.51
CA LEU B 230 38.10 -29.62 47.60
C LEU B 230 37.38 -30.91 47.26
N LEU B 231 36.19 -30.80 46.67
CA LEU B 231 35.42 -32.00 46.33
C LEU B 231 36.11 -32.82 45.26
N VAL B 232 36.67 -32.17 44.24
CA VAL B 232 37.40 -32.90 43.19
C VAL B 232 38.53 -33.71 43.81
N ARG B 233 39.37 -33.06 44.62
CA ARG B 233 40.48 -33.76 45.24
C ARG B 233 39.99 -34.93 46.08
N LEU B 234 38.96 -34.71 46.89
CA LEU B 234 38.42 -35.79 47.70
C LEU B 234 37.94 -36.95 46.83
N ILE B 235 37.33 -36.64 45.69
CA ILE B 235 36.87 -37.69 44.79
C ILE B 235 38.06 -38.43 44.19
N ASN B 236 39.11 -37.70 43.81
CA ASN B 236 40.29 -38.35 43.26
C ASN B 236 40.99 -39.21 44.32
N GLN B 237 40.97 -38.78 45.57
CA GLN B 237 41.48 -39.62 46.66
C GLN B 237 40.74 -40.95 46.70
N LYS B 238 39.42 -40.90 46.89
CA LYS B 238 38.63 -42.12 47.06
C LYS B 238 38.78 -43.04 45.85
N LEU B 239 38.77 -42.48 44.64
CA LEU B 239 38.90 -43.32 43.46
C LEU B 239 40.28 -43.97 43.40
N ALA B 240 41.34 -43.23 43.76
CA ALA B 240 42.67 -43.81 43.78
C ALA B 240 42.75 -44.98 44.74
N ALA B 241 42.10 -44.87 45.90
CA ALA B 241 42.06 -45.99 46.84
C ALA B 241 41.27 -47.17 46.30
N LEU B 242 40.47 -46.96 45.26
CA LEU B 242 39.69 -48.02 44.64
C LEU B 242 40.33 -48.53 43.36
N GLY B 243 41.53 -48.05 43.02
CA GLY B 243 42.24 -48.53 41.86
C GLY B 243 41.79 -47.95 40.53
N ALA B 244 41.03 -46.87 40.56
CA ALA B 244 40.50 -46.33 39.33
C ALA B 244 41.61 -45.64 38.53
N PRO B 245 41.50 -45.63 37.20
CA PRO B 245 42.41 -44.80 36.40
C PRO B 245 42.43 -43.37 36.93
N GLU B 246 43.63 -42.80 36.99
CA GLU B 246 43.77 -41.44 37.49
C GLU B 246 43.00 -40.46 36.60
N ASN B 247 42.48 -39.41 37.23
CA ASN B 247 41.92 -38.27 36.51
C ASN B 247 40.61 -38.61 35.81
N LEU B 248 39.76 -39.43 36.47
CA LEU B 248 38.41 -39.60 35.97
C LEU B 248 37.58 -38.34 36.20
N VAL B 249 37.85 -37.64 37.29
CA VAL B 249 37.20 -36.37 37.61
C VAL B 249 38.30 -35.34 37.80
N VAL B 250 38.32 -34.32 36.95
CA VAL B 250 39.38 -33.33 36.96
C VAL B 250 38.80 -31.93 36.86
N THR B 251 39.62 -30.95 37.23
CA THR B 251 39.26 -29.55 37.12
C THR B 251 40.57 -28.75 37.13
N VAL B 252 40.45 -27.43 36.94
CA VAL B 252 41.61 -26.56 36.91
C VAL B 252 41.77 -25.89 38.26
N GLU B 253 42.95 -25.32 38.50
CA GLU B 253 43.24 -24.70 39.79
C GLU B 253 42.58 -23.33 39.93
N LYS B 254 42.49 -22.58 38.84
CA LYS B 254 41.89 -21.24 38.83
C LYS B 254 40.67 -21.27 37.92
N PRO B 255 39.52 -21.72 38.43
CA PRO B 255 38.30 -21.72 37.62
C PRO B 255 37.95 -20.31 37.17
N SER B 256 37.87 -20.11 35.86
CA SER B 256 37.58 -18.80 35.30
C SER B 256 36.74 -18.97 34.04
N ARG B 257 36.23 -17.84 33.56
CA ARG B 257 35.44 -17.85 32.33
C ARG B 257 36.30 -18.24 31.13
N GLU B 258 37.56 -17.81 31.11
CA GLU B 258 38.43 -18.12 29.98
C GLU B 258 38.77 -19.61 29.95
N ASN B 259 38.79 -20.26 31.11
CA ASN B 259 38.98 -21.71 31.15
C ASN B 259 37.77 -22.42 30.55
N THR B 260 36.56 -21.99 30.94
CA THR B 260 35.35 -22.57 30.36
C THR B 260 35.40 -22.49 28.84
N LEU B 261 35.70 -21.30 28.30
CA LEU B 261 35.76 -21.14 26.84
C LEU B 261 36.80 -22.06 26.23
N ALA B 262 37.90 -22.33 26.95
CA ALA B 262 38.90 -23.26 26.45
C ALA B 262 38.35 -24.69 26.39
N MET B 263 37.68 -25.12 27.46
CA MET B 263 37.08 -26.45 27.47
C MET B 263 36.07 -26.60 26.35
N MET B 264 35.33 -25.57 26.07
CA MET B 264 34.34 -25.59 25.03
C MET B 264 34.95 -25.79 23.67
N ALA B 265 36.15 -25.29 23.47
CA ALA B 265 36.82 -25.33 22.19
C ALA B 265 37.77 -26.51 22.04
N HIS B 266 38.20 -27.13 23.13
CA HIS B 266 39.15 -28.23 23.02
C HIS B 266 38.58 -29.33 22.14
N PRO B 267 39.38 -29.93 21.26
CA PRO B 267 38.83 -30.94 20.33
C PRO B 267 38.55 -32.29 20.96
N LYS B 268 39.13 -32.60 22.13
CA LYS B 268 38.93 -33.89 22.75
C LYS B 268 37.71 -33.94 23.66
N VAL B 269 37.05 -32.81 23.89
CA VAL B 269 35.81 -32.79 24.66
C VAL B 269 34.68 -33.24 23.72
N ARG B 270 34.18 -34.47 23.95
CA ARG B 270 33.15 -35.03 23.08
C ARG B 270 31.75 -34.53 23.39
N MET B 271 31.50 -34.06 24.61
CA MET B 271 30.17 -33.62 25.01
C MET B 271 30.31 -32.48 26.02
N LEU B 272 29.39 -31.53 25.95
CA LEU B 272 29.31 -30.45 26.93
C LEU B 272 28.02 -30.58 27.71
N VAL B 273 28.07 -30.26 28.99
CA VAL B 273 26.90 -30.27 29.87
C VAL B 273 26.93 -28.97 30.66
N ALA B 274 25.96 -28.10 30.39
CA ALA B 274 25.90 -26.78 31.01
C ALA B 274 24.71 -26.70 31.95
N THR B 275 24.98 -26.34 33.20
CA THR B 275 23.95 -26.11 34.21
C THR B 275 24.09 -24.67 34.66
N GLY B 276 23.19 -23.81 34.17
CA GLY B 276 23.28 -22.39 34.43
C GLY B 276 22.24 -21.55 33.71
N GLY B 277 22.59 -20.30 33.40
CA GLY B 277 21.65 -19.36 32.83
C GLY B 277 21.58 -19.44 31.31
N PRO B 278 20.64 -18.70 30.73
CA PRO B 278 20.42 -18.82 29.28
C PRO B 278 21.66 -18.52 28.45
N ALA B 279 22.50 -17.57 28.86
CA ALA B 279 23.68 -17.24 28.08
C ALA B 279 24.64 -18.43 27.98
N LEU B 280 24.80 -19.16 29.08
CA LEU B 280 25.67 -20.34 29.06
C LEU B 280 25.10 -21.43 28.16
N VAL B 281 23.79 -21.64 28.20
CA VAL B 281 23.19 -22.71 27.41
C VAL B 281 23.31 -22.40 25.92
N LYS B 282 23.17 -21.12 25.54
CA LYS B 282 23.33 -20.77 24.14
C LYS B 282 24.78 -20.89 23.70
N ALA B 283 25.71 -20.44 24.55
CA ALA B 283 27.13 -20.58 24.25
C ALA B 283 27.49 -22.04 24.01
N VAL B 284 27.14 -22.92 24.95
CA VAL B 284 27.48 -24.33 24.84
C VAL B 284 26.87 -24.96 23.60
N LEU B 285 25.72 -24.46 23.14
CA LEU B 285 25.08 -24.98 21.94
C LEU B 285 25.65 -24.37 20.66
N SER B 286 26.67 -23.52 20.77
CA SER B 286 27.32 -22.91 19.62
C SER B 286 28.75 -23.40 19.45
N THR B 287 29.08 -24.56 19.99
CA THR B 287 30.45 -25.05 20.04
C THR B 287 30.75 -26.15 19.03
N GLY B 288 29.79 -26.49 18.18
CA GLY B 288 29.99 -27.59 17.26
C GLY B 288 30.07 -28.95 17.92
N LYS B 289 29.65 -29.06 19.18
CA LYS B 289 29.71 -30.31 19.92
C LYS B 289 28.33 -30.69 20.43
N LYS B 290 28.18 -31.98 20.75
CA LYS B 290 27.00 -32.44 21.47
C LYS B 290 26.92 -31.72 22.80
N ALA B 291 25.74 -31.21 23.14
CA ALA B 291 25.60 -30.35 24.30
C ALA B 291 24.23 -30.51 24.96
N ILE B 292 24.23 -30.55 26.28
CA ILE B 292 23.02 -30.58 27.08
C ILE B 292 22.92 -29.23 27.79
N GLY B 293 21.81 -28.53 27.58
CA GLY B 293 21.64 -27.22 28.15
C GLY B 293 20.56 -27.18 29.23
N ALA B 294 20.99 -27.15 30.49
CA ALA B 294 20.06 -27.05 31.62
C ALA B 294 19.94 -25.57 31.98
N GLY B 295 18.91 -24.93 31.42
CA GLY B 295 18.74 -23.49 31.55
C GLY B 295 18.06 -23.08 32.84
N ALA B 296 17.64 -21.83 32.86
CA ALA B 296 16.98 -21.25 34.02
C ALA B 296 15.46 -21.38 33.90
N GLY B 297 14.75 -20.97 34.94
CA GLY B 297 13.31 -21.03 34.95
C GLY B 297 12.72 -19.88 35.75
N ASN B 298 11.39 -19.89 35.84
CA ASN B 298 10.66 -18.91 36.65
C ASN B 298 9.39 -19.59 37.15
N PRO B 299 9.53 -20.60 38.01
CA PRO B 299 8.42 -21.53 38.27
C PRO B 299 7.23 -20.81 38.89
N PRO B 300 6.08 -20.85 38.22
CA PRO B 300 4.85 -20.34 38.84
C PRO B 300 4.11 -21.44 39.59
N VAL B 301 3.48 -21.05 40.68
CA VAL B 301 2.62 -21.94 41.46
C VAL B 301 1.20 -21.42 41.36
N VAL B 302 0.30 -22.24 40.81
CA VAL B 302 -1.10 -21.89 40.64
C VAL B 302 -1.91 -22.54 41.75
N VAL B 303 -2.81 -21.77 42.36
CA VAL B 303 -3.71 -22.24 43.40
C VAL B 303 -5.11 -21.86 42.99
N ASP B 304 -5.98 -22.85 42.79
CA ASP B 304 -7.36 -22.58 42.39
C ASP B 304 -8.30 -22.85 43.56
N GLU B 305 -9.60 -22.70 43.29
CA GLU B 305 -10.61 -22.73 44.34
C GLU B 305 -10.88 -24.13 44.88
N THR B 306 -10.50 -25.18 44.15
CA THR B 306 -10.66 -26.55 44.64
C THR B 306 -9.50 -26.99 45.53
N ALA B 307 -8.51 -26.14 45.74
CA ALA B 307 -7.31 -26.54 46.46
C ALA B 307 -7.55 -26.61 47.96
N ASN B 308 -6.79 -27.49 48.61
CA ASN B 308 -6.63 -27.46 50.06
C ASN B 308 -5.74 -26.27 50.42
N ILE B 309 -6.34 -25.21 50.93
CA ILE B 309 -5.67 -23.91 50.96
C ILE B 309 -4.53 -23.92 51.98
N GLU B 310 -4.80 -24.36 53.21
CA GLU B 310 -3.76 -24.31 54.23
C GLU B 310 -2.64 -25.30 53.91
N LYS B 311 -2.98 -26.45 53.34
CA LYS B 311 -1.94 -27.37 52.89
C LYS B 311 -1.10 -26.73 51.79
N ALA B 312 -1.75 -26.11 50.80
CA ALA B 312 -1.02 -25.43 49.75
C ALA B 312 -0.18 -24.29 50.30
N ALA B 313 -0.65 -23.63 51.35
CA ALA B 313 0.13 -22.55 51.95
C ALA B 313 1.43 -23.07 52.56
N CYS B 314 1.37 -24.24 53.20
CA CYS B 314 2.57 -24.81 53.79
C CYS B 314 3.54 -25.29 52.72
N ASP B 315 3.03 -25.99 51.71
CA ASP B 315 3.88 -26.48 50.62
C ASP B 315 4.56 -25.32 49.89
N ILE B 316 3.81 -24.26 49.59
CA ILE B 316 4.39 -23.13 48.88
C ILE B 316 5.53 -22.52 49.69
N VAL B 317 5.32 -22.34 50.99
CA VAL B 317 6.34 -21.69 51.80
C VAL B 317 7.57 -22.59 51.93
N ASN B 318 7.38 -23.90 52.00
CA ASN B 318 8.51 -24.82 52.10
C ASN B 318 9.31 -24.85 50.81
N GLY B 319 8.61 -24.99 49.67
CA GLY B 319 9.31 -25.03 48.40
C GLY B 319 10.00 -23.72 48.07
N CYS B 320 9.39 -22.60 48.45
CA CYS B 320 9.96 -21.30 48.11
C CYS B 320 11.21 -21.02 48.95
N SER B 321 11.13 -21.22 50.27
CA SER B 321 12.21 -20.86 51.17
C SER B 321 13.32 -21.90 51.22
N PHE B 322 13.10 -23.08 50.65
CA PHE B 322 14.11 -24.13 50.67
C PHE B 322 15.40 -23.64 50.01
N ASP B 323 16.53 -23.89 50.68
CA ASP B 323 17.83 -23.34 50.31
C ASP B 323 17.71 -21.88 49.89
N ASN B 324 16.85 -21.13 50.58
CA ASN B 324 16.66 -19.70 50.31
C ASN B 324 16.37 -19.43 48.84
N ASN B 325 15.73 -20.38 48.16
CA ASN B 325 15.12 -20.18 46.84
C ASN B 325 16.10 -20.27 45.68
N ILE B 326 17.31 -20.81 45.90
CA ILE B 326 18.32 -20.86 44.84
C ILE B 326 18.26 -22.14 44.03
N THR B 327 17.28 -22.98 44.30
CA THR B 327 17.04 -24.14 43.45
C THR B 327 16.28 -23.69 42.21
N CYS B 328 16.71 -24.19 41.05
CA CYS B 328 16.09 -23.76 39.80
C CYS B 328 14.60 -24.06 39.76
N THR B 329 14.13 -25.01 40.58
CA THR B 329 12.74 -25.46 40.54
C THR B 329 11.84 -24.77 41.55
N ALA B 330 12.39 -24.00 42.47
CA ALA B 330 11.60 -23.44 43.57
C ALA B 330 10.54 -22.47 43.05
N GLU B 331 9.43 -22.39 43.77
CA GLU B 331 8.38 -21.45 43.43
C GLU B 331 8.91 -20.02 43.50
N LYS B 332 8.54 -19.21 42.50
CA LYS B 332 9.02 -17.83 42.46
C LYS B 332 7.94 -16.82 42.11
N GLU B 333 6.69 -17.23 41.97
CA GLU B 333 5.56 -16.31 41.92
C GLU B 333 4.28 -17.11 42.05
N ILE B 334 3.32 -16.59 42.81
CA ILE B 334 2.03 -17.24 43.02
C ILE B 334 1.03 -16.64 42.06
N ILE B 335 0.19 -17.49 41.48
CA ILE B 335 -0.97 -17.08 40.69
C ILE B 335 -2.19 -17.68 41.36
N ALA B 336 -2.98 -16.84 42.02
CA ALA B 336 -4.07 -17.30 42.88
C ALA B 336 -5.41 -16.86 42.32
N VAL B 337 -6.36 -17.80 42.28
CA VAL B 337 -7.72 -17.47 41.93
C VAL B 337 -8.32 -16.56 43.00
N ALA B 338 -9.11 -15.58 42.55
CA ALA B 338 -9.48 -14.48 43.44
C ALA B 338 -10.30 -14.93 44.63
N GLN B 339 -11.17 -15.93 44.43
CA GLN B 339 -12.07 -16.35 45.51
C GLN B 339 -11.30 -16.90 46.71
N ILE B 340 -10.10 -17.45 46.48
CA ILE B 340 -9.31 -18.06 47.54
C ILE B 340 -8.07 -17.26 47.87
N ALA B 341 -7.84 -16.14 47.18
CA ALA B 341 -6.58 -15.41 47.34
C ALA B 341 -6.43 -14.89 48.77
N ASP B 342 -7.49 -14.28 49.32
CA ASP B 342 -7.41 -13.75 50.67
C ASP B 342 -7.16 -14.86 51.69
N TYR B 343 -7.77 -16.03 51.48
CA TYR B 343 -7.56 -17.14 52.40
C TYR B 343 -6.16 -17.72 52.25
N LEU B 344 -5.64 -17.77 51.02
CA LEU B 344 -4.27 -18.23 50.80
C LEU B 344 -3.27 -17.33 51.51
N ILE B 345 -3.38 -16.02 51.28
CA ILE B 345 -2.50 -15.06 51.96
C ILE B 345 -2.58 -15.27 53.47
N PHE B 346 -3.79 -15.51 53.98
CA PHE B 346 -3.97 -15.71 55.41
C PHE B 346 -3.13 -16.88 55.90
N ASN B 347 -3.24 -18.03 55.24
CA ASN B 347 -2.52 -19.22 55.70
C ASN B 347 -1.02 -19.13 55.40
N LEU B 348 -0.64 -18.42 54.35
CA LEU B 348 0.78 -18.18 54.11
C LEU B 348 1.42 -17.46 55.28
N LYS B 349 0.70 -16.47 55.84
CA LYS B 349 1.22 -15.76 57.01
C LYS B 349 1.23 -16.66 58.24
N LYS B 350 0.27 -17.58 58.34
CA LYS B 350 0.27 -18.55 59.44
C LYS B 350 1.41 -19.56 59.35
N ASN B 351 2.14 -19.60 58.23
CA ASN B 351 3.20 -20.58 58.07
C ASN B 351 4.52 -19.93 57.63
N GLY B 352 4.78 -18.72 58.11
CA GLY B 352 6.10 -18.13 57.97
C GLY B 352 6.26 -17.06 56.91
N ALA B 353 5.17 -16.49 56.42
CA ALA B 353 5.26 -15.44 55.41
C ALA B 353 5.09 -14.08 56.07
N TYR B 354 5.99 -13.16 55.77
CA TYR B 354 5.86 -11.77 56.19
C TYR B 354 5.23 -11.00 55.04
N GLU B 355 3.98 -10.58 55.23
CA GLU B 355 3.27 -9.85 54.20
C GLU B 355 3.67 -8.38 54.23
N ILE B 356 3.91 -7.81 53.06
CA ILE B 356 4.24 -6.40 52.91
C ILE B 356 3.04 -5.74 52.24
N LYS B 357 2.37 -4.85 52.96
CA LYS B 357 1.23 -4.12 52.44
C LYS B 357 1.52 -2.64 52.20
N ASP B 358 2.54 -2.08 52.84
CA ASP B 358 2.88 -0.68 52.64
C ASP B 358 3.71 -0.53 51.38
N PRO B 359 3.23 0.20 50.36
CA PRO B 359 4.02 0.34 49.14
C PRO B 359 5.39 0.98 49.38
N ALA B 360 5.49 1.84 50.40
CA ALA B 360 6.79 2.44 50.71
C ALA B 360 7.82 1.37 51.02
N VAL B 361 7.45 0.36 51.80
CA VAL B 361 8.39 -0.72 52.10
C VAL B 361 8.65 -1.57 50.87
N LEU B 362 7.62 -1.79 50.03
CA LEU B 362 7.81 -2.56 48.82
C LEU B 362 8.87 -1.92 47.93
N GLN B 363 8.83 -0.59 47.78
CA GLN B 363 9.83 0.09 46.98
C GLN B 363 11.22 -0.03 47.61
N GLN B 364 11.28 -0.08 48.96
CA GLN B 364 12.56 -0.30 49.61
C GLN B 364 13.12 -1.67 49.26
N LEU B 365 12.28 -2.71 49.34
CA LEU B 365 12.74 -4.05 49.02
C LEU B 365 13.24 -4.14 47.58
N GLN B 366 12.57 -3.44 46.67
CA GLN B 366 13.01 -3.43 45.27
C GLN B 366 14.38 -2.77 45.13
N ASP B 367 14.56 -1.59 45.74
CA ASP B 367 15.83 -0.90 45.66
C ASP B 367 16.97 -1.76 46.16
N LEU B 368 16.68 -2.69 47.09
CA LEU B 368 17.73 -3.51 47.68
C LEU B 368 18.11 -4.69 46.77
N VAL B 369 17.11 -5.40 46.25
CA VAL B 369 17.36 -6.67 45.57
C VAL B 369 17.45 -6.55 44.06
N LEU B 370 17.18 -5.38 43.50
CA LEU B 370 17.25 -5.18 42.06
C LEU B 370 18.43 -4.28 41.71
N THR B 371 18.87 -4.38 40.46
CA THR B 371 19.97 -3.57 39.96
C THR B 371 19.43 -2.42 39.12
N ALA B 372 20.33 -1.67 38.48
CA ALA B 372 19.90 -0.57 37.64
C ALA B 372 19.15 -1.07 36.41
N LYS B 373 19.58 -2.21 35.86
CA LYS B 373 18.93 -2.77 34.68
C LYS B 373 17.60 -3.44 35.01
N GLY B 374 17.41 -3.87 36.25
CA GLY B 374 16.18 -4.49 36.68
C GLY B 374 16.28 -5.96 37.05
N GLY B 375 17.48 -6.54 36.99
CA GLY B 375 17.66 -7.94 37.31
C GLY B 375 18.06 -8.13 38.75
N PRO B 376 18.14 -9.39 39.19
CA PRO B 376 18.42 -9.65 40.61
C PRO B 376 19.81 -9.17 41.01
N GLN B 377 19.89 -8.65 42.24
CA GLN B 377 21.16 -8.25 42.82
C GLN B 377 21.89 -9.49 43.33
N THR B 378 23.13 -9.67 42.88
CA THR B 378 23.87 -10.88 43.22
C THR B 378 24.12 -10.99 44.71
N LYS B 379 24.32 -9.86 45.40
CA LYS B 379 24.60 -9.91 46.83
C LYS B 379 23.38 -10.38 47.62
N CYS B 380 22.17 -10.14 47.11
CA CYS B 380 20.94 -10.55 47.79
C CYS B 380 20.52 -11.97 47.47
N VAL B 381 21.04 -12.57 46.39
CA VAL B 381 20.64 -13.91 46.02
C VAL B 381 21.09 -14.90 47.09
N GLY B 382 20.20 -15.82 47.44
CA GLY B 382 20.51 -16.85 48.40
C GLY B 382 20.42 -16.43 49.86
N LYS B 383 19.98 -15.21 50.13
CA LYS B 383 19.88 -14.72 51.50
C LYS B 383 18.50 -15.06 52.09
N SER B 384 18.49 -15.31 53.40
CA SER B 384 17.25 -15.66 54.07
C SER B 384 16.29 -14.47 54.09
N ALA B 385 15.03 -14.77 54.39
CA ALA B 385 14.02 -13.70 54.49
C ALA B 385 14.34 -12.78 55.66
N VAL B 386 14.84 -13.34 56.77
CA VAL B 386 15.22 -12.52 57.91
C VAL B 386 16.28 -11.50 57.50
N TRP B 387 17.35 -11.97 56.86
CA TRP B 387 18.43 -11.09 56.44
C TRP B 387 17.92 -10.00 55.49
N LEU B 388 17.16 -10.39 54.48
CA LEU B 388 16.63 -9.43 53.52
C LEU B 388 15.82 -8.34 54.23
N LEU B 389 14.93 -8.75 55.14
CA LEU B 389 14.11 -7.78 55.85
C LEU B 389 14.97 -6.88 56.73
N SER B 390 16.04 -7.42 57.31
CA SER B 390 16.94 -6.60 58.12
C SER B 390 17.53 -5.46 57.31
N GLN B 391 17.89 -5.72 56.05
CA GLN B 391 18.52 -4.70 55.22
C GLN B 391 17.61 -3.52 54.90
N ILE B 392 16.36 -3.55 55.37
CA ILE B 392 15.46 -2.41 55.24
C ILE B 392 14.84 -2.09 56.59
N GLY B 393 15.56 -2.43 57.67
CA GLY B 393 15.19 -2.00 59.00
C GLY B 393 14.05 -2.76 59.64
N ILE B 394 13.71 -3.95 59.14
CA ILE B 394 12.62 -4.76 59.70
C ILE B 394 13.24 -5.97 60.36
N SER B 395 12.99 -6.14 61.65
CA SER B 395 13.58 -7.19 62.45
C SER B 395 12.53 -8.23 62.80
N VAL B 396 12.71 -9.44 62.30
CA VAL B 396 11.77 -10.53 62.52
C VAL B 396 12.53 -11.74 63.05
N ASP B 397 11.78 -12.70 63.60
CA ASP B 397 12.38 -13.91 64.15
C ASP B 397 12.54 -14.97 63.07
N ALA B 398 13.09 -16.12 63.45
CA ALA B 398 13.40 -17.17 62.50
C ALA B 398 12.17 -17.86 61.93
N SER B 399 10.99 -17.67 62.54
CA SER B 399 9.79 -18.32 62.03
C SER B 399 9.39 -17.82 60.65
N ILE B 400 9.85 -16.63 60.26
CA ILE B 400 9.53 -16.06 58.96
C ILE B 400 10.52 -16.60 57.93
N LYS B 401 9.98 -17.19 56.87
CA LYS B 401 10.79 -17.84 55.85
C LYS B 401 10.71 -17.20 54.48
N ILE B 402 9.60 -16.52 54.15
CA ILE B 402 9.45 -15.85 52.87
C ILE B 402 8.85 -14.47 53.09
N ILE B 403 9.08 -13.58 52.13
CA ILE B 403 8.48 -12.25 52.09
C ILE B 403 7.41 -12.29 51.01
N LEU B 404 6.17 -11.99 51.38
CA LEU B 404 5.02 -12.08 50.50
C LEU B 404 4.46 -10.70 50.20
N MET B 405 4.01 -10.51 48.96
CA MET B 405 3.37 -9.27 48.56
C MET B 405 2.47 -9.55 47.37
N GLU B 406 1.34 -8.85 47.32
CA GLU B 406 0.39 -8.96 46.22
C GLU B 406 0.64 -7.80 45.26
N VAL B 407 1.08 -8.12 44.05
CA VAL B 407 1.51 -7.10 43.09
C VAL B 407 0.89 -7.41 41.73
N PRO B 408 0.93 -6.50 40.77
CA PRO B 408 0.46 -6.81 39.42
C PRO B 408 1.43 -7.72 38.68
N ARG B 409 0.95 -8.29 37.58
CA ARG B 409 1.72 -9.30 36.86
C ARG B 409 2.97 -8.71 36.21
N GLU B 410 2.96 -7.42 35.88
CA GLU B 410 4.13 -6.79 35.28
C GLU B 410 5.22 -6.46 36.29
N HIS B 411 4.99 -6.72 37.57
CA HIS B 411 5.94 -6.30 38.60
C HIS B 411 7.26 -7.04 38.44
N PRO B 412 8.38 -6.39 38.74
CA PRO B 412 9.69 -7.07 38.60
C PRO B 412 9.77 -8.42 39.29
N PHE B 413 9.36 -8.50 40.57
CA PHE B 413 9.50 -9.75 41.31
C PHE B 413 8.82 -10.90 40.59
N VAL B 414 7.72 -10.64 39.89
CA VAL B 414 7.05 -11.70 39.13
C VAL B 414 7.89 -12.11 37.94
N GLN B 415 8.28 -11.14 37.11
CA GLN B 415 8.93 -11.43 35.84
C GLN B 415 10.34 -11.97 36.05
N GLU B 416 11.07 -11.44 37.02
CA GLU B 416 12.47 -11.80 37.20
C GLU B 416 12.60 -13.07 38.05
N GLU B 417 13.67 -13.81 37.80
CA GLU B 417 14.02 -14.98 38.61
C GLU B 417 14.91 -14.49 39.75
N LEU B 418 14.29 -14.13 40.87
CA LEU B 418 15.02 -13.51 41.96
C LEU B 418 15.98 -14.50 42.62
N MET B 419 15.59 -15.78 42.71
CA MET B 419 16.34 -16.76 43.49
C MET B 419 16.53 -16.27 44.92
N MET B 420 15.47 -15.73 45.50
CA MET B 420 15.42 -15.26 46.88
C MET B 420 14.09 -15.69 47.46
N PRO B 421 13.99 -15.78 48.79
CA PRO B 421 12.69 -16.11 49.40
C PRO B 421 11.73 -14.93 49.38
N ILE B 422 11.64 -14.27 48.23
CA ILE B 422 10.69 -13.19 48.00
C ILE B 422 9.66 -13.70 47.01
N LEU B 423 8.41 -13.82 47.44
CA LEU B 423 7.38 -14.50 46.67
C LEU B 423 6.24 -13.55 46.34
N PRO B 424 6.19 -13.00 45.13
CA PRO B 424 5.05 -12.17 44.74
C PRO B 424 3.84 -13.02 44.40
N LEU B 425 2.67 -12.47 44.70
CA LEU B 425 1.39 -13.11 44.39
C LEU B 425 0.62 -12.25 43.42
N VAL B 426 0.04 -12.87 42.40
CA VAL B 426 -0.78 -12.20 41.40
C VAL B 426 -2.18 -12.80 41.47
N ARG B 427 -3.18 -11.93 41.60
CA ARG B 427 -4.56 -12.37 41.72
C ARG B 427 -5.22 -12.36 40.34
N VAL B 428 -5.89 -13.46 40.00
CA VAL B 428 -6.59 -13.59 38.73
C VAL B 428 -8.00 -14.08 39.00
N GLU B 429 -8.85 -13.97 37.97
CA GLU B 429 -10.28 -14.20 38.16
C GLU B 429 -10.62 -15.68 38.25
N THR B 430 -10.20 -16.47 37.27
CA THR B 430 -10.56 -17.88 37.21
C THR B 430 -9.30 -18.73 37.04
N VAL B 431 -9.48 -20.04 37.24
CA VAL B 431 -8.37 -20.97 37.07
C VAL B 431 -7.84 -20.92 35.65
N ASP B 432 -8.73 -20.71 34.67
CA ASP B 432 -8.28 -20.61 33.28
C ASP B 432 -7.36 -19.42 33.08
N ASP B 433 -7.72 -18.26 33.66
CA ASP B 433 -6.83 -17.11 33.61
C ASP B 433 -5.52 -17.39 34.32
N ALA B 434 -5.55 -18.20 35.38
CA ALA B 434 -4.32 -18.53 36.10
C ALA B 434 -3.39 -19.36 35.21
N ILE B 435 -3.94 -20.33 34.49
CA ILE B 435 -3.13 -21.15 33.59
C ILE B 435 -2.55 -20.29 32.48
N ASP B 436 -3.37 -19.45 31.86
CA ASP B 436 -2.88 -18.55 30.82
C ASP B 436 -1.74 -17.69 31.34
N LEU B 437 -1.90 -17.11 32.53
CA LEU B 437 -0.84 -16.27 33.09
C LEU B 437 0.37 -17.10 33.51
N ALA B 438 0.15 -18.36 33.89
CA ALA B 438 1.27 -19.19 34.31
C ALA B 438 2.19 -19.51 33.14
N ILE B 439 1.60 -19.74 31.96
CA ILE B 439 2.43 -19.99 30.78
C ILE B 439 3.18 -18.74 30.37
N GLU B 440 2.48 -17.59 30.38
CA GLU B 440 3.12 -16.33 30.05
C GLU B 440 4.31 -16.06 30.96
N VAL B 441 4.08 -16.08 32.27
CA VAL B 441 5.12 -15.72 33.23
C VAL B 441 6.26 -16.72 33.26
N GLU B 442 6.07 -17.92 32.71
CA GLU B 442 7.14 -18.91 32.68
C GLU B 442 8.19 -18.61 31.62
N HIS B 443 7.88 -17.73 30.66
CA HIS B 443 8.85 -17.20 29.70
C HIS B 443 9.38 -18.26 28.74
N ASP B 444 8.58 -19.28 28.47
CA ASP B 444 8.95 -20.39 27.59
C ASP B 444 10.24 -21.08 28.04
N ASN B 445 10.70 -20.82 29.27
CA ASN B 445 11.80 -21.62 29.81
C ASN B 445 11.46 -23.10 29.81
N ARG B 446 10.20 -23.39 29.95
CA ARG B 446 9.74 -24.74 29.98
C ARG B 446 10.51 -25.51 31.00
N HIS B 447 10.66 -24.96 32.18
CA HIS B 447 11.40 -25.62 33.21
C HIS B 447 10.51 -26.26 34.24
N THR B 448 9.91 -25.49 35.11
CA THR B 448 9.14 -26.09 36.19
C THR B 448 7.90 -25.31 36.49
N ALA B 449 6.81 -25.95 36.85
CA ALA B 449 5.61 -25.28 37.26
C ALA B 449 4.93 -26.08 38.35
N ILE B 450 4.11 -25.45 39.17
CA ILE B 450 3.41 -26.11 40.27
C ILE B 450 1.95 -25.70 40.23
N MET B 451 1.07 -26.62 40.63
CA MET B 451 -0.35 -26.34 40.76
C MET B 451 -0.90 -26.99 42.01
N HIS B 452 -1.82 -26.29 42.68
CA HIS B 452 -2.57 -26.85 43.81
C HIS B 452 -4.05 -26.86 43.43
N SER B 453 -4.63 -28.05 43.40
CA SER B 453 -6.00 -28.24 42.98
C SER B 453 -6.36 -29.71 43.20
N THR B 454 -7.64 -29.94 43.51
CA THR B 454 -8.14 -31.30 43.65
C THR B 454 -8.95 -31.76 42.44
N ASP B 455 -9.38 -30.83 41.59
CA ASP B 455 -10.12 -31.18 40.38
C ASP B 455 -9.16 -31.80 39.38
N VAL B 456 -9.36 -33.10 39.08
CA VAL B 456 -8.45 -33.80 38.19
C VAL B 456 -8.49 -33.20 36.78
N ARG B 457 -9.62 -32.61 36.39
CA ARG B 457 -9.71 -32.00 35.07
C ARG B 457 -8.84 -30.76 34.96
N LYS B 458 -8.71 -30.01 36.06
CA LYS B 458 -7.91 -28.78 36.03
C LYS B 458 -6.43 -29.08 36.17
N LEU B 459 -6.07 -30.09 36.97
CA LEU B 459 -4.68 -30.51 37.02
C LEU B 459 -4.21 -30.96 35.65
N THR B 460 -5.03 -31.75 34.95
CA THR B 460 -4.66 -32.21 33.61
C THR B 460 -4.51 -31.04 32.65
N LYS B 461 -5.43 -30.08 32.69
CA LYS B 461 -5.37 -28.97 31.74
C LYS B 461 -4.06 -28.20 31.88
N MET B 462 -3.71 -27.78 33.10
CA MET B 462 -2.51 -26.99 33.27
C MET B 462 -1.26 -27.81 32.97
N ALA B 463 -1.24 -29.08 33.37
CA ALA B 463 -0.07 -29.91 33.10
C ALA B 463 0.17 -30.03 31.61
N LYS B 464 -0.89 -30.18 30.82
CA LYS B 464 -0.74 -30.33 29.38
C LYS B 464 -0.31 -29.02 28.74
N LEU B 465 -0.86 -27.90 29.17
CA LEU B 465 -0.69 -26.66 28.43
C LEU B 465 0.67 -26.00 28.69
N ILE B 466 1.19 -26.10 29.91
CA ILE B 466 2.39 -25.35 30.24
C ILE B 466 3.65 -26.06 29.72
N GLN B 467 3.59 -27.38 29.55
CA GLN B 467 4.62 -28.14 28.85
C GLN B 467 6.01 -27.91 29.46
N THR B 468 6.09 -27.90 30.78
CA THR B 468 7.36 -27.76 31.46
C THR B 468 7.99 -29.14 31.68
N THR B 469 9.31 -29.14 31.90
CA THR B 469 10.03 -30.40 32.08
C THR B 469 9.59 -31.10 33.35
N ILE B 470 9.36 -30.34 34.42
CA ILE B 470 8.81 -30.86 35.67
C ILE B 470 7.50 -30.14 35.96
N PHE B 471 6.49 -30.89 36.39
CA PHE B 471 5.23 -30.32 36.84
C PHE B 471 4.86 -31.02 38.13
N VAL B 472 4.68 -30.24 39.21
CA VAL B 472 4.35 -30.79 40.52
C VAL B 472 2.90 -30.41 40.85
N LYS B 473 2.15 -31.39 41.35
CA LYS B 473 0.75 -31.20 41.70
C LYS B 473 0.56 -31.44 43.20
N ASN B 474 0.05 -30.41 43.88
CA ASN B 474 -0.40 -30.54 45.28
C ASN B 474 0.74 -30.89 46.22
N GLY B 475 1.92 -30.31 45.98
CA GLY B 475 3.06 -30.51 46.83
C GLY B 475 4.07 -29.40 46.67
N PRO B 476 5.14 -29.45 47.46
CA PRO B 476 6.22 -28.46 47.28
C PRO B 476 6.99 -28.74 46.00
N SER B 477 7.55 -27.66 45.45
CA SER B 477 8.27 -27.76 44.18
C SER B 477 9.37 -28.81 44.23
N TYR B 478 10.10 -28.88 45.36
CA TYR B 478 11.21 -29.82 45.43
C TYR B 478 10.74 -31.28 45.43
N ALA B 479 9.44 -31.54 45.44
CA ALA B 479 8.96 -32.91 45.26
C ALA B 479 9.33 -33.45 43.88
N GLY B 480 9.47 -32.57 42.89
CA GLY B 480 9.89 -32.98 41.56
C GLY B 480 11.36 -33.34 41.45
N HIS B 481 12.16 -33.00 42.46
CA HIS B 481 13.56 -33.37 42.52
C HIS B 481 13.77 -34.75 43.13
N GLY B 482 12.71 -35.43 43.57
CA GLY B 482 12.83 -36.69 44.25
C GLY B 482 12.86 -36.61 45.76
N ALA B 483 12.57 -35.45 46.33
CA ALA B 483 12.50 -35.26 47.79
C ALA B 483 11.04 -35.00 48.15
N GLY B 484 10.30 -36.09 48.37
CA GLY B 484 8.87 -36.01 48.59
C GLY B 484 8.04 -36.45 47.41
N GLY B 485 8.68 -36.77 46.27
CA GLY B 485 7.98 -37.28 45.12
C GLY B 485 8.65 -38.53 44.58
N GLU B 486 7.97 -39.18 43.64
CA GLU B 486 8.49 -40.40 43.05
C GLU B 486 9.51 -40.09 41.97
N GLY B 487 10.44 -41.02 41.76
CA GLY B 487 11.50 -40.87 40.80
C GLY B 487 12.84 -40.55 41.45
N TYR B 488 13.89 -40.67 40.63
CA TYR B 488 15.24 -40.38 41.08
C TYR B 488 15.45 -38.86 41.14
N SER B 489 16.64 -38.45 41.55
CA SER B 489 16.99 -37.06 41.69
C SER B 489 18.08 -36.65 40.70
N THR B 490 18.11 -35.36 40.40
CA THR B 490 19.14 -34.78 39.56
C THR B 490 19.23 -33.30 39.90
N PHE B 491 20.33 -32.68 39.46
CA PHE B 491 20.52 -31.25 39.64
C PHE B 491 20.87 -30.55 38.34
N THR B 492 20.74 -31.24 37.21
CA THR B 492 20.81 -30.61 35.88
C THR B 492 19.55 -31.05 35.14
N ILE B 493 18.59 -30.12 35.03
CA ILE B 493 17.30 -30.37 34.41
C ILE B 493 17.31 -29.68 33.05
N ALA B 494 17.25 -30.47 31.99
CA ALA B 494 17.44 -29.98 30.63
C ALA B 494 16.08 -29.76 29.99
N GLY B 495 15.75 -28.48 29.73
CA GLY B 495 14.52 -28.14 29.06
C GLY B 495 14.74 -27.85 27.60
N PRO B 496 15.65 -26.91 27.31
CA PRO B 496 15.93 -26.59 25.89
C PRO B 496 16.35 -27.80 25.07
N THR B 497 17.27 -28.63 25.58
CA THR B 497 17.77 -29.76 24.81
C THR B 497 16.95 -31.03 25.01
N GLY B 498 15.98 -31.02 25.92
CA GLY B 498 14.94 -32.03 25.95
C GLY B 498 15.29 -33.32 26.67
N GLU B 499 16.44 -33.40 27.34
CA GLU B 499 16.81 -34.64 28.01
C GLU B 499 16.01 -34.86 29.29
N GLY B 500 15.38 -33.82 29.83
CA GLY B 500 14.58 -33.99 31.04
C GLY B 500 15.46 -33.99 32.27
N LEU B 501 15.21 -34.95 33.16
CA LEU B 501 16.00 -35.08 34.39
C LEU B 501 17.20 -35.95 34.08
N THR B 502 18.35 -35.32 33.85
CA THR B 502 19.51 -36.06 33.37
C THR B 502 19.92 -37.15 34.35
N SER B 503 20.31 -38.29 33.80
CA SER B 503 20.83 -39.41 34.57
C SER B 503 21.99 -40.00 33.77
N ALA B 504 22.38 -41.24 34.09
CA ALA B 504 23.47 -41.88 33.37
C ALA B 504 23.14 -42.04 31.89
N LYS B 505 21.91 -42.43 31.58
CA LYS B 505 21.49 -42.56 30.19
C LYS B 505 21.78 -41.28 29.40
N SER B 506 21.63 -40.12 30.04
CA SER B 506 21.80 -38.85 29.33
C SER B 506 23.20 -38.69 28.77
N PHE B 507 24.20 -39.32 29.40
CA PHE B 507 25.59 -39.17 29.01
C PHE B 507 26.12 -40.38 28.27
N ALA B 508 25.25 -41.06 27.52
CA ALA B 508 25.61 -42.26 26.77
C ALA B 508 25.05 -42.18 25.36
N ARG B 509 25.73 -42.85 24.43
CA ARG B 509 25.25 -43.01 23.07
C ARG B 509 24.48 -44.33 22.95
N ARG B 510 23.45 -44.33 22.11
CA ARG B 510 22.70 -45.54 21.84
C ARG B 510 23.37 -46.29 20.70
N ARG B 511 23.60 -47.59 20.90
CA ARG B 511 24.19 -48.46 19.89
C ARG B 511 23.27 -49.65 19.68
N LYS B 512 23.30 -50.19 18.46
CA LYS B 512 22.44 -51.29 18.06
C LYS B 512 23.31 -52.43 17.56
N CYS B 513 23.04 -53.63 18.05
CA CYS B 513 23.81 -54.83 17.71
C CYS B 513 22.85 -55.87 17.16
N VAL B 514 23.03 -56.23 15.88
CA VAL B 514 22.11 -57.11 15.18
C VAL B 514 22.83 -58.43 14.91
N MET B 515 22.37 -59.49 15.58
CA MET B 515 22.83 -60.86 15.30
C MET B 515 21.82 -61.48 14.35
N VAL B 516 22.18 -61.57 13.07
CA VAL B 516 21.23 -61.96 12.05
C VAL B 516 20.97 -63.47 12.14
N GLU B 517 19.70 -63.84 12.31
CA GLU B 517 19.23 -65.22 12.23
C GLU B 517 19.97 -66.12 13.22
N ALA B 518 20.05 -65.67 14.46
CA ALA B 518 20.62 -66.47 15.53
C ALA B 518 20.23 -65.86 16.86
N LEU B 519 20.19 -66.69 17.86
CA LEU B 519 19.89 -66.21 19.16
C LEU B 519 18.44 -65.90 19.40
N ASN B 520 17.58 -66.38 18.54
CA ASN B 520 16.19 -66.19 18.73
C ASN B 520 15.79 -67.50 19.34
N ILE B 521 15.66 -67.55 20.63
CA ILE B 521 15.38 -68.81 21.25
C ILE B 521 14.01 -68.98 21.80
N ARG B 522 13.08 -68.17 21.35
CA ARG B 522 11.76 -68.22 21.89
C ARG B 522 11.15 -69.52 21.54
N ALA C 82 -7.39 -87.84 2.13
CA ALA C 82 -8.60 -87.07 2.00
C ALA C 82 -8.40 -85.64 2.49
N ALA C 83 -9.51 -84.99 2.79
CA ALA C 83 -9.52 -83.59 3.21
C ALA C 83 -9.02 -83.20 4.58
N VAL C 84 -8.67 -81.93 4.64
CA VAL C 84 -8.18 -81.25 5.78
C VAL C 84 -9.26 -81.18 6.84
N SER C 85 -8.89 -81.32 8.09
CA SER C 85 -9.85 -81.27 9.14
C SER C 85 -10.52 -79.93 9.23
N ASP C 86 -11.80 -79.93 9.47
CA ASP C 86 -12.54 -78.70 9.69
C ASP C 86 -12.43 -78.18 11.12
N GLY C 87 -11.77 -78.94 12.01
CA GLY C 87 -11.55 -78.53 13.37
C GLY C 87 -12.46 -79.16 14.40
N VAL C 88 -13.60 -79.69 13.97
CA VAL C 88 -14.58 -80.30 14.87
C VAL C 88 -14.35 -81.80 14.90
N PHE C 89 -14.46 -82.39 16.10
CA PHE C 89 -14.21 -83.81 16.29
C PHE C 89 -15.35 -84.44 17.08
N GLU C 90 -15.43 -85.76 16.99
CA GLU C 90 -16.55 -86.48 17.61
C GLU C 90 -16.35 -86.64 19.12
N THR C 91 -15.17 -87.07 19.53
CA THR C 91 -14.85 -87.23 20.94
C THR C 91 -13.86 -86.16 21.37
N MET C 92 -13.85 -85.87 22.67
CA MET C 92 -12.89 -84.91 23.20
C MET C 92 -11.46 -85.41 23.05
N ASP C 93 -11.26 -86.72 23.25
CA ASP C 93 -9.92 -87.29 23.12
C ASP C 93 -9.36 -87.07 21.72
N ALA C 94 -10.20 -87.25 20.69
CA ALA C 94 -9.74 -87.06 19.32
C ALA C 94 -9.29 -85.62 19.09
N ALA C 95 -9.99 -84.66 19.68
CA ALA C 95 -9.65 -83.26 19.47
C ALA C 95 -8.37 -82.89 20.21
N VAL C 96 -8.20 -83.38 21.44
CA VAL C 96 -6.98 -83.10 22.18
C VAL C 96 -5.78 -83.71 21.47
N GLU C 97 -5.93 -84.92 20.94
CA GLU C 97 -4.86 -85.54 20.19
C GLU C 97 -4.55 -84.76 18.92
N ALA C 98 -5.59 -84.36 18.18
CA ALA C 98 -5.39 -83.57 16.98
C ALA C 98 -4.71 -82.25 17.29
N ALA C 99 -5.01 -81.66 18.44
CA ALA C 99 -4.36 -80.41 18.84
C ALA C 99 -2.95 -80.65 19.34
N ALA C 100 -2.70 -81.80 19.97
CA ALA C 100 -1.36 -82.11 20.44
C ALA C 100 -0.39 -82.25 19.27
N LEU C 101 -0.78 -82.99 18.24
CA LEU C 101 0.05 -83.11 17.05
C LEU C 101 0.25 -81.75 16.39
N ALA C 102 -0.83 -80.99 16.24
CA ALA C 102 -0.73 -79.70 15.57
C ALA C 102 0.24 -78.78 16.29
N GLN C 103 0.20 -78.77 17.62
CA GLN C 103 1.06 -77.88 18.39
C GLN C 103 2.53 -78.22 18.18
N GLN C 104 2.84 -79.52 18.03
CA GLN C 104 4.22 -79.92 17.74
C GLN C 104 4.64 -79.41 16.37
N GLN C 105 3.79 -79.59 15.36
CA GLN C 105 4.06 -79.01 14.05
C GLN C 105 4.15 -77.49 14.13
N TYR C 106 3.43 -76.88 15.08
CA TYR C 106 3.43 -75.43 15.23
C TYR C 106 4.78 -74.95 15.74
N LEU C 107 5.51 -75.78 16.50
CA LEU C 107 6.83 -75.39 16.97
C LEU C 107 7.80 -75.19 15.82
N LEU C 108 7.61 -75.90 14.71
CA LEU C 108 8.45 -75.75 13.54
C LEU C 108 8.12 -74.50 12.73
N CYS C 109 7.16 -73.70 13.17
CA CYS C 109 6.76 -72.52 12.42
C CYS C 109 7.50 -71.28 12.92
N SER C 110 7.50 -70.25 12.10
CA SER C 110 8.21 -69.02 12.38
C SER C 110 7.27 -67.99 13.00
N MET C 111 7.88 -67.01 13.67
CA MET C 111 7.08 -65.91 14.22
C MET C 111 6.28 -65.23 13.11
N SER C 112 6.86 -65.11 11.92
CA SER C 112 6.13 -64.55 10.79
C SER C 112 4.91 -65.40 10.45
N ASP C 113 5.04 -66.73 10.57
CA ASP C 113 3.89 -67.59 10.34
C ASP C 113 2.80 -67.34 11.39
N ARG C 114 3.18 -67.31 12.67
CA ARG C 114 2.22 -67.01 13.72
C ARG C 114 1.44 -65.74 13.41
N ALA C 115 2.13 -64.70 12.93
CA ALA C 115 1.48 -63.43 12.66
C ALA C 115 0.38 -63.59 11.60
N ARG C 116 0.71 -64.25 10.49
CA ARG C 116 -0.29 -64.50 9.47
C ARG C 116 -1.48 -65.27 10.04
N PHE C 117 -1.21 -66.27 10.87
CA PHE C 117 -2.30 -67.04 11.47
C PHE C 117 -3.14 -66.17 12.40
N VAL C 118 -2.47 -65.31 13.18
CA VAL C 118 -3.21 -64.36 14.02
C VAL C 118 -4.03 -63.42 13.15
N GLN C 119 -3.39 -62.84 12.12
CA GLN C 119 -4.12 -61.97 11.20
C GLN C 119 -5.28 -62.69 10.54
N GLY C 120 -5.12 -63.99 10.28
CA GLY C 120 -6.21 -64.75 9.70
C GLY C 120 -7.45 -64.74 10.57
N ILE C 121 -7.27 -65.00 11.87
CA ILE C 121 -8.41 -64.98 12.78
C ILE C 121 -9.08 -63.61 12.77
N ARG C 122 -8.28 -62.55 12.82
CA ARG C 122 -8.86 -61.21 12.73
C ARG C 122 -9.67 -61.05 11.44
N ASP C 123 -9.11 -61.50 10.31
CA ASP C 123 -9.81 -61.38 9.04
C ASP C 123 -11.15 -62.08 9.08
N VAL C 124 -11.22 -63.24 9.76
CA VAL C 124 -12.47 -64.00 9.81
C VAL C 124 -13.56 -63.18 10.49
N ILE C 125 -13.33 -62.79 11.75
CA ILE C 125 -14.39 -62.16 12.52
C ILE C 125 -14.68 -60.74 12.03
N LEU C 126 -13.68 -60.07 11.48
CA LEU C 126 -13.87 -58.71 10.99
C LEU C 126 -14.42 -58.66 9.58
N ASN C 127 -14.51 -59.81 8.90
CA ASN C 127 -15.24 -59.88 7.65
C ASN C 127 -16.68 -59.46 7.90
N GLN C 128 -17.12 -58.41 7.20
CA GLN C 128 -18.38 -57.75 7.57
C GLN C 128 -19.54 -58.74 7.64
N ASP C 129 -19.62 -59.66 6.68
CA ASP C 129 -20.69 -60.65 6.70
C ASP C 129 -20.57 -61.55 7.93
N THR C 130 -19.40 -62.18 8.11
CA THR C 130 -19.22 -63.08 9.24
C THR C 130 -19.40 -62.35 10.57
N LEU C 131 -19.00 -61.07 10.63
CA LEU C 131 -19.23 -60.29 11.84
C LEU C 131 -20.72 -60.22 12.16
N GLU C 132 -21.52 -59.74 11.21
CA GLU C 132 -22.97 -59.71 11.40
C GLU C 132 -23.52 -61.09 11.68
N LYS C 133 -23.05 -62.10 10.93
CA LYS C 133 -23.54 -63.45 11.13
C LYS C 133 -23.29 -63.95 12.54
N MET C 134 -22.08 -63.71 13.07
CA MET C 134 -21.76 -64.18 14.42
C MET C 134 -22.53 -63.41 15.48
N SER C 135 -22.60 -62.08 15.35
CA SER C 135 -23.33 -61.28 16.31
C SER C 135 -24.80 -61.66 16.35
N ARG C 136 -25.36 -61.98 15.18
CA ARG C 136 -26.76 -62.38 15.11
C ARG C 136 -26.97 -63.76 15.72
N MET C 137 -26.19 -64.75 15.27
CA MET C 137 -26.37 -66.12 15.74
C MET C 137 -26.24 -66.23 17.25
N ALA C 138 -25.26 -65.54 17.84
CA ALA C 138 -25.02 -65.67 19.28
C ALA C 138 -26.24 -65.24 20.07
N VAL C 139 -26.83 -64.10 19.71
CA VAL C 139 -27.98 -63.59 20.45
C VAL C 139 -29.18 -64.53 20.30
N GLU C 140 -29.37 -65.08 19.10
CA GLU C 140 -30.51 -65.96 18.86
C GLU C 140 -30.36 -67.29 19.57
N GLU C 141 -29.15 -67.86 19.52
CA GLU C 141 -28.97 -69.21 20.06
C GLU C 141 -28.96 -69.22 21.59
N THR C 142 -28.57 -68.11 22.21
CA THR C 142 -28.48 -68.04 23.67
C THR C 142 -29.57 -67.21 24.31
N GLY C 143 -30.24 -66.35 23.54
CA GLY C 143 -31.24 -65.46 24.09
C GLY C 143 -30.71 -64.33 24.92
N MET C 144 -29.40 -64.05 24.85
CA MET C 144 -28.77 -63.07 25.71
C MET C 144 -27.99 -62.06 24.87
N GLY C 145 -28.07 -60.79 25.25
CA GLY C 145 -27.43 -59.72 24.52
C GLY C 145 -28.30 -59.20 23.39
N ASN C 146 -27.73 -58.25 22.64
CA ASN C 146 -28.40 -57.73 21.45
C ASN C 146 -27.41 -57.60 20.31
N TYR C 147 -27.95 -57.58 19.09
CA TYR C 147 -27.14 -57.69 17.89
C TYR C 147 -26.19 -56.49 17.74
N GLU C 148 -26.71 -55.28 17.88
CA GLU C 148 -25.90 -54.10 17.62
C GLU C 148 -24.67 -54.04 18.52
N HIS C 149 -24.77 -54.56 19.74
CA HIS C 149 -23.65 -54.47 20.67
C HIS C 149 -22.68 -55.63 20.55
N LYS C 150 -23.14 -56.80 20.08
CA LYS C 150 -22.21 -57.87 19.74
C LYS C 150 -21.36 -57.47 18.54
N LEU C 151 -21.92 -56.72 17.59
CA LEU C 151 -21.12 -56.18 16.50
C LEU C 151 -19.91 -55.45 17.05
N ILE C 152 -20.08 -54.70 18.13
CA ILE C 152 -18.99 -53.94 18.71
C ILE C 152 -18.03 -54.86 19.46
N LYS C 153 -18.58 -55.73 20.32
CA LYS C 153 -17.73 -56.59 21.13
C LYS C 153 -16.91 -57.53 20.27
N ASN C 154 -17.52 -58.11 19.23
CA ASN C 154 -16.76 -58.99 18.34
C ASN C 154 -15.68 -58.19 17.60
N ARG C 155 -16.01 -56.98 17.16
CA ARG C 155 -15.00 -56.15 16.50
C ARG C 155 -13.88 -55.79 17.47
N LEU C 156 -14.23 -55.49 18.73
CA LEU C 156 -13.21 -55.20 19.73
C LEU C 156 -12.28 -56.38 19.91
N ALA C 157 -12.84 -57.60 20.00
CA ALA C 157 -12.01 -58.78 20.19
C ALA C 157 -11.09 -59.01 19.01
N GLY C 158 -11.53 -58.65 17.81
CA GLY C 158 -10.76 -58.90 16.60
C GLY C 158 -9.74 -57.83 16.30
N GLU C 159 -9.99 -56.61 16.75
CA GLU C 159 -9.11 -55.49 16.46
C GLU C 159 -8.13 -55.17 17.59
N LYS C 160 -8.52 -55.36 18.85
CA LYS C 160 -7.73 -54.88 19.97
C LYS C 160 -7.16 -56.00 20.84
N THR C 161 -7.29 -57.25 20.42
CA THR C 161 -6.61 -58.34 21.13
C THR C 161 -5.14 -58.36 20.71
N PRO C 162 -4.20 -58.37 21.66
CA PRO C 162 -2.79 -58.34 21.28
C PRO C 162 -2.37 -59.56 20.47
N GLY C 163 -1.44 -59.34 19.55
CA GLY C 163 -0.86 -60.38 18.71
C GLY C 163 0.50 -60.82 19.24
N ILE C 164 1.41 -61.16 18.31
CA ILE C 164 2.73 -61.63 18.73
C ILE C 164 3.52 -60.50 19.37
N GLU C 165 3.23 -59.25 19.03
CA GLU C 165 3.95 -58.13 19.63
C GLU C 165 3.83 -58.10 21.15
N ASP C 166 2.86 -58.83 21.71
CA ASP C 166 2.72 -58.92 23.16
C ASP C 166 3.83 -59.76 23.79
N LEU C 167 4.60 -60.50 22.99
CA LEU C 167 5.66 -61.36 23.50
C LEU C 167 6.98 -60.60 23.44
N THR C 168 7.21 -59.79 24.48
CA THR C 168 8.40 -58.97 24.56
C THR C 168 9.62 -59.81 24.95
N THR C 169 10.77 -59.16 25.05
CA THR C 169 12.00 -59.80 25.46
C THR C 169 12.72 -58.90 26.45
N ASP C 170 13.08 -59.45 27.60
CA ASP C 170 13.89 -58.73 28.58
C ASP C 170 15.35 -59.14 28.42
N ALA C 171 16.24 -58.17 28.55
CA ALA C 171 17.67 -58.41 28.41
C ALA C 171 18.41 -57.78 29.58
N PHE C 172 19.52 -58.43 29.95
CA PHE C 172 20.40 -57.92 31.00
C PHE C 172 21.84 -58.17 30.55
N SER C 173 22.61 -57.10 30.44
CA SER C 173 23.99 -57.17 29.98
C SER C 173 24.92 -56.69 31.09
N GLY C 174 26.04 -57.38 31.24
CA GLY C 174 27.00 -57.02 32.26
C GLY C 174 28.27 -57.82 32.16
N ASP C 175 29.05 -57.80 33.26
CA ASP C 175 30.31 -58.51 33.28
C ASP C 175 30.12 -60.00 33.02
N ASN C 176 29.05 -60.57 33.58
CA ASN C 176 28.82 -62.00 33.49
C ASN C 176 28.23 -62.43 32.16
N GLY C 177 27.95 -61.51 31.23
CA GLY C 177 27.52 -61.87 29.88
C GLY C 177 26.14 -61.22 29.58
N LEU C 178 25.27 -62.05 29.00
CA LEU C 178 23.98 -61.57 28.55
C LEU C 178 22.89 -62.55 28.97
N THR C 179 21.80 -62.02 29.52
CA THR C 179 20.65 -62.83 29.89
C THR C 179 19.43 -62.37 29.11
N LEU C 180 18.76 -63.30 28.47
CA LEU C 180 17.49 -63.04 27.78
C LEU C 180 16.35 -63.73 28.52
N VAL C 181 15.19 -63.10 28.50
CA VAL C 181 13.98 -63.68 29.07
C VAL C 181 12.90 -63.62 28.00
N GLU C 182 12.38 -64.77 27.61
CA GLU C 182 11.42 -64.89 26.52
C GLU C 182 10.12 -65.50 27.02
N TYR C 183 9.07 -65.34 26.22
CA TYR C 183 7.78 -65.98 26.45
C TYR C 183 7.63 -67.12 25.46
N SER C 184 7.49 -68.36 25.97
CA SER C 184 7.46 -69.53 25.11
C SER C 184 6.15 -70.31 25.27
N PRO C 185 5.86 -71.24 24.36
CA PRO C 185 4.56 -71.92 24.40
C PRO C 185 4.40 -72.82 25.62
N PHE C 186 3.13 -72.97 26.04
CA PHE C 186 2.77 -73.97 27.03
C PHE C 186 2.53 -75.33 26.40
N GLY C 187 1.88 -75.35 25.23
CA GLY C 187 1.50 -76.58 24.58
C GLY C 187 0.04 -76.54 24.15
N VAL C 188 -0.72 -77.58 24.53
CA VAL C 188 -2.14 -77.63 24.23
C VAL C 188 -2.90 -76.98 25.37
N ILE C 189 -3.65 -75.92 25.06
CA ILE C 189 -4.46 -75.21 26.04
C ILE C 189 -5.91 -75.65 25.87
N GLY C 190 -6.56 -75.96 27.00
CA GLY C 190 -7.96 -76.26 27.02
C GLY C 190 -8.74 -75.06 27.54
N ALA C 191 -9.61 -74.52 26.70
CA ALA C 191 -10.31 -73.27 26.99
C ALA C 191 -11.81 -73.53 27.09
N ILE C 192 -12.41 -73.04 28.17
CA ILE C 192 -13.84 -73.16 28.42
C ILE C 192 -14.43 -71.76 28.29
N THR C 193 -15.39 -71.61 27.37
CA THR C 193 -15.90 -70.29 27.04
C THR C 193 -17.26 -70.06 27.67
N PRO C 194 -17.64 -68.79 27.86
CA PRO C 194 -18.92 -68.49 28.48
C PRO C 194 -20.06 -68.44 27.48
N THR C 195 -21.26 -68.73 28.01
CA THR C 195 -22.47 -68.61 27.19
C THR C 195 -22.78 -67.15 26.88
N THR C 196 -22.41 -66.23 27.75
CA THR C 196 -22.72 -64.82 27.53
C THR C 196 -21.89 -64.24 26.38
N ASN C 197 -20.59 -64.50 26.38
CA ASN C 197 -19.67 -63.97 25.37
C ASN C 197 -19.06 -65.13 24.60
N PRO C 198 -19.86 -65.85 23.81
CA PRO C 198 -19.39 -67.10 23.20
C PRO C 198 -18.39 -66.91 22.07
N THR C 199 -18.68 -66.01 21.13
CA THR C 199 -17.78 -65.81 20.01
C THR C 199 -16.60 -64.91 20.39
N GLU C 200 -16.86 -63.89 21.21
CA GLU C 200 -15.81 -62.95 21.57
C GLU C 200 -14.67 -63.64 22.32
N THR C 201 -15.00 -64.59 23.20
CA THR C 201 -13.97 -65.26 23.97
C THR C 201 -13.13 -66.17 23.08
N ILE C 202 -13.75 -66.82 22.09
CA ILE C 202 -12.99 -67.67 21.18
C ILE C 202 -12.02 -66.84 20.36
N VAL C 203 -12.50 -65.74 19.77
CA VAL C 203 -11.62 -64.86 19.01
C VAL C 203 -10.48 -64.39 19.89
N CYS C 204 -10.80 -63.92 21.11
CA CYS C 204 -9.78 -63.39 22.00
C CYS C 204 -8.81 -64.48 22.44
N ASN C 205 -9.34 -65.62 22.88
CA ASN C 205 -8.48 -66.70 23.36
C ASN C 205 -7.61 -67.25 22.23
N SER C 206 -8.22 -67.58 21.08
CA SER C 206 -7.47 -68.19 19.99
C SER C 206 -6.30 -67.30 19.57
N ILE C 207 -6.57 -66.00 19.34
CA ILE C 207 -5.52 -65.07 18.94
C ILE C 207 -4.37 -65.12 19.94
N GLY C 208 -4.68 -64.86 21.21
CA GLY C 208 -3.64 -64.83 22.23
C GLY C 208 -2.91 -66.16 22.34
N MET C 209 -3.66 -67.27 22.29
CA MET C 209 -3.04 -68.58 22.49
C MET C 209 -2.23 -69.00 21.28
N LEU C 210 -2.66 -68.62 20.07
CA LEU C 210 -1.86 -68.93 18.89
C LEU C 210 -0.67 -67.99 18.75
N ALA C 211 -0.84 -66.73 19.14
CA ALA C 211 0.29 -65.81 19.15
C ALA C 211 1.42 -66.35 20.02
N ALA C 212 1.08 -67.04 21.10
CA ALA C 212 2.09 -67.58 22.01
C ALA C 212 2.62 -68.94 21.56
N GLY C 213 2.16 -69.47 20.44
CA GLY C 213 2.65 -70.74 19.95
C GLY C 213 1.93 -71.96 20.44
N ASN C 214 0.73 -71.79 21.02
CA ASN C 214 -0.04 -72.90 21.53
C ASN C 214 -1.08 -73.37 20.51
N SER C 215 -1.63 -74.54 20.78
CA SER C 215 -2.88 -74.99 20.16
C SER C 215 -3.95 -75.00 21.23
N VAL C 216 -5.20 -74.73 20.83
CA VAL C 216 -6.29 -74.54 21.77
C VAL C 216 -7.36 -75.59 21.49
N VAL C 217 -7.85 -76.21 22.55
CA VAL C 217 -9.03 -77.08 22.50
C VAL C 217 -10.16 -76.33 23.19
N PHE C 218 -11.19 -75.97 22.41
CA PHE C 218 -12.31 -75.21 22.94
C PHE C 218 -13.42 -76.15 23.38
N SER C 219 -13.90 -75.96 24.61
CA SER C 219 -15.00 -76.73 25.18
C SER C 219 -16.14 -75.76 25.46
N PRO C 220 -16.89 -75.36 24.43
CA PRO C 220 -17.96 -74.38 24.65
C PRO C 220 -19.15 -75.01 25.36
N HIS C 221 -20.01 -74.15 25.89
CA HIS C 221 -21.20 -74.62 26.58
C HIS C 221 -22.27 -75.04 25.58
N GLY C 222 -23.17 -75.92 26.04
CA GLY C 222 -24.13 -76.52 25.13
C GLY C 222 -24.98 -75.51 24.39
N ARG C 223 -25.37 -74.43 25.07
CA ARG C 223 -26.25 -73.45 24.45
C ARG C 223 -25.62 -72.87 23.20
N ALA C 224 -24.38 -72.38 23.30
CA ALA C 224 -23.70 -71.74 22.18
C ALA C 224 -23.09 -72.75 21.21
N ARG C 225 -23.59 -73.98 21.19
CA ARG C 225 -22.99 -75.02 20.35
C ARG C 225 -22.88 -74.59 18.89
N GLN C 226 -24.01 -74.19 18.30
CA GLN C 226 -24.04 -73.99 16.85
C GLN C 226 -23.12 -72.85 16.42
N VAL C 227 -23.12 -71.74 17.17
CA VAL C 227 -22.30 -70.59 16.77
C VAL C 227 -20.82 -70.88 17.04
N SER C 228 -20.52 -71.58 18.14
CA SER C 228 -19.14 -71.89 18.46
C SER C 228 -18.51 -72.76 17.37
N LEU C 229 -19.15 -73.88 17.04
CA LEU C 229 -18.61 -74.76 16.01
C LEU C 229 -18.45 -74.04 14.69
N LEU C 230 -19.34 -73.10 14.37
CA LEU C 230 -19.22 -72.38 13.11
C LEU C 230 -17.97 -71.50 13.10
N LEU C 231 -17.71 -70.78 14.20
CA LEU C 231 -16.52 -69.95 14.27
C LEU C 231 -15.26 -70.81 14.20
N VAL C 232 -15.26 -71.96 14.89
CA VAL C 232 -14.11 -72.86 14.84
C VAL C 232 -13.90 -73.35 13.41
N ARG C 233 -14.98 -73.70 12.72
CA ARG C 233 -14.85 -74.17 11.33
C ARG C 233 -14.32 -73.07 10.42
N LEU C 234 -14.79 -71.83 10.63
CA LEU C 234 -14.30 -70.72 9.81
C LEU C 234 -12.84 -70.43 10.09
N ILE C 235 -12.39 -70.60 11.34
CA ILE C 235 -10.98 -70.38 11.66
C ILE C 235 -10.12 -71.42 10.96
N ASN C 236 -10.43 -72.71 11.14
CA ASN C 236 -9.68 -73.76 10.48
C ASN C 236 -9.64 -73.54 8.97
N GLN C 237 -10.74 -73.04 8.40
CA GLN C 237 -10.77 -72.77 6.97
C GLN C 237 -9.72 -71.72 6.60
N LYS C 238 -9.71 -70.59 7.30
CA LYS C 238 -8.77 -69.52 6.97
C LYS C 238 -7.33 -69.98 7.21
N LEU C 239 -7.07 -70.68 8.32
CA LEU C 239 -5.73 -71.13 8.61
C LEU C 239 -5.24 -72.12 7.54
N ALA C 240 -6.13 -72.97 7.04
CA ALA C 240 -5.74 -73.91 5.99
C ALA C 240 -5.30 -73.18 4.73
N ALA C 241 -6.03 -72.13 4.35
CA ALA C 241 -5.61 -71.34 3.20
C ALA C 241 -4.29 -70.65 3.44
N LEU C 242 -3.99 -70.32 4.69
CA LEU C 242 -2.72 -69.67 5.04
C LEU C 242 -1.57 -70.65 5.22
N GLY C 243 -1.81 -71.95 5.05
CA GLY C 243 -0.75 -72.93 5.13
C GLY C 243 -0.39 -73.37 6.52
N ALA C 244 -1.26 -73.15 7.50
CA ALA C 244 -0.96 -73.56 8.86
C ALA C 244 -1.10 -75.07 9.01
N PRO C 245 -0.48 -75.64 10.04
CA PRO C 245 -0.80 -77.02 10.39
C PRO C 245 -2.26 -77.15 10.77
N GLU C 246 -2.86 -78.29 10.43
CA GLU C 246 -4.25 -78.53 10.76
C GLU C 246 -4.44 -78.62 12.27
N ASN C 247 -5.64 -78.24 12.72
CA ASN C 247 -6.10 -78.52 14.08
C ASN C 247 -5.38 -77.67 15.12
N LEU C 248 -5.05 -76.43 14.78
CA LEU C 248 -4.54 -75.51 15.80
C LEU C 248 -5.67 -75.03 16.71
N VAL C 249 -6.90 -74.97 16.20
CA VAL C 249 -8.09 -74.60 16.96
C VAL C 249 -9.13 -75.68 16.71
N VAL C 250 -9.53 -76.39 17.78
CA VAL C 250 -10.41 -77.53 17.65
C VAL C 250 -11.50 -77.48 18.72
N THR C 251 -12.53 -78.28 18.51
CA THR C 251 -13.61 -78.45 19.48
C THR C 251 -14.35 -79.73 19.14
N VAL C 252 -15.37 -80.05 19.94
CA VAL C 252 -16.13 -81.28 19.76
C VAL C 252 -17.45 -80.96 19.07
N GLU C 253 -18.08 -82.01 18.54
CA GLU C 253 -19.32 -81.84 17.78
C GLU C 253 -20.51 -81.57 18.70
N LYS C 254 -20.57 -82.26 19.84
CA LYS C 254 -21.68 -82.12 20.78
C LYS C 254 -21.14 -81.65 22.12
N PRO C 255 -20.92 -80.33 22.27
CA PRO C 255 -20.42 -79.81 23.54
C PRO C 255 -21.29 -80.23 24.71
N SER C 256 -20.65 -80.52 25.85
CA SER C 256 -21.37 -81.00 27.01
C SER C 256 -20.49 -80.84 28.25
N ARG C 257 -21.15 -80.85 29.41
CA ARG C 257 -20.42 -80.87 30.68
C ARG C 257 -19.49 -82.08 30.74
N GLU C 258 -19.92 -83.21 30.18
CA GLU C 258 -19.11 -84.42 30.25
C GLU C 258 -17.88 -84.32 29.36
N ASN C 259 -17.98 -83.60 28.24
CA ASN C 259 -16.81 -83.38 27.39
C ASN C 259 -15.82 -82.44 28.06
N THR C 260 -16.33 -81.41 28.74
CA THR C 260 -15.44 -80.49 29.46
C THR C 260 -14.65 -81.22 30.52
N LEU C 261 -15.29 -82.13 31.26
CA LEU C 261 -14.58 -82.88 32.29
C LEU C 261 -13.48 -83.75 31.69
N ALA C 262 -13.76 -84.39 30.55
CA ALA C 262 -12.74 -85.19 29.89
C ALA C 262 -11.55 -84.33 29.48
N MET C 263 -11.81 -83.14 28.95
CA MET C 263 -10.72 -82.23 28.58
C MET C 263 -9.91 -81.82 29.81
N MET C 264 -10.58 -81.62 30.94
CA MET C 264 -9.90 -81.18 32.15
C MET C 264 -9.01 -82.27 32.74
N ALA C 265 -9.23 -83.52 32.37
CA ALA C 265 -8.46 -84.64 32.89
C ALA C 265 -7.54 -85.28 31.84
N HIS C 266 -7.55 -84.77 30.61
CA HIS C 266 -6.73 -85.39 29.57
C HIS C 266 -5.26 -85.05 29.80
N PRO C 267 -4.37 -86.05 29.82
CA PRO C 267 -2.97 -85.75 30.19
C PRO C 267 -2.29 -84.75 29.27
N LYS C 268 -2.58 -84.81 27.97
CA LYS C 268 -1.90 -83.95 27.00
C LYS C 268 -2.34 -82.49 27.07
N VAL C 269 -3.44 -82.19 27.75
CA VAL C 269 -3.83 -80.80 27.97
C VAL C 269 -2.98 -80.24 29.10
N ARG C 270 -2.13 -79.26 28.78
CA ARG C 270 -1.15 -78.75 29.72
C ARG C 270 -1.52 -77.41 30.34
N MET C 271 -2.67 -76.84 29.97
CA MET C 271 -3.13 -75.62 30.61
C MET C 271 -4.63 -75.51 30.41
N LEU C 272 -5.31 -74.96 31.42
CA LEU C 272 -6.75 -74.74 31.37
C LEU C 272 -7.04 -73.26 31.59
N VAL C 273 -7.80 -72.68 30.67
CA VAL C 273 -8.25 -71.29 30.77
C VAL C 273 -9.77 -71.32 30.84
N ALA C 274 -10.32 -70.93 31.99
CA ALA C 274 -11.75 -71.03 32.24
C ALA C 274 -12.34 -69.63 32.39
N THR C 275 -13.35 -69.35 31.59
CA THR C 275 -14.08 -68.07 31.63
C THR C 275 -15.53 -68.40 31.99
N GLY C 276 -15.91 -68.16 33.24
CA GLY C 276 -17.25 -68.46 33.69
C GLY C 276 -17.52 -68.12 35.13
N GLY C 277 -18.36 -68.93 35.78
CA GLY C 277 -18.77 -68.69 37.14
C GLY C 277 -17.82 -69.25 38.18
N PRO C 278 -18.13 -69.03 39.46
CA PRO C 278 -17.22 -69.48 40.51
C PRO C 278 -17.09 -71.00 40.61
N ALA C 279 -18.11 -71.74 40.19
CA ALA C 279 -18.00 -73.19 40.21
C ALA C 279 -16.94 -73.68 39.23
N LEU C 280 -16.99 -73.17 37.99
CA LEU C 280 -16.05 -73.61 36.97
C LEU C 280 -14.62 -73.29 37.34
N VAL C 281 -14.41 -72.14 37.99
CA VAL C 281 -13.05 -71.73 38.36
C VAL C 281 -12.45 -72.71 39.37
N LYS C 282 -13.22 -73.07 40.40
CA LYS C 282 -12.72 -74.01 41.40
C LYS C 282 -12.50 -75.39 40.78
N ALA C 283 -13.23 -75.73 39.72
CA ALA C 283 -13.05 -77.02 39.08
C ALA C 283 -11.69 -77.12 38.41
N VAL C 284 -11.37 -76.19 37.52
CA VAL C 284 -10.11 -76.24 36.78
C VAL C 284 -8.92 -76.12 37.72
N LEU C 285 -9.08 -75.38 38.82
CA LEU C 285 -8.03 -75.27 39.81
C LEU C 285 -7.89 -76.52 40.67
N SER C 286 -8.64 -77.58 40.36
CA SER C 286 -8.58 -78.83 41.10
C SER C 286 -8.20 -80.01 40.22
N THR C 287 -7.69 -79.75 39.02
CA THR C 287 -7.35 -80.80 38.07
C THR C 287 -5.88 -81.21 38.11
N GLY C 288 -5.06 -80.52 38.90
CA GLY C 288 -3.64 -80.78 38.86
C GLY C 288 -2.93 -80.21 37.65
N LYS C 289 -3.45 -79.13 37.08
CA LYS C 289 -2.84 -78.48 35.94
C LYS C 289 -2.75 -76.98 36.19
N LYS C 290 -1.80 -76.34 35.50
CA LYS C 290 -1.78 -74.88 35.45
C LYS C 290 -3.12 -74.38 34.93
N ALA C 291 -3.77 -73.53 35.71
CA ALA C 291 -5.11 -73.08 35.39
C ALA C 291 -5.22 -71.57 35.55
N ILE C 292 -5.91 -70.95 34.59
CA ILE C 292 -6.28 -69.54 34.67
C ILE C 292 -7.78 -69.48 34.92
N GLY C 293 -8.20 -68.66 35.87
CA GLY C 293 -9.60 -68.59 36.25
C GLY C 293 -10.16 -67.20 36.17
N ALA C 294 -11.05 -66.97 35.23
CA ALA C 294 -11.75 -65.69 35.09
C ALA C 294 -13.09 -65.84 35.80
N GLY C 295 -13.18 -65.29 37.01
CA GLY C 295 -14.34 -65.47 37.84
C GLY C 295 -15.46 -64.49 37.55
N ALA C 296 -16.46 -64.49 38.42
CA ALA C 296 -17.58 -63.59 38.28
C ALA C 296 -17.33 -62.31 39.07
N GLY C 297 -18.29 -61.39 39.01
CA GLY C 297 -18.19 -60.14 39.73
C GLY C 297 -19.55 -59.58 40.07
N ASN C 298 -19.52 -58.42 40.74
CA ASN C 298 -20.73 -57.66 41.05
C ASN C 298 -20.37 -56.19 41.10
N PRO C 299 -20.08 -55.60 39.94
CA PRO C 299 -19.43 -54.28 39.92
C PRO C 299 -20.34 -53.20 40.46
N PRO C 300 -19.91 -52.48 41.49
CA PRO C 300 -20.63 -51.27 41.91
C PRO C 300 -20.06 -50.02 41.28
N VAL C 301 -20.93 -49.04 41.07
CA VAL C 301 -20.54 -47.73 40.56
C VAL C 301 -20.87 -46.71 41.63
N VAL C 302 -19.85 -46.00 42.10
CA VAL C 302 -20.00 -45.00 43.15
C VAL C 302 -20.02 -43.62 42.52
N VAL C 303 -20.97 -42.79 42.94
CA VAL C 303 -21.05 -41.39 42.50
C VAL C 303 -21.08 -40.52 43.74
N ASP C 304 -20.16 -39.56 43.81
CA ASP C 304 -20.08 -38.65 44.94
C ASP C 304 -20.43 -37.23 44.50
N GLU C 305 -20.33 -36.29 45.44
CA GLU C 305 -20.85 -34.95 45.21
C GLU C 305 -20.01 -34.14 44.24
N THR C 306 -18.74 -34.53 44.01
CA THR C 306 -17.87 -33.81 43.10
C THR C 306 -18.01 -34.30 41.65
N ALA C 307 -18.81 -35.33 41.41
CA ALA C 307 -18.90 -35.91 40.08
C ALA C 307 -19.74 -35.05 39.15
N ASN C 308 -19.34 -35.03 37.88
CA ASN C 308 -20.16 -34.48 36.81
C ASN C 308 -21.35 -35.40 36.60
N ILE C 309 -22.50 -35.02 37.16
CA ILE C 309 -23.64 -35.93 37.25
C ILE C 309 -24.25 -36.18 35.87
N GLU C 310 -24.31 -35.15 35.03
CA GLU C 310 -24.86 -35.33 33.68
C GLU C 310 -24.11 -36.43 32.93
N LYS C 311 -22.77 -36.40 33.00
CA LYS C 311 -22.00 -37.45 32.33
C LYS C 311 -22.10 -38.78 33.07
N ALA C 312 -22.08 -38.74 34.41
CA ALA C 312 -22.18 -39.97 35.19
C ALA C 312 -23.43 -40.75 34.81
N ALA C 313 -24.57 -40.07 34.71
CA ALA C 313 -25.80 -40.73 34.31
C ALA C 313 -25.66 -41.35 32.92
N CYS C 314 -25.19 -40.57 31.96
CA CYS C 314 -25.00 -41.10 30.60
C CYS C 314 -24.08 -42.31 30.61
N ASP C 315 -22.95 -42.23 31.32
CA ASP C 315 -22.02 -43.35 31.34
C ASP C 315 -22.63 -44.58 32.02
N ILE C 316 -23.30 -44.39 33.16
CA ILE C 316 -23.83 -45.52 33.91
C ILE C 316 -24.90 -46.25 33.11
N VAL C 317 -25.73 -45.51 32.37
CA VAL C 317 -26.74 -46.13 31.53
C VAL C 317 -26.09 -46.89 30.38
N ASN C 318 -25.17 -46.25 29.68
CA ASN C 318 -24.48 -46.92 28.58
C ASN C 318 -23.77 -48.18 29.06
N GLY C 319 -23.08 -48.08 30.21
CA GLY C 319 -22.31 -49.23 30.70
C GLY C 319 -23.19 -50.36 31.19
N CYS C 320 -24.29 -50.03 31.86
CA CYS C 320 -25.17 -51.06 32.40
C CYS C 320 -25.98 -51.75 31.30
N SER C 321 -26.49 -50.98 30.34
CA SER C 321 -27.32 -51.53 29.28
C SER C 321 -26.52 -52.13 28.14
N PHE C 322 -25.20 -51.90 28.09
CA PHE C 322 -24.40 -52.45 27.00
C PHE C 322 -24.50 -53.96 26.98
N ASP C 323 -24.98 -54.50 25.87
CA ASP C 323 -25.19 -55.94 25.69
C ASP C 323 -26.14 -56.49 26.74
N ASN C 324 -27.07 -55.64 27.21
CA ASN C 324 -28.06 -56.03 28.20
C ASN C 324 -27.41 -56.60 29.46
N ASN C 325 -26.27 -56.02 29.82
CA ASN C 325 -25.62 -56.22 31.12
C ASN C 325 -24.94 -57.58 31.25
N ILE C 326 -24.71 -58.30 30.16
CA ILE C 326 -24.13 -59.64 30.27
C ILE C 326 -22.61 -59.63 30.26
N THR C 327 -21.97 -58.49 30.02
CA THR C 327 -20.52 -58.41 30.14
C THR C 327 -20.13 -58.42 31.62
N CYS C 328 -19.10 -59.20 31.95
CA CYS C 328 -18.73 -59.42 33.35
C CYS C 328 -18.31 -58.15 34.08
N THR C 329 -18.05 -57.06 33.36
CA THR C 329 -17.60 -55.82 33.96
C THR C 329 -18.70 -54.78 34.10
N ALA C 330 -19.89 -55.05 33.59
CA ALA C 330 -20.94 -54.04 33.54
C ALA C 330 -21.41 -53.65 34.94
N GLU C 331 -21.72 -52.37 35.10
CA GLU C 331 -22.30 -51.89 36.35
C GLU C 331 -23.52 -52.73 36.72
N LYS C 332 -23.62 -53.06 38.02
CA LYS C 332 -24.76 -53.84 38.49
C LYS C 332 -25.35 -53.33 39.80
N GLU C 333 -24.95 -52.14 40.26
CA GLU C 333 -25.63 -51.45 41.35
C GLU C 333 -24.99 -50.08 41.57
N ILE C 334 -25.82 -49.06 41.78
CA ILE C 334 -25.36 -47.70 42.03
C ILE C 334 -25.29 -47.49 43.54
N ILE C 335 -24.22 -46.84 43.99
CA ILE C 335 -24.09 -46.42 45.39
C ILE C 335 -23.88 -44.91 45.34
N ALA C 336 -24.95 -44.16 45.56
CA ALA C 336 -24.95 -42.72 45.36
C ALA C 336 -24.86 -41.99 46.69
N VAL C 337 -24.13 -40.88 46.71
CA VAL C 337 -24.11 -40.00 47.86
C VAL C 337 -25.42 -39.23 47.90
N ALA C 338 -26.04 -39.17 49.09
CA ALA C 338 -27.39 -38.63 49.21
C ALA C 338 -27.49 -37.23 48.62
N GLN C 339 -26.45 -36.41 48.79
CA GLN C 339 -26.52 -35.02 48.38
C GLN C 339 -26.82 -34.87 46.88
N ILE C 340 -26.42 -35.84 46.07
CA ILE C 340 -26.60 -35.77 44.62
C ILE C 340 -27.46 -36.91 44.09
N ALA C 341 -28.04 -37.72 44.98
CA ALA C 341 -28.79 -38.89 44.54
C ALA C 341 -30.03 -38.50 43.74
N ASP C 342 -30.70 -37.41 44.11
CA ASP C 342 -31.89 -37.00 43.38
C ASP C 342 -31.53 -36.51 41.98
N TYR C 343 -30.60 -35.56 41.89
CA TYR C 343 -30.18 -35.05 40.58
C TYR C 343 -29.61 -36.17 39.71
N LEU C 344 -28.95 -37.15 40.33
CA LEU C 344 -28.51 -38.32 39.58
C LEU C 344 -29.70 -39.06 38.98
N ILE C 345 -30.69 -39.41 39.82
CA ILE C 345 -31.87 -40.12 39.34
C ILE C 345 -32.56 -39.33 38.24
N PHE C 346 -32.56 -38.00 38.36
CA PHE C 346 -33.21 -37.18 37.35
C PHE C 346 -32.53 -37.35 35.99
N ASN C 347 -31.19 -37.33 35.98
CA ASN C 347 -30.47 -37.45 34.71
C ASN C 347 -30.44 -38.88 34.21
N LEU C 348 -30.49 -39.86 35.11
CA LEU C 348 -30.63 -41.24 34.67
C LEU C 348 -31.90 -41.42 33.85
N LYS C 349 -33.01 -40.85 34.33
CA LYS C 349 -34.27 -40.92 33.57
C LYS C 349 -34.13 -40.24 32.22
N LYS C 350 -33.46 -39.08 32.17
CA LYS C 350 -33.27 -38.39 30.90
C LYS C 350 -32.52 -39.25 29.89
N ASN C 351 -31.65 -40.14 30.36
CA ASN C 351 -30.78 -40.91 29.48
C ASN C 351 -31.28 -42.33 29.21
N GLY C 352 -32.54 -42.61 29.53
CA GLY C 352 -33.15 -43.88 29.19
C GLY C 352 -33.47 -44.80 30.34
N ALA C 353 -33.46 -44.30 31.58
CA ALA C 353 -33.76 -45.13 32.73
C ALA C 353 -35.26 -45.03 33.03
N TYR C 354 -35.89 -46.19 33.22
CA TYR C 354 -37.29 -46.28 33.64
C TYR C 354 -37.30 -46.61 35.13
N GLU C 355 -37.68 -45.62 35.95
CA GLU C 355 -37.67 -45.81 37.39
C GLU C 355 -38.95 -46.51 37.86
N ILE C 356 -38.78 -47.48 38.75
CA ILE C 356 -39.89 -48.16 39.39
C ILE C 356 -39.99 -47.62 40.81
N LYS C 357 -41.12 -46.99 41.13
CA LYS C 357 -41.40 -46.50 42.47
C LYS C 357 -42.50 -47.28 43.18
N ASP C 358 -43.40 -47.92 42.44
CA ASP C 358 -44.46 -48.71 43.03
C ASP C 358 -43.89 -50.02 43.59
N PRO C 359 -43.91 -50.23 44.90
CA PRO C 359 -43.36 -51.50 45.43
C PRO C 359 -44.07 -52.73 44.88
N ALA C 360 -45.36 -52.61 44.52
CA ALA C 360 -46.06 -53.74 43.92
C ALA C 360 -45.51 -54.08 42.55
N VAL C 361 -45.04 -53.07 41.80
CA VAL C 361 -44.45 -53.30 40.50
C VAL C 361 -43.05 -53.90 40.63
N LEU C 362 -42.22 -53.31 41.50
CA LEU C 362 -40.92 -53.89 41.80
C LEU C 362 -41.05 -55.36 42.19
N GLN C 363 -42.12 -55.70 42.92
CA GLN C 363 -42.33 -57.09 43.32
C GLN C 363 -42.57 -57.98 42.10
N GLN C 364 -43.32 -57.48 41.11
CA GLN C 364 -43.55 -58.25 39.90
C GLN C 364 -42.24 -58.54 39.18
N LEU C 365 -41.34 -57.55 39.12
CA LEU C 365 -40.05 -57.75 38.46
C LEU C 365 -39.24 -58.81 39.18
N GLN C 366 -39.21 -58.76 40.52
CA GLN C 366 -38.48 -59.77 41.28
C GLN C 366 -39.01 -61.17 41.01
N ASP C 367 -40.34 -61.32 40.98
CA ASP C 367 -40.94 -62.62 40.70
C ASP C 367 -40.61 -63.09 39.29
N LEU C 368 -40.29 -62.17 38.37
CA LEU C 368 -39.97 -62.55 37.01
C LEU C 368 -38.51 -62.94 36.87
N VAL C 369 -37.60 -62.14 37.44
CA VAL C 369 -36.17 -62.28 37.18
C VAL C 369 -35.43 -63.13 38.19
N LEU C 370 -36.07 -63.49 39.29
CA LEU C 370 -35.43 -64.31 40.32
C LEU C 370 -36.02 -65.72 40.30
N THR C 371 -35.22 -66.67 40.78
CA THR C 371 -35.67 -68.05 40.91
C THR C 371 -36.20 -68.28 42.33
N ALA C 372 -36.57 -69.53 42.62
CA ALA C 372 -36.97 -69.88 43.99
C ALA C 372 -35.79 -69.74 44.94
N LYS C 373 -34.60 -70.18 44.53
CA LYS C 373 -33.41 -70.02 45.34
C LYS C 373 -33.08 -68.55 45.60
N GLY C 374 -33.40 -67.68 44.65
CA GLY C 374 -33.09 -66.26 44.76
C GLY C 374 -32.08 -65.77 43.74
N GLY C 375 -31.58 -66.64 42.87
CA GLY C 375 -30.62 -66.24 41.87
C GLY C 375 -31.28 -65.75 40.61
N PRO C 376 -30.48 -65.32 39.64
CA PRO C 376 -31.06 -64.78 38.39
C PRO C 376 -31.71 -65.88 37.55
N GLN C 377 -32.81 -65.52 36.91
CA GLN C 377 -33.55 -66.44 36.07
C GLN C 377 -32.88 -66.52 34.70
N THR C 378 -32.54 -67.71 34.28
CA THR C 378 -31.83 -67.92 33.06
C THR C 378 -32.58 -67.38 31.92
N LYS C 379 -33.87 -67.47 32.01
CA LYS C 379 -34.78 -66.99 31.01
C LYS C 379 -34.65 -65.49 30.80
N CYS C 380 -34.43 -64.74 31.85
CA CYS C 380 -34.26 -63.31 31.77
C CYS C 380 -32.86 -62.75 31.60
N VAL C 381 -31.84 -63.55 31.78
CA VAL C 381 -30.48 -63.07 31.66
C VAL C 381 -30.26 -62.57 30.24
N GLY C 382 -29.75 -61.34 30.12
CA GLY C 382 -29.36 -60.80 28.83
C GLY C 382 -30.50 -60.27 27.98
N LYS C 383 -31.70 -60.15 28.52
CA LYS C 383 -32.82 -59.56 27.79
C LYS C 383 -32.83 -58.05 28.02
N SER C 384 -33.37 -57.33 27.05
CA SER C 384 -33.39 -55.87 27.10
C SER C 384 -34.35 -55.39 28.19
N ALA C 385 -34.23 -54.09 28.51
CA ALA C 385 -35.13 -53.49 29.49
C ALA C 385 -36.56 -53.44 28.96
N VAL C 386 -36.73 -53.18 27.65
CA VAL C 386 -38.06 -53.22 27.06
C VAL C 386 -38.67 -54.60 27.24
N TRP C 387 -37.88 -55.65 26.95
CA TRP C 387 -38.38 -57.01 27.09
C TRP C 387 -38.82 -57.29 28.52
N LEU C 388 -37.95 -57.01 29.49
CA LEU C 388 -38.26 -57.35 30.88
C LEU C 388 -39.52 -56.63 31.36
N LEU C 389 -39.64 -55.34 31.04
CA LEU C 389 -40.85 -54.60 31.40
C LEU C 389 -42.08 -55.21 30.74
N SER C 390 -41.97 -55.59 29.46
CA SER C 390 -43.10 -56.14 28.75
C SER C 390 -43.61 -57.42 29.41
N GLN C 391 -42.73 -58.16 30.09
CA GLN C 391 -43.14 -59.39 30.73
C GLN C 391 -43.76 -59.18 32.11
N ILE C 392 -43.94 -57.93 32.54
CA ILE C 392 -44.73 -57.63 33.72
C ILE C 392 -45.82 -56.63 33.33
N GLY C 393 -46.18 -56.61 32.05
CA GLY C 393 -47.30 -55.82 31.60
C GLY C 393 -47.04 -54.35 31.44
N ILE C 394 -45.84 -53.96 31.03
CA ILE C 394 -45.49 -52.56 30.83
C ILE C 394 -44.85 -52.44 29.46
N SER C 395 -45.41 -51.58 28.62
CA SER C 395 -44.86 -51.32 27.29
C SER C 395 -44.20 -49.95 27.28
N VAL C 396 -42.99 -49.87 26.74
CA VAL C 396 -42.25 -48.64 26.63
C VAL C 396 -41.52 -48.65 25.28
N ASP C 397 -41.14 -47.46 24.83
CA ASP C 397 -40.45 -47.37 23.56
C ASP C 397 -38.95 -47.65 23.74
N ALA C 398 -38.24 -47.69 22.61
CA ALA C 398 -36.85 -48.13 22.58
C ALA C 398 -35.92 -47.22 23.36
N SER C 399 -36.38 -46.05 23.80
CA SER C 399 -35.51 -45.16 24.56
C SER C 399 -35.23 -45.67 25.97
N ILE C 400 -35.97 -46.67 26.44
CA ILE C 400 -35.72 -47.26 27.75
C ILE C 400 -34.60 -48.29 27.60
N LYS C 401 -33.53 -48.12 28.36
CA LYS C 401 -32.38 -49.02 28.30
C LYS C 401 -32.14 -49.78 29.60
N ILE C 402 -32.47 -49.20 30.76
CA ILE C 402 -32.34 -49.89 32.03
C ILE C 402 -33.58 -49.66 32.88
N ILE C 403 -33.80 -50.57 33.82
CA ILE C 403 -34.85 -50.46 34.81
C ILE C 403 -34.20 -50.05 36.13
N LEU C 404 -34.56 -48.88 36.65
CA LEU C 404 -33.95 -48.29 37.83
C LEU C 404 -34.91 -48.37 39.01
N MET C 405 -34.35 -48.61 40.19
CA MET C 405 -35.14 -48.55 41.42
C MET C 405 -34.21 -48.31 42.60
N GLU C 406 -34.63 -47.44 43.51
CA GLU C 406 -33.90 -47.20 44.75
C GLU C 406 -34.37 -48.21 45.80
N VAL C 407 -33.43 -48.97 46.34
CA VAL C 407 -33.74 -50.06 47.28
C VAL C 407 -32.67 -50.09 48.37
N PRO C 408 -32.95 -50.76 49.48
CA PRO C 408 -31.91 -50.93 50.50
C PRO C 408 -30.81 -51.85 50.00
N ARG C 409 -29.65 -51.74 50.66
CA ARG C 409 -28.48 -52.51 50.24
C ARG C 409 -28.71 -54.01 50.33
N GLU C 410 -29.65 -54.45 51.17
CA GLU C 410 -29.93 -55.87 51.32
C GLU C 410 -30.73 -56.45 50.16
N HIS C 411 -31.25 -55.60 49.27
CA HIS C 411 -32.15 -56.04 48.21
C HIS C 411 -31.45 -57.05 47.30
N PRO C 412 -32.20 -58.03 46.76
CA PRO C 412 -31.55 -59.06 45.93
C PRO C 412 -30.98 -58.53 44.62
N PHE C 413 -31.56 -57.48 44.05
CA PHE C 413 -30.97 -56.90 42.84
C PHE C 413 -29.59 -56.31 43.14
N VAL C 414 -29.36 -55.86 44.37
CA VAL C 414 -28.04 -55.41 44.77
C VAL C 414 -27.09 -56.59 44.97
N GLN C 415 -27.54 -57.58 45.74
CA GLN C 415 -26.65 -58.68 46.13
C GLN C 415 -26.34 -59.62 44.98
N GLU C 416 -27.25 -59.75 44.02
CA GLU C 416 -27.13 -60.77 42.99
C GLU C 416 -26.53 -60.19 41.71
N GLU C 417 -25.78 -61.04 41.00
CA GLU C 417 -25.24 -60.69 39.67
C GLU C 417 -26.32 -61.03 38.64
N LEU C 418 -27.26 -60.10 38.49
CA LEU C 418 -28.42 -60.36 37.64
C LEU C 418 -28.01 -60.62 36.20
N MET C 419 -27.04 -59.86 35.69
CA MET C 419 -26.70 -59.87 34.26
C MET C 419 -27.93 -59.49 33.43
N MET C 420 -28.68 -58.52 33.94
CA MET C 420 -29.83 -57.95 33.27
C MET C 420 -29.72 -56.44 33.38
N PRO C 421 -30.35 -55.71 32.46
CA PRO C 421 -30.32 -54.23 32.57
C PRO C 421 -31.19 -53.70 33.70
N ILE C 422 -31.11 -54.34 34.86
CA ILE C 422 -31.83 -53.94 36.07
C ILE C 422 -30.79 -53.41 37.04
N LEU C 423 -30.90 -52.14 37.41
CA LEU C 423 -29.85 -51.45 38.15
C LEU C 423 -30.41 -50.83 39.42
N PRO C 424 -30.12 -51.39 40.60
CA PRO C 424 -30.56 -50.76 41.84
C PRO C 424 -29.67 -49.58 42.21
N LEU C 425 -30.21 -48.73 43.07
CA LEU C 425 -29.50 -47.55 43.57
C LEU C 425 -29.65 -47.51 45.09
N VAL C 426 -28.53 -47.51 45.79
CA VAL C 426 -28.51 -47.39 47.25
C VAL C 426 -28.00 -46.01 47.62
N ARG C 427 -28.77 -45.30 48.43
CA ARG C 427 -28.42 -43.96 48.87
C ARG C 427 -27.65 -44.03 50.19
N VAL C 428 -26.50 -43.36 50.24
CA VAL C 428 -25.68 -43.29 51.44
C VAL C 428 -25.37 -41.83 51.72
N GLU C 429 -24.80 -41.59 52.91
CA GLU C 429 -24.64 -40.21 53.38
C GLU C 429 -23.39 -39.56 52.81
N THR C 430 -22.25 -40.22 52.92
CA THR C 430 -20.96 -39.65 52.55
C THR C 430 -20.28 -40.53 51.51
N VAL C 431 -19.25 -39.96 50.86
CA VAL C 431 -18.48 -40.73 49.88
C VAL C 431 -17.69 -41.83 50.58
N ASP C 432 -17.26 -41.60 51.83
CA ASP C 432 -16.62 -42.67 52.59
C ASP C 432 -17.61 -43.79 52.91
N ASP C 433 -18.89 -43.46 53.08
CA ASP C 433 -19.90 -44.50 53.24
C ASP C 433 -20.06 -45.29 51.94
N ALA C 434 -20.08 -44.59 50.81
CA ALA C 434 -20.24 -45.26 49.52
C ALA C 434 -19.06 -46.19 49.24
N ILE C 435 -17.84 -45.75 49.57
CA ILE C 435 -16.67 -46.59 49.37
C ILE C 435 -16.75 -47.84 50.24
N ASP C 436 -17.12 -47.67 51.51
CA ASP C 436 -17.24 -48.81 52.41
C ASP C 436 -18.24 -49.82 51.87
N LEU C 437 -19.39 -49.34 51.38
CA LEU C 437 -20.42 -50.25 50.89
C LEU C 437 -20.02 -50.90 49.58
N ALA C 438 -19.36 -50.15 48.69
CA ALA C 438 -18.92 -50.71 47.43
C ALA C 438 -18.01 -51.91 47.65
N ILE C 439 -17.13 -51.83 48.66
CA ILE C 439 -16.27 -52.97 48.98
C ILE C 439 -17.11 -54.16 49.41
N GLU C 440 -18.07 -53.93 50.31
CA GLU C 440 -18.92 -55.00 50.80
C GLU C 440 -19.67 -55.68 49.66
N VAL C 441 -20.43 -54.89 48.89
CA VAL C 441 -21.27 -55.45 47.83
C VAL C 441 -20.43 -56.16 46.78
N GLU C 442 -19.18 -55.74 46.59
CA GLU C 442 -18.32 -56.40 45.61
C GLU C 442 -18.11 -57.87 45.95
N HIS C 443 -18.33 -58.27 47.20
CA HIS C 443 -18.28 -59.67 47.60
C HIS C 443 -16.89 -60.27 47.41
N ASP C 444 -15.86 -59.44 47.58
CA ASP C 444 -14.48 -59.90 47.49
C ASP C 444 -14.22 -60.68 46.20
N ASN C 445 -14.95 -60.34 45.13
CA ASN C 445 -14.64 -60.89 43.82
C ASN C 445 -13.36 -60.27 43.26
N ARG C 446 -13.04 -59.05 43.67
CA ARG C 446 -11.90 -58.32 43.15
C ARG C 446 -11.86 -58.40 41.62
N HIS C 447 -12.99 -58.03 41.02
CA HIS C 447 -13.17 -58.08 39.57
C HIS C 447 -13.23 -56.68 39.00
N THR C 448 -14.39 -56.02 39.08
CA THR C 448 -14.57 -54.69 38.50
C THR C 448 -15.30 -53.78 39.48
N ALA C 449 -15.00 -52.48 39.36
CA ALA C 449 -15.74 -51.45 40.09
C ALA C 449 -15.54 -50.12 39.37
N ILE C 450 -16.46 -49.20 39.61
CA ILE C 450 -16.46 -47.91 38.92
C ILE C 450 -16.70 -46.81 39.96
N MET C 451 -16.18 -45.63 39.66
CA MET C 451 -16.44 -44.47 40.51
C MET C 451 -16.49 -43.22 39.65
N HIS C 452 -17.41 -42.33 39.98
CA HIS C 452 -17.51 -41.02 39.34
C HIS C 452 -17.21 -39.94 40.37
N SER C 453 -16.18 -39.15 40.11
CA SER C 453 -15.71 -38.13 41.04
C SER C 453 -14.58 -37.32 40.38
N THR C 454 -14.58 -36.01 40.61
CA THR C 454 -13.49 -35.17 40.12
C THR C 454 -12.43 -34.91 41.17
N ASP C 455 -12.66 -35.35 42.41
CA ASP C 455 -11.69 -35.18 43.49
C ASP C 455 -10.62 -36.27 43.37
N VAL C 456 -9.37 -35.85 43.18
CA VAL C 456 -8.29 -36.81 42.99
C VAL C 456 -8.06 -37.61 44.28
N ARG C 457 -8.23 -36.98 45.44
CA ARG C 457 -8.04 -37.69 46.71
C ARG C 457 -9.03 -38.83 46.85
N LYS C 458 -10.29 -38.61 46.45
CA LYS C 458 -11.32 -39.63 46.63
C LYS C 458 -11.20 -40.73 45.59
N LEU C 459 -10.90 -40.38 44.34
CA LEU C 459 -10.66 -41.40 43.32
C LEU C 459 -9.56 -42.35 43.77
N THR C 460 -8.46 -41.81 44.30
CA THR C 460 -7.37 -42.66 44.77
C THR C 460 -7.82 -43.55 45.93
N LYS C 461 -8.53 -42.97 46.90
CA LYS C 461 -8.93 -43.73 48.07
C LYS C 461 -9.69 -44.99 47.69
N MET C 462 -10.74 -44.84 46.89
CA MET C 462 -11.56 -46.00 46.54
C MET C 462 -10.75 -47.02 45.72
N ALA C 463 -9.97 -46.54 44.76
CA ALA C 463 -9.20 -47.44 43.91
C ALA C 463 -8.27 -48.32 44.75
N LYS C 464 -7.52 -47.69 45.67
CA LYS C 464 -6.61 -48.45 46.52
C LYS C 464 -7.35 -49.49 47.36
N LEU C 465 -8.51 -49.12 47.89
CA LEU C 465 -9.16 -49.95 48.90
C LEU C 465 -9.89 -51.14 48.30
N ILE C 466 -10.56 -50.95 47.15
CA ILE C 466 -11.41 -52.01 46.63
C ILE C 466 -10.61 -53.13 45.95
N GLN C 467 -9.40 -52.84 45.48
CA GLN C 467 -8.45 -53.88 45.07
C GLN C 467 -9.03 -54.78 43.97
N THR C 468 -9.81 -54.19 43.06
CA THR C 468 -10.37 -54.97 41.97
C THR C 468 -9.37 -55.09 40.81
N THR C 469 -9.56 -56.14 40.01
CA THR C 469 -8.72 -56.32 38.83
C THR C 469 -8.89 -55.18 37.85
N ILE C 470 -10.09 -54.62 37.75
CA ILE C 470 -10.37 -53.47 36.90
C ILE C 470 -11.03 -52.40 37.75
N PHE C 471 -10.58 -51.16 37.58
CA PHE C 471 -11.21 -50.00 38.23
C PHE C 471 -11.30 -48.88 37.21
N VAL C 472 -12.51 -48.36 37.00
CA VAL C 472 -12.78 -47.33 36.00
C VAL C 472 -13.25 -46.07 36.70
N LYS C 473 -12.79 -44.93 36.20
CA LYS C 473 -13.05 -43.64 36.83
C LYS C 473 -13.64 -42.68 35.81
N ASN C 474 -14.84 -42.17 36.10
CA ASN C 474 -15.47 -41.13 35.30
C ASN C 474 -15.71 -41.60 33.87
N GLY C 475 -16.18 -42.84 33.72
CA GLY C 475 -16.50 -43.39 32.42
C GLY C 475 -17.29 -44.68 32.54
N PRO C 476 -17.83 -45.15 31.42
CA PRO C 476 -18.57 -46.41 31.45
C PRO C 476 -17.65 -47.58 31.75
N SER C 477 -18.22 -48.61 32.40
CA SER C 477 -17.42 -49.73 32.86
C SER C 477 -16.66 -50.40 31.72
N TYR C 478 -17.19 -50.34 30.49
CA TYR C 478 -16.53 -51.03 29.38
C TYR C 478 -15.28 -50.30 28.91
N ALA C 479 -14.98 -49.12 29.45
CA ALA C 479 -13.69 -48.50 29.18
C ALA C 479 -12.54 -49.32 29.72
N GLY C 480 -12.78 -50.15 30.75
CA GLY C 480 -11.78 -51.10 31.21
C GLY C 480 -11.50 -52.23 30.25
N HIS C 481 -12.37 -52.42 29.26
CA HIS C 481 -12.18 -53.43 28.23
C HIS C 481 -11.39 -52.92 27.03
N GLY C 482 -11.00 -51.64 27.03
CA GLY C 482 -10.36 -51.03 25.89
C GLY C 482 -11.29 -50.29 24.94
N ALA C 483 -12.59 -50.28 25.22
CA ALA C 483 -13.55 -49.57 24.39
C ALA C 483 -13.88 -48.25 25.09
N GLY C 484 -13.04 -47.25 24.86
CA GLY C 484 -13.16 -45.97 25.52
C GLY C 484 -12.13 -45.71 26.59
N GLY C 485 -11.22 -46.66 26.82
CA GLY C 485 -10.12 -46.46 27.73
C GLY C 485 -8.83 -46.95 27.11
N GLU C 486 -7.72 -46.61 27.75
CA GLU C 486 -6.41 -46.97 27.25
C GLU C 486 -6.06 -48.40 27.64
N GLY C 487 -5.30 -49.06 26.79
CA GLY C 487 -4.96 -50.46 26.94
C GLY C 487 -5.59 -51.32 25.85
N TYR C 488 -5.21 -52.60 25.87
CA TYR C 488 -5.74 -53.57 24.96
C TYR C 488 -7.05 -54.13 25.49
N SER C 489 -7.67 -55.02 24.73
CA SER C 489 -8.94 -55.61 25.08
C SER C 489 -8.79 -57.11 25.31
N THR C 490 -9.58 -57.62 26.26
CA THR C 490 -9.69 -59.05 26.49
C THR C 490 -11.12 -59.35 26.91
N PHE C 491 -11.44 -60.65 26.93
CA PHE C 491 -12.72 -61.12 27.45
C PHE C 491 -12.52 -62.28 28.42
N THR C 492 -11.30 -62.42 28.94
CA THR C 492 -10.98 -63.40 29.98
C THR C 492 -10.20 -62.62 31.04
N ILE C 493 -10.91 -62.11 32.03
CA ILE C 493 -10.35 -61.28 33.09
C ILE C 493 -10.16 -62.15 34.32
N ALA C 494 -8.91 -62.40 34.68
CA ALA C 494 -8.59 -63.35 35.74
C ALA C 494 -8.44 -62.60 37.06
N GLY C 495 -9.39 -62.81 37.97
CA GLY C 495 -9.32 -62.24 39.29
C GLY C 495 -8.63 -63.16 40.27
N PRO C 496 -9.19 -64.36 40.44
CA PRO C 496 -8.60 -65.30 41.41
C PRO C 496 -7.15 -65.65 41.12
N THR C 497 -6.84 -66.12 39.90
CA THR C 497 -5.49 -66.54 39.56
C THR C 497 -4.55 -65.36 39.32
N GLY C 498 -5.06 -64.15 39.20
CA GLY C 498 -4.24 -62.96 39.29
C GLY C 498 -3.55 -62.51 38.03
N GLU C 499 -3.81 -63.15 36.88
CA GLU C 499 -3.16 -62.74 35.64
C GLU C 499 -3.72 -61.43 35.07
N GLY C 500 -4.89 -60.99 35.53
CA GLY C 500 -5.44 -59.73 35.06
C GLY C 500 -6.10 -59.82 33.70
N LEU C 501 -5.92 -58.80 32.87
CA LEU C 501 -6.48 -58.81 31.52
C LEU C 501 -5.61 -59.72 30.67
N THR C 502 -6.02 -60.98 30.56
CA THR C 502 -5.20 -61.98 29.88
C THR C 502 -4.88 -61.54 28.46
N SER C 503 -3.69 -61.93 28.01
CA SER C 503 -3.23 -61.69 26.65
C SER C 503 -2.22 -62.78 26.32
N ALA C 504 -1.49 -62.61 25.21
CA ALA C 504 -0.54 -63.62 24.79
C ALA C 504 0.45 -63.96 25.90
N LYS C 505 0.93 -62.94 26.64
CA LYS C 505 1.83 -63.20 27.76
C LYS C 505 1.25 -64.25 28.70
N SER C 506 -0.06 -64.20 28.95
CA SER C 506 -0.68 -65.05 29.95
C SER C 506 -0.65 -66.52 29.55
N PHE C 507 -0.58 -66.81 28.25
CA PHE C 507 -0.56 -68.18 27.75
C PHE C 507 0.84 -68.64 27.37
N ALA C 508 1.87 -68.12 28.05
CA ALA C 508 3.25 -68.42 27.70
C ALA C 508 4.06 -68.67 28.97
N ARG C 509 5.08 -69.51 28.83
CA ARG C 509 6.01 -69.81 29.91
C ARG C 509 7.19 -68.86 29.88
N ARG C 510 7.62 -68.42 31.06
CA ARG C 510 8.79 -67.54 31.16
C ARG C 510 10.06 -68.38 31.15
N ARG C 511 10.98 -68.05 30.22
CA ARG C 511 12.22 -68.78 30.06
C ARG C 511 13.41 -67.84 30.15
N LYS C 512 14.52 -68.37 30.65
CA LYS C 512 15.74 -67.59 30.88
C LYS C 512 16.89 -68.25 30.14
N CYS C 513 17.62 -67.45 29.37
CA CYS C 513 18.77 -67.90 28.60
C CYS C 513 19.97 -67.08 29.01
N VAL C 514 21.01 -67.75 29.52
CA VAL C 514 22.17 -67.09 30.11
C VAL C 514 23.39 -67.39 29.26
N MET C 515 23.87 -66.38 28.53
CA MET C 515 25.12 -66.48 27.78
C MET C 515 26.24 -65.95 28.67
N VAL C 516 27.08 -66.85 29.17
CA VAL C 516 28.06 -66.49 30.18
C VAL C 516 29.26 -65.83 29.51
N GLU C 517 29.55 -64.59 29.92
CA GLU C 517 30.76 -63.87 29.50
C GLU C 517 30.87 -63.76 27.99
N ALA C 518 29.74 -63.50 27.33
CA ALA C 518 29.72 -63.22 25.91
C ALA C 518 28.49 -62.39 25.59
N LEU C 519 28.58 -61.63 24.50
CA LEU C 519 27.49 -60.80 24.01
C LEU C 519 27.16 -59.65 24.97
N ASN C 520 28.15 -59.21 25.73
CA ASN C 520 28.03 -58.02 26.59
C ASN C 520 28.86 -56.93 25.92
N ILE C 521 28.25 -56.35 24.92
CA ILE C 521 28.92 -55.42 24.07
C ILE C 521 28.72 -54.00 24.41
N ARG C 522 28.30 -53.71 25.61
CA ARG C 522 28.10 -52.34 25.98
C ARG C 522 29.45 -51.69 25.98
N ALA D 83 4.55 -62.08 75.17
CA ALA D 83 3.79 -60.99 74.58
C ALA D 83 3.70 -61.11 73.05
N VAL D 84 4.76 -60.70 72.36
CA VAL D 84 4.77 -60.80 70.91
C VAL D 84 4.91 -62.23 70.46
N SER D 85 4.31 -62.59 69.35
CA SER D 85 4.39 -63.94 68.90
C SER D 85 5.71 -64.18 68.25
N ASP D 86 6.15 -65.40 68.28
CA ASP D 86 7.39 -65.71 67.64
C ASP D 86 7.20 -66.33 66.29
N GLY D 87 5.97 -66.44 65.82
CA GLY D 87 5.73 -66.97 64.50
C GLY D 87 5.45 -68.42 64.43
N VAL D 88 5.74 -69.11 65.49
CA VAL D 88 5.50 -70.55 65.54
C VAL D 88 4.21 -70.81 66.29
N PHE D 89 3.39 -71.72 65.75
CA PHE D 89 2.09 -72.06 66.31
C PHE D 89 1.99 -73.57 66.44
N GLU D 90 1.20 -74.03 67.42
CA GLU D 90 1.05 -75.47 67.62
C GLU D 90 0.28 -76.10 66.46
N THR D 91 -0.84 -75.49 66.08
CA THR D 91 -1.69 -76.02 65.02
C THR D 91 -1.57 -75.18 63.76
N MET D 92 -1.86 -75.81 62.62
CA MET D 92 -1.82 -75.10 61.35
C MET D 92 -2.91 -74.03 61.27
N ASP D 93 -4.12 -74.36 61.72
CA ASP D 93 -5.22 -73.40 61.64
C ASP D 93 -4.90 -72.12 62.41
N ALA D 94 -4.15 -72.22 63.50
CA ALA D 94 -3.77 -71.02 64.25
C ALA D 94 -2.80 -70.16 63.45
N ALA D 95 -1.83 -70.79 62.79
CA ALA D 95 -0.86 -70.04 61.99
C ALA D 95 -1.56 -69.34 60.82
N VAL D 96 -2.35 -70.09 60.05
CA VAL D 96 -3.06 -69.48 58.92
C VAL D 96 -3.94 -68.34 59.38
N GLU D 97 -4.63 -68.53 60.52
CA GLU D 97 -5.47 -67.46 61.07
C GLU D 97 -4.61 -66.27 61.49
N ALA D 98 -3.44 -66.53 62.08
CA ALA D 98 -2.57 -65.44 62.48
C ALA D 98 -2.02 -64.70 61.27
N ALA D 99 -1.61 -65.44 60.23
CA ALA D 99 -1.15 -64.81 59.01
C ALA D 99 -2.26 -63.99 58.35
N ALA D 100 -3.49 -64.52 58.37
CA ALA D 100 -4.62 -63.79 57.80
C ALA D 100 -4.79 -62.44 58.50
N LEU D 101 -4.78 -62.45 59.83
CA LEU D 101 -4.88 -61.19 60.57
C LEU D 101 -3.70 -60.29 60.28
N ALA D 102 -2.49 -60.86 60.23
CA ALA D 102 -1.30 -60.07 59.94
C ALA D 102 -1.42 -59.38 58.59
N GLN D 103 -1.86 -60.12 57.57
CA GLN D 103 -1.92 -59.57 56.23
C GLN D 103 -2.92 -58.43 56.14
N GLN D 104 -4.04 -58.53 56.88
CA GLN D 104 -4.98 -57.42 56.95
C GLN D 104 -4.29 -56.15 57.46
N GLN D 105 -3.52 -56.28 58.54
CA GLN D 105 -2.79 -55.14 59.08
C GLN D 105 -1.68 -54.70 58.15
N TYR D 106 -1.15 -55.62 57.34
CA TYR D 106 -0.08 -55.28 56.40
C TYR D 106 -0.57 -54.36 55.30
N LEU D 107 -1.86 -54.45 54.94
CA LEU D 107 -2.41 -53.60 53.88
C LEU D 107 -2.32 -52.12 54.26
N LEU D 108 -2.31 -51.80 55.54
CA LEU D 108 -2.26 -50.42 55.99
C LEU D 108 -0.84 -49.86 56.04
N CYS D 109 0.17 -50.66 55.73
CA CYS D 109 1.55 -50.22 55.80
C CYS D 109 1.98 -49.60 54.48
N SER D 110 2.94 -48.68 54.57
CA SER D 110 3.47 -48.01 53.39
C SER D 110 4.44 -48.94 52.65
N MET D 111 4.71 -48.60 51.39
CA MET D 111 5.78 -49.26 50.66
C MET D 111 7.12 -49.06 51.36
N SER D 112 7.30 -47.91 52.01
CA SER D 112 8.48 -47.69 52.83
C SER D 112 8.58 -48.75 53.93
N ASP D 113 7.44 -49.12 54.53
CA ASP D 113 7.44 -50.18 55.54
C ASP D 113 7.89 -51.51 54.93
N ARG D 114 7.29 -51.89 53.81
CA ARG D 114 7.70 -53.11 53.13
C ARG D 114 9.20 -53.12 52.89
N ALA D 115 9.76 -51.98 52.46
CA ALA D 115 11.19 -51.91 52.20
C ALA D 115 11.99 -52.25 53.45
N ARG D 116 11.58 -51.71 54.57
CA ARG D 116 12.22 -51.96 55.82
C ARG D 116 12.13 -53.38 56.25
N PHE D 117 10.97 -53.98 56.11
CA PHE D 117 10.79 -55.34 56.48
C PHE D 117 11.56 -56.26 55.62
N VAL D 118 11.65 -55.94 54.35
CA VAL D 118 12.42 -56.72 53.45
C VAL D 118 13.87 -56.65 53.83
N GLN D 119 14.35 -55.47 54.16
CA GLN D 119 15.71 -55.34 54.50
C GLN D 119 15.99 -56.09 55.75
N GLY D 120 15.07 -56.01 56.69
CA GLY D 120 15.27 -56.72 57.94
C GLY D 120 15.53 -58.19 57.74
N ILE D 121 14.83 -58.82 56.78
CA ILE D 121 15.07 -60.22 56.50
C ILE D 121 16.48 -60.41 55.95
N ARG D 122 16.93 -59.49 55.09
CA ARG D 122 18.29 -59.59 54.57
C ARG D 122 19.31 -59.51 55.68
N ASP D 123 19.08 -58.63 56.67
CA ASP D 123 20.01 -58.51 57.79
C ASP D 123 20.05 -59.78 58.61
N VAL D 124 18.90 -60.46 58.75
CA VAL D 124 18.83 -61.66 59.58
C VAL D 124 19.76 -62.74 59.03
N ILE D 125 19.70 -62.99 57.71
CA ILE D 125 20.45 -64.09 57.12
C ILE D 125 21.86 -63.68 56.72
N LEU D 126 22.11 -62.39 56.48
CA LEU D 126 23.44 -61.94 56.09
C LEU D 126 24.32 -61.61 57.30
N ASN D 127 23.72 -61.43 58.47
CA ASN D 127 24.50 -61.38 59.71
C ASN D 127 25.43 -62.58 59.79
N GLN D 128 26.74 -62.30 59.88
CA GLN D 128 27.73 -63.36 59.71
C GLN D 128 27.50 -64.50 60.68
N ASP D 129 27.16 -64.20 61.94
CA ASP D 129 26.92 -65.26 62.92
C ASP D 129 25.77 -66.16 62.49
N THR D 130 24.60 -65.57 62.23
CA THR D 130 23.46 -66.36 61.78
C THR D 130 23.76 -67.07 60.47
N LEU D 131 24.42 -66.37 59.54
CA LEU D 131 24.75 -66.97 58.25
C LEU D 131 25.51 -68.28 58.43
N GLU D 132 26.56 -68.26 59.23
CA GLU D 132 27.33 -69.48 59.48
C GLU D 132 26.53 -70.48 60.30
N LYS D 133 25.71 -69.99 61.22
CA LYS D 133 24.87 -70.90 62.01
C LYS D 133 23.89 -71.66 61.13
N MET D 134 23.15 -70.93 60.32
CA MET D 134 22.16 -71.55 59.49
C MET D 134 22.71 -72.52 58.50
N SER D 135 23.78 -72.15 57.84
CA SER D 135 24.41 -73.03 56.86
C SER D 135 24.91 -74.31 57.53
N ARG D 136 25.57 -74.18 58.69
CA ARG D 136 26.08 -75.35 59.40
C ARG D 136 24.94 -76.19 59.95
N MET D 137 23.97 -75.53 60.60
CA MET D 137 22.86 -76.26 61.21
C MET D 137 22.01 -76.98 60.16
N ALA D 138 22.02 -76.49 58.91
CA ALA D 138 21.18 -77.08 57.89
C ALA D 138 21.75 -78.40 57.38
N VAL D 139 23.04 -78.41 57.01
CA VAL D 139 23.66 -79.65 56.54
C VAL D 139 23.67 -80.69 57.66
N GLU D 140 23.93 -80.26 58.89
CA GLU D 140 23.96 -81.19 60.01
C GLU D 140 22.60 -81.84 60.21
N GLU D 141 21.53 -81.05 60.16
CA GLU D 141 20.19 -81.58 60.41
C GLU D 141 19.72 -82.46 59.26
N THR D 142 19.97 -82.03 58.02
CA THR D 142 19.48 -82.74 56.85
C THR D 142 20.47 -83.77 56.31
N GLY D 143 21.75 -83.62 56.62
CA GLY D 143 22.76 -84.51 56.06
C GLY D 143 22.96 -84.34 54.57
N MET D 144 22.56 -83.21 54.01
CA MET D 144 22.65 -82.96 52.58
C MET D 144 23.41 -81.66 52.35
N GLY D 145 24.24 -81.64 51.31
CA GLY D 145 25.03 -80.47 51.01
C GLY D 145 26.25 -80.37 51.90
N ASN D 146 26.92 -79.22 51.81
CA ASN D 146 28.08 -78.95 52.63
C ASN D 146 28.10 -77.48 53.03
N TYR D 147 28.84 -77.20 54.10
CA TYR D 147 28.75 -75.90 54.77
C TYR D 147 29.27 -74.78 53.90
N GLU D 148 30.40 -74.97 53.23
CA GLU D 148 31.02 -73.89 52.48
C GLU D 148 30.06 -73.34 51.42
N HIS D 149 29.34 -74.23 50.72
CA HIS D 149 28.48 -73.79 49.62
C HIS D 149 27.13 -73.29 50.13
N LYS D 150 26.64 -73.80 51.25
CA LYS D 150 25.45 -73.21 51.86
C LYS D 150 25.68 -71.76 52.25
N LEU D 151 26.92 -71.41 52.61
CA LEU D 151 27.25 -70.01 52.89
C LEU D 151 27.05 -69.15 51.66
N ILE D 152 27.43 -69.66 50.48
CA ILE D 152 27.28 -68.90 49.25
C ILE D 152 25.80 -68.80 48.88
N LYS D 153 25.07 -69.91 48.99
CA LYS D 153 23.66 -69.92 48.59
C LYS D 153 22.81 -69.05 49.52
N ASN D 154 22.96 -69.25 50.83
CA ASN D 154 22.21 -68.41 51.77
C ASN D 154 22.55 -66.93 51.56
N ARG D 155 23.83 -66.61 51.33
CA ARG D 155 24.19 -65.23 51.03
C ARG D 155 23.54 -64.78 49.74
N LEU D 156 23.52 -65.64 48.72
CA LEU D 156 22.86 -65.33 47.46
C LEU D 156 21.39 -64.99 47.69
N ALA D 157 20.68 -65.84 48.45
CA ALA D 157 19.26 -65.60 48.69
C ALA D 157 19.01 -64.26 49.38
N GLY D 158 19.95 -63.82 50.23
CA GLY D 158 19.73 -62.62 50.99
C GLY D 158 20.14 -61.35 50.28
N GLU D 159 21.04 -61.47 49.31
CA GLU D 159 21.56 -60.31 48.58
C GLU D 159 20.80 -60.05 47.29
N LYS D 160 20.56 -61.09 46.50
CA LYS D 160 20.09 -60.94 45.13
C LYS D 160 18.62 -61.32 44.93
N THR D 161 17.86 -61.48 46.00
CA THR D 161 16.42 -61.67 45.86
C THR D 161 15.76 -60.31 45.68
N PRO D 162 15.02 -60.08 44.60
CA PRO D 162 14.48 -58.74 44.36
C PRO D 162 13.59 -58.27 45.49
N GLY D 163 13.78 -57.01 45.88
CA GLY D 163 12.95 -56.35 46.87
C GLY D 163 11.71 -55.74 46.25
N ILE D 164 11.27 -54.61 46.81
CA ILE D 164 10.04 -54.00 46.33
C ILE D 164 10.24 -53.36 44.95
N GLU D 165 11.49 -53.12 44.54
CA GLU D 165 11.72 -52.54 43.23
C GLU D 165 11.18 -53.42 42.11
N ASP D 166 10.95 -54.71 42.39
CA ASP D 166 10.41 -55.62 41.39
C ASP D 166 8.97 -55.29 41.01
N LEU D 167 8.26 -54.52 41.82
CA LEU D 167 6.85 -54.22 41.58
C LEU D 167 6.75 -52.93 40.77
N THR D 168 7.02 -53.07 39.48
CA THR D 168 7.01 -51.94 38.56
C THR D 168 5.58 -51.57 38.19
N THR D 169 5.44 -50.40 37.57
CA THR D 169 4.15 -49.90 37.12
C THR D 169 4.18 -49.63 35.62
N ASP D 170 3.23 -50.20 34.90
CA ASP D 170 3.04 -49.89 33.49
C ASP D 170 2.00 -48.78 33.35
N ALA D 171 2.21 -47.94 32.34
CA ALA D 171 1.32 -46.81 32.09
C ALA D 171 1.09 -46.65 30.59
N PHE D 172 -0.14 -46.28 30.23
CA PHE D 172 -0.51 -45.95 28.87
C PHE D 172 -1.39 -44.71 28.92
N SER D 173 -1.06 -43.70 28.13
CA SER D 173 -1.82 -42.45 28.10
C SER D 173 -2.15 -42.10 26.67
N GLY D 174 -3.36 -41.56 26.47
CA GLY D 174 -3.79 -41.17 25.16
C GLY D 174 -5.04 -40.32 25.23
N ASP D 175 -5.82 -40.34 24.14
CA ASP D 175 -7.04 -39.54 24.10
C ASP D 175 -8.04 -40.00 25.14
N ASN D 176 -8.07 -41.30 25.44
CA ASN D 176 -9.03 -41.85 26.38
C ASN D 176 -8.59 -41.73 27.83
N GLY D 177 -7.52 -40.99 28.10
CA GLY D 177 -7.08 -40.77 29.47
C GLY D 177 -5.82 -41.50 29.86
N LEU D 178 -5.80 -42.06 31.07
CA LEU D 178 -4.63 -42.73 31.63
C LEU D 178 -5.02 -44.11 32.12
N THR D 179 -4.11 -45.07 31.94
CA THR D 179 -4.30 -46.43 32.43
C THR D 179 -3.03 -46.87 33.14
N LEU D 180 -3.17 -47.26 34.40
CA LEU D 180 -2.06 -47.79 35.19
C LEU D 180 -2.29 -49.28 35.44
N VAL D 181 -1.20 -50.03 35.44
CA VAL D 181 -1.23 -51.45 35.78
C VAL D 181 -0.26 -51.66 36.94
N GLU D 182 -0.79 -52.19 38.04
CA GLU D 182 -0.04 -52.32 39.28
C GLU D 182 0.01 -53.79 39.71
N TYR D 183 0.94 -54.07 40.62
CA TYR D 183 1.09 -55.37 41.24
C TYR D 183 0.63 -55.26 42.69
N SER D 184 -0.50 -55.89 43.01
CA SER D 184 -1.09 -55.84 44.35
C SER D 184 -1.01 -57.20 45.04
N PRO D 185 -1.26 -57.23 46.35
CA PRO D 185 -1.07 -58.48 47.08
C PRO D 185 -2.16 -59.51 46.76
N PHE D 186 -1.78 -60.78 46.92
CA PHE D 186 -2.74 -61.87 46.86
C PHE D 186 -3.48 -62.03 48.19
N GLY D 187 -2.74 -62.06 49.29
CA GLY D 187 -3.30 -62.31 50.60
C GLY D 187 -2.37 -63.16 51.44
N VAL D 188 -2.84 -64.31 51.90
CA VAL D 188 -2.03 -65.25 52.67
C VAL D 188 -1.52 -66.31 51.71
N ILE D 189 -0.20 -66.49 51.68
CA ILE D 189 0.45 -67.47 50.82
C ILE D 189 0.94 -68.61 51.69
N GLY D 190 0.68 -69.85 51.25
CA GLY D 190 1.21 -71.02 51.92
C GLY D 190 2.36 -71.64 51.14
N ALA D 191 3.58 -71.50 51.65
CA ALA D 191 4.78 -71.97 50.97
C ALA D 191 5.21 -73.32 51.52
N ILE D 192 5.71 -74.17 50.63
CA ILE D 192 6.18 -75.50 50.98
C ILE D 192 7.63 -75.60 50.51
N THR D 193 8.58 -75.70 51.48
CA THR D 193 9.99 -75.63 51.16
C THR D 193 10.63 -77.01 51.18
N PRO D 194 11.70 -77.20 50.41
CA PRO D 194 12.36 -78.51 50.35
C PRO D 194 13.47 -78.66 51.37
N THR D 195 13.73 -79.92 51.75
CA THR D 195 14.83 -80.21 52.65
C THR D 195 16.17 -79.91 52.01
N THR D 196 16.25 -79.97 50.68
CA THR D 196 17.48 -79.65 49.98
C THR D 196 17.95 -78.23 50.30
N ASN D 197 17.08 -77.25 50.09
CA ASN D 197 17.39 -75.84 50.31
C ASN D 197 16.42 -75.26 51.34
N PRO D 198 16.56 -75.66 52.60
CA PRO D 198 15.55 -75.29 53.61
C PRO D 198 15.60 -73.82 54.00
N THR D 199 16.80 -73.31 54.31
CA THR D 199 16.92 -71.91 54.69
C THR D 199 16.84 -71.00 53.47
N GLU D 200 17.43 -71.41 52.34
CA GLU D 200 17.48 -70.57 51.16
C GLU D 200 16.07 -70.28 50.64
N THR D 201 15.26 -71.33 50.50
CA THR D 201 13.91 -71.14 49.97
C THR D 201 13.08 -70.25 50.88
N ILE D 202 13.21 -70.41 52.19
CA ILE D 202 12.46 -69.57 53.12
C ILE D 202 12.84 -68.12 52.96
N VAL D 203 14.15 -67.84 52.90
CA VAL D 203 14.61 -66.46 52.78
C VAL D 203 14.15 -65.86 51.46
N CYS D 204 14.23 -66.62 50.38
CA CYS D 204 13.84 -66.10 49.07
C CYS D 204 12.34 -65.86 48.98
N ASN D 205 11.55 -66.84 49.41
CA ASN D 205 10.10 -66.70 49.36
C ASN D 205 9.61 -65.56 50.24
N SER D 206 10.14 -65.47 51.46
CA SER D 206 9.63 -64.45 52.40
C SER D 206 9.90 -63.05 51.89
N ILE D 207 11.11 -62.81 51.34
CA ILE D 207 11.42 -61.48 50.82
C ILE D 207 10.47 -61.12 49.69
N GLY D 208 10.27 -62.03 48.74
CA GLY D 208 9.40 -61.75 47.62
C GLY D 208 7.95 -61.62 48.04
N MET D 209 7.49 -62.50 48.93
CA MET D 209 6.09 -62.49 49.33
C MET D 209 5.76 -61.27 50.19
N LEU D 210 6.67 -60.89 51.08
CA LEU D 210 6.44 -59.68 51.87
C LEU D 210 6.61 -58.43 51.01
N ALA D 211 7.50 -58.47 50.02
CA ALA D 211 7.65 -57.34 49.13
C ALA D 211 6.35 -57.04 48.39
N ALA D 212 5.70 -58.09 47.88
CA ALA D 212 4.42 -57.94 47.19
C ALA D 212 3.28 -57.55 48.12
N GLY D 213 3.48 -57.63 49.42
CA GLY D 213 2.45 -57.26 50.37
C GLY D 213 1.66 -58.40 50.96
N ASN D 214 2.16 -59.63 50.88
CA ASN D 214 1.47 -60.78 51.41
C ASN D 214 2.04 -61.18 52.77
N SER D 215 1.39 -62.17 53.39
CA SER D 215 1.94 -62.92 54.50
C SER D 215 2.13 -64.35 54.04
N VAL D 216 3.07 -65.06 54.66
CA VAL D 216 3.44 -66.39 54.24
C VAL D 216 3.31 -67.35 55.42
N VAL D 217 2.71 -68.51 55.15
CA VAL D 217 2.64 -69.62 56.10
C VAL D 217 3.57 -70.70 55.56
N PHE D 218 4.71 -70.89 56.22
CA PHE D 218 5.67 -71.88 55.79
C PHE D 218 5.31 -73.25 56.38
N SER D 219 5.40 -74.28 55.53
CA SER D 219 5.17 -75.67 55.92
C SER D 219 6.42 -76.46 55.55
N PRO D 220 7.47 -76.43 56.38
CA PRO D 220 8.69 -77.16 56.04
C PRO D 220 8.47 -78.66 56.13
N HIS D 221 9.47 -79.38 55.69
CA HIS D 221 9.46 -80.82 55.76
C HIS D 221 9.98 -81.21 57.13
N GLY D 222 9.72 -82.42 57.55
CA GLY D 222 10.12 -82.86 58.85
C GLY D 222 11.59 -82.85 59.07
N ARG D 223 12.32 -83.20 58.05
CA ARG D 223 13.74 -83.27 58.19
C ARG D 223 14.47 -81.98 58.49
N ALA D 224 13.93 -80.85 58.08
CA ALA D 224 14.59 -79.58 58.30
C ALA D 224 13.91 -78.76 59.32
N ARG D 225 13.12 -79.39 60.17
CA ARG D 225 12.32 -78.69 61.17
C ARG D 225 13.15 -77.67 61.94
N GLN D 226 14.19 -78.14 62.62
CA GLN D 226 14.87 -77.32 63.62
C GLN D 226 15.47 -76.07 63.00
N VAL D 227 16.11 -76.21 61.84
CA VAL D 227 16.73 -75.05 61.19
C VAL D 227 15.66 -74.10 60.65
N SER D 228 14.57 -74.66 60.10
CA SER D 228 13.49 -73.81 59.59
C SER D 228 12.88 -72.97 60.69
N LEU D 229 12.46 -73.62 61.79
CA LEU D 229 11.79 -72.89 62.86
C LEU D 229 12.71 -71.85 63.49
N LEU D 230 14.02 -72.10 63.52
CA LEU D 230 14.95 -71.11 64.06
C LEU D 230 15.00 -69.88 63.16
N LEU D 231 14.91 -70.07 61.84
CA LEU D 231 14.90 -68.94 60.93
C LEU D 231 13.62 -68.12 61.07
N VAL D 232 12.48 -68.79 61.14
CA VAL D 232 11.21 -68.09 61.31
C VAL D 232 11.24 -67.26 62.59
N ARG D 233 11.77 -67.84 63.68
CA ARG D 233 11.79 -67.11 64.94
C ARG D 233 12.71 -65.89 64.87
N LEU D 234 13.87 -66.03 64.24
CA LEU D 234 14.75 -64.88 64.08
C LEU D 234 14.11 -63.81 63.21
N ILE D 235 13.27 -64.22 62.26
CA ILE D 235 12.62 -63.25 61.37
C ILE D 235 11.55 -62.47 62.13
N ASN D 236 10.67 -63.19 62.84
CA ASN D 236 9.64 -62.51 63.62
C ASN D 236 10.26 -61.60 64.68
N GLN D 237 11.40 -61.99 65.24
CA GLN D 237 12.10 -61.14 66.19
C GLN D 237 12.53 -59.84 65.53
N LYS D 238 13.24 -59.94 64.40
CA LYS D 238 13.72 -58.74 63.72
C LYS D 238 12.57 -57.91 63.18
N LEU D 239 11.55 -58.56 62.63
CA LEU D 239 10.37 -57.82 62.17
C LEU D 239 9.68 -57.12 63.34
N ALA D 240 9.56 -57.80 64.48
CA ALA D 240 8.94 -57.19 65.64
C ALA D 240 9.71 -55.95 66.09
N ALA D 241 11.04 -55.96 65.95
CA ALA D 241 11.83 -54.78 66.30
C ALA D 241 11.64 -53.65 65.29
N LEU D 242 11.28 -53.99 64.06
CA LEU D 242 11.06 -53.00 63.01
C LEU D 242 9.63 -52.48 62.99
N GLY D 243 8.80 -52.86 63.94
CA GLY D 243 7.44 -52.36 64.02
C GLY D 243 6.46 -53.02 63.10
N ALA D 244 6.74 -54.23 62.64
CA ALA D 244 5.86 -54.88 61.70
C ALA D 244 4.67 -55.51 62.42
N PRO D 245 3.55 -55.68 61.72
CA PRO D 245 2.46 -56.48 62.29
C PRO D 245 2.96 -57.87 62.64
N GLU D 246 2.49 -58.39 63.76
CA GLU D 246 2.91 -59.71 64.19
C GLU D 246 2.44 -60.77 63.20
N ASN D 247 3.31 -61.75 62.93
CA ASN D 247 2.95 -62.95 62.20
C ASN D 247 2.86 -62.73 60.69
N LEU D 248 3.75 -61.90 60.14
CA LEU D 248 3.87 -61.84 58.68
C LEU D 248 4.49 -63.13 58.13
N VAL D 249 5.41 -63.73 58.88
CA VAL D 249 5.99 -65.03 58.56
C VAL D 249 5.68 -65.96 59.72
N VAL D 250 5.06 -67.11 59.42
CA VAL D 250 4.66 -68.05 60.45
C VAL D 250 4.89 -69.48 59.97
N THR D 251 4.94 -70.39 60.93
CA THR D 251 5.05 -71.81 60.67
C THR D 251 4.50 -72.55 61.89
N VAL D 252 4.50 -73.87 61.82
CA VAL D 252 3.98 -74.70 62.90
C VAL D 252 5.14 -75.36 63.63
N GLU D 253 4.89 -75.71 64.90
CA GLU D 253 5.94 -76.24 65.76
C GLU D 253 6.41 -77.61 65.33
N LYS D 254 5.53 -78.43 64.78
CA LYS D 254 5.85 -79.81 64.40
C LYS D 254 5.49 -80.01 62.93
N PRO D 255 6.39 -79.65 62.01
CA PRO D 255 6.08 -79.79 60.59
C PRO D 255 5.85 -81.24 60.20
N SER D 256 4.73 -81.48 59.53
CA SER D 256 4.35 -82.83 59.14
C SER D 256 3.61 -82.79 57.82
N ARG D 257 3.31 -83.97 57.29
CA ARG D 257 2.51 -84.06 56.06
C ARG D 257 1.06 -83.70 56.32
N GLU D 258 0.52 -84.07 57.48
CA GLU D 258 -0.84 -83.68 57.83
C GLU D 258 -0.96 -82.17 57.93
N ASN D 259 0.08 -81.49 58.40
CA ASN D 259 0.05 -80.04 58.49
C ASN D 259 0.13 -79.40 57.10
N THR D 260 0.93 -79.98 56.20
CA THR D 260 0.95 -79.49 54.83
C THR D 260 -0.42 -79.62 54.18
N LEU D 261 -1.09 -80.76 54.38
CA LEU D 261 -2.42 -80.95 53.81
C LEU D 261 -3.44 -80.00 54.44
N ALA D 262 -3.30 -79.73 55.73
CA ALA D 262 -4.19 -78.77 56.38
C ALA D 262 -4.06 -77.40 55.74
N MET D 263 -2.81 -76.94 55.55
CA MET D 263 -2.58 -75.64 54.93
C MET D 263 -3.18 -75.58 53.53
N MET D 264 -3.09 -76.68 52.79
CA MET D 264 -3.61 -76.70 51.43
C MET D 264 -5.13 -76.56 51.40
N ALA D 265 -5.82 -77.06 52.43
CA ALA D 265 -7.27 -77.04 52.45
C ALA D 265 -7.85 -75.80 53.12
N HIS D 266 -7.07 -75.10 53.93
CA HIS D 266 -7.59 -73.96 54.66
C HIS D 266 -8.16 -72.92 53.69
N PRO D 267 -9.39 -72.45 53.89
CA PRO D 267 -9.98 -71.52 52.90
C PRO D 267 -9.33 -70.14 52.89
N LYS D 268 -8.61 -69.75 53.95
CA LYS D 268 -8.01 -68.43 54.01
C LYS D 268 -6.66 -68.35 53.31
N VAL D 269 -6.12 -69.47 52.85
CA VAL D 269 -4.89 -69.46 52.06
C VAL D 269 -5.25 -69.14 50.62
N ARG D 270 -4.74 -68.01 50.11
CA ARG D 270 -5.11 -67.53 48.79
C ARG D 270 -4.26 -68.12 47.68
N MET D 271 -2.99 -68.43 47.96
CA MET D 271 -2.08 -68.96 46.96
C MET D 271 -1.13 -69.95 47.63
N LEU D 272 -0.79 -71.00 46.88
CA LEU D 272 0.16 -72.01 47.34
C LEU D 272 1.39 -71.98 46.46
N VAL D 273 2.57 -72.00 47.09
CA VAL D 273 3.85 -72.04 46.38
C VAL D 273 4.58 -73.30 46.81
N ALA D 274 4.82 -74.19 45.86
CA ALA D 274 5.38 -75.50 46.13
C ALA D 274 6.76 -75.62 45.48
N THR D 275 7.77 -75.81 46.31
CA THR D 275 9.15 -76.05 45.85
C THR D 275 9.52 -77.47 46.26
N GLY D 276 9.46 -78.39 45.29
CA GLY D 276 9.75 -79.78 45.58
C GLY D 276 9.64 -80.68 44.36
N GLY D 277 9.32 -81.96 44.60
CA GLY D 277 9.26 -82.93 43.54
C GLY D 277 7.92 -82.94 42.83
N PRO D 278 7.81 -83.79 41.80
CA PRO D 278 6.59 -83.77 40.97
C PRO D 278 5.32 -84.09 41.74
N ALA D 279 5.38 -85.04 42.69
CA ALA D 279 4.18 -85.40 43.44
C ALA D 279 3.61 -84.21 44.19
N LEU D 280 4.47 -83.37 44.77
CA LEU D 280 4.00 -82.18 45.47
C LEU D 280 3.32 -81.22 44.51
N VAL D 281 3.88 -81.05 43.30
CA VAL D 281 3.30 -80.11 42.35
C VAL D 281 1.88 -80.53 41.96
N LYS D 282 1.69 -81.82 41.68
CA LYS D 282 0.36 -82.28 41.29
C LYS D 282 -0.64 -82.07 42.42
N ALA D 283 -0.26 -82.42 43.65
CA ALA D 283 -1.16 -82.27 44.78
C ALA D 283 -1.58 -80.82 44.97
N VAL D 284 -0.62 -79.89 44.89
CA VAL D 284 -0.92 -78.50 45.16
C VAL D 284 -1.77 -77.90 44.05
N LEU D 285 -1.63 -78.39 42.81
CA LEU D 285 -2.47 -77.95 41.71
C LEU D 285 -3.83 -78.63 41.71
N SER D 286 -4.17 -79.36 42.79
CA SER D 286 -5.45 -80.02 42.90
C SER D 286 -6.26 -79.51 44.09
N THR D 287 -5.84 -78.41 44.71
CA THR D 287 -6.47 -77.89 45.90
C THR D 287 -7.54 -76.84 45.62
N GLY D 288 -7.88 -76.63 44.35
CA GLY D 288 -8.81 -75.58 44.01
C GLY D 288 -8.30 -74.18 44.28
N LYS D 289 -6.98 -74.00 44.39
CA LYS D 289 -6.38 -72.72 44.66
C LYS D 289 -5.38 -72.35 43.56
N LYS D 290 -5.08 -71.06 43.48
CA LYS D 290 -3.95 -70.60 42.67
C LYS D 290 -2.67 -71.15 43.27
N ALA D 291 -1.88 -71.86 42.46
CA ALA D 291 -0.69 -72.53 42.97
C ALA D 291 0.45 -72.41 41.97
N ILE D 292 1.61 -71.97 42.46
CA ILE D 292 2.84 -72.01 41.70
C ILE D 292 3.57 -73.31 42.05
N GLY D 293 3.94 -74.07 41.02
CA GLY D 293 4.60 -75.34 41.24
C GLY D 293 6.02 -75.34 40.69
N ALA D 294 7.00 -75.47 41.58
CA ALA D 294 8.41 -75.59 41.19
C ALA D 294 8.75 -77.07 41.19
N GLY D 295 8.83 -77.65 39.99
CA GLY D 295 9.00 -79.08 39.83
C GLY D 295 10.46 -79.52 39.87
N ALA D 296 10.66 -80.77 39.49
CA ALA D 296 11.97 -81.39 39.49
C ALA D 296 12.63 -81.27 38.12
N GLY D 297 13.95 -81.49 38.10
CA GLY D 297 14.69 -81.41 36.87
C GLY D 297 15.79 -82.46 36.81
N ASN D 298 16.22 -82.74 35.59
CA ASN D 298 17.31 -83.69 35.32
C ASN D 298 18.25 -83.01 34.33
N PRO D 299 18.95 -81.97 34.75
CA PRO D 299 19.64 -81.08 33.79
C PRO D 299 20.77 -81.77 33.05
N PRO D 300 20.69 -81.83 31.72
CA PRO D 300 21.84 -82.31 30.94
C PRO D 300 22.78 -81.17 30.56
N VAL D 301 24.03 -81.55 30.27
CA VAL D 301 25.04 -80.61 29.82
C VAL D 301 25.65 -81.16 28.54
N VAL D 302 25.52 -80.40 27.46
CA VAL D 302 25.99 -80.82 26.14
C VAL D 302 27.31 -80.13 25.86
N VAL D 303 28.31 -80.92 25.48
CA VAL D 303 29.63 -80.42 25.11
C VAL D 303 29.89 -80.86 23.68
N ASP D 304 30.07 -79.89 22.79
CA ASP D 304 30.35 -80.17 21.39
C ASP D 304 31.76 -79.72 21.03
N GLU D 305 32.18 -80.09 19.81
CA GLU D 305 33.58 -79.97 19.42
C GLU D 305 34.06 -78.53 19.24
N THR D 306 33.17 -77.55 19.35
CA THR D 306 33.57 -76.14 19.27
C THR D 306 33.79 -75.52 20.63
N ALA D 307 33.68 -76.30 21.70
CA ALA D 307 33.76 -75.75 23.05
C ALA D 307 35.20 -75.66 23.52
N ASN D 308 35.44 -74.71 24.42
CA ASN D 308 36.67 -74.68 25.21
C ASN D 308 36.61 -75.84 26.19
N ILE D 309 37.29 -76.93 25.87
CA ILE D 309 37.16 -78.15 26.66
C ILE D 309 37.69 -77.94 28.07
N GLU D 310 38.80 -77.20 28.22
CA GLU D 310 39.33 -76.94 29.55
C GLU D 310 38.36 -76.12 30.38
N LYS D 311 37.81 -75.04 29.79
CA LYS D 311 36.82 -74.24 30.51
C LYS D 311 35.57 -75.08 30.80
N ALA D 312 35.19 -75.95 29.87
CA ALA D 312 33.99 -76.76 30.07
C ALA D 312 34.19 -77.76 31.20
N ALA D 313 35.32 -78.47 31.20
CA ALA D 313 35.59 -79.44 32.25
C ALA D 313 35.61 -78.76 33.62
N CYS D 314 36.18 -77.56 33.72
CA CYS D 314 36.22 -76.86 34.99
C CYS D 314 34.83 -76.41 35.42
N ASP D 315 34.04 -75.86 34.49
CA ASP D 315 32.70 -75.41 34.85
C ASP D 315 31.81 -76.58 35.24
N ILE D 316 31.94 -77.72 34.56
CA ILE D 316 31.04 -78.85 34.82
C ILE D 316 31.26 -79.40 36.22
N VAL D 317 32.51 -79.67 36.58
CA VAL D 317 32.78 -80.21 37.91
C VAL D 317 32.28 -79.24 38.98
N ASN D 318 32.53 -77.94 38.79
CA ASN D 318 32.13 -76.96 39.79
C ASN D 318 30.62 -76.89 39.93
N GLY D 319 29.88 -76.89 38.83
CA GLY D 319 28.43 -76.84 38.91
C GLY D 319 27.83 -78.13 39.43
N CYS D 320 28.39 -79.27 39.00
CA CYS D 320 27.86 -80.56 39.43
C CYS D 320 28.10 -80.80 40.92
N SER D 321 29.30 -80.45 41.40
CA SER D 321 29.66 -80.72 42.79
C SER D 321 29.16 -79.62 43.75
N PHE D 322 28.66 -78.51 43.24
CA PHE D 322 28.22 -77.42 44.10
C PHE D 322 27.10 -77.88 45.01
N ASP D 323 27.33 -77.79 46.32
CA ASP D 323 26.39 -78.27 47.33
C ASP D 323 26.10 -79.76 47.16
N ASN D 324 27.08 -80.50 46.64
CA ASN D 324 26.94 -81.94 46.43
C ASN D 324 25.75 -82.27 45.53
N ASN D 325 25.46 -81.38 44.58
CA ASN D 325 24.53 -81.63 43.48
C ASN D 325 23.06 -81.60 43.89
N ILE D 326 22.72 -81.01 45.04
CA ILE D 326 21.33 -80.99 45.47
C ILE D 326 20.55 -79.82 44.87
N THR D 327 21.21 -78.74 44.49
CA THR D 327 20.52 -77.63 43.84
C THR D 327 19.80 -78.14 42.59
N CYS D 328 18.52 -77.80 42.48
CA CYS D 328 17.67 -78.39 41.45
C CYS D 328 18.21 -78.18 40.04
N THR D 329 19.06 -77.19 39.84
CA THR D 329 19.55 -76.83 38.50
C THR D 329 20.91 -77.43 38.16
N ALA D 330 21.52 -78.18 39.09
CA ALA D 330 22.89 -78.65 38.90
C ALA D 330 22.97 -79.69 37.79
N GLU D 331 24.15 -79.78 37.16
CA GLU D 331 24.39 -80.78 36.13
C GLU D 331 24.23 -82.18 36.71
N LYS D 332 23.52 -83.05 35.97
CA LYS D 332 23.29 -84.42 36.43
C LYS D 332 23.54 -85.46 35.33
N GLU D 333 24.04 -85.06 34.17
CA GLU D 333 24.51 -86.01 33.17
C GLU D 333 25.17 -85.24 32.03
N ILE D 334 26.22 -85.81 31.44
CA ILE D 334 26.97 -85.21 30.35
C ILE D 334 26.61 -85.92 29.05
N ILE D 335 26.40 -85.13 28.00
CA ILE D 335 26.24 -85.63 26.64
C ILE D 335 27.34 -85.00 25.81
N ALA D 336 28.34 -85.80 25.43
CA ALA D 336 29.55 -85.30 24.79
C ALA D 336 29.65 -85.82 23.37
N VAL D 337 29.98 -84.93 22.43
CA VAL D 337 30.27 -85.34 21.06
C VAL D 337 31.56 -86.15 21.03
N ALA D 338 31.60 -87.14 20.19
CA ALA D 338 32.65 -88.11 20.20
C ALA D 338 34.02 -87.60 20.01
N GLN D 339 34.22 -86.64 19.13
CA GLN D 339 35.53 -86.13 18.89
C GLN D 339 36.20 -85.53 20.09
N ILE D 340 35.45 -84.90 20.98
CA ILE D 340 36.01 -84.33 22.16
C ILE D 340 35.75 -85.08 23.44
N ALA D 341 35.18 -86.25 23.39
CA ALA D 341 34.77 -86.92 24.63
C ALA D 341 35.97 -87.33 25.47
N ASP D 342 36.98 -87.94 24.84
CA ASP D 342 38.15 -88.38 25.58
C ASP D 342 38.90 -87.18 26.17
N TYR D 343 39.10 -86.13 25.37
CA TYR D 343 39.78 -84.94 25.88
C TYR D 343 38.96 -84.26 26.97
N LEU D 344 37.63 -84.37 26.91
CA LEU D 344 36.80 -83.86 27.99
C LEU D 344 36.96 -84.69 29.25
N ILE D 345 36.86 -86.01 29.13
CA ILE D 345 37.09 -86.88 30.27
C ILE D 345 38.47 -86.63 30.87
N PHE D 346 39.49 -86.52 30.01
CA PHE D 346 40.84 -86.25 30.49
C PHE D 346 40.87 -84.99 31.35
N ASN D 347 40.24 -83.92 30.87
CA ASN D 347 40.26 -82.67 31.61
C ASN D 347 39.32 -82.68 32.81
N LEU D 348 38.23 -83.45 32.75
CA LEU D 348 37.37 -83.59 33.91
C LEU D 348 38.14 -84.19 35.08
N LYS D 349 39.01 -85.16 34.79
CA LYS D 349 39.82 -85.77 35.85
C LYS D 349 40.82 -84.79 36.41
N LYS D 350 41.34 -83.88 35.58
CA LYS D 350 42.30 -82.88 36.06
C LYS D 350 41.64 -81.78 36.88
N ASN D 351 40.30 -81.73 36.93
CA ASN D 351 39.59 -80.76 37.75
C ASN D 351 38.81 -81.42 38.90
N GLY D 352 39.08 -82.69 39.19
CA GLY D 352 38.55 -83.30 40.40
C GLY D 352 37.57 -84.43 40.16
N ALA D 353 37.68 -85.09 39.01
CA ALA D 353 36.77 -86.17 38.66
C ALA D 353 37.48 -87.50 38.85
N TYR D 354 36.88 -88.38 39.66
CA TYR D 354 37.35 -89.75 39.82
C TYR D 354 36.62 -90.62 38.81
N GLU D 355 37.32 -91.02 37.74
CA GLU D 355 36.70 -91.83 36.70
C GLU D 355 36.63 -93.29 37.14
N ILE D 356 35.45 -93.89 36.98
CA ILE D 356 35.25 -95.31 37.23
C ILE D 356 35.24 -96.03 35.90
N LYS D 357 36.15 -96.99 35.74
CA LYS D 357 36.21 -97.82 34.54
C LYS D 357 35.98 -99.30 34.83
N ASP D 358 36.09 -99.74 36.08
CA ASP D 358 35.86 -101.13 36.45
C ASP D 358 34.36 -101.33 36.64
N PRO D 359 33.67 -102.00 35.69
CA PRO D 359 32.21 -102.15 35.86
C PRO D 359 31.83 -102.80 37.17
N ALA D 360 32.69 -103.66 37.73
CA ALA D 360 32.41 -104.25 39.03
C ALA D 360 32.31 -103.18 40.10
N VAL D 361 33.11 -102.12 40.01
CA VAL D 361 33.03 -101.03 40.97
C VAL D 361 31.78 -100.19 40.71
N LEU D 362 31.47 -99.94 39.44
CA LEU D 362 30.23 -99.24 39.11
C LEU D 362 29.03 -99.96 39.70
N GLN D 363 28.99 -101.28 39.55
CA GLN D 363 27.87 -102.05 40.09
C GLN D 363 27.78 -101.90 41.61
N GLN D 364 28.91 -101.69 42.28
CA GLN D 364 28.87 -101.40 43.72
C GLN D 364 28.17 -100.06 43.96
N LEU D 365 28.58 -99.02 43.23
CA LEU D 365 27.98 -97.71 43.40
C LEU D 365 26.47 -97.76 43.13
N GLN D 366 26.06 -98.51 42.11
CA GLN D 366 24.63 -98.65 41.83
C GLN D 366 23.90 -99.24 43.03
N ASP D 367 24.45 -100.29 43.63
CA ASP D 367 23.80 -100.93 44.77
C ASP D 367 23.76 -100.00 45.98
N LEU D 368 24.70 -99.07 46.09
CA LEU D 368 24.75 -98.18 47.23
C LEU D 368 23.73 -97.05 47.11
N VAL D 369 23.73 -96.35 45.96
CA VAL D 369 23.04 -95.09 45.83
C VAL D 369 21.65 -95.25 45.22
N LEU D 370 21.17 -96.48 45.07
CA LEU D 370 19.85 -96.73 44.49
C LEU D 370 19.02 -97.59 45.43
N THR D 371 17.71 -97.56 45.21
CA THR D 371 16.76 -98.39 45.94
C THR D 371 16.41 -99.62 45.11
N ALA D 372 15.66 -100.53 45.73
CA ALA D 372 15.21 -101.73 45.02
C ALA D 372 14.42 -101.36 43.77
N LYS D 373 13.63 -100.28 43.85
CA LYS D 373 12.83 -99.87 42.71
C LYS D 373 13.70 -99.35 41.57
N GLY D 374 14.73 -98.58 41.90
CA GLY D 374 15.63 -98.05 40.91
C GLY D 374 15.81 -96.54 41.00
N GLY D 375 15.30 -95.96 42.08
CA GLY D 375 15.38 -94.52 42.28
C GLY D 375 16.46 -94.15 43.26
N PRO D 376 16.71 -92.84 43.41
CA PRO D 376 17.79 -92.39 44.30
C PRO D 376 17.55 -92.83 45.74
N GLN D 377 18.62 -93.25 46.40
CA GLN D 377 18.58 -93.67 47.79
C GLN D 377 18.73 -92.44 48.68
N THR D 378 17.75 -92.21 49.55
CA THR D 378 17.69 -90.95 50.30
C THR D 378 18.87 -90.76 51.25
N LYS D 379 19.52 -91.84 51.68
CA LYS D 379 20.65 -91.71 52.59
C LYS D 379 21.90 -91.20 51.89
N CYS D 380 22.00 -91.36 50.57
CA CYS D 380 23.16 -90.91 49.82
C CYS D 380 22.99 -89.52 49.21
N VAL D 381 21.75 -89.03 49.11
CA VAL D 381 21.51 -87.72 48.52
C VAL D 381 22.27 -86.66 49.31
N GLY D 382 23.07 -85.87 48.60
CA GLY D 382 23.75 -84.75 49.20
C GLY D 382 25.09 -85.03 49.82
N LYS D 383 25.62 -86.24 49.66
CA LYS D 383 26.92 -86.59 50.24
C LYS D 383 28.03 -86.28 49.25
N SER D 384 29.19 -85.90 49.79
CA SER D 384 30.33 -85.57 48.95
C SER D 384 30.80 -86.80 48.18
N ALA D 385 31.57 -86.54 47.12
CA ALA D 385 32.15 -87.63 46.35
C ALA D 385 33.10 -88.46 47.21
N VAL D 386 33.88 -87.79 48.06
CA VAL D 386 34.77 -88.51 48.98
C VAL D 386 33.96 -89.46 49.84
N TRP D 387 32.82 -88.99 50.36
CA TRP D 387 31.99 -89.84 51.21
C TRP D 387 31.43 -91.03 50.43
N LEU D 388 30.84 -90.76 49.26
CA LEU D 388 30.23 -91.83 48.48
C LEU D 388 31.26 -92.88 48.05
N LEU D 389 32.51 -92.46 47.82
CA LEU D 389 33.53 -93.40 47.38
C LEU D 389 33.99 -94.30 48.53
N SER D 390 34.09 -93.75 49.75
CA SER D 390 34.52 -94.56 50.88
C SER D 390 33.50 -95.65 51.19
N GLN D 391 32.24 -95.44 50.84
CA GLN D 391 31.21 -96.45 51.09
C GLN D 391 31.30 -97.65 50.16
N ILE D 392 32.33 -97.70 49.31
CA ILE D 392 32.58 -98.88 48.49
C ILE D 392 34.09 -99.17 48.52
N GLY D 393 34.73 -98.85 49.64
CA GLY D 393 36.13 -99.17 49.83
C GLY D 393 37.09 -98.44 48.92
N ILE D 394 36.86 -97.16 48.69
CA ILE D 394 37.75 -96.35 47.85
C ILE D 394 38.04 -95.06 48.62
N SER D 395 39.31 -94.84 48.92
CA SER D 395 39.74 -93.67 49.69
C SER D 395 40.36 -92.64 48.77
N VAL D 396 39.88 -91.40 48.85
CA VAL D 396 40.41 -90.29 48.08
C VAL D 396 40.39 -89.04 48.95
N ASP D 397 41.16 -88.03 48.54
CA ASP D 397 41.30 -86.81 49.31
C ASP D 397 40.26 -85.78 48.86
N ALA D 398 40.34 -84.58 49.44
CA ALA D 398 39.35 -83.54 49.22
C ALA D 398 39.44 -82.91 47.84
N SER D 399 40.35 -83.35 46.97
CA SER D 399 40.45 -82.81 45.63
C SER D 399 39.45 -83.44 44.67
N ILE D 400 39.01 -84.66 44.95
CA ILE D 400 38.01 -85.33 44.13
C ILE D 400 36.64 -84.73 44.45
N LYS D 401 36.00 -84.13 43.45
CA LYS D 401 34.72 -83.46 43.63
C LYS D 401 33.54 -84.27 43.11
N ILE D 402 33.69 -84.96 41.98
CA ILE D 402 32.61 -85.73 41.38
C ILE D 402 33.11 -87.13 41.08
N ILE D 403 32.16 -88.03 40.82
CA ILE D 403 32.44 -89.40 40.40
C ILE D 403 31.96 -89.54 38.96
N LEU D 404 32.91 -89.78 38.05
CA LEU D 404 32.63 -89.79 36.62
C LEU D 404 32.58 -91.22 36.10
N MET D 405 31.75 -91.42 35.08
CA MET D 405 31.66 -92.72 34.40
C MET D 405 30.93 -92.53 33.08
N GLU D 406 31.37 -93.26 32.06
CA GLU D 406 30.77 -93.22 30.73
C GLU D 406 29.89 -94.46 30.56
N VAL D 407 28.58 -94.24 30.62
CA VAL D 407 27.61 -95.34 30.53
C VAL D 407 26.73 -95.13 29.31
N PRO D 408 25.95 -96.13 28.89
CA PRO D 408 25.00 -95.91 27.79
C PRO D 408 23.81 -95.08 28.25
N ARG D 409 23.00 -94.68 27.26
CA ARG D 409 21.91 -93.75 27.52
C ARG D 409 20.93 -94.29 28.54
N GLU D 410 20.72 -95.60 28.56
CA GLU D 410 19.69 -96.23 29.37
C GLU D 410 20.11 -96.42 30.82
N HIS D 411 21.32 -96.00 31.19
CA HIS D 411 21.84 -96.27 32.52
C HIS D 411 21.03 -95.53 33.58
N PRO D 412 20.82 -96.13 34.76
CA PRO D 412 20.01 -95.46 35.79
C PRO D 412 20.54 -94.11 36.22
N PHE D 413 21.83 -93.96 36.25
CA PHE D 413 22.36 -92.72 36.71
C PHE D 413 21.93 -91.62 35.83
N VAL D 414 21.94 -91.89 34.55
CA VAL D 414 21.57 -90.92 33.59
C VAL D 414 20.13 -90.53 33.65
N GLN D 415 19.28 -91.52 33.80
CA GLN D 415 17.85 -91.36 33.82
C GLN D 415 17.22 -90.92 35.09
N GLU D 416 17.97 -90.90 36.15
CA GLU D 416 17.41 -90.55 37.44
C GLU D 416 18.04 -89.25 37.94
N GLU D 417 17.22 -88.44 38.62
CA GLU D 417 17.70 -87.23 39.28
C GLU D 417 18.37 -87.65 40.58
N LEU D 418 19.63 -88.06 40.46
CA LEU D 418 20.35 -88.61 41.60
C LEU D 418 20.48 -87.58 42.73
N MET D 419 20.82 -86.35 42.39
CA MET D 419 21.14 -85.32 43.39
C MET D 419 22.34 -85.73 44.22
N MET D 420 23.36 -86.24 43.56
CA MET D 420 24.62 -86.64 44.17
C MET D 420 25.73 -86.33 43.18
N PRO D 421 26.93 -85.98 43.66
CA PRO D 421 28.03 -85.69 42.73
C PRO D 421 28.47 -86.92 41.94
N ILE D 422 27.52 -87.56 41.25
CA ILE D 422 27.76 -88.73 40.43
C ILE D 422 27.35 -88.35 39.02
N LEU D 423 28.33 -88.07 38.17
CA LEU D 423 28.07 -87.48 36.86
C LEU D 423 28.34 -88.49 35.76
N PRO D 424 27.31 -89.10 35.17
CA PRO D 424 27.53 -90.00 34.04
C PRO D 424 27.68 -89.23 32.73
N LEU D 425 28.43 -89.82 31.81
CA LEU D 425 28.68 -89.25 30.50
C LEU D 425 28.16 -90.19 29.42
N VAL D 426 27.53 -89.62 28.41
CA VAL D 426 27.04 -90.38 27.25
C VAL D 426 27.71 -89.82 26.01
N ARG D 427 28.39 -90.69 25.26
CA ARG D 427 29.08 -90.29 24.04
C ARG D 427 28.12 -90.40 22.87
N VAL D 428 28.12 -89.36 22.01
CA VAL D 428 27.27 -89.31 20.84
C VAL D 428 28.12 -88.87 19.65
N GLU D 429 27.59 -89.09 18.45
CA GLU D 429 28.39 -88.92 17.24
C GLU D 429 28.46 -87.46 16.81
N THR D 430 27.32 -86.77 16.76
CA THR D 430 27.27 -85.40 16.30
C THR D 430 26.57 -84.54 17.34
N VAL D 431 26.74 -83.22 17.20
CA VAL D 431 26.09 -82.29 18.13
C VAL D 431 24.57 -82.41 18.02
N ASP D 432 24.05 -82.70 16.83
CA ASP D 432 22.62 -82.87 16.67
C ASP D 432 22.11 -84.06 17.48
N ASP D 433 22.84 -85.18 17.44
CA ASP D 433 22.47 -86.32 18.28
C ASP D 433 22.44 -85.92 19.75
N ALA D 434 23.40 -85.09 20.17
CA ALA D 434 23.47 -84.70 21.57
C ALA D 434 22.26 -83.87 21.97
N ILE D 435 21.84 -82.95 21.09
CA ILE D 435 20.67 -82.13 21.40
C ILE D 435 19.42 -82.99 21.48
N ASP D 436 19.24 -83.88 20.51
CA ASP D 436 18.09 -84.80 20.53
C ASP D 436 18.08 -85.60 21.81
N LEU D 437 19.22 -86.19 22.19
CA LEU D 437 19.29 -86.96 23.42
C LEU D 437 19.11 -86.06 24.64
N ALA D 438 19.67 -84.84 24.60
CA ALA D 438 19.50 -83.92 25.71
C ALA D 438 18.03 -83.70 26.02
N ILE D 439 17.23 -83.43 24.98
CA ILE D 439 15.79 -83.26 25.16
C ILE D 439 15.19 -84.54 25.73
N GLU D 440 15.49 -85.67 25.10
CA GLU D 440 14.97 -86.96 25.56
C GLU D 440 15.28 -87.18 27.03
N VAL D 441 16.53 -86.96 27.43
CA VAL D 441 16.94 -87.24 28.80
C VAL D 441 16.40 -86.22 29.79
N GLU D 442 16.01 -85.03 29.32
CA GLU D 442 15.48 -84.01 30.22
C GLU D 442 14.11 -84.36 30.76
N HIS D 443 13.43 -85.34 30.15
CA HIS D 443 12.17 -85.88 30.67
C HIS D 443 11.05 -84.85 30.66
N ASP D 444 11.14 -83.87 29.76
CA ASP D 444 10.10 -82.86 29.58
C ASP D 444 9.79 -82.09 30.86
N ASN D 445 10.68 -82.13 31.85
CA ASN D 445 10.53 -81.28 33.02
C ASN D 445 10.73 -79.80 32.66
N ARG D 446 11.39 -79.53 31.53
CA ARG D 446 11.64 -78.17 31.07
C ARG D 446 12.15 -77.29 32.21
N HIS D 447 13.12 -77.83 32.95
CA HIS D 447 13.69 -77.15 34.11
C HIS D 447 14.99 -76.44 33.73
N THR D 448 16.07 -77.19 33.56
CA THR D 448 17.38 -76.60 33.30
C THR D 448 18.12 -77.42 32.26
N ALA D 449 18.98 -76.74 31.50
CA ALA D 449 19.86 -77.38 30.53
C ALA D 449 21.08 -76.50 30.33
N ILE D 450 22.22 -77.14 30.06
CA ILE D 450 23.49 -76.43 29.91
C ILE D 450 24.13 -76.90 28.62
N MET D 451 24.85 -75.97 27.96
CA MET D 451 25.58 -76.30 26.75
C MET D 451 26.91 -75.57 26.73
N HIS D 452 27.96 -76.25 26.28
CA HIS D 452 29.28 -75.67 26.08
C HIS D 452 29.59 -75.71 24.60
N SER D 453 29.66 -74.54 23.98
CA SER D 453 29.90 -74.41 22.55
C SER D 453 30.20 -72.95 22.26
N THR D 454 30.91 -72.71 21.17
CA THR D 454 31.16 -71.37 20.67
C THR D 454 30.44 -71.09 19.37
N ASP D 455 29.82 -72.10 18.76
CA ASP D 455 29.09 -71.91 17.52
C ASP D 455 27.73 -71.28 17.84
N VAL D 456 27.60 -69.99 17.54
CA VAL D 456 26.37 -69.28 17.85
C VAL D 456 25.17 -69.99 17.26
N ARG D 457 25.34 -70.67 16.13
CA ARG D 457 24.22 -71.37 15.51
C ARG D 457 23.79 -72.58 16.33
N LYS D 458 24.75 -73.36 16.83
CA LYS D 458 24.41 -74.55 17.60
C LYS D 458 23.91 -74.18 18.99
N LEU D 459 24.53 -73.18 19.63
CA LEU D 459 24.00 -72.66 20.89
C LEU D 459 22.53 -72.32 20.74
N THR D 460 22.17 -71.64 19.64
CA THR D 460 20.79 -71.25 19.41
C THR D 460 19.89 -72.47 19.25
N LYS D 461 20.33 -73.45 18.47
CA LYS D 461 19.47 -74.59 18.17
C LYS D 461 19.04 -75.33 19.43
N MET D 462 19.98 -75.54 20.36
CA MET D 462 19.64 -76.31 21.56
C MET D 462 18.77 -75.48 22.51
N ALA D 463 19.05 -74.18 22.65
CA ALA D 463 18.21 -73.34 23.48
C ALA D 463 16.78 -73.30 22.98
N LYS D 464 16.62 -73.15 21.65
CA LYS D 464 15.28 -73.07 21.08
C LYS D 464 14.51 -74.36 21.27
N LEU D 465 15.18 -75.51 21.11
CA LEU D 465 14.47 -76.78 21.07
C LEU D 465 14.18 -77.37 22.44
N ILE D 466 15.13 -77.30 23.39
CA ILE D 466 14.93 -78.00 24.66
C ILE D 466 13.89 -77.29 25.50
N GLN D 467 13.76 -75.97 25.35
CA GLN D 467 12.64 -75.22 25.94
C GLN D 467 12.59 -75.38 27.46
N THR D 468 13.73 -75.17 28.11
CA THR D 468 13.81 -75.24 29.56
C THR D 468 13.61 -73.85 30.17
N THR D 469 13.16 -73.85 31.43
CA THR D 469 13.02 -72.59 32.15
C THR D 469 14.35 -71.85 32.26
N ILE D 470 15.43 -72.59 32.46
CA ILE D 470 16.77 -72.01 32.55
C ILE D 470 17.67 -72.70 31.53
N PHE D 471 18.44 -71.91 30.79
CA PHE D 471 19.42 -72.44 29.85
C PHE D 471 20.72 -71.67 30.04
N VAL D 472 21.81 -72.39 30.25
CA VAL D 472 23.11 -71.80 30.55
C VAL D 472 24.08 -72.19 29.45
N LYS D 473 24.78 -71.20 28.89
CA LYS D 473 25.74 -71.43 27.82
C LYS D 473 27.13 -71.07 28.31
N ASN D 474 28.04 -72.03 28.25
CA ASN D 474 29.47 -71.80 28.50
C ASN D 474 29.70 -71.32 29.93
N GLY D 475 29.07 -72.00 30.88
CA GLY D 475 29.23 -71.70 32.28
C GLY D 475 28.69 -72.81 33.16
N PRO D 476 28.99 -72.74 34.46
CA PRO D 476 28.39 -73.71 35.39
C PRO D 476 26.90 -73.46 35.54
N SER D 477 26.17 -74.54 35.80
CA SER D 477 24.72 -74.45 35.89
C SER D 477 24.27 -73.34 36.83
N TYR D 478 24.92 -73.21 37.97
CA TYR D 478 24.44 -72.24 38.94
C TYR D 478 24.58 -70.80 38.48
N ALA D 479 25.15 -70.57 37.28
CA ALA D 479 25.10 -69.23 36.67
C ALA D 479 23.68 -68.80 36.32
N GLY D 480 22.75 -69.76 36.24
CA GLY D 480 21.35 -69.42 36.03
C GLY D 480 20.66 -68.90 37.27
N HIS D 481 21.20 -69.20 38.46
CA HIS D 481 20.66 -68.66 39.70
C HIS D 481 21.12 -67.24 39.99
N GLY D 482 21.87 -66.62 39.07
CA GLY D 482 22.38 -65.29 39.27
C GLY D 482 23.79 -65.22 39.83
N ALA D 483 24.36 -66.35 40.24
CA ALA D 483 25.74 -66.41 40.73
C ALA D 483 26.63 -66.83 39.57
N GLY D 484 27.25 -65.85 38.91
CA GLY D 484 28.04 -66.09 37.73
C GLY D 484 27.37 -65.68 36.43
N GLY D 485 26.07 -65.38 36.47
CA GLY D 485 25.36 -64.89 35.31
C GLY D 485 24.56 -63.66 35.65
N GLU D 486 24.02 -63.02 34.61
CA GLU D 486 23.23 -61.82 34.78
C GLU D 486 21.83 -62.17 35.27
N GLY D 487 21.24 -61.23 36.00
CA GLY D 487 19.90 -61.40 36.55
C GLY D 487 19.93 -61.55 38.06
N TYR D 488 18.72 -61.67 38.61
CA TYR D 488 18.54 -61.85 40.04
C TYR D 488 18.55 -63.34 40.37
N SER D 489 18.46 -63.65 41.66
CA SER D 489 18.48 -65.03 42.12
C SER D 489 17.11 -65.43 42.67
N THR D 490 16.82 -66.73 42.53
CA THR D 490 15.66 -67.32 43.17
C THR D 490 15.97 -68.78 43.44
N PHE D 491 15.26 -69.35 44.43
CA PHE D 491 15.34 -70.77 44.71
C PHE D 491 14.00 -71.46 44.53
N THR D 492 13.06 -70.80 43.87
CA THR D 492 11.81 -71.41 43.43
C THR D 492 11.69 -71.18 41.93
N ILE D 493 11.90 -72.23 41.14
CA ILE D 493 11.92 -72.15 39.68
C ILE D 493 10.72 -72.93 39.15
N ALA D 494 9.77 -72.21 38.56
CA ALA D 494 8.48 -72.78 38.17
C ALA D 494 8.53 -73.21 36.71
N GLY D 495 8.61 -74.52 36.48
CA GLY D 495 8.53 -75.06 35.15
C GLY D 495 7.11 -75.33 34.71
N PRO D 496 6.37 -76.10 35.51
CA PRO D 496 5.00 -76.45 35.12
C PRO D 496 4.06 -75.26 35.02
N THR D 497 4.03 -74.40 36.04
CA THR D 497 3.10 -73.28 36.04
C THR D 497 3.60 -72.08 35.23
N GLY D 498 4.87 -72.08 34.84
CA GLY D 498 5.36 -71.14 33.86
C GLY D 498 5.79 -69.78 34.37
N GLU D 499 5.87 -69.58 35.68
CA GLU D 499 6.29 -68.29 36.19
C GLU D 499 7.79 -68.04 35.96
N GLY D 500 8.58 -69.08 35.75
CA GLY D 500 10.02 -68.91 35.60
C GLY D 500 10.75 -68.76 36.92
N LEU D 501 11.68 -67.80 36.97
CA LEU D 501 12.44 -67.55 38.20
C LEU D 501 11.61 -66.62 39.07
N THR D 502 10.85 -67.20 40.01
CA THR D 502 9.86 -66.43 40.74
C THR D 502 10.51 -65.28 41.51
N SER D 503 9.71 -64.25 41.76
CA SER D 503 10.14 -63.08 42.52
C SER D 503 8.88 -62.40 43.06
N ALA D 504 9.05 -61.20 43.61
CA ALA D 504 7.90 -60.49 44.19
C ALA D 504 6.76 -60.37 43.18
N LYS D 505 7.09 -60.16 41.90
CA LYS D 505 6.05 -60.07 40.88
C LYS D 505 5.20 -61.33 40.87
N SER D 506 5.84 -62.51 40.88
CA SER D 506 5.12 -63.77 40.78
C SER D 506 4.09 -63.94 41.89
N PHE D 507 4.25 -63.23 43.00
CA PHE D 507 3.36 -63.38 44.16
C PHE D 507 2.39 -62.22 44.27
N ALA D 508 1.97 -61.64 43.14
CA ALA D 508 1.09 -60.50 43.13
C ALA D 508 0.03 -60.67 42.05
N ARG D 509 -1.08 -59.97 42.22
CA ARG D 509 -2.15 -59.91 41.23
C ARG D 509 -1.98 -58.66 40.37
N ARG D 510 -2.28 -58.78 39.09
CA ARG D 510 -2.23 -57.64 38.19
C ARG D 510 -3.55 -56.88 38.25
N ARG D 511 -3.45 -55.56 38.42
CA ARG D 511 -4.63 -54.71 38.55
C ARG D 511 -4.55 -53.56 37.57
N LYS D 512 -5.68 -53.24 36.96
CA LYS D 512 -5.80 -52.18 35.97
C LYS D 512 -6.65 -51.06 36.54
N CYS D 513 -6.15 -49.83 36.45
CA CYS D 513 -6.85 -48.64 36.91
C CYS D 513 -6.96 -47.68 35.74
N VAL D 514 -8.18 -47.31 35.37
CA VAL D 514 -8.44 -46.53 34.16
C VAL D 514 -9.03 -45.18 34.55
N MET D 515 -8.30 -44.12 34.26
CA MET D 515 -8.76 -42.74 34.48
C MET D 515 -9.23 -42.20 33.13
N VAL D 516 -10.54 -42.11 32.96
CA VAL D 516 -11.11 -41.83 31.65
C VAL D 516 -11.01 -40.35 31.33
N GLU D 517 -10.31 -40.03 30.24
CA GLU D 517 -10.23 -38.67 29.70
C GLU D 517 -9.66 -37.68 30.71
N ALA D 518 -8.60 -38.10 31.39
CA ALA D 518 -7.88 -37.22 32.30
C ALA D 518 -6.50 -37.82 32.56
N LEU D 519 -5.58 -36.96 32.99
CA LEU D 519 -4.19 -37.32 33.24
C LEU D 519 -3.44 -37.69 31.96
N ASN D 520 -3.99 -37.32 30.81
CA ASN D 520 -3.28 -37.40 29.54
C ASN D 520 -2.62 -36.05 29.30
N ILE D 521 -1.47 -35.90 29.89
CA ILE D 521 -0.80 -34.64 29.88
C ILE D 521 0.35 -34.51 28.94
N ARG D 522 0.40 -35.33 27.94
CA ARG D 522 1.47 -35.25 27.00
C ARG D 522 1.29 -34.04 26.14
N ALA E 82 15.21 19.94 -0.68
CA ALA E 82 15.20 18.62 -0.10
C ALA E 82 13.91 18.42 0.67
N ALA E 83 13.48 19.46 1.37
CA ALA E 83 12.27 19.41 2.15
C ALA E 83 11.47 20.66 1.92
N VAL E 84 10.16 20.54 2.05
CA VAL E 84 9.25 21.64 1.88
C VAL E 84 9.28 22.51 3.13
N SER E 85 9.29 23.82 2.94
CA SER E 85 9.36 24.77 4.04
C SER E 85 8.13 24.94 4.90
N ASP E 86 8.35 25.21 6.17
CA ASP E 86 7.23 25.45 7.07
C ASP E 86 6.90 26.93 7.20
N GLY E 87 7.57 27.79 6.44
CA GLY E 87 7.28 29.20 6.43
C GLY E 87 8.05 30.04 7.42
N VAL E 88 8.73 29.42 8.38
CA VAL E 88 9.43 30.15 9.44
C VAL E 88 10.92 30.14 9.11
N PHE E 89 11.52 31.33 9.10
CA PHE E 89 12.91 31.52 8.76
C PHE E 89 13.68 32.11 9.93
N GLU E 90 14.97 31.88 9.97
CA GLU E 90 15.81 32.45 10.99
C GLU E 90 16.01 33.94 10.88
N THR E 91 16.14 34.45 9.68
CA THR E 91 16.37 35.87 9.57
C THR E 91 15.34 36.49 8.71
N MET E 92 15.13 37.77 8.93
CA MET E 92 14.14 38.48 8.21
C MET E 92 14.54 38.44 6.76
N ASP E 93 15.80 38.63 6.46
CA ASP E 93 16.19 38.65 5.06
C ASP E 93 15.93 37.30 4.39
N ALA E 94 16.09 36.20 5.13
CA ALA E 94 15.80 34.89 4.55
C ALA E 94 14.31 34.75 4.26
N ALA E 95 13.45 35.28 5.13
CA ALA E 95 12.02 35.23 4.91
C ALA E 95 11.61 36.12 3.74
N VAL E 96 12.10 37.37 3.72
CA VAL E 96 11.75 38.28 2.64
C VAL E 96 12.22 37.73 1.31
N GLU E 97 13.49 37.31 1.22
CA GLU E 97 14.00 36.76 -0.03
C GLU E 97 13.22 35.53 -0.46
N ALA E 98 12.81 34.70 0.51
CA ALA E 98 11.99 33.54 0.19
C ALA E 98 10.64 33.96 -0.36
N ALA E 99 10.04 35.00 0.25
CA ALA E 99 8.72 35.46 -0.20
C ALA E 99 8.82 36.17 -1.53
N ALA E 100 9.93 36.85 -1.81
CA ALA E 100 10.09 37.51 -3.11
C ALA E 100 10.12 36.49 -4.24
N LEU E 101 10.76 35.34 -4.00
CA LEU E 101 10.74 34.28 -4.99
C LEU E 101 9.37 33.63 -5.07
N ALA E 102 8.69 33.51 -3.93
CA ALA E 102 7.34 32.93 -3.93
C ALA E 102 6.40 33.75 -4.79
N GLN E 103 6.44 35.07 -4.65
CA GLN E 103 5.53 35.93 -5.40
C GLN E 103 5.83 35.88 -6.90
N GLN E 104 7.11 35.74 -7.27
CA GLN E 104 7.44 35.54 -8.68
C GLN E 104 6.82 34.25 -9.19
N GLN E 105 6.99 33.15 -8.44
CA GLN E 105 6.35 31.89 -8.81
C GLN E 105 4.82 32.03 -8.77
N TYR E 106 4.31 32.86 -7.87
CA TYR E 106 2.86 33.02 -7.74
C TYR E 106 2.26 33.62 -9.01
N LEU E 107 2.98 34.55 -9.64
CA LEU E 107 2.45 35.22 -10.83
C LEU E 107 2.04 34.23 -11.92
N LEU E 108 2.66 33.06 -11.95
CA LEU E 108 2.35 32.07 -12.97
C LEU E 108 1.07 31.31 -12.66
N CYS E 109 0.52 31.45 -11.45
CA CYS E 109 -0.67 30.71 -11.07
C CYS E 109 -1.93 31.39 -11.60
N SER E 110 -3.00 30.61 -11.65
CA SER E 110 -4.29 31.07 -12.16
C SER E 110 -5.15 31.63 -11.04
N MET E 111 -6.16 32.41 -11.42
CA MET E 111 -7.13 32.88 -10.44
C MET E 111 -7.78 31.72 -9.70
N SER E 112 -7.93 30.57 -10.37
CA SER E 112 -8.41 29.37 -9.70
C SER E 112 -7.43 28.94 -8.60
N ASP E 113 -6.13 28.99 -8.88
CA ASP E 113 -5.14 28.67 -7.85
C ASP E 113 -5.29 29.61 -6.65
N ARG E 114 -5.30 30.91 -6.89
CA ARG E 114 -5.55 31.87 -5.82
C ARG E 114 -6.79 31.48 -5.01
N ALA E 115 -7.83 31.02 -5.70
CA ALA E 115 -9.07 30.66 -5.01
C ALA E 115 -8.84 29.48 -4.06
N ARG E 116 -8.16 28.44 -4.53
CA ARG E 116 -7.90 27.29 -3.68
C ARG E 116 -7.05 27.67 -2.48
N PHE E 117 -6.00 28.47 -2.71
CA PHE E 117 -5.14 28.89 -1.60
C PHE E 117 -5.93 29.70 -0.58
N VAL E 118 -6.73 30.66 -1.05
CA VAL E 118 -7.59 31.43 -0.15
C VAL E 118 -8.47 30.48 0.66
N GLN E 119 -9.16 29.58 -0.03
CA GLN E 119 -10.00 28.60 0.65
C GLN E 119 -9.17 27.75 1.62
N GLY E 120 -7.93 27.44 1.24
CA GLY E 120 -7.08 26.68 2.13
C GLY E 120 -6.89 27.37 3.47
N ILE E 121 -6.53 28.66 3.45
CA ILE E 121 -6.39 29.42 4.68
C ILE E 121 -7.69 29.38 5.48
N ARG E 122 -8.83 29.58 4.80
CA ARG E 122 -10.11 29.50 5.49
C ARG E 122 -10.26 28.16 6.20
N ASP E 123 -9.86 27.07 5.53
CA ASP E 123 -10.04 25.74 6.11
C ASP E 123 -9.18 25.56 7.35
N VAL E 124 -7.98 26.16 7.37
CA VAL E 124 -7.10 26.00 8.53
C VAL E 124 -7.74 26.61 9.77
N ILE E 125 -8.11 27.90 9.69
CA ILE E 125 -8.58 28.60 10.88
C ILE E 125 -10.00 28.15 11.24
N LEU E 126 -10.78 27.71 10.27
CA LEU E 126 -12.15 27.27 10.52
C LEU E 126 -12.25 25.82 10.96
N ASN E 127 -11.18 25.04 10.81
CA ASN E 127 -11.14 23.71 11.41
C ASN E 127 -11.41 23.83 12.91
N GLN E 128 -12.37 23.04 13.40
CA GLN E 128 -12.86 23.24 14.75
C GLN E 128 -11.74 23.15 15.78
N ASP E 129 -10.87 22.15 15.65
CA ASP E 129 -9.81 21.96 16.64
C ASP E 129 -8.77 23.07 16.55
N THR E 130 -8.41 23.48 15.32
CA THR E 130 -7.48 24.60 15.17
C THR E 130 -8.10 25.90 15.67
N LEU E 131 -9.39 26.12 15.38
CA LEU E 131 -10.07 27.32 15.86
C LEU E 131 -10.00 27.41 17.38
N GLU E 132 -10.34 26.31 18.07
CA GLU E 132 -10.30 26.31 19.52
C GLU E 132 -8.87 26.49 20.04
N LYS E 133 -7.91 25.78 19.44
CA LYS E 133 -6.53 25.91 19.90
C LYS E 133 -6.00 27.32 19.67
N MET E 134 -6.26 27.90 18.50
CA MET E 134 -5.80 29.26 18.22
C MET E 134 -6.41 30.25 19.20
N SER E 135 -7.70 30.11 19.48
CA SER E 135 -8.36 31.03 20.40
C SER E 135 -7.82 30.87 21.82
N ARG E 136 -7.85 29.65 22.34
CA ARG E 136 -7.32 29.42 23.69
C ARG E 136 -5.86 29.83 23.77
N MET E 137 -5.05 29.36 22.81
CA MET E 137 -3.62 29.63 22.84
C MET E 137 -3.32 31.12 22.78
N ALA E 138 -4.10 31.87 22.00
CA ALA E 138 -3.84 33.30 21.87
C ALA E 138 -4.04 34.03 23.20
N VAL E 139 -5.12 33.72 23.91
CA VAL E 139 -5.42 34.45 25.15
C VAL E 139 -4.42 34.07 26.24
N GLU E 140 -4.04 32.79 26.30
CA GLU E 140 -3.06 32.37 27.30
C GLU E 140 -1.70 33.01 27.07
N GLU E 141 -1.28 33.14 25.82
CA GLU E 141 0.06 33.63 25.53
C GLU E 141 0.15 35.14 25.75
N THR E 142 -0.91 35.88 25.41
CA THR E 142 -0.89 37.32 25.53
C THR E 142 -1.53 37.83 26.81
N GLY E 143 -2.38 37.03 27.45
CA GLY E 143 -3.11 37.49 28.61
C GLY E 143 -4.21 38.48 28.32
N MET E 144 -4.52 38.70 27.04
CA MET E 144 -5.49 39.69 26.62
C MET E 144 -6.60 39.03 25.83
N GLY E 145 -7.83 39.42 26.12
CA GLY E 145 -8.98 38.90 25.41
C GLY E 145 -9.68 37.81 26.18
N ASN E 146 -10.66 37.20 25.51
CA ASN E 146 -11.52 36.18 26.09
C ASN E 146 -11.69 35.05 25.08
N TYR E 147 -11.57 33.81 25.57
CA TYR E 147 -11.56 32.65 24.69
C TYR E 147 -12.82 32.58 23.82
N GLU E 148 -13.99 32.60 24.46
CA GLU E 148 -15.24 32.44 23.72
C GLU E 148 -15.37 33.46 22.60
N HIS E 149 -14.96 34.71 22.86
CA HIS E 149 -15.09 35.75 21.84
C HIS E 149 -14.01 35.63 20.77
N LYS E 150 -12.84 35.07 21.09
CA LYS E 150 -11.84 34.80 20.06
C LYS E 150 -12.37 33.77 19.06
N LEU E 151 -13.12 32.78 19.54
CA LEU E 151 -13.76 31.84 18.64
C LEU E 151 -14.63 32.57 17.62
N ILE E 152 -15.35 33.60 18.08
CA ILE E 152 -16.20 34.37 17.18
C ILE E 152 -15.35 35.20 16.23
N LYS E 153 -14.31 35.86 16.75
CA LYS E 153 -13.51 36.75 15.92
C LYS E 153 -12.66 35.98 14.91
N ASN E 154 -12.10 34.84 15.31
CA ASN E 154 -11.34 34.03 14.36
C ASN E 154 -12.25 33.44 13.29
N ARG E 155 -13.40 32.90 13.70
CA ARG E 155 -14.39 32.44 12.74
C ARG E 155 -14.79 33.56 11.79
N LEU E 156 -14.90 34.78 12.32
CA LEU E 156 -15.28 35.92 11.48
C LEU E 156 -14.24 36.15 10.40
N ALA E 157 -12.96 36.21 10.78
CA ALA E 157 -11.90 36.43 9.80
C ALA E 157 -11.85 35.30 8.78
N GLY E 158 -12.18 34.08 9.19
CA GLY E 158 -12.14 32.97 8.25
C GLY E 158 -13.30 32.98 7.27
N GLU E 159 -14.50 33.32 7.76
CA GLU E 159 -15.70 33.22 6.92
C GLU E 159 -15.98 34.49 6.13
N LYS E 160 -15.69 35.67 6.69
CA LYS E 160 -16.17 36.93 6.12
C LYS E 160 -15.08 37.79 5.51
N THR E 161 -13.85 37.29 5.42
CA THR E 161 -12.79 38.05 4.74
C THR E 161 -12.92 37.87 3.24
N PRO E 162 -13.07 38.95 2.46
CA PRO E 162 -13.30 38.77 1.02
C PRO E 162 -12.13 38.09 0.32
N GLY E 163 -12.46 37.21 -0.62
CA GLY E 163 -11.48 36.53 -1.44
C GLY E 163 -11.27 37.21 -2.77
N ILE E 164 -11.01 36.40 -3.81
CA ILE E 164 -10.71 36.98 -5.11
C ILE E 164 -11.93 37.67 -5.73
N GLU E 165 -13.13 37.34 -5.26
CA GLU E 165 -14.32 38.03 -5.77
C GLU E 165 -14.24 39.53 -5.55
N ASP E 166 -13.41 39.98 -4.60
CA ASP E 166 -13.26 41.39 -4.32
C ASP E 166 -12.56 42.13 -5.44
N LEU E 167 -11.82 41.43 -6.30
CA LEU E 167 -11.03 42.05 -7.36
C LEU E 167 -11.89 42.23 -8.61
N THR E 168 -12.72 43.27 -8.56
CA THR E 168 -13.66 43.55 -9.63
C THR E 168 -12.98 44.23 -10.80
N THR E 169 -13.72 44.34 -11.91
CA THR E 169 -13.20 44.91 -13.15
C THR E 169 -14.13 45.99 -13.66
N ASP E 170 -13.58 47.18 -13.89
CA ASP E 170 -14.32 48.26 -14.50
C ASP E 170 -14.07 48.27 -16.01
N ALA E 171 -15.12 48.56 -16.76
CA ALA E 171 -15.03 48.61 -18.22
C ALA E 171 -15.79 49.82 -18.73
N PHE E 172 -15.17 50.53 -19.67
CA PHE E 172 -15.80 51.62 -20.40
C PHE E 172 -15.62 51.37 -21.89
N SER E 173 -16.72 51.37 -22.63
CA SER E 173 -16.68 51.10 -24.06
C SER E 173 -17.40 52.22 -24.80
N GLY E 174 -16.89 52.58 -25.97
CA GLY E 174 -17.46 53.62 -26.78
C GLY E 174 -16.77 53.71 -28.13
N ASP E 175 -16.80 54.89 -28.75
CA ASP E 175 -16.26 55.03 -30.08
C ASP E 175 -14.74 54.82 -30.11
N ASN E 176 -14.05 55.15 -29.04
CA ASN E 176 -12.60 55.00 -28.98
C ASN E 176 -12.16 53.59 -28.58
N GLY E 177 -13.09 52.64 -28.50
CA GLY E 177 -12.73 51.27 -28.17
C GLY E 177 -13.16 50.84 -26.79
N LEU E 178 -12.39 49.96 -26.15
CA LEU E 178 -12.68 49.45 -24.83
C LEU E 178 -11.54 49.81 -23.88
N THR E 179 -11.91 50.12 -22.62
CA THR E 179 -10.93 50.36 -21.57
C THR E 179 -11.30 49.52 -20.36
N LEU E 180 -10.34 48.74 -19.87
CA LEU E 180 -10.51 47.93 -18.68
C LEU E 180 -9.65 48.46 -17.56
N VAL E 181 -10.10 48.26 -16.33
CA VAL E 181 -9.36 48.60 -15.12
C VAL E 181 -9.34 47.37 -14.23
N GLU E 182 -8.13 46.91 -13.87
CA GLU E 182 -7.96 45.66 -13.14
C GLU E 182 -7.12 45.90 -11.90
N TYR E 183 -7.26 44.99 -10.93
CA TYR E 183 -6.49 45.01 -9.70
C TYR E 183 -5.38 43.96 -9.79
N SER E 184 -4.14 44.41 -9.94
CA SER E 184 -3.00 43.51 -10.08
C SER E 184 -2.13 43.51 -8.84
N PRO E 185 -1.26 42.52 -8.69
CA PRO E 185 -0.49 42.40 -7.44
C PRO E 185 0.49 43.53 -7.24
N PHE E 186 0.87 43.71 -5.98
CA PHE E 186 1.88 44.69 -5.59
C PHE E 186 3.28 44.07 -5.59
N GLY E 187 3.41 42.88 -5.02
CA GLY E 187 4.68 42.22 -4.85
C GLY E 187 4.77 41.55 -3.50
N VAL E 188 5.84 41.79 -2.77
CA VAL E 188 6.00 41.29 -1.41
C VAL E 188 5.46 42.34 -0.46
N ILE E 189 4.53 41.94 0.40
CA ILE E 189 3.93 42.83 1.39
C ILE E 189 4.47 42.47 2.76
N GLY E 190 4.86 43.47 3.53
CA GLY E 190 5.26 43.28 4.91
C GLY E 190 4.18 43.75 5.84
N ALA E 191 3.64 42.82 6.61
CA ALA E 191 2.52 43.07 7.50
C ALA E 191 2.98 42.97 8.95
N ILE E 192 2.51 43.90 9.78
CA ILE E 192 2.87 43.99 11.19
C ILE E 192 1.57 43.80 11.98
N THR E 193 1.45 42.67 12.67
CA THR E 193 0.20 42.34 13.36
C THR E 193 0.27 42.74 14.82
N PRO E 194 -0.85 43.19 15.39
CA PRO E 194 -0.84 43.63 16.78
C PRO E 194 -1.02 42.47 17.75
N THR E 195 -0.74 42.76 19.02
CA THR E 195 -0.83 41.73 20.05
C THR E 195 -2.28 41.41 20.41
N THR E 196 -3.18 42.40 20.30
CA THR E 196 -4.56 42.20 20.68
C THR E 196 -5.23 41.16 19.80
N ASN E 197 -5.07 41.29 18.48
CA ASN E 197 -5.72 40.42 17.51
C ASN E 197 -4.65 39.71 16.69
N PRO E 198 -3.89 38.81 17.32
CA PRO E 198 -2.74 38.20 16.63
C PRO E 198 -3.13 37.25 15.52
N THR E 199 -4.06 36.33 15.82
CA THR E 199 -4.47 35.35 14.82
C THR E 199 -5.47 35.95 13.83
N GLU E 200 -6.37 36.82 14.29
CA GLU E 200 -7.35 37.41 13.40
C GLU E 200 -6.67 38.24 12.32
N THR E 201 -5.71 39.08 12.70
CA THR E 201 -5.06 39.94 11.73
C THR E 201 -4.23 39.15 10.72
N ILE E 202 -3.70 38.00 11.12
CA ILE E 202 -2.93 37.18 10.19
C ILE E 202 -3.87 36.51 9.18
N VAL E 203 -4.95 35.90 9.68
CA VAL E 203 -5.92 35.29 8.78
C VAL E 203 -6.48 36.32 7.81
N CYS E 204 -6.89 37.48 8.34
CA CYS E 204 -7.51 38.50 7.49
C CYS E 204 -6.53 39.08 6.49
N ASN E 205 -5.27 39.30 6.91
CA ASN E 205 -4.28 39.87 6.02
C ASN E 205 -3.89 38.87 4.92
N SER E 206 -3.57 37.63 5.30
CA SER E 206 -3.04 36.68 4.33
C SER E 206 -4.08 36.34 3.26
N ILE E 207 -5.35 36.24 3.66
CA ILE E 207 -6.40 35.94 2.69
C ILE E 207 -6.48 37.06 1.65
N GLY E 208 -6.59 38.30 2.10
CA GLY E 208 -6.74 39.41 1.17
C GLY E 208 -5.51 39.62 0.33
N MET E 209 -4.33 39.42 0.92
CA MET E 209 -3.09 39.65 0.19
C MET E 209 -2.84 38.57 -0.85
N LEU E 210 -3.02 37.30 -0.47
CA LEU E 210 -2.87 36.22 -1.43
C LEU E 210 -3.94 36.30 -2.52
N ALA E 211 -5.15 36.73 -2.18
CA ALA E 211 -6.19 36.90 -3.18
C ALA E 211 -5.76 37.91 -4.25
N ALA E 212 -5.18 39.03 -3.83
CA ALA E 212 -4.67 40.01 -4.77
C ALA E 212 -3.38 39.59 -5.44
N GLY E 213 -2.85 38.40 -5.11
CA GLY E 213 -1.70 37.87 -5.81
C GLY E 213 -0.36 38.22 -5.22
N ASN E 214 -0.30 38.59 -3.94
CA ASN E 214 0.95 38.94 -3.29
C ASN E 214 1.43 37.78 -2.43
N SER E 215 2.64 37.95 -1.88
CA SER E 215 3.13 37.16 -0.77
C SER E 215 3.29 38.09 0.43
N VAL E 216 3.17 37.54 1.62
CA VAL E 216 3.16 38.32 2.85
C VAL E 216 4.31 37.86 3.74
N VAL E 217 5.03 38.82 4.30
CA VAL E 217 6.01 38.58 5.35
C VAL E 217 5.45 39.19 6.61
N PHE E 218 5.12 38.35 7.60
CA PHE E 218 4.53 38.80 8.84
C PHE E 218 5.62 39.05 9.88
N SER E 219 5.55 40.20 10.55
CA SER E 219 6.41 40.53 11.68
C SER E 219 5.52 40.70 12.90
N PRO E 220 5.13 39.59 13.56
CA PRO E 220 4.20 39.71 14.69
C PRO E 220 4.87 40.29 15.93
N HIS E 221 4.09 40.50 16.97
CA HIS E 221 4.63 40.93 18.25
C HIS E 221 5.09 39.71 19.04
N GLY E 222 6.05 39.95 19.94
CA GLY E 222 6.68 38.86 20.66
C GLY E 222 5.84 38.30 21.78
N ARG E 223 4.96 39.13 22.35
CA ARG E 223 4.01 38.62 23.32
C ARG E 223 3.05 37.61 22.70
N ALA E 224 2.98 37.56 21.37
CA ALA E 224 2.14 36.60 20.65
C ALA E 224 2.95 35.80 19.65
N ARG E 225 4.22 35.54 19.96
CA ARG E 225 5.11 34.86 19.03
C ARG E 225 4.66 33.41 18.80
N GLN E 226 4.36 32.69 19.88
CA GLN E 226 4.13 31.26 19.76
C GLN E 226 2.89 30.96 18.91
N VAL E 227 1.77 31.64 19.20
CA VAL E 227 0.54 31.36 18.47
C VAL E 227 0.65 31.86 17.03
N SER E 228 1.39 32.95 16.80
CA SER E 228 1.58 33.44 15.44
C SER E 228 2.35 32.43 14.60
N LEU E 229 3.48 31.94 15.12
CA LEU E 229 4.31 31.02 14.34
C LEU E 229 3.58 29.71 14.06
N LEU E 230 2.74 29.24 14.98
CA LEU E 230 1.99 28.01 14.74
C LEU E 230 1.01 28.21 13.60
N LEU E 231 0.37 29.38 13.53
CA LEU E 231 -0.59 29.64 12.46
C LEU E 231 0.12 29.75 11.11
N VAL E 232 1.29 30.39 11.08
CA VAL E 232 2.06 30.48 9.85
C VAL E 232 2.46 29.09 9.36
N ARG E 233 2.73 28.16 10.29
CA ARG E 233 3.15 26.82 9.90
C ARG E 233 1.97 26.02 9.35
N LEU E 234 0.83 26.06 10.03
CA LEU E 234 -0.35 25.36 9.54
C LEU E 234 -0.77 25.87 8.17
N ILE E 235 -0.60 27.17 7.92
CA ILE E 235 -0.94 27.73 6.61
C ILE E 235 -0.01 27.17 5.54
N ASN E 236 1.31 27.27 5.79
CA ASN E 236 2.26 26.71 4.84
C ASN E 236 2.03 25.22 4.62
N GLN E 237 1.57 24.51 5.65
CA GLN E 237 1.32 23.07 5.51
C GLN E 237 0.12 22.83 4.61
N LYS E 238 -0.97 23.57 4.83
CA LYS E 238 -2.15 23.41 3.98
C LYS E 238 -1.87 23.88 2.56
N LEU E 239 -1.17 25.00 2.40
CA LEU E 239 -0.84 25.47 1.06
C LEU E 239 0.04 24.48 0.32
N ALA E 240 1.00 23.87 1.03
CA ALA E 240 1.84 22.85 0.41
C ALA E 240 1.01 21.66 -0.06
N ALA E 241 0.00 21.28 0.73
CA ALA E 241 -0.90 20.20 0.32
C ALA E 241 -1.76 20.57 -0.88
N LEU E 242 -1.83 21.86 -1.24
CA LEU E 242 -2.56 22.30 -2.42
C LEU E 242 -1.63 22.66 -3.57
N GLY E 243 -0.34 22.43 -3.43
CA GLY E 243 0.60 22.69 -4.50
C GLY E 243 0.92 24.15 -4.70
N ALA E 244 0.80 24.96 -3.68
CA ALA E 244 1.13 26.37 -3.83
C ALA E 244 2.64 26.55 -3.86
N PRO E 245 3.13 27.59 -4.52
CA PRO E 245 4.55 27.93 -4.39
C PRO E 245 4.91 28.10 -2.92
N GLU E 246 6.10 27.60 -2.56
CA GLU E 246 6.52 27.64 -1.18
C GLU E 246 6.77 29.07 -0.72
N ASN E 247 6.43 29.35 0.54
CA ASN E 247 6.75 30.62 1.20
C ASN E 247 5.88 31.76 0.68
N LEU E 248 4.59 31.48 0.47
CA LEU E 248 3.63 32.55 0.19
C LEU E 248 3.33 33.36 1.45
N VAL E 249 3.38 32.72 2.61
CA VAL E 249 3.21 33.36 3.90
C VAL E 249 4.40 32.95 4.76
N VAL E 250 5.18 33.94 5.20
CA VAL E 250 6.43 33.67 5.91
C VAL E 250 6.49 34.55 7.16
N THR E 251 7.44 34.23 8.01
CA THR E 251 7.71 34.99 9.23
C THR E 251 9.03 34.49 9.80
N VAL E 252 9.48 35.15 10.87
CA VAL E 252 10.74 34.82 11.52
C VAL E 252 10.47 34.00 12.77
N GLU E 253 11.51 33.29 13.23
CA GLU E 253 11.37 32.42 14.38
C GLU E 253 11.40 33.18 15.71
N LYS E 254 12.05 34.34 15.73
CA LYS E 254 12.11 35.18 16.92
C LYS E 254 11.66 36.59 16.54
N PRO E 255 10.35 36.83 16.50
CA PRO E 255 9.85 38.17 16.18
C PRO E 255 10.35 39.17 17.21
N SER E 256 10.75 40.34 16.72
CA SER E 256 11.30 41.37 17.60
C SER E 256 11.10 42.72 16.92
N ARG E 257 11.39 43.78 17.69
CA ARG E 257 11.35 45.11 17.12
C ARG E 257 12.40 45.28 16.03
N GLU E 258 13.56 44.66 16.21
CA GLU E 258 14.63 44.79 15.22
C GLU E 258 14.23 44.17 13.89
N ASN E 259 13.62 42.99 13.91
CA ASN E 259 13.13 42.37 12.68
C ASN E 259 12.18 43.30 11.94
N THR E 260 11.28 43.89 12.69
CA THR E 260 10.32 44.75 12.08
C THR E 260 11.06 45.83 11.39
N LEU E 261 12.12 46.34 11.99
CA LEU E 261 12.88 47.37 11.32
C LEU E 261 13.55 46.87 10.08
N ALA E 262 14.02 45.65 10.11
CA ALA E 262 14.63 45.10 8.96
C ALA E 262 13.65 45.00 7.83
N MET E 263 12.44 44.55 8.11
CA MET E 263 11.41 44.44 7.11
C MET E 263 11.06 45.79 6.54
N MET E 264 10.99 46.79 7.37
CA MET E 264 10.69 48.10 6.87
C MET E 264 11.74 48.60 5.91
N ALA E 265 12.98 48.34 6.20
CA ALA E 265 14.12 48.67 5.36
C ALA E 265 14.33 47.88 4.09
N HIS E 266 14.07 46.60 4.14
CA HIS E 266 14.42 45.69 3.05
C HIS E 266 13.96 46.27 1.72
N PRO E 267 14.81 46.25 0.68
CA PRO E 267 14.40 46.86 -0.60
C PRO E 267 13.41 46.05 -1.40
N LYS E 268 13.30 44.74 -1.15
CA LYS E 268 12.37 43.91 -1.91
C LYS E 268 10.94 44.00 -1.38
N VAL E 269 10.76 44.42 -0.13
CA VAL E 269 9.42 44.66 0.39
C VAL E 269 8.79 45.80 -0.40
N ARG E 270 7.70 45.51 -1.10
CA ARG E 270 7.06 46.49 -1.97
C ARG E 270 6.03 47.34 -1.25
N MET E 271 5.40 46.81 -0.20
CA MET E 271 4.35 47.51 0.52
C MET E 271 4.36 47.08 1.98
N LEU E 272 4.08 48.03 2.87
CA LEU E 272 3.97 47.77 4.30
C LEU E 272 2.54 47.99 4.75
N VAL E 273 2.04 47.10 5.61
CA VAL E 273 0.70 47.24 6.20
C VAL E 273 0.86 47.16 7.71
N ALA E 274 0.52 48.26 8.38
CA ALA E 274 0.74 48.39 9.81
C ALA E 274 -0.61 48.38 10.53
N THR E 275 -0.80 47.40 11.42
CA THR E 275 -1.99 47.30 12.25
C THR E 275 -1.53 47.44 13.70
N GLY E 276 -1.54 48.67 14.20
CA GLY E 276 -1.07 48.94 15.54
C GLY E 276 -1.34 50.35 16.02
N GLY E 277 -0.42 50.89 16.82
CA GLY E 277 -0.61 52.19 17.42
C GLY E 277 -0.04 53.31 16.58
N PRO E 278 -0.18 54.54 17.05
CA PRO E 278 0.27 55.69 16.24
C PRO E 278 1.75 55.67 15.92
N ALA E 279 2.60 55.25 16.84
CA ALA E 279 4.04 55.20 16.58
C ALA E 279 4.35 54.34 15.38
N LEU E 280 3.75 53.14 15.33
CA LEU E 280 4.00 52.23 14.22
C LEU E 280 3.52 52.80 12.89
N VAL E 281 2.43 53.57 12.91
CA VAL E 281 1.90 54.12 11.67
C VAL E 281 2.84 55.19 11.12
N LYS E 282 3.34 56.08 11.98
CA LYS E 282 4.30 57.07 11.53
C LYS E 282 5.57 56.39 10.99
N ALA E 283 6.00 55.31 11.64
CA ALA E 283 7.21 54.61 11.22
C ALA E 283 7.08 54.13 9.78
N VAL E 284 6.11 53.27 9.51
CA VAL E 284 5.97 52.69 8.17
C VAL E 284 5.74 53.79 7.13
N LEU E 285 5.11 54.89 7.52
CA LEU E 285 4.94 56.01 6.61
C LEU E 285 6.21 56.81 6.39
N SER E 286 7.33 56.38 6.98
CA SER E 286 8.61 57.07 6.84
C SER E 286 9.66 56.21 6.16
N THR E 287 9.31 55.00 5.72
CA THR E 287 10.27 54.08 5.14
C THR E 287 10.54 54.35 3.67
N GLY E 288 9.96 55.38 3.09
CA GLY E 288 10.09 55.61 1.66
C GLY E 288 9.35 54.62 0.79
N LYS E 289 8.38 53.91 1.35
CA LYS E 289 7.66 52.86 0.66
C LYS E 289 6.16 53.09 0.80
N LYS E 290 5.38 52.39 -0.03
CA LYS E 290 3.93 52.42 0.09
C LYS E 290 3.53 51.72 1.39
N ALA E 291 2.71 52.38 2.20
CA ALA E 291 2.33 51.85 3.50
C ALA E 291 0.88 52.15 3.81
N ILE E 292 0.19 51.15 4.34
CA ILE E 292 -1.15 51.31 4.89
C ILE E 292 -1.02 51.40 6.40
N GLY E 293 -1.59 52.45 6.99
CA GLY E 293 -1.52 52.63 8.42
C GLY E 293 -2.86 52.53 9.11
N ALA E 294 -3.07 51.45 9.85
CA ALA E 294 -4.28 51.27 10.65
C ALA E 294 -3.98 51.74 12.07
N GLY E 295 -4.33 52.98 12.36
CA GLY E 295 -3.99 53.59 13.63
C GLY E 295 -4.92 53.18 14.75
N ALA E 296 -4.78 53.90 15.87
CA ALA E 296 -5.56 53.61 17.06
C ALA E 296 -6.85 54.43 17.06
N GLY E 297 -7.63 54.31 18.13
CA GLY E 297 -8.89 55.00 18.24
C GLY E 297 -9.46 55.01 19.64
N ASN E 298 -10.22 56.07 19.96
CA ASN E 298 -10.86 56.25 21.27
C ASN E 298 -12.36 56.42 21.03
N PRO E 299 -13.07 55.34 20.74
CA PRO E 299 -14.43 55.46 20.17
C PRO E 299 -15.44 55.96 21.19
N PRO E 300 -16.05 57.10 20.94
CA PRO E 300 -17.16 57.55 21.80
C PRO E 300 -18.49 56.96 21.35
N VAL E 301 -19.41 56.85 22.30
CA VAL E 301 -20.76 56.39 22.03
C VAL E 301 -21.72 57.40 22.63
N VAL E 302 -22.48 58.07 21.77
CA VAL E 302 -23.41 59.12 22.18
C VAL E 302 -24.80 58.51 22.31
N VAL E 303 -25.48 58.81 23.41
CA VAL E 303 -26.87 58.40 23.63
C VAL E 303 -27.68 59.66 23.89
N ASP E 304 -28.67 59.91 23.06
CA ASP E 304 -29.51 61.10 23.21
C ASP E 304 -30.88 60.70 23.74
N GLU E 305 -31.71 61.72 23.98
CA GLU E 305 -33.00 61.53 24.63
C GLU E 305 -34.05 60.92 23.72
N THR E 306 -33.71 60.56 22.48
CA THR E 306 -34.65 59.89 21.58
C THR E 306 -34.34 58.41 21.41
N ALA E 307 -33.32 57.90 22.09
CA ALA E 307 -32.90 56.52 21.92
C ALA E 307 -33.74 55.58 22.77
N ASN E 308 -33.81 54.32 22.32
CA ASN E 308 -34.33 53.23 23.14
C ASN E 308 -33.28 52.92 24.20
N ILE E 309 -33.46 53.46 25.40
CA ILE E 309 -32.41 53.41 26.40
C ILE E 309 -32.10 51.97 26.81
N GLU E 310 -33.14 51.16 26.99
CA GLU E 310 -32.92 49.75 27.33
C GLU E 310 -32.04 49.08 26.28
N LYS E 311 -32.39 49.24 25.00
CA LYS E 311 -31.62 48.59 23.93
C LYS E 311 -30.20 49.15 23.88
N ALA E 312 -30.06 50.48 23.98
CA ALA E 312 -28.74 51.09 23.94
C ALA E 312 -27.85 50.54 25.05
N ALA E 313 -28.39 50.34 26.24
CA ALA E 313 -27.60 49.80 27.34
C ALA E 313 -27.08 48.40 27.01
N CYS E 314 -27.92 47.55 26.43
CA CYS E 314 -27.47 46.22 26.04
C CYS E 314 -26.41 46.31 24.95
N ASP E 315 -26.63 47.15 23.95
CA ASP E 315 -25.67 47.28 22.86
C ASP E 315 -24.32 47.78 23.39
N ILE E 316 -24.35 48.72 24.33
CA ILE E 316 -23.10 49.32 24.81
C ILE E 316 -22.31 48.32 25.65
N VAL E 317 -22.99 47.61 26.55
CA VAL E 317 -22.30 46.61 27.37
C VAL E 317 -21.68 45.55 26.48
N ASN E 318 -22.47 45.02 25.54
CA ASN E 318 -21.97 43.95 24.68
C ASN E 318 -20.79 44.42 23.83
N GLY E 319 -20.90 45.62 23.25
CA GLY E 319 -19.82 46.12 22.42
C GLY E 319 -18.57 46.43 23.22
N CYS E 320 -18.73 47.00 24.41
CA CYS E 320 -17.58 47.35 25.23
C CYS E 320 -16.88 46.11 25.78
N SER E 321 -17.66 45.15 26.28
CA SER E 321 -17.09 43.99 26.95
C SER E 321 -16.62 42.91 25.98
N PHE E 322 -16.85 43.07 24.68
CA PHE E 322 -16.50 42.04 23.72
C PHE E 322 -14.99 41.93 23.60
N ASP E 323 -14.46 40.72 23.85
CA ASP E 323 -13.02 40.47 23.90
C ASP E 323 -12.34 41.38 24.92
N ASN E 324 -13.07 41.75 25.97
CA ASN E 324 -12.54 42.61 27.03
C ASN E 324 -12.00 43.91 26.46
N ASN E 325 -12.67 44.45 25.45
CA ASN E 325 -12.47 45.80 24.92
C ASN E 325 -11.24 45.96 24.05
N ILE E 326 -10.59 44.87 23.62
CA ILE E 326 -9.33 45.00 22.89
C ILE E 326 -9.52 45.19 21.39
N THR E 327 -10.74 45.13 20.88
CA THR E 327 -10.99 45.42 19.47
C THR E 327 -10.92 46.93 19.26
N CYS E 328 -10.20 47.35 18.23
CA CYS E 328 -9.95 48.78 18.04
C CYS E 328 -11.23 49.59 17.89
N THR E 329 -12.34 48.95 17.52
CA THR E 329 -13.60 49.65 17.31
C THR E 329 -14.48 49.71 18.56
N ALA E 330 -14.08 49.04 19.64
CA ALA E 330 -14.94 48.90 20.80
C ALA E 330 -15.21 50.24 21.48
N GLU E 331 -16.42 50.37 22.03
CA GLU E 331 -16.78 51.56 22.80
C GLU E 331 -15.84 51.72 23.99
N LYS E 332 -15.36 52.96 24.19
CA LYS E 332 -14.42 53.24 25.27
C LYS E 332 -14.76 54.49 26.07
N GLU E 333 -15.86 55.17 25.77
CA GLU E 333 -16.39 56.21 26.64
C GLU E 333 -17.81 56.56 26.20
N ILE E 334 -18.68 56.74 27.19
CA ILE E 334 -20.08 57.11 26.94
C ILE E 334 -20.22 58.62 27.05
N ILE E 335 -21.08 59.19 26.22
CA ILE E 335 -21.44 60.61 26.29
C ILE E 335 -22.96 60.67 26.24
N ALA E 336 -23.58 60.81 27.41
CA ALA E 336 -25.03 60.67 27.56
C ALA E 336 -25.66 62.03 27.83
N VAL E 337 -26.74 62.33 27.10
CA VAL E 337 -27.54 63.51 27.40
C VAL E 337 -28.12 63.36 28.80
N ALA E 338 -28.17 64.48 29.50
CA ALA E 338 -28.52 64.51 30.89
C ALA E 338 -29.85 64.00 31.29
N GLN E 339 -30.87 64.27 30.54
CA GLN E 339 -32.19 63.79 30.87
C GLN E 339 -32.30 62.27 30.91
N ILE E 340 -31.56 61.56 30.07
CA ILE E 340 -31.57 60.14 30.11
C ILE E 340 -30.35 59.51 30.72
N ALA E 341 -29.45 60.25 31.31
CA ALA E 341 -28.23 59.65 31.83
C ALA E 341 -28.53 58.68 32.97
N ASP E 342 -29.37 59.10 33.92
CA ASP E 342 -29.68 58.23 35.05
C ASP E 342 -30.36 56.94 34.60
N TYR E 343 -31.33 57.05 33.68
CA TYR E 343 -32.03 55.87 33.19
C TYR E 343 -31.08 54.94 32.44
N LEU E 344 -30.11 55.52 31.72
CA LEU E 344 -29.11 54.71 31.03
C LEU E 344 -28.24 53.96 32.02
N ILE E 345 -27.70 54.66 33.02
CA ILE E 345 -26.88 54.00 34.04
C ILE E 345 -27.68 52.88 34.70
N PHE E 346 -28.94 53.15 35.04
CA PHE E 346 -29.81 52.12 35.60
C PHE E 346 -29.86 50.90 34.68
N ASN E 347 -30.10 51.12 33.39
CA ASN E 347 -30.22 50.01 32.46
C ASN E 347 -28.87 49.37 32.15
N LEU E 348 -27.78 50.14 32.20
CA LEU E 348 -26.46 49.55 32.08
C LEU E 348 -26.19 48.58 33.23
N LYS E 349 -26.61 48.95 34.44
CA LYS E 349 -26.43 48.08 35.59
C LYS E 349 -27.34 46.85 35.53
N LYS E 350 -28.51 46.98 34.90
CA LYS E 350 -29.36 45.82 34.70
C LYS E 350 -28.70 44.79 33.79
N ASN E 351 -27.81 45.23 32.90
CA ASN E 351 -27.28 44.39 31.84
C ASN E 351 -25.77 44.21 31.95
N GLY E 352 -25.27 44.10 33.19
CA GLY E 352 -23.92 43.64 33.41
C GLY E 352 -22.90 44.69 33.78
N ALA E 353 -23.34 45.90 34.11
CA ALA E 353 -22.41 46.97 34.48
C ALA E 353 -22.35 47.08 36.00
N TYR E 354 -21.15 46.97 36.54
CA TYR E 354 -20.90 47.26 37.95
C TYR E 354 -20.49 48.73 38.07
N GLU E 355 -21.30 49.51 38.78
CA GLU E 355 -21.03 50.94 38.91
C GLU E 355 -20.15 51.21 40.12
N ILE E 356 -19.18 52.10 39.95
CA ILE E 356 -18.30 52.55 41.02
C ILE E 356 -18.70 53.98 41.34
N LYS E 357 -19.14 54.21 42.58
CA LYS E 357 -19.52 55.53 43.03
C LYS E 357 -18.60 56.11 44.08
N ASP E 358 -17.90 55.27 44.85
CA ASP E 358 -16.98 55.72 45.88
C ASP E 358 -15.70 56.24 45.23
N PRO E 359 -15.39 57.53 45.33
CA PRO E 359 -14.17 58.04 44.69
C PRO E 359 -12.89 57.38 45.18
N ALA E 360 -12.90 56.78 46.38
CA ALA E 360 -11.73 56.06 46.84
C ALA E 360 -11.54 54.77 46.05
N VAL E 361 -12.64 54.06 45.77
CA VAL E 361 -12.55 52.84 44.96
C VAL E 361 -12.08 53.19 43.56
N LEU E 362 -12.56 54.30 43.01
CA LEU E 362 -12.11 54.72 41.68
C LEU E 362 -10.60 54.96 41.68
N GLN E 363 -10.09 55.63 42.70
CA GLN E 363 -8.66 55.88 42.79
C GLN E 363 -7.89 54.56 42.80
N GLN E 364 -8.36 53.58 43.55
CA GLN E 364 -7.72 52.27 43.54
C GLN E 364 -7.69 51.69 42.13
N LEU E 365 -8.82 51.78 41.41
CA LEU E 365 -8.85 51.27 40.04
C LEU E 365 -7.88 52.02 39.15
N GLN E 366 -7.83 53.35 39.28
CA GLN E 366 -6.88 54.12 38.50
C GLN E 366 -5.44 53.65 38.75
N ASP E 367 -5.10 53.39 40.01
CA ASP E 367 -3.77 52.88 40.33
C ASP E 367 -3.49 51.58 39.59
N LEU E 368 -4.50 50.72 39.48
CA LEU E 368 -4.30 49.39 38.91
C LEU E 368 -4.07 49.46 37.40
N VAL E 369 -4.91 50.21 36.68
CA VAL E 369 -4.95 50.13 35.23
C VAL E 369 -4.16 51.24 34.54
N LEU E 370 -3.73 52.26 35.26
CA LEU E 370 -2.98 53.36 34.68
C LEU E 370 -1.50 53.21 34.99
N THR E 371 -0.67 53.52 33.99
CA THR E 371 0.76 53.57 34.18
C THR E 371 1.13 54.84 34.95
N ALA E 372 2.37 54.87 35.45
CA ALA E 372 2.85 56.07 36.12
C ALA E 372 2.86 57.27 35.18
N LYS E 373 2.96 57.02 33.86
CA LYS E 373 2.88 58.10 32.89
C LYS E 373 1.46 58.61 32.69
N GLY E 374 0.47 57.73 32.81
CA GLY E 374 -0.92 58.10 32.64
C GLY E 374 -1.65 57.33 31.56
N GLY E 375 -1.01 56.39 30.89
CA GLY E 375 -1.66 55.60 29.86
C GLY E 375 -2.13 54.27 30.40
N PRO E 376 -2.59 53.40 29.50
CA PRO E 376 -3.08 52.09 29.93
C PRO E 376 -1.95 51.13 30.32
N GLN E 377 -2.19 50.38 31.38
CA GLN E 377 -1.25 49.38 31.86
C GLN E 377 -1.39 48.10 31.03
N THR E 378 -0.29 47.68 30.41
CA THR E 378 -0.32 46.52 29.53
C THR E 378 -0.79 45.28 30.27
N LYS E 379 -0.39 45.12 31.53
CA LYS E 379 -0.78 43.93 32.28
C LYS E 379 -2.28 43.86 32.52
N CYS E 380 -3.00 44.97 32.37
CA CYS E 380 -4.44 44.98 32.56
C CYS E 380 -5.24 45.01 31.27
N VAL E 381 -4.59 45.33 30.15
CA VAL E 381 -5.28 45.34 28.86
C VAL E 381 -5.88 43.97 28.59
N GLY E 382 -7.16 43.96 28.21
CA GLY E 382 -7.80 42.72 27.81
C GLY E 382 -8.20 41.80 28.93
N LYS E 383 -8.28 42.30 30.16
CA LYS E 383 -8.71 41.51 31.29
C LYS E 383 -10.20 41.70 31.55
N SER E 384 -10.84 40.64 32.02
CA SER E 384 -12.27 40.71 32.31
C SER E 384 -12.55 41.67 33.45
N ALA E 385 -13.75 42.25 33.43
CA ALA E 385 -14.16 43.12 34.53
C ALA E 385 -14.16 42.38 35.85
N VAL E 386 -14.50 41.09 35.83
CA VAL E 386 -14.40 40.27 37.03
C VAL E 386 -12.98 40.31 37.57
N TRP E 387 -11.99 40.13 36.69
CA TRP E 387 -10.60 40.11 37.10
C TRP E 387 -10.16 41.48 37.62
N LEU E 388 -10.44 42.54 36.86
CA LEU E 388 -10.02 43.87 37.27
C LEU E 388 -10.58 44.23 38.65
N LEU E 389 -11.86 43.92 38.88
CA LEU E 389 -12.47 44.25 40.17
C LEU E 389 -11.78 43.50 41.31
N SER E 390 -11.56 42.20 41.13
CA SER E 390 -10.94 41.41 42.19
C SER E 390 -9.57 41.97 42.57
N GLN E 391 -8.82 42.47 41.58
CA GLN E 391 -7.52 43.04 41.86
C GLN E 391 -7.59 44.26 42.76
N ILE E 392 -8.77 44.81 43.00
CA ILE E 392 -8.95 45.88 43.96
C ILE E 392 -9.87 45.44 45.11
N GLY E 393 -9.97 44.13 45.34
CA GLY E 393 -10.69 43.64 46.50
C GLY E 393 -12.19 43.62 46.37
N ILE E 394 -12.73 43.64 45.15
CA ILE E 394 -14.16 43.58 44.92
C ILE E 394 -14.45 42.27 44.20
N SER E 395 -15.33 41.46 44.78
CA SER E 395 -15.65 40.13 44.26
C SER E 395 -17.07 40.15 43.69
N VAL E 396 -17.19 39.87 42.39
CA VAL E 396 -18.47 39.83 41.71
C VAL E 396 -18.55 38.55 40.89
N ASP E 397 -19.78 38.16 40.54
CA ASP E 397 -19.99 36.95 39.76
C ASP E 397 -19.81 37.24 38.27
N ALA E 398 -19.95 36.18 37.46
CA ALA E 398 -19.69 36.27 36.03
C ALA E 398 -20.65 37.20 35.30
N SER E 399 -21.76 37.59 35.93
CA SER E 399 -22.74 38.41 35.23
C SER E 399 -22.25 39.84 35.01
N ILE E 400 -21.25 40.30 35.77
CA ILE E 400 -20.69 41.63 35.57
C ILE E 400 -19.72 41.57 34.40
N LYS E 401 -19.91 42.48 33.44
CA LYS E 401 -19.11 42.48 32.22
C LYS E 401 -18.34 43.77 31.98
N ILE E 402 -18.76 44.90 32.57
CA ILE E 402 -18.01 46.14 32.46
C ILE E 402 -18.02 46.85 33.81
N ILE E 403 -17.04 47.73 33.99
CA ILE E 403 -16.97 48.61 35.14
C ILE E 403 -17.40 50.00 34.68
N LEU E 404 -18.46 50.53 35.28
CA LEU E 404 -19.05 51.80 34.88
C LEU E 404 -18.79 52.85 35.96
N MET E 405 -18.59 54.09 35.53
CA MET E 405 -18.46 55.20 36.46
C MET E 405 -18.66 56.50 35.70
N GLU E 406 -19.23 57.50 36.39
CA GLU E 406 -19.51 58.81 35.83
C GLU E 406 -18.39 59.77 36.24
N VAL E 407 -17.66 60.29 35.24
CA VAL E 407 -16.52 61.16 35.49
C VAL E 407 -16.60 62.36 34.56
N PRO E 408 -15.79 63.41 34.77
CA PRO E 408 -15.77 64.54 33.85
C PRO E 408 -14.90 64.26 32.63
N ARG E 409 -14.99 65.20 31.67
CA ARG E 409 -14.27 65.09 30.40
C ARG E 409 -12.83 64.63 30.57
N GLU E 410 -12.08 65.33 31.44
CA GLU E 410 -10.63 65.21 31.51
C GLU E 410 -10.16 63.93 32.17
N HIS E 411 -11.06 63.08 32.65
CA HIS E 411 -10.64 61.90 33.38
C HIS E 411 -9.82 60.98 32.49
N PRO E 412 -8.77 60.34 33.02
CA PRO E 412 -7.93 59.49 32.15
C PRO E 412 -8.71 58.39 31.42
N PHE E 413 -9.70 57.77 32.07
CA PHE E 413 -10.44 56.70 31.41
C PHE E 413 -11.15 57.20 30.16
N VAL E 414 -11.55 58.48 30.14
CA VAL E 414 -12.16 59.04 28.94
C VAL E 414 -11.09 59.29 27.89
N GLN E 415 -10.08 60.09 28.24
CA GLN E 415 -9.08 60.56 27.28
C GLN E 415 -8.19 59.44 26.77
N GLU E 416 -8.09 58.33 27.49
CA GLU E 416 -7.16 57.27 27.16
C GLU E 416 -7.88 56.07 26.57
N GLU E 417 -7.20 55.38 25.67
CA GLU E 417 -7.70 54.16 25.04
C GLU E 417 -7.27 52.98 25.91
N LEU E 418 -8.11 52.64 26.89
CA LEU E 418 -7.72 51.64 27.87
C LEU E 418 -7.62 50.25 27.27
N MET E 419 -8.56 49.89 26.40
CA MET E 419 -8.69 48.52 25.90
C MET E 419 -8.96 47.57 27.07
N MET E 420 -9.90 47.98 27.93
CA MET E 420 -10.36 47.19 29.05
C MET E 420 -11.86 47.41 29.18
N PRO E 421 -12.59 46.44 29.76
CA PRO E 421 -14.03 46.65 30.00
C PRO E 421 -14.28 47.68 31.10
N ILE E 422 -13.70 48.87 30.95
CA ILE E 422 -13.90 50.00 31.85
C ILE E 422 -14.49 51.12 31.00
N LEU E 423 -15.68 51.58 31.37
CA LEU E 423 -16.44 52.49 30.51
C LEU E 423 -16.86 53.73 31.30
N PRO E 424 -16.17 54.85 31.11
CA PRO E 424 -16.61 56.09 31.74
C PRO E 424 -17.76 56.74 30.99
N LEU E 425 -18.57 57.48 31.73
CA LEU E 425 -19.72 58.19 31.18
C LEU E 425 -19.60 59.66 31.53
N VAL E 426 -19.73 60.53 30.53
CA VAL E 426 -19.73 61.97 30.71
C VAL E 426 -21.14 62.49 30.44
N ARG E 427 -21.61 63.38 31.29
CA ARG E 427 -22.97 63.92 31.21
C ARG E 427 -22.92 65.28 30.53
N VAL E 428 -23.80 65.49 29.56
CA VAL E 428 -23.89 66.75 28.83
C VAL E 428 -25.35 67.13 28.69
N GLU E 429 -25.58 68.41 28.38
CA GLU E 429 -26.92 68.97 28.45
C GLU E 429 -27.76 68.56 27.24
N THR E 430 -27.23 68.72 26.03
CA THR E 430 -28.00 68.50 24.82
C THR E 430 -27.24 67.55 23.89
N VAL E 431 -27.95 67.08 22.87
CA VAL E 431 -27.33 66.19 21.89
C VAL E 431 -26.24 66.91 21.11
N ASP E 432 -26.39 68.22 20.89
CA ASP E 432 -25.34 68.98 20.22
C ASP E 432 -24.08 69.04 21.08
N ASP E 433 -24.23 69.24 22.40
CA ASP E 433 -23.07 69.17 23.29
C ASP E 433 -22.41 67.81 23.22
N ALA E 434 -23.22 66.74 23.12
CA ALA E 434 -22.67 65.40 23.04
C ALA E 434 -21.87 65.20 21.76
N ILE E 435 -22.41 65.66 20.63
CA ILE E 435 -21.71 65.53 19.36
C ILE E 435 -20.40 66.31 19.40
N ASP E 436 -20.45 67.53 19.92
CA ASP E 436 -19.23 68.33 20.01
C ASP E 436 -18.19 67.63 20.88
N LEU E 437 -18.61 67.10 22.03
CA LEU E 437 -17.66 66.43 22.91
C LEU E 437 -17.13 65.15 22.28
N ALA E 438 -17.98 64.39 21.59
CA ALA E 438 -17.54 63.14 20.98
C ALA E 438 -16.42 63.40 19.97
N ILE E 439 -16.54 64.47 19.19
CA ILE E 439 -15.49 64.83 18.25
C ILE E 439 -14.20 65.15 19.01
N GLU E 440 -14.32 65.91 20.10
CA GLU E 440 -13.15 66.27 20.89
C GLU E 440 -12.47 65.04 21.47
N VAL E 441 -13.25 64.21 22.18
CA VAL E 441 -12.69 63.04 22.84
C VAL E 441 -12.08 62.04 21.88
N GLU E 442 -12.52 62.05 20.62
CA GLU E 442 -12.02 61.09 19.64
C GLU E 442 -10.59 61.40 19.19
N HIS E 443 -10.06 62.58 19.54
CA HIS E 443 -8.65 62.90 19.33
C HIS E 443 -8.27 62.93 17.85
N ASP E 444 -9.24 63.21 16.99
CA ASP E 444 -9.01 63.29 15.54
C ASP E 444 -8.43 62.00 14.97
N ASN E 445 -8.60 60.87 15.68
CA ASN E 445 -8.15 59.59 15.12
C ASN E 445 -8.98 59.21 13.90
N ARG E 446 -10.20 59.72 13.79
CA ARG E 446 -11.08 59.43 12.66
C ARG E 446 -11.18 57.92 12.46
N HIS E 447 -11.44 57.20 13.56
CA HIS E 447 -11.47 55.74 13.55
C HIS E 447 -12.89 55.23 13.66
N THR E 448 -13.46 55.24 14.88
CA THR E 448 -14.77 54.66 15.12
C THR E 448 -15.56 55.54 16.06
N ALA E 449 -16.88 55.57 15.84
CA ALA E 449 -17.80 56.28 16.71
C ALA E 449 -19.16 55.60 16.66
N ILE E 450 -19.91 55.70 17.75
CA ILE E 450 -21.22 55.08 17.87
C ILE E 450 -22.22 56.12 18.34
N MET E 451 -23.46 55.99 17.86
CA MET E 451 -24.55 56.83 18.32
C MET E 451 -25.82 56.01 18.48
N HIS E 452 -26.57 56.30 19.54
CA HIS E 452 -27.89 55.73 19.76
C HIS E 452 -28.91 56.86 19.72
N SER E 453 -29.83 56.79 18.76
CA SER E 453 -30.77 57.86 18.52
C SER E 453 -31.74 57.41 17.45
N THR E 454 -33.01 57.79 17.58
CA THR E 454 -34.02 57.50 16.58
C THR E 454 -34.27 58.67 15.64
N ASP E 455 -33.82 59.87 15.99
CA ASP E 455 -34.01 61.06 15.17
C ASP E 455 -33.04 61.03 13.99
N VAL E 456 -33.57 60.81 12.78
CA VAL E 456 -32.71 60.67 11.61
C VAL E 456 -31.84 61.91 11.42
N ARG E 457 -32.35 63.08 11.79
CA ARG E 457 -31.55 64.30 11.64
C ARG E 457 -30.33 64.26 12.54
N LYS E 458 -30.49 63.80 13.78
CA LYS E 458 -29.37 63.77 14.71
C LYS E 458 -28.40 62.65 14.37
N LEU E 459 -28.92 61.50 13.91
CA LEU E 459 -28.05 60.45 13.39
C LEU E 459 -27.20 60.97 12.25
N THR E 460 -27.78 61.80 11.38
CA THR E 460 -27.04 62.34 10.25
C THR E 460 -25.99 63.34 10.72
N LYS E 461 -26.36 64.24 11.63
CA LYS E 461 -25.43 65.30 12.03
C LYS E 461 -24.15 64.73 12.61
N MET E 462 -24.26 63.78 13.53
CA MET E 462 -23.06 63.22 14.14
C MET E 462 -22.23 62.44 13.12
N ALA E 463 -22.88 61.68 12.24
CA ALA E 463 -22.15 60.94 11.23
C ALA E 463 -21.35 61.88 10.33
N LYS E 464 -21.99 62.96 9.85
CA LYS E 464 -21.31 63.89 8.98
C LYS E 464 -20.10 64.52 9.66
N LEU E 465 -20.28 65.00 10.89
CA LEU E 465 -19.28 65.85 11.50
C LEU E 465 -18.07 65.07 12.01
N ILE E 466 -18.29 63.91 12.64
CA ILE E 466 -17.19 63.23 13.32
C ILE E 466 -16.22 62.59 12.34
N GLN E 467 -16.68 62.28 11.12
CA GLN E 467 -15.79 61.90 10.02
C GLN E 467 -14.90 60.72 10.37
N THR E 468 -15.45 59.73 11.04
CA THR E 468 -14.70 58.54 11.39
C THR E 468 -14.79 57.50 10.27
N THR E 469 -13.80 56.61 10.23
CA THR E 469 -13.79 55.55 9.23
C THR E 469 -15.00 54.63 9.40
N ILE E 470 -15.40 54.38 10.64
CA ILE E 470 -16.57 53.57 10.95
C ILE E 470 -17.51 54.39 11.84
N PHE E 471 -18.80 54.30 11.55
CA PHE E 471 -19.83 54.92 12.37
C PHE E 471 -21.00 53.93 12.49
N VAL E 472 -21.35 53.58 13.72
CA VAL E 472 -22.39 52.59 14.00
C VAL E 472 -23.54 53.29 14.71
N LYS E 473 -24.74 53.08 14.20
CA LYS E 473 -25.95 53.71 14.74
C LYS E 473 -26.86 52.64 15.31
N ASN E 474 -27.23 52.78 16.58
CA ASN E 474 -28.23 51.93 17.23
C ASN E 474 -27.82 50.47 17.21
N GLY E 475 -26.56 50.21 17.52
CA GLY E 475 -26.07 48.86 17.63
C GLY E 475 -24.76 48.80 18.38
N PRO E 476 -24.32 47.58 18.71
CA PRO E 476 -22.96 47.42 19.25
C PRO E 476 -21.92 47.84 18.23
N SER E 477 -20.76 48.27 18.74
CA SER E 477 -19.71 48.78 17.86
C SER E 477 -19.24 47.72 16.88
N TYR E 478 -19.14 46.47 17.30
CA TYR E 478 -18.63 45.45 16.40
C TYR E 478 -19.54 45.20 15.20
N ALA E 479 -20.66 45.93 15.08
CA ALA E 479 -21.46 45.85 13.87
C ALA E 479 -20.69 46.37 12.66
N GLY E 480 -19.70 47.25 12.88
CA GLY E 480 -18.89 47.75 11.79
C GLY E 480 -17.86 46.76 11.26
N HIS E 481 -17.67 45.63 11.97
CA HIS E 481 -16.77 44.58 11.52
C HIS E 481 -17.48 43.50 10.71
N GLY E 482 -18.74 43.72 10.34
CA GLY E 482 -19.52 42.71 9.65
C GLY E 482 -20.16 41.68 10.55
N ALA E 483 -19.92 41.74 11.85
CA ALA E 483 -20.58 40.85 12.82
C ALA E 483 -21.85 41.55 13.29
N GLY E 484 -23.00 41.10 12.79
CA GLY E 484 -24.25 41.77 13.06
C GLY E 484 -24.47 43.03 12.26
N GLY E 485 -23.57 43.36 11.33
CA GLY E 485 -23.75 44.50 10.46
C GLY E 485 -23.50 44.11 9.01
N GLU E 486 -24.01 44.95 8.12
CA GLU E 486 -23.94 44.67 6.69
C GLU E 486 -22.56 45.01 6.14
N GLY E 487 -21.93 44.03 5.49
CA GLY E 487 -20.63 44.21 4.89
C GLY E 487 -19.70 43.06 5.23
N TYR E 488 -18.51 43.11 4.62
CA TYR E 488 -17.48 42.14 4.91
C TYR E 488 -16.72 42.52 6.19
N SER E 489 -15.94 41.58 6.69
CA SER E 489 -15.18 41.80 7.92
C SER E 489 -13.71 42.06 7.60
N THR E 490 -13.06 42.79 8.51
CA THR E 490 -11.65 43.10 8.39
C THR E 490 -11.12 43.45 9.78
N PHE E 491 -9.82 43.25 9.96
CA PHE E 491 -9.16 43.60 11.21
C PHE E 491 -8.03 44.59 11.00
N THR E 492 -7.99 45.23 9.84
CA THR E 492 -7.05 46.30 9.55
C THR E 492 -7.90 47.48 9.05
N ILE E 493 -8.14 48.45 9.93
CA ILE E 493 -9.01 49.58 9.64
C ILE E 493 -8.11 50.81 9.54
N ALA E 494 -8.02 51.38 8.35
CA ALA E 494 -7.03 52.42 8.05
C ALA E 494 -7.74 53.76 7.97
N GLY E 495 -7.56 54.58 9.00
CA GLY E 495 -8.04 55.93 9.01
C GLY E 495 -7.00 56.91 8.48
N PRO E 496 -5.76 56.81 8.96
CA PRO E 496 -4.71 57.74 8.48
C PRO E 496 -4.50 57.69 6.97
N THR E 497 -4.35 56.50 6.40
CA THR E 497 -4.05 56.38 4.98
C THR E 497 -5.29 56.34 4.09
N GLY E 498 -6.48 56.25 4.67
CA GLY E 498 -7.71 56.47 3.95
C GLY E 498 -8.29 55.26 3.24
N GLU E 499 -7.67 54.09 3.34
CA GLU E 499 -8.19 52.93 2.64
C GLU E 499 -9.49 52.42 3.27
N GLY E 500 -9.69 52.67 4.56
CA GLY E 500 -10.88 52.21 5.24
C GLY E 500 -10.79 50.76 5.68
N LEU E 501 -11.88 50.01 5.52
CA LEU E 501 -11.90 48.60 5.86
C LEU E 501 -11.16 47.82 4.78
N THR E 502 -9.88 47.53 5.02
CA THR E 502 -9.04 46.96 3.99
C THR E 502 -9.52 45.58 3.57
N SER E 503 -9.29 45.26 2.30
CA SER E 503 -9.62 43.96 1.74
C SER E 503 -8.60 43.67 0.64
N ALA E 504 -8.85 42.62 -0.15
CA ALA E 504 -7.93 42.28 -1.22
C ALA E 504 -7.67 43.46 -2.15
N LYS E 505 -8.70 44.29 -2.39
CA LYS E 505 -8.53 45.45 -3.25
C LYS E 505 -7.42 46.35 -2.74
N SER E 506 -7.39 46.62 -1.42
CA SER E 506 -6.43 47.53 -0.84
C SER E 506 -4.99 47.07 -1.06
N PHE E 507 -4.79 45.76 -1.26
CA PHE E 507 -3.47 45.17 -1.40
C PHE E 507 -3.11 44.94 -2.87
N ALA E 508 -3.71 45.71 -3.77
CA ALA E 508 -3.44 45.57 -5.20
C ALA E 508 -3.26 46.94 -5.83
N ARG E 509 -2.63 46.95 -6.99
CA ARG E 509 -2.44 48.16 -7.77
C ARG E 509 -3.53 48.26 -8.85
N ARG E 510 -3.87 49.49 -9.22
CA ARG E 510 -4.84 49.73 -10.28
C ARG E 510 -4.11 49.89 -11.61
N ARG E 511 -4.49 49.06 -12.58
CA ARG E 511 -3.94 49.12 -13.93
C ARG E 511 -5.06 49.43 -14.92
N LYS E 512 -4.71 50.14 -15.99
CA LYS E 512 -5.66 50.56 -17.01
C LYS E 512 -5.17 50.03 -18.34
N CYS E 513 -6.06 49.34 -19.06
CA CYS E 513 -5.73 48.72 -20.35
C CYS E 513 -6.66 49.29 -21.40
N VAL E 514 -6.09 49.91 -22.44
CA VAL E 514 -6.85 50.62 -23.46
C VAL E 514 -6.69 49.88 -24.78
N MET E 515 -7.80 49.36 -25.29
CA MET E 515 -7.86 48.75 -26.62
C MET E 515 -8.51 49.78 -27.55
N VAL E 516 -7.72 50.36 -28.44
CA VAL E 516 -8.16 51.51 -29.21
C VAL E 516 -9.03 51.06 -30.37
N GLU E 517 -10.24 51.61 -30.45
CA GLU E 517 -11.15 51.42 -31.58
C GLU E 517 -11.37 49.95 -31.89
N ALA E 518 -11.59 49.15 -30.84
CA ALA E 518 -11.92 47.75 -31.01
C ALA E 518 -12.65 47.29 -29.75
N LEU E 519 -13.37 46.18 -29.88
CA LEU E 519 -14.12 45.59 -28.77
C LEU E 519 -15.17 46.54 -28.21
N ASN E 520 -15.73 47.39 -29.07
CA ASN E 520 -16.85 48.26 -28.74
C ASN E 520 -18.08 47.68 -29.46
N ILE E 521 -18.67 46.69 -28.85
CA ILE E 521 -19.71 45.92 -29.47
C ILE E 521 -21.12 46.21 -29.11
N ARG E 522 -21.38 47.37 -28.59
CA ARG E 522 -22.71 47.74 -28.25
C ARG E 522 -23.43 48.13 -29.52
N ALA F 82 -10.21 94.05 4.36
CA ALA F 82 -11.16 93.69 3.31
C ALA F 82 -10.47 93.35 2.01
N ALA F 83 -9.30 92.76 2.12
CA ALA F 83 -8.59 92.38 0.93
C ALA F 83 -8.70 90.89 0.72
N VAL F 84 -9.24 90.50 -0.42
CA VAL F 84 -9.37 89.11 -0.72
C VAL F 84 -7.98 88.60 -1.04
N SER F 85 -7.67 87.37 -0.67
CA SER F 85 -6.37 86.83 -0.92
C SER F 85 -6.25 86.36 -2.32
N ASP F 86 -5.11 86.59 -2.92
CA ASP F 86 -4.88 86.11 -4.28
C ASP F 86 -4.33 84.70 -4.32
N GLY F 87 -4.05 84.10 -3.16
CA GLY F 87 -3.60 82.72 -3.08
C GLY F 87 -2.12 82.54 -2.88
N VAL F 88 -1.31 83.54 -3.19
CA VAL F 88 0.14 83.45 -3.08
C VAL F 88 0.57 84.04 -1.75
N PHE F 89 1.47 83.35 -1.06
CA PHE F 89 1.92 83.73 0.27
C PHE F 89 3.44 83.84 0.30
N GLU F 90 3.94 84.56 1.30
CA GLU F 90 5.36 84.86 1.38
C GLU F 90 6.17 83.69 1.93
N THR F 91 5.58 82.90 2.82
CA THR F 91 6.24 81.72 3.37
C THR F 91 5.36 80.49 3.13
N MET F 92 5.98 79.32 3.27
CA MET F 92 5.24 78.07 3.12
C MET F 92 4.32 77.82 4.31
N ASP F 93 4.81 78.09 5.53
CA ASP F 93 3.99 77.86 6.72
C ASP F 93 2.75 78.76 6.70
N ALA F 94 2.90 80.00 6.23
CA ALA F 94 1.74 80.89 6.13
C ALA F 94 0.76 80.42 5.05
N ALA F 95 1.22 79.63 4.08
CA ALA F 95 0.31 79.09 3.08
C ALA F 95 -0.46 77.90 3.64
N VAL F 96 0.25 76.98 4.31
CA VAL F 96 -0.42 75.82 4.90
C VAL F 96 -1.51 76.27 5.86
N GLU F 97 -1.18 77.19 6.76
CA GLU F 97 -2.18 77.69 7.72
C GLU F 97 -3.38 78.29 6.99
N ALA F 98 -3.12 79.02 5.90
CA ALA F 98 -4.24 79.60 5.14
C ALA F 98 -5.12 78.50 4.56
N ALA F 99 -4.52 77.46 3.98
CA ALA F 99 -5.30 76.36 3.42
C ALA F 99 -6.00 75.57 4.52
N ALA F 100 -5.38 75.45 5.69
CA ALA F 100 -6.01 74.74 6.80
C ALA F 100 -7.31 75.40 7.20
N LEU F 101 -7.29 76.72 7.46
CA LEU F 101 -8.52 77.43 7.77
C LEU F 101 -9.49 77.37 6.60
N ALA F 102 -8.98 77.37 5.37
CA ALA F 102 -9.85 77.30 4.20
C ALA F 102 -10.60 75.97 4.16
N GLN F 103 -9.88 74.90 4.42
CA GLN F 103 -10.46 73.59 4.40
C GLN F 103 -11.51 73.43 5.43
N GLN F 104 -11.30 73.99 6.61
CA GLN F 104 -12.21 73.92 7.70
C GLN F 104 -13.50 74.53 7.34
N GLN F 105 -13.42 75.68 6.71
CA GLN F 105 -14.56 76.35 6.25
C GLN F 105 -15.20 75.57 5.13
N TYR F 106 -14.39 74.94 4.31
CA TYR F 106 -14.89 74.21 3.15
C TYR F 106 -15.81 73.06 3.56
N LEU F 107 -15.60 72.49 4.75
CA LEU F 107 -16.46 71.42 5.24
C LEU F 107 -17.91 71.88 5.39
N LEU F 108 -18.12 73.17 5.63
CA LEU F 108 -19.47 73.70 5.78
C LEU F 108 -20.18 73.92 4.45
N CYS F 109 -19.48 73.74 3.33
CA CYS F 109 -20.09 73.95 2.03
C CYS F 109 -20.83 72.70 1.57
N SER F 110 -21.69 72.89 0.59
CA SER F 110 -22.49 71.81 0.05
C SER F 110 -21.80 71.18 -1.15
N MET F 111 -22.34 70.05 -1.60
CA MET F 111 -21.87 69.44 -2.85
C MET F 111 -22.14 70.37 -4.02
N SER F 112 -23.28 71.07 -3.97
CA SER F 112 -23.57 72.08 -4.99
C SER F 112 -22.52 73.18 -4.99
N ASP F 113 -22.02 73.55 -3.81
CA ASP F 113 -20.92 74.51 -3.74
C ASP F 113 -19.67 73.96 -4.41
N ARG F 114 -19.27 72.74 -4.02
CA ARG F 114 -18.13 72.10 -4.67
C ARG F 114 -18.31 72.08 -6.18
N ALA F 115 -19.53 71.79 -6.64
CA ALA F 115 -19.78 71.71 -8.07
C ALA F 115 -19.46 73.02 -8.77
N ARG F 116 -19.90 74.14 -8.19
CA ARG F 116 -19.63 75.44 -8.80
C ARG F 116 -18.14 75.76 -8.77
N PHE F 117 -17.45 75.43 -7.67
CA PHE F 117 -16.03 75.73 -7.58
C PHE F 117 -15.24 74.93 -8.61
N VAL F 118 -15.59 73.67 -8.81
CA VAL F 118 -14.95 72.87 -9.85
C VAL F 118 -15.23 73.49 -11.22
N GLN F 119 -16.49 73.86 -11.48
CA GLN F 119 -16.83 74.49 -12.74
C GLN F 119 -16.09 75.81 -12.90
N GLY F 120 -15.81 76.50 -11.79
CA GLY F 120 -15.03 77.72 -11.88
C GLY F 120 -13.62 77.47 -12.40
N ILE F 121 -12.98 76.40 -11.92
CA ILE F 121 -11.63 76.09 -12.36
C ILE F 121 -11.62 75.75 -13.85
N ARG F 122 -12.59 74.94 -14.29
CA ARG F 122 -12.69 74.63 -15.71
C ARG F 122 -12.86 75.92 -16.52
N ASP F 123 -13.74 76.81 -16.08
CA ASP F 123 -14.00 78.04 -16.81
C ASP F 123 -12.75 78.89 -16.94
N VAL F 124 -11.79 78.74 -16.02
CA VAL F 124 -10.57 79.51 -16.08
C VAL F 124 -9.68 79.01 -17.21
N ILE F 125 -9.25 77.75 -17.12
CA ILE F 125 -8.32 77.21 -18.11
C ILE F 125 -8.98 77.10 -19.48
N LEU F 126 -10.29 76.84 -19.51
CA LEU F 126 -10.98 76.67 -20.79
C LEU F 126 -11.39 77.99 -21.44
N ASN F 127 -11.22 79.11 -20.74
CA ASN F 127 -11.36 80.41 -21.41
C ASN F 127 -10.31 80.55 -22.48
N GLN F 128 -10.74 80.83 -23.72
CA GLN F 128 -9.84 80.74 -24.86
C GLN F 128 -8.63 81.65 -24.69
N ASP F 129 -8.86 82.89 -24.28
CA ASP F 129 -7.74 83.80 -24.04
C ASP F 129 -6.80 83.24 -22.98
N THR F 130 -7.35 82.83 -21.83
CA THR F 130 -6.52 82.29 -20.76
C THR F 130 -5.88 80.96 -21.16
N LEU F 131 -6.56 80.16 -21.98
CA LEU F 131 -6.00 78.88 -22.41
C LEU F 131 -4.70 79.09 -23.18
N GLU F 132 -4.75 79.89 -24.25
CA GLU F 132 -3.55 80.18 -25.03
C GLU F 132 -2.52 80.91 -24.18
N LYS F 133 -2.96 81.94 -23.44
CA LYS F 133 -2.07 82.66 -22.54
C LYS F 133 -1.26 81.70 -21.68
N MET F 134 -1.89 80.64 -21.16
CA MET F 134 -1.19 79.71 -20.29
C MET F 134 -0.26 78.80 -21.07
N SER F 135 -0.71 78.29 -22.22
CA SER F 135 0.12 77.42 -23.02
C SER F 135 1.36 78.15 -23.51
N ARG F 136 1.19 79.37 -24.02
CA ARG F 136 2.31 80.17 -24.48
C ARG F 136 3.31 80.41 -23.35
N MET F 137 2.84 81.00 -22.25
CA MET F 137 3.73 81.31 -21.14
C MET F 137 4.39 80.06 -20.58
N ALA F 138 3.77 78.90 -20.73
CA ALA F 138 4.33 77.68 -20.19
C ALA F 138 5.57 77.25 -20.96
N VAL F 139 5.49 77.22 -22.28
CA VAL F 139 6.61 76.78 -23.10
C VAL F 139 7.75 77.79 -23.03
N GLU F 140 7.42 79.09 -23.01
CA GLU F 140 8.47 80.11 -23.01
C GLU F 140 9.25 80.13 -21.71
N GLU F 141 8.60 79.84 -20.58
CA GLU F 141 9.28 79.92 -19.30
C GLU F 141 10.11 78.68 -18.99
N THR F 142 9.75 77.53 -19.55
CA THR F 142 10.48 76.30 -19.33
C THR F 142 11.31 75.86 -20.52
N GLY F 143 11.07 76.42 -21.71
CA GLY F 143 11.71 75.97 -22.92
C GLY F 143 11.31 74.57 -23.34
N MET F 144 10.39 73.93 -22.64
CA MET F 144 10.00 72.56 -22.91
C MET F 144 8.61 72.51 -23.53
N GLY F 145 8.41 71.55 -24.43
CA GLY F 145 7.12 71.33 -25.01
C GLY F 145 6.85 72.18 -26.23
N ASN F 146 5.58 72.15 -26.65
CA ASN F 146 5.12 72.86 -27.81
C ASN F 146 3.83 73.62 -27.47
N TYR F 147 3.68 74.79 -28.07
CA TYR F 147 2.50 75.61 -27.80
C TYR F 147 1.24 74.93 -28.31
N GLU F 148 1.22 74.50 -29.57
CA GLU F 148 0.01 73.94 -30.14
C GLU F 148 -0.48 72.73 -29.36
N HIS F 149 0.44 71.95 -28.77
CA HIS F 149 0.07 70.74 -28.06
C HIS F 149 -0.27 70.98 -26.60
N LYS F 150 0.31 72.01 -25.98
CA LYS F 150 -0.13 72.39 -24.65
C LYS F 150 -1.49 73.05 -24.66
N LEU F 151 -1.96 73.51 -25.83
CA LEU F 151 -3.36 73.88 -25.96
C LEU F 151 -4.25 72.66 -25.80
N ILE F 152 -3.79 71.51 -26.27
CA ILE F 152 -4.56 70.27 -26.13
C ILE F 152 -4.54 69.79 -24.68
N LYS F 153 -3.35 69.74 -24.08
CA LYS F 153 -3.22 69.18 -22.74
C LYS F 153 -4.00 70.01 -21.71
N ASN F 154 -3.86 71.33 -21.77
CA ASN F 154 -4.60 72.17 -20.84
C ASN F 154 -6.10 72.04 -21.05
N ARG F 155 -6.55 71.98 -22.31
CA ARG F 155 -7.96 71.74 -22.58
C ARG F 155 -8.39 70.38 -22.06
N LEU F 156 -7.59 69.34 -22.31
CA LEU F 156 -7.92 68.00 -21.83
C LEU F 156 -8.07 67.97 -20.32
N ALA F 157 -7.19 68.67 -19.60
CA ALA F 157 -7.23 68.63 -18.15
C ALA F 157 -8.45 69.36 -17.59
N GLY F 158 -8.94 70.36 -18.31
CA GLY F 158 -10.07 71.14 -17.85
C GLY F 158 -11.41 70.55 -18.26
N GLU F 159 -11.41 69.69 -19.26
CA GLU F 159 -12.63 69.09 -19.79
C GLU F 159 -12.87 67.67 -19.28
N LYS F 160 -11.82 66.87 -19.13
CA LYS F 160 -11.97 65.44 -18.86
C LYS F 160 -11.49 65.03 -17.47
N THR F 161 -11.23 65.98 -16.58
CA THR F 161 -10.89 65.57 -15.22
C THR F 161 -12.18 65.41 -14.40
N PRO F 162 -12.39 64.26 -13.76
CA PRO F 162 -13.65 64.05 -13.04
C PRO F 162 -13.88 65.10 -11.97
N GLY F 163 -15.15 65.51 -11.84
CA GLY F 163 -15.57 66.40 -10.79
C GLY F 163 -16.15 65.66 -9.60
N ILE F 164 -17.22 66.20 -9.01
CA ILE F 164 -17.80 65.59 -7.83
C ILE F 164 -18.56 64.32 -8.19
N GLU F 165 -18.90 64.13 -9.47
CA GLU F 165 -19.58 62.90 -9.86
C GLU F 165 -18.72 61.67 -9.62
N ASP F 166 -17.40 61.84 -9.47
CA ASP F 166 -16.50 60.73 -9.20
C ASP F 166 -16.64 60.19 -7.78
N LEU F 167 -17.36 60.89 -6.91
CA LEU F 167 -17.50 60.48 -5.51
C LEU F 167 -18.78 59.67 -5.36
N THR F 168 -18.71 58.41 -5.80
CA THR F 168 -19.85 57.53 -5.76
C THR F 168 -20.11 57.03 -4.34
N THR F 169 -21.24 56.33 -4.19
CA THR F 169 -21.66 55.80 -2.90
C THR F 169 -22.04 54.35 -3.06
N ASP F 170 -21.38 53.47 -2.31
CA ASP F 170 -21.76 52.07 -2.25
C ASP F 170 -22.74 51.86 -1.10
N ALA F 171 -23.61 50.86 -1.26
CA ALA F 171 -24.63 50.56 -0.26
C ALA F 171 -24.84 49.06 -0.18
N PHE F 172 -25.14 48.60 1.03
CA PHE F 172 -25.50 47.20 1.28
C PHE F 172 -26.65 47.18 2.28
N SER F 173 -27.73 46.49 1.93
CA SER F 173 -28.88 46.38 2.81
C SER F 173 -29.24 44.92 3.02
N GLY F 174 -29.58 44.59 4.25
CA GLY F 174 -29.96 43.24 4.57
C GLY F 174 -30.64 43.17 5.92
N ASP F 175 -30.57 41.99 6.54
CA ASP F 175 -31.22 41.81 7.84
C ASP F 175 -30.63 42.73 8.90
N ASN F 176 -29.35 43.04 8.78
CA ASN F 176 -28.66 43.84 9.79
C ASN F 176 -28.83 45.33 9.59
N GLY F 177 -29.54 45.76 8.53
CA GLY F 177 -29.85 47.15 8.33
C GLY F 177 -29.24 47.67 7.03
N LEU F 178 -28.68 48.87 7.08
CA LEU F 178 -28.09 49.53 5.93
C LEU F 178 -26.65 49.91 6.22
N THR F 179 -25.80 49.78 5.21
CA THR F 179 -24.42 50.23 5.30
C THR F 179 -24.14 51.11 4.09
N LEU F 180 -23.67 52.33 4.34
CA LEU F 180 -23.24 53.24 3.29
C LEU F 180 -21.72 53.41 3.34
N VAL F 181 -21.11 53.50 2.17
CA VAL F 181 -19.67 53.73 2.04
C VAL F 181 -19.50 55.00 1.21
N GLU F 182 -18.84 55.99 1.77
CA GLU F 182 -18.71 57.31 1.16
C GLU F 182 -17.24 57.68 0.99
N TYR F 183 -17.01 58.77 0.30
CA TYR F 183 -15.70 59.27 0.10
C TYR F 183 -15.61 60.60 0.79
N SER F 184 -14.81 60.71 1.80
CA SER F 184 -14.70 61.94 2.53
C SER F 184 -13.35 62.52 2.39
N PRO F 185 -13.22 63.81 2.65
CA PRO F 185 -12.02 64.59 2.52
C PRO F 185 -10.93 64.21 3.44
N PHE F 186 -9.73 64.38 2.96
CA PHE F 186 -8.51 64.14 3.74
C PHE F 186 -8.17 65.33 4.62
N GLY F 187 -8.25 66.54 4.07
CA GLY F 187 -7.85 67.75 4.76
C GLY F 187 -7.05 68.66 3.86
N VAL F 188 -5.90 69.11 4.34
CA VAL F 188 -4.99 69.93 3.54
C VAL F 188 -4.05 69.00 2.79
N ILE F 189 -4.07 69.08 1.46
CA ILE F 189 -3.23 68.25 0.61
C ILE F 189 -2.09 69.10 0.07
N GLY F 190 -0.87 68.60 0.18
CA GLY F 190 0.29 69.24 -0.40
C GLY F 190 0.66 68.58 -1.71
N ALA F 191 0.69 69.36 -2.78
CA ALA F 191 0.93 68.87 -4.12
C ALA F 191 2.22 69.45 -4.69
N ILE F 192 2.97 68.62 -5.39
CA ILE F 192 4.25 69.00 -5.98
C ILE F 192 4.13 68.77 -7.48
N THR F 193 4.04 69.88 -8.26
CA THR F 193 3.79 69.79 -9.68
C THR F 193 5.09 69.67 -10.47
N PRO F 194 5.10 68.98 -11.58
CA PRO F 194 6.32 68.84 -12.37
C PRO F 194 6.56 69.98 -13.31
N THR F 195 7.81 70.19 -13.68
CA THR F 195 8.14 71.24 -14.59
C THR F 195 7.64 71.06 -16.00
N THR F 196 7.63 69.84 -16.47
CA THR F 196 7.17 69.58 -17.81
C THR F 196 5.74 69.91 -18.04
N ASN F 197 4.87 69.59 -17.12
CA ASN F 197 3.49 69.84 -17.36
C ASN F 197 2.97 70.60 -16.19
N PRO F 198 3.44 71.80 -16.02
CA PRO F 198 3.06 72.62 -14.91
C PRO F 198 1.63 73.10 -14.86
N THR F 199 1.07 73.61 -15.91
CA THR F 199 -0.31 74.04 -15.83
C THR F 199 -1.25 72.89 -15.69
N GLU F 200 -0.98 71.85 -16.42
CA GLU F 200 -1.87 70.76 -16.46
C GLU F 200 -2.06 70.09 -15.16
N THR F 201 -0.98 69.88 -14.46
CA THR F 201 -1.05 69.21 -13.17
C THR F 201 -1.80 70.04 -12.13
N ILE F 202 -1.71 71.37 -12.22
CA ILE F 202 -2.44 72.22 -11.28
C ILE F 202 -3.94 72.12 -11.54
N VAL F 203 -4.34 72.26 -12.80
CA VAL F 203 -5.75 72.14 -13.15
C VAL F 203 -6.29 70.79 -12.70
N CYS F 204 -5.60 69.71 -13.07
CA CYS F 204 -6.08 68.37 -12.77
C CYS F 204 -6.14 68.13 -11.26
N ASN F 205 -5.04 68.42 -10.56
CA ASN F 205 -4.99 68.16 -9.12
C ASN F 205 -6.03 68.99 -8.37
N SER F 206 -6.16 70.28 -8.72
CA SER F 206 -7.06 71.15 -7.97
C SER F 206 -8.52 70.75 -8.21
N ILE F 207 -8.88 70.40 -9.44
CA ILE F 207 -10.24 69.95 -9.72
C ILE F 207 -10.58 68.75 -8.84
N GLY F 208 -9.76 67.70 -8.91
CA GLY F 208 -10.04 66.51 -8.13
C GLY F 208 -10.00 66.75 -6.64
N MET F 209 -9.00 67.51 -6.17
CA MET F 209 -8.82 67.69 -4.73
C MET F 209 -9.95 68.52 -4.13
N LEU F 210 -10.39 69.57 -4.82
CA LEU F 210 -11.52 70.35 -4.32
C LEU F 210 -12.83 69.60 -4.46
N ALA F 211 -12.95 68.75 -5.49
CA ALA F 211 -14.15 67.93 -5.62
C ALA F 211 -14.34 67.04 -4.41
N ALA F 212 -13.24 66.45 -3.91
CA ALA F 212 -13.31 65.60 -2.73
C ALA F 212 -13.34 66.39 -1.43
N GLY F 213 -13.39 67.72 -1.49
CA GLY F 213 -13.55 68.52 -0.30
C GLY F 213 -12.27 68.92 0.41
N ASN F 214 -11.13 68.86 -0.27
CA ASN F 214 -9.86 69.25 0.31
C ASN F 214 -9.50 70.68 -0.11
N SER F 215 -8.50 71.23 0.57
CA SER F 215 -7.77 72.40 0.12
C SER F 215 -6.37 71.97 -0.27
N VAL F 216 -5.81 72.63 -1.28
CA VAL F 216 -4.55 72.19 -1.89
C VAL F 216 -3.51 73.30 -1.74
N VAL F 217 -2.32 72.91 -1.29
CA VAL F 217 -1.15 73.77 -1.25
C VAL F 217 -0.20 73.31 -2.34
N PHE F 218 0.03 74.16 -3.33
CA PHE F 218 0.88 73.83 -4.47
C PHE F 218 2.30 74.32 -4.25
N SER F 219 3.27 73.41 -4.37
CA SER F 219 4.69 73.72 -4.26
C SER F 219 5.34 73.50 -5.62
N PRO F 220 5.31 74.47 -6.54
CA PRO F 220 5.85 74.24 -7.89
C PRO F 220 7.37 74.20 -7.89
N HIS F 221 7.90 73.84 -9.06
CA HIS F 221 9.33 73.94 -9.33
C HIS F 221 9.64 75.35 -9.83
N GLY F 222 10.85 75.82 -9.52
CA GLY F 222 11.19 77.21 -9.78
C GLY F 222 11.22 77.57 -11.25
N ARG F 223 11.52 76.61 -12.12
CA ARG F 223 11.55 76.89 -13.54
C ARG F 223 10.19 77.27 -14.08
N ALA F 224 9.11 76.91 -13.38
CA ALA F 224 7.74 77.21 -13.78
C ALA F 224 7.07 78.19 -12.83
N ARG F 225 7.86 79.01 -12.15
CA ARG F 225 7.32 79.90 -11.13
C ARG F 225 6.25 80.83 -11.70
N GLN F 226 6.61 81.60 -12.73
CA GLN F 226 5.72 82.67 -13.18
C GLN F 226 4.34 82.12 -13.59
N VAL F 227 4.32 81.12 -14.47
CA VAL F 227 3.05 80.63 -14.98
C VAL F 227 2.21 80.01 -13.87
N SER F 228 2.86 79.25 -12.97
CA SER F 228 2.13 78.65 -11.86
C SER F 228 1.39 79.70 -11.04
N LEU F 229 2.13 80.69 -10.53
CA LEU F 229 1.52 81.71 -9.68
C LEU F 229 0.38 82.42 -10.40
N LEU F 230 0.57 82.73 -11.69
CA LEU F 230 -0.51 83.37 -12.45
C LEU F 230 -1.76 82.50 -12.44
N LEU F 231 -1.59 81.18 -12.60
CA LEU F 231 -2.75 80.29 -12.60
C LEU F 231 -3.42 80.24 -11.23
N VAL F 232 -2.62 80.17 -10.16
CA VAL F 232 -3.18 80.17 -8.81
C VAL F 232 -4.00 81.43 -8.58
N ARG F 233 -3.47 82.59 -8.98
CA ARG F 233 -4.18 83.84 -8.75
C ARG F 233 -5.46 83.90 -9.57
N LEU F 234 -5.44 83.37 -10.79
CA LEU F 234 -6.66 83.35 -11.60
C LEU F 234 -7.71 82.45 -10.99
N ILE F 235 -7.29 81.34 -10.39
CA ILE F 235 -8.23 80.44 -9.73
C ILE F 235 -8.82 81.10 -8.49
N ASN F 236 -7.96 81.60 -7.60
CA ASN F 236 -8.44 82.32 -6.43
C ASN F 236 -9.39 83.44 -6.83
N GLN F 237 -9.11 84.10 -7.95
CA GLN F 237 -9.99 85.17 -8.42
C GLN F 237 -11.37 84.63 -8.74
N LYS F 238 -11.44 83.57 -9.58
CA LYS F 238 -12.72 83.02 -9.96
C LYS F 238 -13.48 82.47 -8.76
N LEU F 239 -12.77 81.81 -7.84
CA LEU F 239 -13.42 81.23 -6.68
C LEU F 239 -13.98 82.31 -5.76
N ALA F 240 -13.20 83.37 -5.52
CA ALA F 240 -13.71 84.49 -4.73
C ALA F 240 -14.94 85.11 -5.39
N ALA F 241 -15.07 84.98 -6.71
CA ALA F 241 -16.26 85.45 -7.40
C ALA F 241 -17.44 84.50 -7.22
N LEU F 242 -17.16 83.23 -6.98
CA LEU F 242 -18.20 82.23 -6.76
C LEU F 242 -18.58 82.08 -5.30
N GLY F 243 -17.97 82.85 -4.41
CA GLY F 243 -18.29 82.80 -3.00
C GLY F 243 -17.55 81.74 -2.21
N ALA F 244 -16.55 81.10 -2.80
CA ALA F 244 -15.81 80.06 -2.09
C ALA F 244 -14.96 80.68 -0.99
N PRO F 245 -14.67 79.93 0.07
CA PRO F 245 -13.75 80.45 1.09
C PRO F 245 -12.38 80.73 0.49
N GLU F 246 -11.75 81.78 1.01
CA GLU F 246 -10.43 82.15 0.52
C GLU F 246 -9.44 81.02 0.74
N ASN F 247 -8.42 80.97 -0.13
CA ASN F 247 -7.24 80.13 0.06
C ASN F 247 -7.55 78.64 -0.10
N LEU F 248 -8.58 78.29 -0.87
CA LEU F 248 -8.78 76.88 -1.20
C LEU F 248 -7.59 76.35 -2.00
N VAL F 249 -7.05 77.18 -2.89
CA VAL F 249 -5.87 76.86 -3.68
C VAL F 249 -4.82 77.93 -3.39
N VAL F 250 -3.66 77.51 -2.88
CA VAL F 250 -2.63 78.45 -2.45
C VAL F 250 -1.27 77.97 -2.97
N THR F 251 -0.30 78.88 -2.92
CA THR F 251 1.08 78.59 -3.26
C THR F 251 1.96 79.62 -2.57
N VAL F 252 3.27 79.53 -2.81
CA VAL F 252 4.24 80.42 -2.19
C VAL F 252 4.76 81.40 -3.23
N GLU F 253 5.39 82.47 -2.73
CA GLU F 253 5.82 83.56 -3.61
C GLU F 253 7.03 83.16 -4.42
N LYS F 254 8.05 82.59 -3.76
CA LYS F 254 9.30 82.19 -4.41
C LYS F 254 9.42 80.68 -4.31
N PRO F 255 8.76 79.94 -5.22
CA PRO F 255 8.92 78.48 -5.25
C PRO F 255 10.36 78.06 -5.18
N SER F 256 10.69 77.29 -4.17
CA SER F 256 12.02 76.80 -4.00
C SER F 256 11.99 75.47 -3.35
N ARG F 257 13.08 74.74 -3.43
CA ARG F 257 13.17 73.44 -2.82
C ARG F 257 13.00 73.48 -1.34
N GLU F 258 13.52 74.48 -0.69
CA GLU F 258 13.35 74.56 0.72
C GLU F 258 11.88 74.67 1.06
N ASN F 259 11.12 75.39 0.27
CA ASN F 259 9.69 75.47 0.51
C ASN F 259 9.05 74.09 0.44
N THR F 260 9.32 73.35 -0.64
CA THR F 260 8.80 71.99 -0.78
C THR F 260 9.06 71.18 0.49
N LEU F 261 10.31 71.17 0.95
CA LEU F 261 10.64 70.39 2.14
C LEU F 261 9.86 70.87 3.35
N ALA F 262 9.60 72.18 3.46
CA ALA F 262 8.82 72.70 4.57
C ALA F 262 7.40 72.18 4.52
N MET F 263 6.81 72.10 3.32
CA MET F 263 5.49 71.54 3.17
C MET F 263 5.45 70.08 3.61
N MET F 264 6.52 69.33 3.29
CA MET F 264 6.56 67.92 3.67
C MET F 264 6.61 67.74 5.18
N ALA F 265 7.11 68.73 5.91
CA ALA F 265 7.25 68.63 7.35
C ALA F 265 6.09 69.26 8.12
N HIS F 266 5.34 70.17 7.50
CA HIS F 266 4.32 70.91 8.22
C HIS F 266 3.29 69.94 8.80
N PRO F 267 2.96 70.03 10.09
CA PRO F 267 2.03 69.05 10.67
C PRO F 267 0.63 69.09 10.06
N LYS F 268 0.17 70.25 9.58
CA LYS F 268 -1.20 70.38 9.12
C LYS F 268 -1.40 69.91 7.69
N VAL F 269 -0.37 69.34 7.05
CA VAL F 269 -0.51 68.76 5.72
C VAL F 269 -0.86 67.28 5.91
N ARG F 270 -2.05 66.88 5.46
CA ARG F 270 -2.53 65.53 5.71
C ARG F 270 -2.13 64.53 4.62
N MET F 271 -1.94 64.99 3.39
CA MET F 271 -1.56 64.11 2.30
C MET F 271 -0.62 64.84 1.35
N LEU F 272 0.37 64.12 0.86
CA LEU F 272 1.30 64.63 -0.14
C LEU F 272 1.04 63.94 -1.47
N VAL F 273 0.98 64.72 -2.54
CA VAL F 273 0.81 64.19 -3.89
C VAL F 273 1.98 64.71 -4.72
N ALA F 274 2.90 63.80 -5.05
CA ALA F 274 4.12 64.16 -5.76
C ALA F 274 4.05 63.67 -7.20
N THR F 275 4.11 64.60 -8.14
CA THR F 275 4.18 64.30 -9.56
C THR F 275 5.57 64.74 -10.03
N GLY F 276 6.47 63.78 -10.19
CA GLY F 276 7.83 64.09 -10.58
C GLY F 276 8.71 62.87 -10.79
N GLY F 277 9.98 62.98 -10.42
CA GLY F 277 10.92 61.92 -10.64
C GLY F 277 11.01 60.97 -9.46
N PRO F 278 11.87 59.95 -9.58
CA PRO F 278 11.97 58.96 -8.50
C PRO F 278 12.47 59.53 -7.18
N ALA F 279 13.40 60.49 -7.24
CA ALA F 279 13.91 61.09 -6.01
C ALA F 279 12.81 61.79 -5.23
N LEU F 280 11.83 62.37 -5.94
CA LEU F 280 10.74 63.05 -5.28
C LEU F 280 9.76 62.05 -4.67
N VAL F 281 9.45 60.98 -5.39
CA VAL F 281 8.52 59.97 -4.88
C VAL F 281 9.02 59.40 -3.56
N LYS F 282 10.26 58.88 -3.56
CA LYS F 282 10.81 58.30 -2.34
C LYS F 282 10.90 59.34 -1.22
N ALA F 283 10.99 60.63 -1.57
CA ALA F 283 11.05 61.67 -0.56
C ALA F 283 9.73 61.77 0.21
N VAL F 284 8.62 61.95 -0.51
CA VAL F 284 7.33 62.13 0.14
C VAL F 284 6.91 60.86 0.86
N LEU F 285 7.37 59.70 0.40
CA LEU F 285 7.07 58.45 1.09
C LEU F 285 7.91 58.25 2.34
N SER F 286 8.74 59.21 2.72
CA SER F 286 9.54 59.15 3.93
C SER F 286 9.15 60.22 4.94
N THR F 287 8.08 60.97 4.66
CA THR F 287 7.69 62.10 5.50
C THR F 287 6.80 61.72 6.67
N GLY F 288 6.46 60.44 6.81
CA GLY F 288 5.52 60.03 7.83
C GLY F 288 4.09 60.42 7.53
N LYS F 289 3.76 60.68 6.27
CA LYS F 289 2.43 61.10 5.88
C LYS F 289 1.91 60.22 4.75
N LYS F 290 0.59 60.17 4.61
CA LYS F 290 -0.03 59.61 3.42
C LYS F 290 0.55 60.28 2.18
N ALA F 291 1.01 59.47 1.24
CA ALA F 291 1.67 59.98 0.04
C ALA F 291 1.21 59.22 -1.19
N ILE F 292 0.97 59.97 -2.26
CA ILE F 292 0.70 59.41 -3.59
C ILE F 292 1.90 59.76 -4.47
N GLY F 293 2.55 58.73 -5.00
CA GLY F 293 3.76 58.94 -5.77
C GLY F 293 3.61 58.61 -7.23
N ALA F 294 3.62 59.64 -8.08
CA ALA F 294 3.57 59.47 -9.53
C ALA F 294 5.01 59.47 -10.03
N GLY F 295 5.57 58.28 -10.22
CA GLY F 295 6.97 58.13 -10.59
C GLY F 295 7.22 58.44 -12.06
N ALA F 296 8.34 57.90 -12.54
CA ALA F 296 8.76 58.09 -13.93
C ALA F 296 8.50 56.82 -14.73
N GLY F 297 8.79 56.89 -16.03
CA GLY F 297 8.57 55.77 -16.91
C GLY F 297 9.53 55.78 -18.08
N ASN F 298 9.60 54.63 -18.75
CA ASN F 298 10.39 54.46 -19.98
C ASN F 298 9.55 53.68 -20.98
N PRO F 299 8.43 54.25 -21.43
CA PRO F 299 7.41 53.45 -22.13
C PRO F 299 7.93 52.88 -23.43
N PRO F 300 7.94 51.56 -23.57
CA PRO F 300 8.19 50.94 -24.88
C PRO F 300 6.92 50.81 -25.71
N VAL F 301 7.14 50.65 -27.01
CA VAL F 301 6.05 50.37 -27.96
C VAL F 301 6.48 49.20 -28.82
N VAL F 302 5.72 48.11 -28.75
CA VAL F 302 6.00 46.89 -29.51
C VAL F 302 5.14 46.89 -30.75
N VAL F 303 5.74 46.46 -31.87
CA VAL F 303 5.03 46.31 -33.14
C VAL F 303 5.39 44.93 -33.69
N ASP F 304 4.37 44.10 -33.90
CA ASP F 304 4.57 42.75 -34.43
C ASP F 304 3.95 42.63 -35.81
N GLU F 305 4.20 41.49 -36.45
CA GLU F 305 3.87 41.29 -37.85
C GLU F 305 2.39 41.47 -38.15
N THR F 306 1.51 41.31 -37.16
CA THR F 306 0.08 41.39 -37.40
C THR F 306 -0.46 42.81 -37.29
N ALA F 307 0.40 43.82 -37.20
CA ALA F 307 -0.03 45.18 -36.94
C ALA F 307 -0.31 45.92 -38.24
N ASN F 308 -1.26 46.85 -38.17
CA ASN F 308 -1.49 47.80 -39.25
C ASN F 308 -0.34 48.80 -39.26
N ILE F 309 0.69 48.53 -40.08
CA ILE F 309 1.95 49.26 -39.97
C ILE F 309 1.79 50.71 -40.41
N GLU F 310 0.91 50.98 -41.38
CA GLU F 310 0.63 52.36 -41.76
C GLU F 310 0.13 53.16 -40.55
N LYS F 311 -0.83 52.59 -39.82
CA LYS F 311 -1.35 53.25 -38.62
C LYS F 311 -0.37 53.15 -37.46
N ALA F 312 0.25 51.99 -37.27
CA ALA F 312 1.27 51.87 -36.23
C ALA F 312 2.33 52.96 -36.37
N ALA F 313 2.73 53.26 -37.61
CA ALA F 313 3.73 54.30 -37.82
C ALA F 313 3.17 55.68 -37.47
N CYS F 314 1.98 55.99 -37.96
CA CYS F 314 1.38 57.30 -37.69
C CYS F 314 1.14 57.50 -36.20
N ASP F 315 0.73 56.45 -35.49
CA ASP F 315 0.43 56.60 -34.07
C ASP F 315 1.71 56.77 -33.25
N ILE F 316 2.77 56.03 -33.60
CA ILE F 316 4.01 56.13 -32.85
C ILE F 316 4.64 57.51 -33.03
N VAL F 317 4.58 58.05 -34.25
CA VAL F 317 5.15 59.37 -34.48
C VAL F 317 4.34 60.44 -33.76
N ASN F 318 3.01 60.34 -33.82
CA ASN F 318 2.16 61.32 -33.16
C ASN F 318 2.33 61.27 -31.65
N GLY F 319 2.42 60.07 -31.08
CA GLY F 319 2.54 59.96 -29.64
C GLY F 319 3.91 60.36 -29.12
N CYS F 320 4.96 60.13 -29.91
CA CYS F 320 6.31 60.47 -29.49
C CYS F 320 6.57 61.97 -29.58
N SER F 321 6.14 62.60 -30.67
CA SER F 321 6.36 64.03 -30.88
C SER F 321 5.36 64.89 -30.13
N PHE F 322 4.29 64.32 -29.57
CA PHE F 322 3.31 65.11 -28.84
C PHE F 322 3.99 65.82 -27.68
N ASP F 323 3.91 67.15 -27.68
CA ASP F 323 4.56 68.00 -26.67
C ASP F 323 6.05 67.70 -26.59
N ASN F 324 6.64 67.24 -27.69
CA ASN F 324 8.07 66.97 -27.77
C ASN F 324 8.50 65.96 -26.70
N ASN F 325 7.68 64.94 -26.50
CA ASN F 325 8.01 63.76 -25.70
C ASN F 325 8.07 64.03 -24.21
N ILE F 326 7.67 65.24 -23.76
CA ILE F 326 7.73 65.54 -22.33
C ILE F 326 6.56 64.95 -21.56
N THR F 327 5.56 64.43 -22.24
CA THR F 327 4.48 63.71 -21.57
C THR F 327 5.05 62.44 -20.95
N CYS F 328 4.74 62.20 -19.66
CA CYS F 328 5.38 61.12 -18.93
C CYS F 328 5.01 59.74 -19.49
N THR F 329 3.99 59.65 -20.33
CA THR F 329 3.55 58.39 -20.91
C THR F 329 3.96 58.23 -22.37
N ALA F 330 4.64 59.22 -22.94
CA ALA F 330 4.95 59.19 -24.37
C ALA F 330 5.92 58.05 -24.68
N GLU F 331 5.81 57.53 -25.91
CA GLU F 331 6.71 56.49 -26.37
C GLU F 331 8.16 56.98 -26.33
N LYS F 332 9.05 56.12 -25.87
CA LYS F 332 10.48 56.45 -25.79
C LYS F 332 11.39 55.46 -26.52
N GLU F 333 10.92 54.26 -26.84
CA GLU F 333 11.73 53.31 -27.57
C GLU F 333 10.79 52.36 -28.34
N ILE F 334 11.20 51.99 -29.55
CA ILE F 334 10.45 51.08 -30.39
C ILE F 334 11.13 49.72 -30.35
N ILE F 335 10.31 48.67 -30.28
CA ILE F 335 10.78 47.29 -30.35
C ILE F 335 9.96 46.65 -31.46
N ALA F 336 10.54 46.52 -32.65
CA ALA F 336 9.83 46.09 -33.84
C ALA F 336 10.25 44.68 -34.23
N VAL F 337 9.27 43.88 -34.67
CA VAL F 337 9.56 42.56 -35.20
C VAL F 337 10.21 42.71 -36.57
N ALA F 338 11.28 41.93 -36.80
CA ALA F 338 12.08 42.11 -38.01
C ALA F 338 11.25 41.97 -39.27
N GLN F 339 10.27 41.05 -39.27
CA GLN F 339 9.50 40.80 -40.49
C GLN F 339 8.83 42.06 -41.03
N ILE F 340 8.58 43.03 -40.15
CA ILE F 340 7.95 44.28 -40.54
C ILE F 340 8.80 45.50 -40.20
N ALA F 341 9.98 45.31 -39.62
CA ALA F 341 10.78 46.43 -39.15
C ALA F 341 11.06 47.42 -40.27
N ASP F 342 11.54 46.93 -41.42
CA ASP F 342 11.88 47.82 -42.51
C ASP F 342 10.65 48.59 -42.99
N TYR F 343 9.53 47.88 -43.21
CA TYR F 343 8.33 48.55 -43.68
C TYR F 343 7.80 49.54 -42.64
N LEU F 344 8.05 49.29 -41.36
CA LEU F 344 7.71 50.27 -40.34
C LEU F 344 8.56 51.52 -40.48
N ILE F 345 9.88 51.35 -40.61
CA ILE F 345 10.78 52.49 -40.75
C ILE F 345 10.37 53.34 -41.94
N PHE F 346 9.98 52.70 -43.05
CA PHE F 346 9.54 53.44 -44.22
C PHE F 346 8.33 54.32 -43.88
N ASN F 347 7.33 53.74 -43.21
CA ASN F 347 6.12 54.51 -42.91
C ASN F 347 6.36 55.54 -41.81
N LEU F 348 7.30 55.28 -40.91
CA LEU F 348 7.68 56.30 -39.93
C LEU F 348 8.25 57.52 -40.63
N LYS F 349 9.18 57.30 -41.57
CA LYS F 349 9.80 58.42 -42.27
C LYS F 349 8.76 59.20 -43.09
N LYS F 350 7.84 58.50 -43.75
CA LYS F 350 6.81 59.20 -44.49
C LYS F 350 5.87 59.96 -43.58
N ASN F 351 5.87 59.69 -42.28
CA ASN F 351 5.03 60.39 -41.33
C ASN F 351 5.78 61.47 -40.55
N GLY F 352 7.07 61.66 -40.82
CA GLY F 352 7.81 62.76 -40.23
C GLY F 352 9.01 62.35 -39.41
N ALA F 353 9.51 61.14 -39.62
CA ALA F 353 10.70 60.65 -38.92
C ALA F 353 11.93 60.91 -39.79
N TYR F 354 12.96 61.49 -39.17
CA TYR F 354 14.25 61.72 -39.83
C TYR F 354 15.18 60.59 -39.39
N GLU F 355 15.34 59.59 -40.26
CA GLU F 355 16.21 58.46 -39.93
C GLU F 355 17.66 58.90 -39.94
N ILE F 356 18.43 58.40 -38.96
CA ILE F 356 19.84 58.69 -38.82
C ILE F 356 20.59 57.36 -38.90
N LYS F 357 21.28 57.14 -40.03
CA LYS F 357 22.04 55.91 -40.23
C LYS F 357 23.55 56.11 -40.09
N ASP F 358 24.05 57.34 -40.21
CA ASP F 358 25.48 57.59 -40.12
C ASP F 358 25.93 57.54 -38.66
N PRO F 359 26.69 56.53 -38.25
CA PRO F 359 27.11 56.45 -36.84
C PRO F 359 27.89 57.66 -36.36
N ALA F 360 28.38 58.51 -37.27
CA ALA F 360 29.03 59.75 -36.86
C ALA F 360 28.00 60.78 -36.42
N VAL F 361 26.96 61.00 -37.23
CA VAL F 361 25.90 61.92 -36.84
C VAL F 361 25.19 61.44 -35.59
N LEU F 362 25.04 60.12 -35.46
CA LEU F 362 24.42 59.56 -34.26
C LEU F 362 25.29 59.81 -33.03
N GLN F 363 26.61 59.74 -33.19
CA GLN F 363 27.51 60.05 -32.08
C GLN F 363 27.51 61.53 -31.74
N GLN F 364 27.17 62.40 -32.68
CA GLN F 364 27.03 63.82 -32.37
C GLN F 364 25.82 64.05 -31.47
N LEU F 365 24.69 63.39 -31.76
CA LEU F 365 23.48 63.59 -30.98
C LEU F 365 23.70 63.15 -29.54
N GLN F 366 24.31 61.98 -29.34
CA GLN F 366 24.62 61.52 -27.99
C GLN F 366 25.36 62.59 -27.19
N ASP F 367 26.36 63.21 -27.82
CA ASP F 367 27.13 64.24 -27.13
C ASP F 367 26.27 65.43 -26.75
N LEU F 368 25.24 65.72 -27.56
CA LEU F 368 24.41 66.89 -27.31
C LEU F 368 23.42 66.67 -26.18
N VAL F 369 22.78 65.49 -26.14
CA VAL F 369 21.64 65.27 -25.25
C VAL F 369 21.98 64.44 -24.01
N LEU F 370 23.18 63.86 -23.95
CA LEU F 370 23.57 63.04 -22.81
C LEU F 370 24.65 63.74 -22.00
N THR F 371 24.60 63.57 -20.68
CA THR F 371 25.57 64.17 -19.78
C THR F 371 26.82 63.29 -19.70
N ALA F 372 27.76 63.78 -18.94
CA ALA F 372 28.95 63.04 -18.69
C ALA F 372 28.51 61.80 -17.93
N LYS F 373 27.54 61.96 -17.04
CA LYS F 373 27.01 60.86 -16.27
C LYS F 373 26.35 59.81 -17.12
N GLY F 374 25.57 60.26 -18.10
CA GLY F 374 24.88 59.34 -19.00
C GLY F 374 23.40 59.56 -19.17
N GLY F 375 22.89 60.47 -18.37
CA GLY F 375 21.51 60.89 -18.34
C GLY F 375 21.20 61.95 -19.35
N PRO F 376 19.95 62.36 -19.41
CA PRO F 376 19.45 63.38 -20.30
C PRO F 376 19.88 64.70 -19.81
N GLN F 377 19.98 65.63 -20.74
CA GLN F 377 20.43 66.96 -20.49
C GLN F 377 19.26 67.88 -20.48
N THR F 378 19.14 68.62 -19.41
CA THR F 378 17.99 69.45 -19.22
C THR F 378 17.80 70.48 -20.26
N LYS F 379 18.87 70.85 -20.91
CA LYS F 379 18.81 71.90 -21.93
C LYS F 379 18.22 71.40 -23.24
N CYS F 380 18.20 70.09 -23.47
CA CYS F 380 17.63 69.50 -24.67
C CYS F 380 16.24 68.94 -24.45
N VAL F 381 15.78 68.84 -23.19
CA VAL F 381 14.47 68.28 -22.90
C VAL F 381 13.38 69.22 -23.41
N GLY F 382 12.37 68.65 -24.04
CA GLY F 382 11.22 69.41 -24.51
C GLY F 382 11.45 70.20 -25.77
N LYS F 383 12.63 70.12 -26.38
CA LYS F 383 12.91 70.82 -27.62
C LYS F 383 12.49 69.96 -28.82
N SER F 384 12.07 70.64 -29.88
CA SER F 384 11.54 69.95 -31.05
C SER F 384 12.63 69.15 -31.75
N ALA F 385 12.20 68.34 -32.73
CA ALA F 385 13.15 67.55 -33.51
C ALA F 385 13.96 68.44 -34.45
N VAL F 386 13.31 69.41 -35.09
CA VAL F 386 14.02 70.39 -35.91
C VAL F 386 15.14 71.02 -35.09
N TRP F 387 14.79 71.58 -33.93
CA TRP F 387 15.78 72.18 -33.05
C TRP F 387 16.93 71.22 -32.78
N LEU F 388 16.62 70.03 -32.27
CA LEU F 388 17.66 69.09 -31.92
C LEU F 388 18.60 68.79 -33.08
N LEU F 389 18.08 68.78 -34.31
CA LEU F 389 18.92 68.52 -35.47
C LEU F 389 19.76 69.74 -35.83
N SER F 390 19.12 70.92 -35.89
CA SER F 390 19.86 72.14 -36.21
C SER F 390 21.01 72.39 -35.24
N GLN F 391 20.99 71.76 -34.06
CA GLN F 391 22.09 71.89 -33.11
C GLN F 391 23.28 71.00 -33.45
N ILE F 392 23.13 70.06 -34.39
CA ILE F 392 24.25 69.27 -34.87
C ILE F 392 24.39 69.47 -36.38
N GLY F 393 23.96 70.63 -36.87
CA GLY F 393 24.20 71.02 -38.24
C GLY F 393 23.35 70.30 -39.27
N ILE F 394 22.06 70.13 -38.99
CA ILE F 394 21.14 69.50 -39.94
C ILE F 394 19.87 70.32 -39.96
N SER F 395 19.55 70.90 -41.13
CA SER F 395 18.42 71.80 -41.28
C SER F 395 17.29 71.07 -42.00
N VAL F 396 16.20 70.82 -41.29
CA VAL F 396 15.02 70.20 -41.87
C VAL F 396 13.82 71.10 -41.60
N ASP F 397 12.83 71.02 -42.48
CA ASP F 397 11.64 71.86 -42.34
C ASP F 397 10.74 71.30 -41.24
N ALA F 398 9.56 71.93 -41.08
CA ALA F 398 8.66 71.59 -39.99
C ALA F 398 7.99 70.23 -40.15
N SER F 399 8.23 69.52 -41.26
CA SER F 399 7.54 68.24 -41.47
C SER F 399 8.14 67.14 -40.60
N ILE F 400 9.40 67.25 -40.22
CA ILE F 400 10.05 66.23 -39.39
C ILE F 400 9.66 66.47 -37.94
N LYS F 401 9.25 65.41 -37.26
CA LYS F 401 8.75 65.49 -35.89
C LYS F 401 9.57 64.68 -34.89
N ILE F 402 10.14 63.55 -35.30
CA ILE F 402 10.96 62.73 -34.41
C ILE F 402 12.26 62.39 -35.12
N ILE F 403 13.26 62.02 -34.33
CA ILE F 403 14.57 61.61 -34.81
C ILE F 403 14.70 60.12 -34.51
N LEU F 404 14.66 59.31 -35.55
CA LEU F 404 14.67 57.88 -35.39
C LEU F 404 15.92 57.18 -35.77
N MET F 405 16.31 56.15 -35.05
CA MET F 405 17.49 55.41 -35.43
C MET F 405 17.43 53.97 -34.95
N GLU F 406 17.97 53.05 -35.74
CA GLU F 406 18.04 51.67 -35.30
C GLU F 406 19.32 51.54 -34.50
N VAL F 407 19.27 50.91 -33.34
CA VAL F 407 20.42 50.76 -32.47
C VAL F 407 20.28 49.48 -31.65
N PRO F 408 21.34 48.97 -31.04
CA PRO F 408 21.21 47.77 -30.21
C PRO F 408 20.41 48.06 -28.94
N ARG F 409 20.16 46.98 -28.19
CA ARG F 409 19.34 47.06 -26.99
C ARG F 409 20.01 47.86 -25.88
N GLU F 410 21.34 47.81 -25.81
CA GLU F 410 22.07 48.45 -24.72
C GLU F 410 22.27 49.94 -24.93
N HIS F 411 21.82 50.48 -26.06
CA HIS F 411 22.11 51.86 -26.41
C HIS F 411 21.57 52.79 -25.32
N PRO F 412 22.26 53.91 -25.04
CA PRO F 412 21.77 54.80 -23.97
C PRO F 412 20.46 55.48 -24.31
N PHE F 413 20.20 55.71 -25.57
CA PHE F 413 18.98 56.36 -25.93
C PHE F 413 17.78 55.53 -25.57
N VAL F 414 17.91 54.24 -25.73
CA VAL F 414 16.86 53.35 -25.39
C VAL F 414 16.59 53.36 -23.89
N GLN F 415 17.66 53.23 -23.13
CA GLN F 415 17.62 53.15 -21.69
C GLN F 415 17.23 54.30 -20.84
N GLU F 416 17.54 55.48 -21.29
CA GLU F 416 17.29 56.69 -20.52
C GLU F 416 16.00 57.35 -20.96
N GLU F 417 15.23 57.83 -19.98
CA GLU F 417 14.01 58.58 -20.26
C GLU F 417 14.43 59.98 -20.74
N LEU F 418 14.70 60.09 -22.06
CA LEU F 418 15.20 61.34 -22.59
C LEU F 418 14.16 62.45 -22.51
N MET F 419 12.89 62.12 -22.74
CA MET F 419 11.84 63.13 -22.84
C MET F 419 12.14 64.10 -23.98
N MET F 420 12.58 63.54 -25.11
CA MET F 420 12.89 64.29 -26.31
C MET F 420 12.33 63.54 -27.50
N PRO F 421 11.94 64.24 -28.57
CA PRO F 421 11.45 63.54 -29.77
C PRO F 421 12.54 62.75 -30.48
N ILE F 422 13.26 61.92 -29.72
CA ILE F 422 14.30 61.04 -30.25
C ILE F 422 13.86 59.62 -29.94
N LEU F 423 13.61 58.82 -30.98
CA LEU F 423 12.97 57.53 -30.81
C LEU F 423 13.86 56.41 -31.35
N PRO F 424 14.56 55.68 -30.48
CA PRO F 424 15.36 54.55 -30.96
C PRO F 424 14.50 53.34 -31.26
N LEU F 425 14.96 52.54 -32.21
CA LEU F 425 14.26 51.34 -32.64
C LEU F 425 15.21 50.15 -32.48
N VAL F 426 14.74 49.12 -31.78
CA VAL F 426 15.48 47.88 -31.59
C VAL F 426 14.78 46.78 -32.37
N ARG F 427 15.53 46.08 -33.20
CA ARG F 427 14.99 45.01 -34.04
C ARG F 427 15.17 43.67 -33.33
N VAL F 428 14.10 42.89 -33.30
CA VAL F 428 14.07 41.59 -32.68
C VAL F 428 13.46 40.56 -33.60
N GLU F 429 13.65 39.29 -33.29
CA GLU F 429 13.19 38.23 -34.17
C GLU F 429 11.68 38.08 -34.14
N THR F 430 11.14 37.54 -33.05
CA THR F 430 9.74 37.20 -32.94
C THR F 430 9.02 38.12 -31.97
N VAL F 431 7.68 38.12 -32.05
CA VAL F 431 6.87 38.94 -31.15
C VAL F 431 7.16 38.57 -29.70
N ASP F 432 7.34 37.28 -29.42
CA ASP F 432 7.65 36.86 -28.06
C ASP F 432 8.96 37.46 -27.56
N ASP F 433 9.93 37.66 -28.45
CA ASP F 433 11.19 38.29 -28.05
C ASP F 433 10.98 39.76 -27.69
N ALA F 434 10.07 40.44 -28.39
CA ALA F 434 9.80 41.84 -28.10
C ALA F 434 9.10 42.00 -26.75
N ILE F 435 8.26 41.03 -26.36
CA ILE F 435 7.61 41.11 -25.06
C ILE F 435 8.66 40.99 -23.96
N ASP F 436 9.55 39.99 -24.08
CA ASP F 436 10.62 39.83 -23.10
C ASP F 436 11.46 41.10 -23.00
N LEU F 437 11.77 41.72 -24.14
CA LEU F 437 12.62 42.92 -24.13
C LEU F 437 11.85 44.12 -23.60
N ALA F 438 10.60 44.29 -24.02
CA ALA F 438 9.79 45.41 -23.53
C ALA F 438 9.71 45.41 -22.01
N ILE F 439 9.66 44.22 -21.40
CA ILE F 439 9.67 44.13 -19.94
C ILE F 439 10.99 44.63 -19.38
N GLU F 440 12.11 44.12 -19.91
CA GLU F 440 13.42 44.53 -19.44
C GLU F 440 13.59 46.05 -19.52
N VAL F 441 13.24 46.63 -20.66
CA VAL F 441 13.54 48.04 -20.91
C VAL F 441 12.65 48.93 -20.04
N GLU F 442 11.43 48.49 -19.73
CA GLU F 442 10.54 49.30 -18.91
C GLU F 442 11.10 49.57 -17.52
N HIS F 443 12.10 48.80 -17.10
CA HIS F 443 12.84 49.06 -15.86
C HIS F 443 11.93 48.99 -14.63
N ASP F 444 10.92 48.13 -14.68
CA ASP F 444 10.06 47.87 -13.53
C ASP F 444 9.41 49.14 -12.98
N ASN F 445 9.39 50.21 -13.78
CA ASN F 445 8.58 51.37 -13.40
C ASN F 445 7.10 51.03 -13.33
N ARG F 446 6.68 49.97 -14.05
CA ARG F 446 5.28 49.60 -14.15
C ARG F 446 4.43 50.85 -14.37
N HIS F 447 4.85 51.63 -15.36
CA HIS F 447 4.23 52.92 -15.67
C HIS F 447 3.42 52.84 -16.95
N THR F 448 4.07 52.66 -18.10
CA THR F 448 3.36 52.69 -19.37
C THR F 448 4.04 51.78 -20.39
N ALA F 449 3.25 51.27 -21.32
CA ALA F 449 3.74 50.45 -22.42
C ALA F 449 2.67 50.46 -23.51
N ILE F 450 3.12 50.28 -24.75
CA ILE F 450 2.24 50.30 -25.90
C ILE F 450 2.52 49.06 -26.75
N MET F 451 1.52 48.66 -27.53
CA MET F 451 1.68 47.55 -28.46
C MET F 451 0.77 47.79 -29.66
N HIS F 452 1.30 47.49 -30.85
CA HIS F 452 0.52 47.51 -32.07
C HIS F 452 0.45 46.09 -32.62
N SER F 453 -0.76 45.55 -32.69
CA SER F 453 -0.97 44.15 -33.05
C SER F 453 -2.47 43.86 -33.10
N THR F 454 -2.89 42.99 -34.02
CA THR F 454 -4.29 42.61 -34.12
C THR F 454 -4.54 41.20 -33.61
N ASP F 455 -3.51 40.46 -33.22
CA ASP F 455 -3.68 39.12 -32.65
C ASP F 455 -4.13 39.27 -31.21
N VAL F 456 -5.40 38.96 -30.94
CA VAL F 456 -5.96 39.14 -29.60
C VAL F 456 -5.20 38.34 -28.55
N ARG F 457 -4.43 37.33 -28.98
CA ARG F 457 -3.65 36.55 -28.02
C ARG F 457 -2.34 37.25 -27.68
N LYS F 458 -1.70 37.87 -28.67
CA LYS F 458 -0.45 38.59 -28.43
C LYS F 458 -0.70 39.87 -27.63
N LEU F 459 -1.83 40.53 -27.89
CA LEU F 459 -2.19 41.70 -27.10
C LEU F 459 -2.41 41.35 -25.64
N THR F 460 -2.98 40.17 -25.37
CA THR F 460 -3.21 39.75 -23.99
C THR F 460 -1.91 39.38 -23.31
N LYS F 461 -1.05 38.62 -23.99
CA LYS F 461 0.19 38.16 -23.36
C LYS F 461 1.03 39.34 -22.88
N MET F 462 1.21 40.34 -23.74
CA MET F 462 2.04 41.48 -23.35
C MET F 462 1.41 42.26 -22.21
N ALA F 463 0.16 42.69 -22.39
CA ALA F 463 -0.52 43.46 -21.35
C ALA F 463 -0.40 42.79 -20.00
N LYS F 464 -0.70 41.48 -19.94
CA LYS F 464 -0.61 40.76 -18.68
C LYS F 464 0.78 40.89 -18.06
N LEU F 465 1.82 40.64 -18.85
CA LEU F 465 3.15 40.42 -18.29
C LEU F 465 3.84 41.73 -17.90
N ILE F 466 3.68 42.79 -18.69
CA ILE F 466 4.44 44.01 -18.43
C ILE F 466 3.89 44.74 -17.20
N GLN F 467 2.61 44.53 -16.88
CA GLN F 467 2.04 44.98 -15.59
C GLN F 467 2.18 46.48 -15.38
N THR F 468 2.04 47.25 -16.46
CA THR F 468 2.16 48.69 -16.35
C THR F 468 0.83 49.32 -15.92
N THR F 469 0.92 50.46 -15.24
CA THR F 469 -0.27 51.18 -14.84
C THR F 469 -1.13 51.56 -16.04
N ILE F 470 -0.51 51.81 -17.18
CA ILE F 470 -1.21 52.06 -18.43
C ILE F 470 -0.68 51.10 -19.49
N PHE F 471 -1.58 50.56 -20.29
CA PHE F 471 -1.22 49.78 -21.46
C PHE F 471 -2.14 50.20 -22.60
N VAL F 472 -1.55 50.41 -23.77
CA VAL F 472 -2.28 50.88 -24.95
C VAL F 472 -2.06 49.88 -26.07
N LYS F 473 -3.09 49.65 -26.88
CA LYS F 473 -3.05 48.69 -27.97
C LYS F 473 -3.60 49.33 -29.23
N ASN F 474 -2.77 49.42 -30.26
CA ASN F 474 -3.17 49.94 -31.57
C ASN F 474 -3.59 51.40 -31.50
N GLY F 475 -2.78 52.20 -30.81
CA GLY F 475 -3.06 53.62 -30.70
C GLY F 475 -1.89 54.40 -30.13
N PRO F 476 -1.96 55.73 -30.25
CA PRO F 476 -0.92 56.57 -29.65
C PRO F 476 -0.99 56.55 -28.13
N SER F 477 0.17 56.68 -27.51
CA SER F 477 0.25 56.55 -26.05
C SER F 477 -0.71 57.51 -25.35
N TYR F 478 -0.89 58.71 -25.89
CA TYR F 478 -1.72 59.68 -25.21
C TYR F 478 -3.20 59.28 -25.20
N ALA F 479 -3.57 58.15 -25.79
CA ALA F 479 -4.93 57.64 -25.63
C ALA F 479 -5.16 57.10 -24.22
N GLY F 480 -4.09 56.87 -23.45
CA GLY F 480 -4.21 56.48 -22.07
C GLY F 480 -4.55 57.60 -21.11
N HIS F 481 -4.55 58.85 -21.59
CA HIS F 481 -5.01 59.99 -20.83
C HIS F 481 -6.42 60.44 -21.23
N GLY F 482 -7.14 59.62 -22.00
CA GLY F 482 -8.48 59.98 -22.41
C GLY F 482 -8.56 60.89 -23.63
N ALA F 483 -7.49 60.97 -24.41
CA ALA F 483 -7.49 61.71 -25.67
C ALA F 483 -7.21 60.69 -26.77
N GLY F 484 -8.29 60.11 -27.31
CA GLY F 484 -8.19 59.02 -28.25
C GLY F 484 -8.53 57.67 -27.67
N GLY F 485 -8.82 57.59 -26.37
CA GLY F 485 -9.22 56.35 -25.73
C GLY F 485 -10.38 56.60 -24.79
N GLU F 486 -10.89 55.50 -24.21
CA GLU F 486 -12.00 55.57 -23.28
C GLU F 486 -11.48 55.76 -21.86
N GLY F 487 -12.27 56.47 -21.07
CA GLY F 487 -11.91 56.83 -19.72
C GLY F 487 -11.76 58.33 -19.55
N TYR F 488 -11.47 58.72 -18.30
CA TYR F 488 -11.22 60.11 -17.97
C TYR F 488 -9.73 60.43 -18.10
N SER F 489 -9.40 61.70 -17.95
CA SER F 489 -8.04 62.18 -18.12
C SER F 489 -7.44 62.55 -16.77
N THR F 490 -6.13 62.33 -16.65
CA THR F 490 -5.38 62.77 -15.48
C THR F 490 -3.95 63.00 -15.90
N PHE F 491 -3.23 63.80 -15.11
CA PHE F 491 -1.81 64.03 -15.32
C PHE F 491 -0.98 63.62 -14.12
N THR F 492 -1.54 62.84 -13.20
CA THR F 492 -0.82 62.28 -12.07
C THR F 492 -1.08 60.78 -12.09
N ILE F 493 -0.18 60.03 -12.70
CA ILE F 493 -0.34 58.58 -12.87
C ILE F 493 0.53 57.90 -11.82
N ALA F 494 -0.13 57.18 -10.91
CA ALA F 494 0.55 56.56 -9.78
C ALA F 494 0.90 55.12 -10.13
N GLY F 495 2.20 54.82 -10.14
CA GLY F 495 2.67 53.47 -10.33
C GLY F 495 3.10 52.83 -9.02
N PRO F 496 4.05 53.48 -8.32
CA PRO F 496 4.51 52.90 -7.05
C PRO F 496 3.42 52.78 -6.01
N THR F 497 2.71 53.87 -5.72
CA THR F 497 1.70 53.83 -4.66
C THR F 497 0.45 53.08 -5.06
N GLY F 498 0.25 52.82 -6.36
CA GLY F 498 -0.77 51.91 -6.81
C GLY F 498 -2.13 52.51 -7.11
N GLU F 499 -2.28 53.83 -7.00
CA GLU F 499 -3.59 54.44 -7.20
C GLU F 499 -3.98 54.54 -8.67
N GLY F 500 -3.07 54.28 -9.61
CA GLY F 500 -3.42 54.33 -11.01
C GLY F 500 -3.61 55.75 -11.50
N LEU F 501 -4.66 55.96 -12.29
CA LEU F 501 -4.98 57.30 -12.81
C LEU F 501 -5.74 58.05 -11.73
N THR F 502 -5.06 58.98 -11.07
CA THR F 502 -5.65 59.66 -9.93
C THR F 502 -6.86 60.48 -10.34
N SER F 503 -7.79 60.64 -9.41
CA SER F 503 -8.97 61.47 -9.60
C SER F 503 -9.49 61.87 -8.22
N ALA F 504 -10.73 62.35 -8.16
CA ALA F 504 -11.30 62.77 -6.88
C ALA F 504 -11.24 61.64 -5.86
N LYS F 505 -11.68 60.44 -6.24
CA LYS F 505 -11.63 59.29 -5.36
C LYS F 505 -10.28 59.18 -4.65
N SER F 506 -9.19 59.34 -5.41
CA SER F 506 -7.86 59.11 -4.87
C SER F 506 -7.52 60.09 -3.75
N PHE F 507 -8.17 61.25 -3.71
CA PHE F 507 -7.88 62.27 -2.71
C PHE F 507 -8.90 62.27 -1.58
N ALA F 508 -9.54 61.13 -1.31
CA ALA F 508 -10.59 61.04 -0.32
C ALA F 508 -10.34 59.84 0.59
N ARG F 509 -11.01 59.83 1.73
CA ARG F 509 -10.92 58.76 2.68
C ARG F 509 -12.16 57.92 2.59
N ARG F 510 -12.03 56.62 2.78
CA ARG F 510 -13.12 55.72 2.70
C ARG F 510 -13.83 55.64 4.04
N ARG F 511 -15.12 55.90 4.06
CA ARG F 511 -15.86 55.91 5.29
C ARG F 511 -17.02 54.99 5.26
N LYS F 512 -17.28 54.33 6.34
CA LYS F 512 -18.37 53.36 6.43
C LYS F 512 -19.37 53.83 7.48
N CYS F 513 -20.65 53.74 7.15
CA CYS F 513 -21.73 54.15 8.04
C CYS F 513 -22.74 53.02 8.12
N VAL F 514 -22.94 52.49 9.33
CA VAL F 514 -23.77 51.30 9.55
C VAL F 514 -25.00 51.70 10.35
N MET F 515 -26.17 51.65 9.71
CA MET F 515 -27.45 51.83 10.37
C MET F 515 -28.00 50.44 10.71
N VAL F 516 -27.92 50.07 11.99
CA VAL F 516 -28.23 48.70 12.40
C VAL F 516 -29.73 48.50 12.46
N GLU F 517 -30.22 47.50 11.72
CA GLU F 517 -31.62 47.09 11.74
C GLU F 517 -32.56 48.26 11.50
N ALA F 518 -32.33 48.95 10.38
CA ALA F 518 -33.18 50.05 9.94
C ALA F 518 -32.75 50.46 8.55
N LEU F 519 -33.69 51.00 7.78
CA LEU F 519 -33.45 51.45 6.42
C LEU F 519 -33.09 50.29 5.50
N ASN F 520 -33.56 49.09 5.83
CA ASN F 520 -33.46 47.91 4.97
C ASN F 520 -34.87 47.64 4.44
N ILE F 521 -35.24 48.43 3.47
CA ILE F 521 -36.56 48.44 2.96
C ILE F 521 -36.85 47.58 1.78
N ARG F 522 -35.96 46.69 1.43
CA ARG F 522 -36.20 45.80 0.33
C ARG F 522 -37.44 44.97 0.53
N ALA G 83 -50.89 16.33 5.75
CA ALA G 83 -49.77 16.90 6.46
C ALA G 83 -49.15 18.02 5.66
N VAL G 84 -47.86 18.01 5.56
CA VAL G 84 -47.16 19.00 4.82
C VAL G 84 -47.38 18.73 3.37
N SER G 85 -47.45 19.76 2.57
CA SER G 85 -47.65 19.60 1.16
C SER G 85 -46.38 19.27 0.47
N ASP G 86 -46.50 18.50 -0.59
CA ASP G 86 -45.34 18.17 -1.41
C ASP G 86 -45.21 19.10 -2.61
N GLY G 87 -46.06 20.12 -2.71
CA GLY G 87 -46.00 21.07 -3.79
C GLY G 87 -46.85 20.71 -5.00
N VAL G 88 -47.23 19.46 -5.15
CA VAL G 88 -47.99 18.99 -6.31
C VAL G 88 -49.48 19.07 -6.00
N PHE G 89 -50.25 19.67 -6.90
CA PHE G 89 -51.66 19.92 -6.68
C PHE G 89 -52.48 19.34 -7.83
N GLU G 90 -53.70 18.92 -7.50
CA GLU G 90 -54.54 18.26 -8.49
C GLU G 90 -55.02 19.22 -9.56
N THR G 91 -55.15 20.50 -9.23
CA THR G 91 -55.66 21.50 -10.17
C THR G 91 -54.75 22.72 -10.16
N MET G 92 -54.62 23.35 -11.31
CA MET G 92 -53.75 24.52 -11.42
C MET G 92 -54.19 25.63 -10.48
N ASP G 93 -55.50 25.91 -10.43
CA ASP G 93 -55.98 26.99 -9.57
C ASP G 93 -55.66 26.71 -8.10
N ALA G 94 -55.57 25.43 -7.71
CA ALA G 94 -55.19 25.12 -6.34
C ALA G 94 -53.72 25.41 -6.10
N ALA G 95 -52.87 25.15 -7.10
CA ALA G 95 -51.45 25.41 -6.96
C ALA G 95 -51.16 26.91 -6.94
N VAL G 96 -51.86 27.68 -7.78
CA VAL G 96 -51.65 29.12 -7.80
C VAL G 96 -52.06 29.74 -6.48
N GLU G 97 -53.21 29.31 -5.93
CA GLU G 97 -53.65 29.83 -4.65
C GLU G 97 -52.70 29.43 -3.53
N ALA G 98 -52.18 28.20 -3.58
CA ALA G 98 -51.20 27.77 -2.59
C ALA G 98 -49.93 28.61 -2.70
N ALA G 99 -49.48 28.89 -3.91
CA ALA G 99 -48.29 29.72 -4.11
C ALA G 99 -48.55 31.15 -3.65
N ALA G 100 -49.73 31.69 -3.95
CA ALA G 100 -50.07 33.04 -3.54
C ALA G 100 -49.98 33.19 -2.03
N LEU G 101 -50.60 32.27 -1.28
CA LEU G 101 -50.51 32.33 0.17
C LEU G 101 -49.09 32.09 0.66
N ALA G 102 -48.34 31.23 -0.03
CA ALA G 102 -46.95 30.99 0.36
C ALA G 102 -46.14 32.27 0.26
N GLN G 103 -46.39 33.07 -0.78
CA GLN G 103 -45.61 34.30 -0.96
C GLN G 103 -45.99 35.36 0.06
N GLN G 104 -47.25 35.37 0.52
CA GLN G 104 -47.63 36.26 1.60
C GLN G 104 -46.83 35.97 2.86
N GLN G 105 -46.71 34.69 3.22
CA GLN G 105 -45.91 34.31 4.37
C GLN G 105 -44.43 34.52 4.11
N TYR G 106 -44.00 34.40 2.84
CA TYR G 106 -42.59 34.55 2.49
C TYR G 106 -42.11 35.97 2.76
N LEU G 107 -42.96 36.97 2.50
CA LEU G 107 -42.58 38.36 2.72
C LEU G 107 -42.16 38.62 4.15
N LEU G 108 -42.62 37.79 5.10
CA LEU G 108 -42.25 37.97 6.49
C LEU G 108 -40.91 37.33 6.83
N CYS G 109 -40.33 36.57 5.92
CA CYS G 109 -39.05 35.92 6.17
C CYS G 109 -37.91 36.91 5.97
N SER G 110 -36.75 36.52 6.48
CA SER G 110 -35.56 37.36 6.41
C SER G 110 -34.73 37.00 5.17
N MET G 111 -33.80 37.90 4.83
CA MET G 111 -32.83 37.59 3.79
C MET G 111 -32.00 36.36 4.17
N SER G 112 -31.79 36.14 5.47
CA SER G 112 -31.11 34.93 5.91
C SER G 112 -31.93 33.69 5.56
N ASP G 113 -33.24 33.73 5.80
CA ASP G 113 -34.10 32.60 5.46
C ASP G 113 -34.06 32.33 3.96
N ARG G 114 -34.15 33.39 3.14
CA ARG G 114 -34.02 33.22 1.70
C ARG G 114 -32.76 32.45 1.35
N ALA G 115 -31.63 32.85 1.95
CA ALA G 115 -30.36 32.21 1.64
C ALA G 115 -30.38 30.74 2.05
N ARG G 116 -30.98 30.42 3.19
CA ARG G 116 -31.10 29.03 3.61
C ARG G 116 -31.92 28.24 2.61
N PHE G 117 -33.05 28.80 2.16
CA PHE G 117 -33.90 28.10 1.20
C PHE G 117 -33.18 27.95 -0.15
N VAL G 118 -32.53 29.03 -0.62
CA VAL G 118 -31.76 28.94 -1.85
C VAL G 118 -30.71 27.84 -1.72
N GLN G 119 -29.90 27.90 -0.67
CA GLN G 119 -28.90 26.86 -0.42
C GLN G 119 -29.55 25.49 -0.33
N GLY G 120 -30.78 25.43 0.17
CA GLY G 120 -31.48 24.16 0.25
C GLY G 120 -31.72 23.54 -1.11
N ILE G 121 -32.07 24.37 -2.09
CA ILE G 121 -32.30 23.85 -3.44
C ILE G 121 -31.00 23.34 -4.03
N ARG G 122 -29.90 24.07 -3.85
CA ARG G 122 -28.61 23.60 -4.32
C ARG G 122 -28.31 22.22 -3.76
N ASP G 123 -28.49 22.03 -2.45
CA ASP G 123 -28.17 20.76 -1.83
C ASP G 123 -28.99 19.61 -2.41
N VAL G 124 -30.24 19.89 -2.80
CA VAL G 124 -31.07 18.86 -3.41
C VAL G 124 -30.43 18.37 -4.69
N ILE G 125 -30.10 19.28 -5.61
CA ILE G 125 -29.60 18.89 -6.91
C ILE G 125 -28.12 18.51 -6.87
N LEU G 126 -27.36 19.03 -5.91
CA LEU G 126 -25.94 18.72 -5.83
C LEU G 126 -25.65 17.48 -4.99
N ASN G 127 -26.61 17.01 -4.20
CA ASN G 127 -26.50 15.69 -3.59
C ASN G 127 -26.25 14.65 -4.69
N GLN G 128 -25.14 13.93 -4.58
CA GLN G 128 -24.70 13.08 -5.70
C GLN G 128 -25.77 12.08 -6.09
N ASP G 129 -26.46 11.49 -5.11
CA ASP G 129 -27.47 10.48 -5.42
C ASP G 129 -28.61 11.05 -6.25
N THR G 130 -29.08 12.25 -5.88
CA THR G 130 -30.16 12.87 -6.64
C THR G 130 -29.67 13.39 -7.99
N LEU G 131 -28.48 14.01 -8.01
CA LEU G 131 -27.93 14.52 -9.26
C LEU G 131 -27.91 13.45 -10.34
N GLU G 132 -27.53 12.22 -9.97
CA GLU G 132 -27.45 11.15 -10.97
C GLU G 132 -28.84 10.69 -11.38
N LYS G 133 -29.77 10.57 -10.42
CA LYS G 133 -31.12 10.14 -10.74
C LYS G 133 -31.80 11.14 -11.68
N MET G 134 -31.68 12.44 -11.38
CA MET G 134 -32.31 13.45 -12.22
C MET G 134 -31.74 13.43 -13.64
N SER G 135 -30.43 13.21 -13.76
CA SER G 135 -29.80 13.18 -15.08
C SER G 135 -30.25 11.95 -15.87
N ARG G 136 -30.12 10.77 -15.26
CA ARG G 136 -30.58 9.55 -15.91
C ARG G 136 -32.07 9.63 -16.21
N MET G 137 -32.84 10.16 -15.27
CA MET G 137 -34.30 10.16 -15.41
C MET G 137 -34.76 11.08 -16.54
N ALA G 138 -34.17 12.27 -16.64
CA ALA G 138 -34.55 13.18 -17.71
C ALA G 138 -34.27 12.58 -19.08
N VAL G 139 -33.11 11.95 -19.25
CA VAL G 139 -32.76 11.37 -20.54
C VAL G 139 -33.72 10.23 -20.87
N GLU G 140 -34.09 9.43 -19.85
CA GLU G 140 -34.95 8.28 -20.12
C GLU G 140 -36.40 8.70 -20.35
N GLU G 141 -36.87 9.74 -19.67
CA GLU G 141 -38.27 10.15 -19.83
C GLU G 141 -38.47 10.93 -21.12
N THR G 142 -37.66 11.96 -21.36
CA THR G 142 -37.79 12.74 -22.58
C THR G 142 -37.12 12.06 -23.78
N GLY G 143 -36.19 11.14 -23.53
CA GLY G 143 -35.44 10.53 -24.61
C GLY G 143 -34.49 11.46 -25.31
N MET G 144 -34.30 12.66 -24.78
CA MET G 144 -33.45 13.68 -25.39
C MET G 144 -32.27 13.94 -24.46
N GLY G 145 -31.07 13.90 -25.02
CA GLY G 145 -29.87 14.31 -24.32
C GLY G 145 -28.97 13.13 -23.99
N ASN G 146 -27.99 13.43 -23.15
CA ASN G 146 -26.96 12.47 -22.78
C ASN G 146 -26.78 12.51 -21.26
N TYR G 147 -26.74 11.33 -20.64
CA TYR G 147 -26.69 11.25 -19.19
C TYR G 147 -25.45 11.94 -18.63
N GLU G 148 -24.28 11.63 -19.19
CA GLU G 148 -23.04 12.18 -18.66
C GLU G 148 -23.06 13.71 -18.69
N HIS G 149 -23.66 14.29 -19.73
CA HIS G 149 -23.69 15.73 -19.86
C HIS G 149 -24.79 16.37 -19.02
N LYS G 150 -25.90 15.66 -18.80
CA LYS G 150 -26.90 16.15 -17.87
C LYS G 150 -26.31 16.36 -16.48
N LEU G 151 -25.32 15.55 -16.10
CA LEU G 151 -24.65 15.75 -14.81
C LEU G 151 -23.94 17.10 -14.79
N ILE G 152 -23.26 17.46 -15.88
CA ILE G 152 -22.57 18.74 -15.92
C ILE G 152 -23.56 19.88 -15.89
N LYS G 153 -24.64 19.78 -16.68
CA LYS G 153 -25.60 20.87 -16.76
C LYS G 153 -26.41 21.02 -15.49
N ASN G 154 -26.84 19.90 -14.90
CA ASN G 154 -27.57 19.97 -13.64
C ASN G 154 -26.69 20.50 -12.52
N ARG G 155 -25.43 20.05 -12.45
CA ARG G 155 -24.50 20.63 -11.48
C ARG G 155 -24.29 22.11 -11.75
N LEU G 156 -24.20 22.50 -13.02
CA LEU G 156 -24.01 23.90 -13.38
C LEU G 156 -25.13 24.76 -12.80
N ALA G 157 -26.38 24.33 -12.95
CA ALA G 157 -27.51 25.11 -12.45
C ALA G 157 -27.48 25.23 -10.94
N GLY G 158 -27.06 24.17 -10.25
CA GLY G 158 -27.03 24.20 -8.80
C GLY G 158 -25.90 25.01 -8.21
N GLU G 159 -24.76 25.08 -8.90
CA GLU G 159 -23.58 25.72 -8.35
C GLU G 159 -23.47 27.19 -8.74
N LYS G 160 -23.71 27.52 -10.01
CA LYS G 160 -23.41 28.85 -10.52
C LYS G 160 -24.65 29.70 -10.76
N THR G 161 -25.83 29.26 -10.33
CA THR G 161 -26.99 30.14 -10.38
C THR G 161 -26.90 31.17 -9.25
N PRO G 162 -26.99 32.46 -9.56
CA PRO G 162 -26.86 33.47 -8.49
C PRO G 162 -27.92 33.31 -7.42
N GLY G 163 -27.52 33.58 -6.19
CA GLY G 163 -28.40 33.61 -5.03
C GLY G 163 -28.77 35.03 -4.65
N ILE G 164 -29.00 35.24 -3.35
CA ILE G 164 -29.46 36.54 -2.89
C ILE G 164 -28.40 37.64 -3.06
N GLU G 165 -27.15 37.28 -3.30
CA GLU G 165 -26.12 38.29 -3.54
C GLU G 165 -26.36 39.05 -4.85
N ASP G 166 -27.25 38.55 -5.72
CA ASP G 166 -27.54 39.23 -6.97
C ASP G 166 -28.33 40.52 -6.74
N LEU G 167 -29.08 40.59 -5.64
CA LEU G 167 -29.98 41.71 -5.38
C LEU G 167 -29.19 42.85 -4.74
N THR G 168 -28.42 43.53 -5.58
CA THR G 168 -27.58 44.62 -5.12
C THR G 168 -28.41 45.87 -4.84
N THR G 169 -27.76 46.85 -4.22
CA THR G 169 -28.40 48.10 -3.82
C THR G 169 -27.62 49.26 -4.45
N ASP G 170 -28.34 50.18 -5.07
CA ASP G 170 -27.74 51.41 -5.59
C ASP G 170 -28.05 52.57 -4.65
N ALA G 171 -27.13 53.52 -4.58
CA ALA G 171 -27.27 54.62 -3.64
C ALA G 171 -26.62 55.88 -4.22
N PHE G 172 -27.25 57.01 -3.95
CA PHE G 172 -26.72 58.32 -4.30
C PHE G 172 -27.01 59.26 -3.14
N SER G 173 -26.02 60.03 -2.74
CA SER G 173 -26.19 60.98 -1.64
C SER G 173 -25.61 62.33 -2.05
N GLY G 174 -26.31 63.38 -1.68
CA GLY G 174 -25.88 64.73 -1.98
C GLY G 174 -26.60 65.70 -1.06
N ASP G 175 -26.78 66.93 -1.54
CA ASP G 175 -27.45 67.95 -0.74
C ASP G 175 -28.91 67.61 -0.47
N ASN G 176 -29.53 66.80 -1.31
CA ASN G 176 -30.95 66.48 -1.18
C ASN G 176 -31.21 65.26 -0.30
N GLY G 177 -30.16 64.59 0.18
CA GLY G 177 -30.31 63.48 1.09
C GLY G 177 -29.75 62.20 0.50
N LEU G 178 -30.43 61.08 0.81
CA LEU G 178 -30.03 59.76 0.37
C LEU G 178 -31.14 59.17 -0.48
N THR G 179 -30.76 58.49 -1.56
CA THR G 179 -31.70 57.75 -2.39
C THR G 179 -31.18 56.33 -2.54
N LEU G 180 -32.00 55.36 -2.19
CA LEU G 180 -31.66 53.95 -2.36
C LEU G 180 -32.54 53.33 -3.43
N VAL G 181 -32.00 52.30 -4.09
CA VAL G 181 -32.71 51.56 -5.13
C VAL G 181 -32.56 50.08 -4.82
N GLU G 182 -33.68 49.38 -4.72
CA GLU G 182 -33.70 48.00 -4.26
C GLU G 182 -34.44 47.11 -5.25
N TYR G 183 -34.20 45.81 -5.12
CA TYR G 183 -34.87 44.78 -5.92
C TYR G 183 -35.83 44.02 -5.01
N SER G 184 -37.13 44.28 -5.15
CA SER G 184 -38.16 43.68 -4.32
C SER G 184 -38.96 42.63 -5.08
N PRO G 185 -39.73 41.80 -4.38
CA PRO G 185 -40.40 40.69 -5.04
C PRO G 185 -41.54 41.14 -5.94
N PHE G 186 -41.85 40.28 -6.92
CA PHE G 186 -42.99 40.43 -7.82
C PHE G 186 -44.26 39.81 -7.25
N GLY G 187 -44.15 38.60 -6.69
CA GLY G 187 -45.30 37.87 -6.21
C GLY G 187 -45.25 36.42 -6.66
N VAL G 188 -46.34 35.93 -7.23
CA VAL G 188 -46.39 34.57 -7.75
C VAL G 188 -45.92 34.61 -9.21
N ILE G 189 -44.90 33.81 -9.50
CA ILE G 189 -44.36 33.70 -10.86
C ILE G 189 -44.79 32.36 -11.43
N GLY G 190 -45.25 32.38 -12.68
CA GLY G 190 -45.56 31.15 -13.39
C GLY G 190 -44.56 30.88 -14.49
N ALA G 191 -43.80 29.79 -14.33
CA ALA G 191 -42.74 29.43 -15.26
C ALA G 191 -43.13 28.23 -16.09
N ILE G 192 -42.92 28.30 -17.40
CA ILE G 192 -43.11 27.19 -18.32
C ILE G 192 -41.72 26.67 -18.70
N THR G 193 -41.47 25.38 -18.46
CA THR G 193 -40.13 24.84 -18.63
C THR G 193 -40.04 23.97 -19.88
N PRO G 194 -38.90 23.91 -20.50
CA PRO G 194 -38.70 23.12 -21.70
C PRO G 194 -38.44 21.64 -21.52
N THR G 195 -38.73 20.85 -22.51
CA THR G 195 -38.47 19.43 -22.46
C THR G 195 -37.00 19.11 -22.48
N THR G 196 -36.22 19.88 -23.17
CA THR G 196 -34.81 19.66 -23.29
C THR G 196 -34.00 19.82 -22.05
N ASN G 197 -34.33 20.78 -21.25
CA ASN G 197 -33.63 21.03 -19.98
C ASN G 197 -34.66 21.08 -18.86
N PRO G 198 -35.34 19.96 -18.59
CA PRO G 198 -36.47 20.00 -17.65
C PRO G 198 -36.05 20.26 -16.21
N THR G 199 -34.95 19.67 -15.75
CA THR G 199 -34.52 19.85 -14.38
C THR G 199 -33.60 21.06 -14.21
N GLU G 200 -32.72 21.32 -15.20
CA GLU G 200 -31.84 22.47 -15.11
C GLU G 200 -32.64 23.76 -14.97
N THR G 201 -33.71 23.90 -15.74
CA THR G 201 -34.49 25.13 -15.72
C THR G 201 -35.29 25.27 -14.43
N ILE G 202 -35.85 24.16 -13.92
CA ILE G 202 -36.55 24.22 -12.64
C ILE G 202 -35.62 24.65 -11.53
N VAL G 203 -34.38 24.15 -11.54
CA VAL G 203 -33.41 24.52 -10.51
C VAL G 203 -33.01 25.98 -10.67
N CYS G 204 -32.61 26.37 -11.88
CA CYS G 204 -32.15 27.73 -12.11
C CYS G 204 -33.25 28.75 -11.83
N ASN G 205 -34.46 28.48 -12.33
CA ASN G 205 -35.58 29.40 -12.10
C ASN G 205 -35.89 29.52 -10.61
N SER G 206 -36.03 28.40 -9.91
CA SER G 206 -36.47 28.46 -8.53
C SER G 206 -35.44 29.14 -7.64
N ILE G 207 -34.15 28.89 -7.87
CA ILE G 207 -33.12 29.57 -7.08
C ILE G 207 -33.27 31.09 -7.23
N GLY G 208 -33.29 31.58 -8.46
CA GLY G 208 -33.38 33.01 -8.67
C GLY G 208 -34.71 33.59 -8.23
N MET G 209 -35.81 32.89 -8.50
CA MET G 209 -37.12 33.41 -8.14
C MET G 209 -37.29 33.45 -6.62
N LEU G 210 -36.93 32.37 -5.93
CA LEU G 210 -37.02 32.37 -4.47
C LEU G 210 -36.01 33.33 -3.85
N ALA G 211 -34.83 33.45 -4.45
CA ALA G 211 -33.85 34.39 -3.94
C ALA G 211 -34.38 35.82 -3.99
N ALA G 212 -35.23 36.11 -4.96
CA ALA G 212 -35.82 37.45 -5.11
C ALA G 212 -37.09 37.64 -4.29
N GLY G 213 -37.52 36.63 -3.53
CA GLY G 213 -38.66 36.77 -2.64
C GLY G 213 -39.99 36.39 -3.25
N ASN G 214 -39.99 35.66 -4.36
CA ASN G 214 -41.22 35.22 -5.01
C ASN G 214 -41.50 33.76 -4.70
N SER G 215 -42.72 33.34 -5.00
CA SER G 215 -43.06 31.93 -5.16
C SER G 215 -43.18 31.63 -6.64
N VAL G 216 -43.09 30.35 -6.98
CA VAL G 216 -43.09 29.93 -8.38
C VAL G 216 -44.09 28.80 -8.57
N VAL G 217 -44.92 28.94 -9.60
CA VAL G 217 -45.75 27.86 -10.12
C VAL G 217 -45.12 27.38 -11.42
N PHE G 218 -44.71 26.11 -11.45
CA PHE G 218 -44.12 25.53 -12.65
C PHE G 218 -45.20 24.82 -13.47
N SER G 219 -45.02 24.84 -14.77
CA SER G 219 -45.83 24.16 -15.73
C SER G 219 -44.95 23.48 -16.70
N PRO G 220 -44.48 22.31 -16.37
CA PRO G 220 -43.59 21.62 -17.26
C PRO G 220 -44.23 20.97 -18.44
N HIS G 221 -43.44 20.58 -19.41
CA HIS G 221 -43.89 19.93 -20.62
C HIS G 221 -44.35 18.54 -20.23
N GLY G 222 -45.32 17.99 -20.92
CA GLY G 222 -45.81 16.69 -20.58
C GLY G 222 -44.81 15.58 -20.64
N ARG G 223 -43.93 15.65 -21.59
CA ARG G 223 -42.91 14.67 -21.79
C ARG G 223 -42.00 14.54 -20.61
N ALA G 224 -41.90 15.55 -19.77
CA ALA G 224 -41.01 15.51 -18.62
C ALA G 224 -41.80 15.56 -17.31
N ARG G 225 -42.99 14.97 -17.32
CA ARG G 225 -43.87 15.04 -16.16
C ARG G 225 -43.24 14.40 -14.93
N GLN G 226 -42.73 13.18 -15.06
CA GLN G 226 -42.33 12.41 -13.88
C GLN G 226 -41.08 12.97 -13.25
N VAL G 227 -40.12 13.44 -14.05
CA VAL G 227 -38.87 13.96 -13.49
C VAL G 227 -39.10 15.35 -12.90
N SER G 228 -39.92 16.18 -13.55
CA SER G 228 -40.20 17.50 -13.01
C SER G 228 -40.92 17.41 -11.67
N LEU G 229 -41.91 16.53 -11.57
CA LEU G 229 -42.66 16.40 -10.33
C LEU G 229 -41.77 15.90 -9.20
N LEU G 230 -40.87 14.97 -9.49
CA LEU G 230 -39.97 14.48 -8.45
C LEU G 230 -39.08 15.61 -7.94
N LEU G 231 -38.51 16.40 -8.84
CA LEU G 231 -37.67 17.51 -8.43
C LEU G 231 -38.45 18.50 -7.57
N VAL G 232 -39.71 18.75 -7.93
CA VAL G 232 -40.53 19.66 -7.12
C VAL G 232 -40.77 19.08 -5.74
N ARG G 233 -41.08 17.78 -5.66
CA ARG G 233 -41.34 17.16 -4.37
C ARG G 233 -40.10 17.16 -3.50
N LEU G 234 -38.94 16.85 -4.08
CA LEU G 234 -37.70 16.92 -3.32
C LEU G 234 -37.48 18.33 -2.77
N ILE G 235 -37.73 19.35 -3.59
CA ILE G 235 -37.52 20.73 -3.16
C ILE G 235 -38.44 21.07 -1.98
N ASN G 236 -39.69 20.59 -2.03
CA ASN G 236 -40.64 20.94 -0.97
C ASN G 236 -40.32 20.24 0.34
N GLN G 237 -39.82 19.00 0.29
CA GLN G 237 -39.42 18.34 1.53
C GLN G 237 -38.18 19.01 2.12
N LYS G 238 -37.23 19.41 1.26
CA LYS G 238 -36.04 20.09 1.74
C LYS G 238 -36.39 21.45 2.34
N LEU G 239 -37.26 22.21 1.66
CA LEU G 239 -37.68 23.49 2.20
C LEU G 239 -38.52 23.32 3.46
N ALA G 240 -39.24 22.20 3.58
CA ALA G 240 -39.98 21.93 4.81
C ALA G 240 -39.03 21.68 5.97
N ALA G 241 -37.94 20.94 5.72
CA ALA G 241 -36.97 20.69 6.77
C ALA G 241 -36.28 21.97 7.21
N LEU G 242 -36.17 22.95 6.33
CA LEU G 242 -35.57 24.24 6.66
C LEU G 242 -36.57 25.22 7.25
N GLY G 243 -37.83 24.82 7.40
CA GLY G 243 -38.81 25.68 8.04
C GLY G 243 -39.41 26.74 7.12
N ALA G 244 -39.34 26.55 5.83
CA ALA G 244 -39.89 27.54 4.93
C ALA G 244 -41.40 27.41 4.87
N PRO G 245 -42.10 28.49 4.54
CA PRO G 245 -43.55 28.37 4.30
C PRO G 245 -43.83 27.34 3.22
N GLU G 246 -44.94 26.64 3.38
CA GLU G 246 -45.30 25.60 2.43
C GLU G 246 -45.62 26.20 1.07
N ASN G 247 -45.25 25.47 0.02
CA ASN G 247 -45.69 25.79 -1.34
C ASN G 247 -44.99 26.99 -1.94
N LEU G 248 -43.69 27.16 -1.66
CA LEU G 248 -42.91 28.16 -2.38
C LEU G 248 -42.65 27.73 -3.81
N VAL G 249 -42.55 26.43 -4.04
CA VAL G 249 -42.40 25.86 -5.38
C VAL G 249 -43.50 24.82 -5.54
N VAL G 250 -44.37 25.01 -6.53
CA VAL G 250 -45.52 24.13 -6.74
C VAL G 250 -45.66 23.82 -8.22
N THR G 251 -46.36 22.71 -8.50
CA THR G 251 -46.72 22.32 -9.85
C THR G 251 -48.00 21.50 -9.76
N VAL G 252 -48.47 21.03 -10.92
CA VAL G 252 -49.70 20.25 -10.98
C VAL G 252 -49.36 18.79 -11.25
N GLU G 253 -50.32 17.91 -10.94
CA GLU G 253 -50.08 16.47 -11.00
C GLU G 253 -50.03 15.98 -12.45
N LYS G 254 -50.90 16.49 -13.31
CA LYS G 254 -50.99 16.09 -14.72
C LYS G 254 -50.64 17.28 -15.58
N PRO G 255 -49.34 17.55 -15.80
CA PRO G 255 -48.96 18.73 -16.59
C PRO G 255 -49.53 18.62 -17.99
N SER G 256 -50.07 19.72 -18.47
CA SER G 256 -50.68 19.77 -19.77
C SER G 256 -50.80 21.15 -20.34
N ARG G 257 -51.13 21.27 -21.61
CA ARG G 257 -51.30 22.56 -22.24
C ARG G 257 -52.43 23.30 -21.62
N GLU G 258 -53.50 22.63 -21.30
CA GLU G 258 -54.63 23.29 -20.71
C GLU G 258 -54.23 23.86 -19.39
N ASN G 259 -53.39 23.19 -18.64
CA ASN G 259 -52.98 23.75 -17.36
C ASN G 259 -52.13 25.00 -17.56
N THR G 260 -51.24 24.99 -18.57
CA THR G 260 -50.44 26.17 -18.86
C THR G 260 -51.34 27.37 -19.14
N LEU G 261 -52.35 27.20 -20.00
CA LEU G 261 -53.26 28.28 -20.30
C LEU G 261 -53.96 28.78 -19.05
N ALA G 262 -54.34 27.86 -18.16
CA ALA G 262 -54.98 28.27 -16.91
C ALA G 262 -54.06 29.13 -16.06
N MET G 263 -52.77 28.74 -15.99
CA MET G 263 -51.81 29.56 -15.25
C MET G 263 -51.64 30.93 -15.89
N MET G 264 -51.54 30.98 -17.23
CA MET G 264 -51.40 32.25 -17.91
C MET G 264 -52.60 33.16 -17.70
N ALA G 265 -53.76 32.58 -17.39
CA ALA G 265 -54.98 33.36 -17.23
C ALA G 265 -55.27 33.71 -15.77
N HIS G 266 -54.65 33.03 -14.82
CA HIS G 266 -55.02 33.22 -13.41
C HIS G 266 -54.68 34.64 -12.97
N PRO G 267 -55.61 35.35 -12.30
CA PRO G 267 -55.33 36.75 -11.95
C PRO G 267 -54.23 36.91 -10.91
N LYS G 268 -53.97 35.90 -10.07
CA LYS G 268 -52.98 36.03 -9.01
C LYS G 268 -51.56 35.76 -9.48
N VAL G 269 -51.36 35.35 -10.74
CA VAL G 269 -50.03 35.19 -11.30
C VAL G 269 -49.55 36.58 -11.74
N ARG G 270 -48.52 37.10 -11.09
CA ARG G 270 -48.05 38.46 -11.36
C ARG G 270 -47.02 38.54 -12.46
N MET G 271 -46.32 37.45 -12.77
CA MET G 271 -45.31 37.43 -13.81
C MET G 271 -45.26 36.05 -14.44
N LEU G 272 -45.02 36.01 -15.75
CA LEU G 272 -44.83 34.77 -16.48
C LEU G 272 -43.40 34.72 -17.02
N VAL G 273 -42.78 33.55 -16.88
CA VAL G 273 -41.44 33.31 -17.40
C VAL G 273 -41.51 32.09 -18.30
N ALA G 274 -41.23 32.28 -19.58
CA ALA G 274 -41.36 31.24 -20.59
C ALA G 274 -40.00 30.90 -21.15
N THR G 275 -39.62 29.63 -21.05
CA THR G 275 -38.41 29.10 -21.68
C THR G 275 -38.87 28.09 -22.72
N GLY G 276 -38.83 28.48 -23.99
CA GLY G 276 -39.32 27.60 -25.04
C GLY G 276 -39.24 28.18 -26.43
N GLY G 277 -40.14 27.74 -27.30
CA GLY G 277 -40.14 28.14 -28.68
C GLY G 277 -40.89 29.45 -28.93
N PRO G 278 -40.95 29.88 -30.15
CA PRO G 278 -41.57 31.14 -30.50
C PRO G 278 -43.03 31.24 -30.20
N ALA G 279 -43.78 30.20 -30.37
CA ALA G 279 -45.18 30.25 -30.09
C ALA G 279 -45.47 30.49 -28.65
N LEU G 280 -44.75 29.86 -27.77
CA LEU G 280 -44.93 30.04 -26.35
C LEU G 280 -44.60 31.41 -25.90
N VAL G 281 -43.56 31.96 -26.44
CA VAL G 281 -43.15 33.27 -26.09
C VAL G 281 -44.17 34.26 -26.50
N LYS G 282 -44.73 34.11 -27.66
CA LYS G 282 -45.78 35.01 -28.11
C LYS G 282 -47.01 34.90 -27.22
N ALA G 283 -47.35 33.69 -26.79
CA ALA G 283 -48.52 33.48 -25.96
C ALA G 283 -48.41 34.25 -24.64
N VAL G 284 -47.32 34.05 -23.91
CA VAL G 284 -47.18 34.68 -22.60
C VAL G 284 -47.16 36.20 -22.72
N LEU G 285 -46.64 36.72 -23.83
CA LEU G 285 -46.67 38.16 -24.09
C LEU G 285 -48.04 38.65 -24.53
N SER G 286 -49.05 37.78 -24.52
CA SER G 286 -50.42 38.13 -24.91
C SER G 286 -51.41 37.93 -23.78
N THR G 287 -50.94 37.91 -22.54
CA THR G 287 -51.77 37.56 -21.39
C THR G 287 -52.14 38.76 -20.53
N GLY G 288 -51.77 39.96 -20.93
CA GLY G 288 -51.96 41.11 -20.08
C GLY G 288 -51.12 41.09 -18.82
N LYS G 289 -50.07 40.27 -18.80
CA LYS G 289 -49.19 40.15 -17.65
C LYS G 289 -47.77 40.52 -18.03
N LYS G 290 -47.00 40.92 -17.03
CA LYS G 290 -45.55 41.02 -17.19
C LYS G 290 -45.00 39.64 -17.55
N ALA G 291 -44.19 39.57 -18.61
CA ALA G 291 -43.70 38.29 -19.09
C ALA G 291 -42.26 38.42 -19.59
N ILE G 292 -41.46 37.41 -19.25
CA ILE G 292 -40.12 37.26 -19.79
C ILE G 292 -40.16 36.15 -20.83
N GLY G 293 -39.62 36.41 -22.01
CA GLY G 293 -39.67 35.47 -23.10
C GLY G 293 -38.30 34.98 -23.51
N ALA G 294 -37.98 33.74 -23.16
CA ALA G 294 -36.72 33.10 -23.54
C ALA G 294 -37.02 32.19 -24.72
N GLY G 295 -36.81 32.70 -25.93
CA GLY G 295 -37.20 32.01 -27.14
C GLY G 295 -36.08 31.20 -27.75
N ALA G 296 -36.33 30.71 -28.96
CA ALA G 296 -35.44 29.78 -29.62
C ALA G 296 -34.30 30.51 -30.30
N GLY G 297 -33.36 29.72 -30.84
CA GLY G 297 -32.24 30.25 -31.58
C GLY G 297 -31.87 29.36 -32.75
N ASN G 298 -30.79 29.75 -33.43
CA ASN G 298 -30.22 28.99 -34.54
C ASN G 298 -28.75 29.40 -34.65
N PRO G 299 -27.94 29.11 -33.63
CA PRO G 299 -26.64 29.80 -33.49
C PRO G 299 -25.66 29.39 -34.57
N PRO G 300 -25.18 30.34 -35.37
CA PRO G 300 -24.11 30.04 -36.32
C PRO G 300 -22.75 30.21 -35.68
N VAL G 301 -21.80 29.41 -36.15
CA VAL G 301 -20.40 29.53 -35.75
C VAL G 301 -19.61 29.90 -36.99
N VAL G 302 -19.01 31.09 -36.97
CA VAL G 302 -18.21 31.59 -38.08
C VAL G 302 -16.74 31.29 -37.81
N VAL G 303 -16.05 30.78 -38.82
CA VAL G 303 -14.61 30.50 -38.73
C VAL G 303 -13.94 31.17 -39.92
N ASP G 304 -13.12 32.18 -39.65
CA ASP G 304 -12.38 32.86 -40.70
C ASP G 304 -10.94 32.34 -40.76
N GLU G 305 -10.14 32.95 -41.63
CA GLU G 305 -8.81 32.43 -41.94
C GLU G 305 -7.76 32.76 -40.89
N THR G 306 -8.04 33.69 -39.98
CA THR G 306 -7.09 34.03 -38.92
C THR G 306 -7.27 33.15 -37.68
N ALA G 307 -8.08 32.12 -37.76
CA ALA G 307 -8.43 31.32 -36.60
C ALA G 307 -7.50 30.14 -36.43
N ASN G 308 -7.28 29.75 -35.18
CA ASN G 308 -6.67 28.46 -34.84
C ASN G 308 -7.63 27.37 -35.28
N ILE G 309 -7.40 26.79 -36.46
CA ILE G 309 -8.36 25.85 -37.04
C ILE G 309 -8.44 24.58 -36.21
N GLU G 310 -7.31 24.09 -35.72
CA GLU G 310 -7.32 22.86 -34.91
C GLU G 310 -8.17 23.06 -33.66
N LYS G 311 -7.93 24.16 -32.94
CA LYS G 311 -8.73 24.46 -31.76
C LYS G 311 -10.21 24.61 -32.12
N ALA G 312 -10.50 25.42 -33.14
CA ALA G 312 -11.88 25.66 -33.52
C ALA G 312 -12.58 24.35 -33.86
N ALA G 313 -11.88 23.41 -34.50
CA ALA G 313 -12.51 22.14 -34.83
C ALA G 313 -12.88 21.36 -33.57
N CYS G 314 -12.01 21.39 -32.56
CA CYS G 314 -12.30 20.71 -31.32
C CYS G 314 -13.40 21.42 -30.54
N ASP G 315 -13.33 22.76 -30.48
CA ASP G 315 -14.36 23.54 -29.79
C ASP G 315 -15.72 23.36 -30.45
N ILE G 316 -15.78 23.39 -31.78
CA ILE G 316 -17.05 23.29 -32.48
C ILE G 316 -17.68 21.93 -32.22
N VAL G 317 -16.89 20.86 -32.34
CA VAL G 317 -17.44 19.52 -32.12
C VAL G 317 -17.94 19.38 -30.68
N ASN G 318 -17.17 19.90 -29.72
CA ASN G 318 -17.58 19.79 -28.32
C ASN G 318 -18.88 20.56 -28.07
N GLY G 319 -19.00 21.75 -28.64
CA GLY G 319 -20.18 22.57 -28.40
C GLY G 319 -21.42 22.03 -29.08
N CYS G 320 -21.28 21.53 -30.31
CA CYS G 320 -22.44 21.04 -31.03
C CYS G 320 -22.95 19.74 -30.44
N SER G 321 -22.05 18.84 -30.04
CA SER G 321 -22.43 17.52 -29.57
C SER G 321 -22.74 17.47 -28.08
N PHE G 322 -22.65 18.59 -27.38
CA PHE G 322 -22.89 18.60 -25.94
C PHE G 322 -24.37 18.43 -25.65
N ASP G 323 -24.70 17.50 -24.75
CA ASP G 323 -26.08 17.09 -24.50
C ASP G 323 -26.80 16.80 -25.82
N ASN G 324 -26.05 16.34 -26.81
CA ASN G 324 -26.59 16.01 -28.13
C ASN G 324 -27.33 17.20 -28.73
N ASN G 325 -26.84 18.40 -28.45
CA ASN G 325 -27.19 19.62 -29.17
C ASN G 325 -28.47 20.28 -28.67
N ILE G 326 -29.08 19.78 -27.58
CA ILE G 326 -30.39 20.31 -27.18
C ILE G 326 -30.30 21.57 -26.33
N THR G 327 -29.09 22.02 -25.99
CA THR G 327 -28.94 23.30 -25.32
C THR G 327 -29.20 24.42 -26.32
N CYS G 328 -30.02 25.41 -25.92
CA CYS G 328 -30.47 26.42 -26.88
C CYS G 328 -29.32 27.22 -27.48
N THR G 329 -28.15 27.23 -26.85
CA THR G 329 -27.01 28.02 -27.30
C THR G 329 -26.03 27.24 -28.16
N ALA G 330 -26.30 25.97 -28.43
CA ALA G 330 -25.32 25.13 -29.11
C ALA G 330 -25.17 25.53 -30.57
N GLU G 331 -23.96 25.27 -31.10
CA GLU G 331 -23.71 25.49 -32.52
C GLU G 331 -24.64 24.63 -33.36
N LYS G 332 -25.25 25.23 -34.38
CA LYS G 332 -26.17 24.50 -35.24
C LYS G 332 -25.94 24.74 -36.73
N GLU G 333 -24.95 25.54 -37.11
CA GLU G 333 -24.53 25.61 -38.51
C GLU G 333 -23.19 26.36 -38.58
N ILE G 334 -22.29 25.85 -39.42
CA ILE G 334 -20.95 26.43 -39.58
C ILE G 334 -20.94 27.31 -40.81
N ILE G 335 -20.28 28.47 -40.70
CA ILE G 335 -20.02 29.36 -41.82
C ILE G 335 -18.51 29.58 -41.88
N ALA G 336 -17.88 29.04 -42.92
CA ALA G 336 -16.43 28.97 -43.00
C ALA G 336 -15.91 29.71 -44.22
N VAL G 337 -14.89 30.54 -44.01
CA VAL G 337 -14.20 31.18 -45.13
C VAL G 337 -13.51 30.12 -45.98
N ALA G 338 -13.57 30.29 -47.29
CA ALA G 338 -13.16 29.24 -48.22
C ALA G 338 -11.70 28.85 -48.04
N GLN G 339 -10.83 29.80 -47.67
CA GLN G 339 -9.42 29.47 -47.55
C GLN G 339 -9.18 28.35 -46.55
N ILE G 340 -9.94 28.33 -45.46
CA ILE G 340 -9.73 27.38 -44.37
C ILE G 340 -10.81 26.31 -44.32
N ALA G 341 -11.70 26.27 -45.31
CA ALA G 341 -12.87 25.40 -45.23
C ALA G 341 -12.48 23.93 -45.28
N ASP G 342 -11.62 23.54 -46.23
CA ASP G 342 -11.24 22.14 -46.35
C ASP G 342 -10.40 21.68 -45.17
N TYR G 343 -9.55 22.56 -44.64
CA TYR G 343 -8.74 22.20 -43.47
C TYR G 343 -9.62 22.09 -42.23
N LEU G 344 -10.61 22.97 -42.09
CA LEU G 344 -11.55 22.86 -40.98
C LEU G 344 -12.28 21.52 -41.02
N ILE G 345 -12.85 21.16 -42.17
CA ILE G 345 -13.53 19.88 -42.29
C ILE G 345 -12.59 18.74 -41.91
N PHE G 346 -11.34 18.81 -42.40
CA PHE G 346 -10.36 17.77 -42.11
C PHE G 346 -10.16 17.61 -40.61
N ASN G 347 -10.00 18.71 -39.89
CA ASN G 347 -9.81 18.64 -38.44
C ASN G 347 -11.11 18.28 -37.73
N LEU G 348 -12.25 18.76 -38.24
CA LEU G 348 -13.53 18.32 -37.70
C LEU G 348 -13.66 16.80 -37.76
N LYS G 349 -13.24 16.21 -38.89
CA LYS G 349 -13.28 14.75 -39.00
C LYS G 349 -12.37 14.08 -38.00
N LYS G 350 -11.24 14.71 -37.68
CA LYS G 350 -10.32 14.13 -36.71
C LYS G 350 -10.80 14.29 -35.26
N ASN G 351 -11.76 15.17 -35.01
CA ASN G 351 -12.26 15.40 -33.65
C ASN G 351 -13.63 14.77 -33.41
N GLY G 352 -14.12 13.94 -34.33
CA GLY G 352 -15.30 13.14 -34.07
C GLY G 352 -16.47 13.41 -34.99
N ALA G 353 -16.20 14.02 -36.14
CA ALA G 353 -17.24 14.30 -37.13
C ALA G 353 -17.23 13.23 -38.20
N TYR G 354 -18.41 12.74 -38.55
CA TYR G 354 -18.59 11.80 -39.66
C TYR G 354 -19.16 12.61 -40.82
N GLU G 355 -18.38 12.72 -41.89
CA GLU G 355 -18.75 13.55 -43.03
C GLU G 355 -19.59 12.74 -44.01
N ILE G 356 -20.74 13.28 -44.39
CA ILE G 356 -21.57 12.74 -45.46
C ILE G 356 -21.26 13.51 -46.73
N LYS G 357 -20.88 12.80 -47.80
CA LYS G 357 -20.65 13.41 -49.09
C LYS G 357 -21.54 12.84 -50.19
N ASP G 358 -22.17 11.70 -49.95
CA ASP G 358 -23.09 11.12 -50.93
C ASP G 358 -24.45 11.81 -50.80
N PRO G 359 -24.88 12.58 -51.80
CA PRO G 359 -26.18 13.24 -51.70
C PRO G 359 -27.33 12.27 -51.44
N ALA G 360 -27.24 11.04 -51.96
CA ALA G 360 -28.30 10.07 -51.69
C ALA G 360 -28.40 9.77 -50.20
N VAL G 361 -27.26 9.67 -49.52
CA VAL G 361 -27.27 9.41 -48.09
C VAL G 361 -27.78 10.63 -47.34
N LEU G 362 -27.40 11.83 -47.79
CA LEU G 362 -27.90 13.04 -47.14
C LEU G 362 -29.42 13.09 -47.16
N GLN G 363 -30.02 12.76 -48.31
CA GLN G 363 -31.48 12.75 -48.41
C GLN G 363 -32.09 11.79 -47.41
N GLN G 364 -31.47 10.63 -47.20
CA GLN G 364 -32.00 9.67 -46.24
C GLN G 364 -31.95 10.22 -44.82
N LEU G 365 -30.93 11.02 -44.50
CA LEU G 365 -30.87 11.64 -43.18
C LEU G 365 -31.97 12.69 -43.04
N GLN G 366 -32.21 13.49 -44.10
CA GLN G 366 -33.31 14.44 -44.06
C GLN G 366 -34.63 13.75 -43.79
N ASP G 367 -34.87 12.61 -44.46
CA ASP G 367 -36.11 11.86 -44.23
C ASP G 367 -36.23 11.46 -42.77
N LEU G 368 -35.11 11.11 -42.13
CA LEU G 368 -35.16 10.64 -40.75
C LEU G 368 -35.48 11.79 -39.79
N VAL G 369 -34.77 12.91 -39.93
CA VAL G 369 -34.75 13.93 -38.89
C VAL G 369 -35.68 15.10 -39.18
N LEU G 370 -36.40 15.08 -40.29
CA LEU G 370 -37.31 16.16 -40.65
C LEU G 370 -38.75 15.65 -40.69
N THR G 371 -39.65 16.47 -40.16
CA THR G 371 -41.08 16.21 -40.29
C THR G 371 -41.52 16.43 -41.74
N ALA G 372 -42.74 15.99 -42.05
CA ALA G 372 -43.28 16.21 -43.38
C ALA G 372 -43.45 17.69 -43.70
N LYS G 373 -43.44 18.55 -42.67
CA LYS G 373 -43.48 19.99 -42.90
C LYS G 373 -42.11 20.56 -43.22
N GLY G 374 -41.04 19.89 -42.76
CA GLY G 374 -39.69 20.35 -43.00
C GLY G 374 -38.95 20.80 -41.76
N GLY G 375 -39.56 20.75 -40.58
CA GLY G 375 -38.92 21.14 -39.37
C GLY G 375 -38.37 19.96 -38.60
N PRO G 376 -37.72 20.21 -37.48
CA PRO G 376 -37.07 19.12 -36.73
C PRO G 376 -38.08 18.08 -36.26
N GLN G 377 -37.69 16.81 -36.39
CA GLN G 377 -38.50 15.69 -35.94
C GLN G 377 -38.29 15.47 -34.45
N THR G 378 -39.37 15.59 -33.67
CA THR G 378 -39.26 15.50 -32.22
C THR G 378 -38.61 14.19 -31.79
N LYS G 379 -38.95 13.08 -32.48
CA LYS G 379 -38.44 11.77 -32.09
C LYS G 379 -36.93 11.62 -32.32
N CYS G 380 -36.29 12.60 -32.96
CA CYS G 380 -34.85 12.58 -33.17
C CYS G 380 -34.10 13.65 -32.38
N VAL G 381 -34.82 14.64 -31.85
CA VAL G 381 -34.16 15.68 -31.06
C VAL G 381 -33.46 15.04 -29.87
N GLY G 382 -32.21 15.42 -29.67
CA GLY G 382 -31.45 14.92 -28.53
C GLY G 382 -30.90 13.52 -28.67
N LYS G 383 -30.89 12.96 -29.87
CA LYS G 383 -30.30 11.66 -30.10
C LYS G 383 -28.83 11.81 -30.50
N SER G 384 -28.02 10.83 -30.10
CA SER G 384 -26.61 10.88 -30.43
C SER G 384 -26.38 10.70 -31.92
N ALA G 385 -25.23 11.19 -32.38
CA ALA G 385 -24.84 10.99 -33.77
C ALA G 385 -24.80 9.51 -34.12
N VAL G 386 -24.26 8.68 -33.21
CA VAL G 386 -24.22 7.24 -33.44
C VAL G 386 -25.63 6.70 -33.69
N TRP G 387 -26.57 7.10 -32.84
CA TRP G 387 -27.95 6.62 -32.99
C TRP G 387 -28.55 7.10 -34.31
N LEU G 388 -28.40 8.38 -34.61
CA LEU G 388 -28.95 8.93 -35.85
C LEU G 388 -28.38 8.23 -37.08
N LEU G 389 -27.06 8.04 -37.11
CA LEU G 389 -26.45 7.34 -38.24
C LEU G 389 -26.96 5.91 -38.34
N SER G 390 -27.18 5.27 -37.19
CA SER G 390 -27.67 3.89 -37.20
C SER G 390 -29.01 3.79 -37.90
N GLN G 391 -29.86 4.81 -37.77
CA GLN G 391 -31.21 4.73 -38.31
C GLN G 391 -31.25 4.79 -39.83
N ILE G 392 -30.18 5.26 -40.48
CA ILE G 392 -30.07 5.21 -41.93
C ILE G 392 -29.05 4.15 -42.37
N GLY G 393 -28.72 3.21 -41.49
CA GLY G 393 -27.92 2.07 -41.87
C GLY G 393 -26.42 2.29 -41.87
N ILE G 394 -25.91 3.13 -40.98
CA ILE G 394 -24.48 3.40 -40.88
C ILE G 394 -24.05 3.12 -39.45
N SER G 395 -23.09 2.22 -39.30
CA SER G 395 -22.56 1.85 -37.99
C SER G 395 -21.27 2.60 -37.75
N VAL G 396 -21.15 3.21 -36.56
CA VAL G 396 -19.95 3.91 -36.16
C VAL G 396 -19.78 3.74 -34.66
N ASP G 397 -18.54 3.81 -34.20
CA ASP G 397 -18.23 3.68 -32.78
C ASP G 397 -18.47 5.01 -32.07
N ALA G 398 -18.30 5.00 -30.75
CA ALA G 398 -18.61 6.17 -29.94
C ALA G 398 -17.68 7.34 -30.20
N SER G 399 -16.62 7.17 -31.00
CA SER G 399 -15.75 8.29 -31.32
C SER G 399 -16.45 9.34 -32.17
N ILE G 400 -17.50 8.96 -32.89
CA ILE G 400 -18.25 9.88 -33.72
C ILE G 400 -19.22 10.65 -32.84
N LYS G 401 -19.09 11.99 -32.83
CA LYS G 401 -19.92 12.84 -32.00
C LYS G 401 -20.90 13.70 -32.79
N ILE G 402 -20.55 14.12 -34.00
CA ILE G 402 -21.45 14.92 -34.83
C ILE G 402 -21.46 14.37 -36.25
N ILE G 403 -22.54 14.68 -36.97
CA ILE G 403 -22.67 14.37 -38.38
C ILE G 403 -22.49 15.67 -39.15
N LEU G 404 -21.48 15.72 -40.02
CA LEU G 404 -21.09 16.93 -40.72
C LEU G 404 -21.36 16.77 -42.22
N MET G 405 -21.73 17.88 -42.86
CA MET G 405 -21.96 17.89 -44.30
C MET G 405 -21.86 19.33 -44.80
N GLU G 406 -21.34 19.49 -46.00
CA GLU G 406 -21.23 20.81 -46.65
C GLU G 406 -22.41 20.99 -47.59
N VAL G 407 -23.19 22.04 -47.39
CA VAL G 407 -24.43 22.24 -48.13
C VAL G 407 -24.58 23.72 -48.44
N PRO G 408 -25.52 24.11 -49.30
CA PRO G 408 -25.78 25.52 -49.52
C PRO G 408 -26.65 26.10 -48.40
N ARG G 409 -26.67 27.45 -48.35
CA ARG G 409 -27.30 28.13 -47.22
C ARG G 409 -28.79 27.83 -47.12
N GLU G 410 -29.45 27.51 -48.23
CA GLU G 410 -30.88 27.23 -48.21
C GLU G 410 -31.22 25.87 -47.62
N HIS G 411 -30.23 25.03 -47.32
CA HIS G 411 -30.51 23.66 -46.92
C HIS G 411 -31.32 23.66 -45.62
N PRO G 412 -32.24 22.70 -45.47
CA PRO G 412 -33.04 22.67 -44.22
C PRO G 412 -32.21 22.59 -42.95
N PHE G 413 -31.14 21.80 -42.95
CA PHE G 413 -30.31 21.66 -41.75
C PHE G 413 -29.70 23.00 -41.35
N VAL G 414 -29.38 23.85 -42.32
CA VAL G 414 -28.89 25.19 -42.02
C VAL G 414 -30.02 26.04 -41.46
N GLN G 415 -31.20 25.98 -42.11
CA GLN G 415 -32.28 26.90 -41.79
C GLN G 415 -33.01 26.49 -40.51
N GLU G 416 -33.15 25.19 -40.25
CA GLU G 416 -33.90 24.72 -39.10
C GLU G 416 -33.02 24.58 -37.87
N GLU G 417 -33.65 24.75 -36.70
CA GLU G 417 -33.00 24.51 -35.41
C GLU G 417 -33.21 23.05 -35.06
N LEU G 418 -32.29 22.19 -35.50
CA LEU G 418 -32.52 20.75 -35.40
C LEU G 418 -32.50 20.28 -33.96
N MET G 419 -31.64 20.86 -33.12
CA MET G 419 -31.39 20.35 -31.78
C MET G 419 -30.97 18.88 -31.85
N MET G 420 -30.05 18.60 -32.77
CA MET G 420 -29.46 17.28 -32.94
C MET G 420 -27.97 17.47 -33.25
N PRO G 421 -27.15 16.47 -32.95
CA PRO G 421 -25.72 16.59 -33.29
C PRO G 421 -25.47 16.48 -34.78
N ILE G 422 -26.19 17.28 -35.55
CA ILE G 422 -26.05 17.35 -37.01
C ILE G 422 -25.65 18.78 -37.34
N LEU G 423 -24.50 18.95 -37.98
CA LEU G 423 -23.89 20.26 -38.15
C LEU G 423 -23.55 20.51 -39.62
N PRO G 424 -24.36 21.31 -40.32
CA PRO G 424 -24.03 21.66 -41.70
C PRO G 424 -22.98 22.76 -41.77
N LEU G 425 -22.24 22.76 -42.87
CA LEU G 425 -21.21 23.77 -43.13
C LEU G 425 -21.54 24.45 -44.44
N VAL G 426 -21.49 25.78 -44.44
CA VAL G 426 -21.70 26.59 -45.63
C VAL G 426 -20.40 27.32 -45.93
N ARG G 427 -19.95 27.21 -47.17
CA ARG G 427 -18.68 27.80 -47.61
C ARG G 427 -18.95 29.16 -48.23
N VAL G 428 -18.23 30.18 -47.76
CA VAL G 428 -18.35 31.54 -48.27
C VAL G 428 -16.95 32.07 -48.53
N GLU G 429 -16.89 33.21 -49.23
CA GLU G 429 -15.62 33.68 -49.77
C GLU G 429 -14.80 34.45 -48.73
N THR G 430 -15.40 35.48 -48.14
CA THR G 430 -14.70 36.34 -47.19
C THR G 430 -15.38 36.32 -45.84
N VAL G 431 -14.66 36.79 -44.83
CA VAL G 431 -15.23 36.89 -43.48
C VAL G 431 -16.42 37.84 -43.49
N ASP G 432 -16.36 38.91 -44.29
CA ASP G 432 -17.49 39.83 -44.37
C ASP G 432 -18.72 39.11 -44.90
N ASP G 433 -18.57 38.30 -45.95
CA ASP G 433 -19.68 37.46 -46.40
C ASP G 433 -20.16 36.53 -45.30
N ALA G 434 -19.22 35.99 -44.50
CA ALA G 434 -19.59 35.09 -43.43
C ALA G 434 -20.43 35.81 -42.37
N ILE G 435 -20.03 37.02 -42.00
CA ILE G 435 -20.79 37.79 -41.02
C ILE G 435 -22.19 38.08 -41.56
N ASP G 436 -22.27 38.56 -42.80
CA ASP G 436 -23.57 38.81 -43.41
C ASP G 436 -24.45 37.56 -43.36
N LEU G 437 -23.92 36.44 -43.85
CA LEU G 437 -24.71 35.20 -43.85
C LEU G 437 -25.07 34.77 -42.43
N ALA G 438 -24.15 34.97 -41.48
CA ALA G 438 -24.43 34.61 -40.09
C ALA G 438 -25.64 35.38 -39.57
N ILE G 439 -25.74 36.67 -39.92
CA ILE G 439 -26.88 37.46 -39.51
C ILE G 439 -28.17 36.92 -40.13
N GLU G 440 -28.12 36.59 -41.42
CA GLU G 440 -29.27 35.99 -42.09
C GLU G 440 -29.75 34.75 -41.36
N VAL G 441 -28.87 33.74 -41.27
CA VAL G 441 -29.27 32.43 -40.76
C VAL G 441 -29.70 32.49 -39.30
N GLU G 442 -29.27 33.51 -38.55
CA GLU G 442 -29.68 33.63 -37.16
C GLU G 442 -31.15 33.99 -37.02
N HIS G 443 -31.78 34.47 -38.11
CA HIS G 443 -33.22 34.68 -38.18
C HIS G 443 -33.73 35.76 -37.22
N ASP G 444 -32.87 36.66 -36.80
CA ASP G 444 -33.22 37.72 -35.86
C ASP G 444 -33.75 37.16 -34.54
N ASN G 445 -33.51 35.87 -34.27
CA ASN G 445 -33.78 35.34 -32.94
C ASN G 445 -33.00 36.13 -31.89
N ARG G 446 -31.81 36.62 -32.27
CA ARG G 446 -30.93 37.36 -31.36
C ARG G 446 -30.71 36.55 -30.08
N HIS G 447 -30.36 35.27 -30.26
CA HIS G 447 -30.09 34.37 -29.16
C HIS G 447 -28.59 34.19 -28.96
N THR G 448 -27.93 33.43 -29.82
CA THR G 448 -26.51 33.13 -29.66
C THR G 448 -25.82 33.11 -31.01
N ALA G 449 -24.51 33.39 -30.98
CA ALA G 449 -23.65 33.27 -32.15
C ALA G 449 -22.22 33.06 -31.68
N ILE G 450 -21.43 32.38 -32.52
CA ILE G 450 -20.05 32.04 -32.18
C ILE G 450 -19.14 32.42 -33.33
N MET G 451 -17.91 32.79 -33.00
CA MET G 451 -16.91 33.12 -34.01
C MET G 451 -15.54 32.64 -33.56
N HIS G 452 -14.77 32.11 -34.49
CA HIS G 452 -13.37 31.74 -34.27
C HIS G 452 -12.51 32.63 -35.15
N SER G 453 -11.66 33.43 -34.52
CA SER G 453 -10.84 34.41 -35.20
C SER G 453 -9.90 35.07 -34.20
N THR G 454 -8.68 35.37 -34.65
CA THR G 454 -7.74 36.11 -33.81
C THR G 454 -7.69 37.59 -34.15
N ASP G 455 -8.31 38.02 -35.20
CA ASP G 455 -8.23 39.39 -35.57
C ASP G 455 -9.18 40.17 -34.71
N VAL G 456 -8.71 41.12 -33.92
CA VAL G 456 -9.58 41.86 -33.04
C VAL G 456 -10.61 42.63 -33.76
N ARG G 457 -10.28 43.19 -34.90
CA ARG G 457 -11.20 43.92 -35.67
C ARG G 457 -12.34 43.10 -36.18
N LYS G 458 -12.09 41.91 -36.62
CA LYS G 458 -13.17 41.08 -37.16
C LYS G 458 -14.03 40.52 -36.03
N LEU G 459 -13.42 40.18 -34.89
CA LEU G 459 -14.20 39.80 -33.72
C LEU G 459 -15.17 40.91 -33.32
N THR G 460 -14.69 42.14 -33.29
CA THR G 460 -15.55 43.27 -32.95
C THR G 460 -16.68 43.44 -33.96
N LYS G 461 -16.37 43.35 -35.25
CA LYS G 461 -17.37 43.63 -36.27
C LYS G 461 -18.55 42.68 -36.16
N MET G 462 -18.28 41.38 -36.08
CA MET G 462 -19.37 40.42 -36.00
C MET G 462 -20.15 40.58 -34.70
N ALA G 463 -19.45 40.76 -33.58
CA ALA G 463 -20.14 40.97 -32.32
C ALA G 463 -21.08 42.16 -32.40
N LYS G 464 -20.63 43.26 -33.00
CA LYS G 464 -21.45 44.46 -33.08
C LYS G 464 -22.71 44.22 -33.92
N LEU G 465 -22.54 43.60 -35.09
CA LEU G 465 -23.63 43.58 -36.07
C LEU G 465 -24.70 42.54 -35.71
N ILE G 466 -24.29 41.35 -35.24
CA ILE G 466 -25.25 40.26 -35.12
C ILE G 466 -26.16 40.43 -33.91
N GLN G 467 -25.76 41.23 -32.92
CA GLN G 467 -26.67 41.72 -31.87
C GLN G 467 -27.40 40.59 -31.16
N THR G 468 -26.69 39.48 -30.92
CA THR G 468 -27.28 38.36 -30.19
C THR G 468 -27.15 38.60 -28.68
N THR G 469 -27.90 37.80 -27.92
CA THR G 469 -27.85 37.91 -26.46
C THR G 469 -26.56 37.32 -25.91
N ILE G 470 -26.06 36.26 -26.54
CA ILE G 470 -24.78 35.65 -26.19
C ILE G 470 -23.91 35.66 -27.44
N PHE G 471 -22.66 36.07 -27.28
CA PHE G 471 -21.67 35.97 -28.35
C PHE G 471 -20.40 35.37 -27.75
N VAL G 472 -20.00 34.21 -28.27
CA VAL G 472 -18.83 33.50 -27.79
C VAL G 472 -17.74 33.59 -28.85
N LYS G 473 -16.53 33.94 -28.43
CA LYS G 473 -15.38 34.06 -29.31
C LYS G 473 -14.31 33.05 -28.92
N ASN G 474 -13.89 32.23 -29.88
CA ASN G 474 -12.74 31.33 -29.72
C ASN G 474 -12.96 30.33 -28.60
N GLY G 475 -14.15 29.72 -28.58
CA GLY G 475 -14.47 28.71 -27.61
C GLY G 475 -15.75 27.99 -27.96
N PRO G 476 -16.03 26.89 -27.26
CA PRO G 476 -17.32 26.21 -27.45
C PRO G 476 -18.47 27.08 -26.97
N SER G 477 -19.64 26.84 -27.58
CA SER G 477 -20.79 27.69 -27.29
C SER G 477 -21.14 27.68 -25.81
N TYR G 478 -21.06 26.53 -25.16
CA TYR G 478 -21.50 26.47 -23.77
C TYR G 478 -20.63 27.31 -22.83
N ALA G 479 -19.58 27.95 -23.34
CA ALA G 479 -18.85 28.93 -22.53
C ALA G 479 -19.73 30.12 -22.18
N GLY G 480 -20.67 30.47 -23.06
CA GLY G 480 -21.60 31.54 -22.78
C GLY G 480 -22.55 31.26 -21.63
N HIS G 481 -22.72 29.98 -21.27
CA HIS G 481 -23.47 29.60 -20.09
C HIS G 481 -22.65 29.69 -18.82
N GLY G 482 -21.34 29.92 -18.92
CA GLY G 482 -20.47 29.96 -17.76
C GLY G 482 -19.67 28.70 -17.52
N ALA G 483 -19.82 27.68 -18.37
CA ALA G 483 -19.07 26.43 -18.23
C ALA G 483 -17.89 26.41 -19.19
N GLY G 484 -16.96 27.34 -18.96
CA GLY G 484 -15.83 27.53 -19.84
C GLY G 484 -15.58 28.99 -20.11
N GLY G 485 -16.52 29.84 -19.70
CA GLY G 485 -16.36 31.27 -19.81
C GLY G 485 -16.67 31.95 -18.48
N GLU G 486 -16.42 33.25 -18.44
CA GLU G 486 -16.68 34.03 -17.25
C GLU G 486 -18.15 34.42 -17.17
N GLY G 487 -18.60 34.70 -15.94
CA GLY G 487 -19.98 35.03 -15.67
C GLY G 487 -20.71 33.88 -14.99
N TYR G 488 -21.89 34.21 -14.47
CA TYR G 488 -22.76 33.23 -13.85
C TYR G 488 -23.51 32.44 -14.91
N SER G 489 -24.18 31.38 -14.47
CA SER G 489 -24.89 30.48 -15.38
C SER G 489 -26.39 30.70 -15.31
N THR G 490 -27.07 30.42 -16.42
CA THR G 490 -28.52 30.50 -16.49
C THR G 490 -29.00 29.50 -17.53
N PHE G 491 -30.28 29.13 -17.42
CA PHE G 491 -30.95 28.32 -18.43
C PHE G 491 -32.21 28.99 -18.95
N THR G 492 -32.38 30.28 -18.69
CA THR G 492 -33.44 31.10 -19.26
C THR G 492 -32.75 32.31 -19.89
N ILE G 493 -32.55 32.28 -21.20
CA ILE G 493 -31.83 33.32 -21.93
C ILE G 493 -32.85 34.10 -22.75
N ALA G 494 -33.13 35.34 -22.34
CA ALA G 494 -34.22 36.13 -22.91
C ALA G 494 -33.69 37.06 -23.98
N GLY G 495 -33.98 36.74 -25.24
CA GLY G 495 -33.63 37.60 -26.34
C GLY G 495 -34.74 38.59 -26.66
N PRO G 496 -35.95 38.08 -26.89
CA PRO G 496 -37.06 38.99 -27.24
C PRO G 496 -37.34 40.06 -26.19
N THR G 497 -37.54 39.67 -24.94
CA THR G 497 -37.87 40.65 -23.91
C THR G 497 -36.64 41.39 -23.37
N GLY G 498 -35.43 40.95 -23.71
CA GLY G 498 -34.25 41.75 -23.50
C GLY G 498 -33.64 41.70 -22.11
N GLU G 499 -34.11 40.80 -21.24
CA GLU G 499 -33.53 40.72 -19.91
C GLU G 499 -32.15 40.08 -19.90
N GLY G 500 -31.72 39.47 -21.00
CA GLY G 500 -30.43 38.83 -21.07
C GLY G 500 -30.38 37.50 -20.33
N LEU G 501 -29.28 37.26 -19.63
CA LEU G 501 -29.12 36.06 -18.84
C LEU G 501 -29.87 36.25 -17.52
N THR G 502 -31.07 35.68 -17.44
CA THR G 502 -31.91 35.93 -16.27
C THR G 502 -31.22 35.47 -14.99
N SER G 503 -31.48 36.21 -13.92
CA SER G 503 -31.04 35.85 -12.58
C SER G 503 -32.05 36.41 -11.60
N ALA G 504 -31.74 36.34 -10.31
CA ALA G 504 -32.64 36.86 -9.29
C ALA G 504 -33.09 38.28 -9.61
N LYS G 505 -32.16 39.12 -10.07
CA LYS G 505 -32.51 40.48 -10.47
C LYS G 505 -33.67 40.50 -11.46
N SER G 506 -33.66 39.58 -12.43
CA SER G 506 -34.68 39.59 -13.47
C SER G 506 -36.08 39.35 -12.92
N PHE G 507 -36.19 38.84 -11.70
CA PHE G 507 -37.46 38.45 -11.11
C PHE G 507 -37.87 39.38 -9.97
N ALA G 508 -37.41 40.63 -10.01
CA ALA G 508 -37.68 41.59 -8.97
C ALA G 508 -38.12 42.91 -9.59
N ARG G 509 -38.74 43.74 -8.76
CA ARG G 509 -39.14 45.09 -9.14
C ARG G 509 -38.15 46.10 -8.57
N ARG G 510 -37.80 47.10 -9.38
CA ARG G 510 -36.91 48.15 -8.91
C ARG G 510 -37.73 49.18 -8.12
N ARG G 511 -37.27 49.48 -6.90
CA ARG G 511 -37.97 50.39 -6.01
C ARG G 511 -37.02 51.49 -5.55
N LYS G 512 -37.54 52.70 -5.47
CA LYS G 512 -36.76 53.89 -5.13
C LYS G 512 -37.22 54.39 -3.77
N CYS G 513 -36.26 54.63 -2.88
CA CYS G 513 -36.52 55.15 -1.54
C CYS G 513 -35.73 56.44 -1.38
N VAL G 514 -36.45 57.55 -1.26
CA VAL G 514 -35.85 58.88 -1.21
C VAL G 514 -35.95 59.41 0.21
N MET G 515 -34.81 59.59 0.86
CA MET G 515 -34.73 60.19 2.20
C MET G 515 -34.30 61.65 2.01
N VAL G 516 -35.25 62.56 2.16
CA VAL G 516 -35.04 63.95 1.79
C VAL G 516 -34.22 64.64 2.89
N GLU G 517 -33.07 65.19 2.50
CA GLU G 517 -32.25 66.02 3.38
C GLU G 517 -31.89 65.29 4.68
N ALA G 518 -31.49 64.03 4.54
CA ALA G 518 -30.99 63.27 5.67
C ALA G 518 -30.17 62.10 5.15
N LEU G 519 -29.32 61.56 6.03
CA LEU G 519 -28.45 60.43 5.70
C LEU G 519 -27.47 60.78 4.59
N ASN G 520 -27.15 62.06 4.45
CA ASN G 520 -26.12 62.53 3.54
C ASN G 520 -24.90 62.86 4.40
N ILE G 521 -24.10 61.84 4.60
CA ILE G 521 -23.02 61.93 5.50
C ILE G 521 -21.65 61.95 4.92
N ARG G 522 -21.52 62.33 3.68
CA ARG G 522 -20.23 62.40 3.09
C ARG G 522 -19.35 63.39 3.80
N ALA H 82 -35.34 65.33 -52.34
CA ALA H 82 -36.11 66.54 -52.11
C ALA H 82 -36.28 66.91 -50.64
N ALA H 83 -37.52 66.98 -50.17
CA ALA H 83 -37.80 67.41 -48.81
C ALA H 83 -37.48 66.50 -47.65
N VAL H 84 -36.89 67.10 -46.62
CA VAL H 84 -36.59 66.41 -45.40
C VAL H 84 -37.88 66.22 -44.70
N SER H 85 -38.00 65.12 -44.01
CA SER H 85 -39.21 64.88 -43.32
C SER H 85 -39.30 65.69 -42.09
N ASP H 86 -40.52 65.96 -41.72
CA ASP H 86 -40.82 66.62 -40.46
C ASP H 86 -41.21 65.63 -39.36
N GLY H 87 -41.32 64.35 -39.69
CA GLY H 87 -41.63 63.33 -38.72
C GLY H 87 -43.09 62.96 -38.58
N VAL H 88 -43.99 63.73 -39.17
CA VAL H 88 -45.42 63.49 -39.04
C VAL H 88 -45.93 62.86 -40.33
N PHE H 89 -46.68 61.77 -40.20
CA PHE H 89 -47.18 60.99 -41.32
C PHE H 89 -48.70 60.92 -41.26
N GLU H 90 -49.30 60.46 -42.36
CA GLU H 90 -50.75 60.40 -42.44
C GLU H 90 -51.32 59.07 -41.97
N THR H 91 -50.56 57.98 -42.06
CA THR H 91 -50.98 56.69 -41.56
C THR H 91 -49.97 56.17 -40.55
N MET H 92 -50.44 55.38 -39.59
CA MET H 92 -49.53 54.78 -38.63
C MET H 92 -48.55 53.85 -39.34
N ASP H 93 -49.01 53.13 -40.36
CA ASP H 93 -48.12 52.24 -41.10
C ASP H 93 -46.97 53.01 -41.74
N ALA H 94 -47.25 54.20 -42.26
CA ALA H 94 -46.19 55.02 -42.85
C ALA H 94 -45.18 55.44 -41.78
N ALA H 95 -45.66 55.80 -40.59
CA ALA H 95 -44.75 56.23 -39.53
C ALA H 95 -43.86 55.09 -39.07
N VAL H 96 -44.42 53.89 -38.92
CA VAL H 96 -43.65 52.76 -38.43
C VAL H 96 -42.58 52.36 -39.44
N GLU H 97 -42.96 52.25 -40.71
CA GLU H 97 -41.99 51.90 -41.75
C GLU H 97 -40.86 52.92 -41.79
N ALA H 98 -41.19 54.21 -41.70
CA ALA H 98 -40.16 55.23 -41.69
C ALA H 98 -39.23 55.07 -40.49
N ALA H 99 -39.80 54.80 -39.31
CA ALA H 99 -39.00 54.64 -38.11
C ALA H 99 -38.15 53.37 -38.16
N ALA H 100 -38.65 52.32 -38.83
CA ALA H 100 -37.86 51.11 -38.97
C ALA H 100 -36.62 51.36 -39.83
N LEU H 101 -36.81 51.98 -41.00
CA LEU H 101 -35.68 52.35 -41.83
C LEU H 101 -34.71 53.26 -41.07
N ALA H 102 -35.25 54.28 -40.40
CA ALA H 102 -34.40 55.18 -39.63
C ALA H 102 -33.54 54.42 -38.64
N GLN H 103 -34.09 53.36 -38.04
CA GLN H 103 -33.34 52.62 -37.02
C GLN H 103 -32.22 51.81 -37.65
N GLN H 104 -32.47 51.19 -38.81
CA GLN H 104 -31.39 50.57 -39.56
C GLN H 104 -30.23 51.53 -39.74
N GLN H 105 -30.53 52.73 -40.25
CA GLN H 105 -29.49 53.73 -40.45
C GLN H 105 -28.87 54.17 -39.13
N TYR H 106 -29.66 54.21 -38.06
CA TYR H 106 -29.15 54.65 -36.76
C TYR H 106 -28.09 53.69 -36.23
N LEU H 107 -28.19 52.41 -36.56
CA LEU H 107 -27.19 51.45 -36.11
C LEU H 107 -25.80 51.80 -36.64
N LEU H 108 -25.72 52.48 -37.78
CA LEU H 108 -24.45 52.85 -38.37
C LEU H 108 -23.85 54.11 -37.76
N CYS H 109 -24.56 54.76 -36.84
CA CYS H 109 -24.05 55.96 -36.21
C CYS H 109 -23.18 55.59 -35.01
N SER H 110 -22.42 56.57 -34.54
CA SER H 110 -21.51 56.37 -33.43
C SER H 110 -22.19 56.79 -32.13
N MET H 111 -21.55 56.44 -31.01
CA MET H 111 -22.04 56.90 -29.71
C MET H 111 -21.93 58.41 -29.60
N SER H 112 -20.97 59.01 -30.31
CA SER H 112 -20.86 60.47 -30.35
C SER H 112 -22.02 61.08 -31.13
N ASP H 113 -22.46 60.40 -32.19
CA ASP H 113 -23.65 60.85 -32.90
C ASP H 113 -24.87 60.81 -32.00
N ARG H 114 -25.08 59.69 -31.30
CA ARG H 114 -26.15 59.59 -30.32
C ARG H 114 -26.09 60.76 -29.34
N ALA H 115 -24.91 61.04 -28.81
CA ALA H 115 -24.76 62.12 -27.84
C ALA H 115 -25.20 63.46 -28.44
N ARG H 116 -24.70 63.77 -29.64
CA ARG H 116 -25.11 65.00 -30.31
C ARG H 116 -26.63 65.06 -30.46
N PHE H 117 -27.24 63.94 -30.82
CA PHE H 117 -28.69 63.92 -31.03
C PHE H 117 -29.42 64.11 -29.71
N VAL H 118 -29.00 63.39 -28.67
CA VAL H 118 -29.62 63.55 -27.35
C VAL H 118 -29.53 65.02 -26.93
N GLN H 119 -28.35 65.63 -27.08
CA GLN H 119 -28.20 67.03 -26.72
C GLN H 119 -29.11 67.92 -27.55
N GLY H 120 -29.37 67.54 -28.80
CA GLY H 120 -30.28 68.31 -29.63
C GLY H 120 -31.67 68.38 -29.03
N ILE H 121 -32.19 67.23 -28.59
CA ILE H 121 -33.51 67.21 -27.96
C ILE H 121 -33.53 68.07 -26.71
N ARG H 122 -32.45 68.02 -25.91
CA ARG H 122 -32.35 68.91 -24.77
C ARG H 122 -32.39 70.37 -25.22
N ASP H 123 -31.63 70.69 -26.28
CA ASP H 123 -31.58 72.06 -26.77
C ASP H 123 -32.94 72.55 -27.25
N VAL H 124 -33.78 71.64 -27.74
CA VAL H 124 -35.08 72.04 -28.28
C VAL H 124 -36.03 72.43 -27.15
N ILE H 125 -36.14 71.58 -26.13
CA ILE H 125 -37.10 71.84 -25.07
C ILE H 125 -36.59 72.91 -24.10
N LEU H 126 -35.28 73.05 -23.97
CA LEU H 126 -34.73 74.02 -23.04
C LEU H 126 -34.53 75.40 -23.66
N ASN H 127 -34.74 75.54 -24.96
CA ASN H 127 -34.81 76.86 -25.57
C ASN H 127 -35.95 77.64 -24.93
N GLN H 128 -35.63 78.81 -24.36
CA GLN H 128 -36.60 79.50 -23.52
C GLN H 128 -37.89 79.81 -24.27
N ASP H 129 -37.83 80.07 -25.57
CA ASP H 129 -39.05 80.33 -26.33
C ASP H 129 -39.85 79.04 -26.50
N THR H 130 -39.20 77.96 -26.93
CA THR H 130 -39.91 76.70 -27.09
C THR H 130 -40.41 76.18 -25.75
N LEU H 131 -39.59 76.28 -24.71
CA LEU H 131 -40.01 75.87 -23.37
C LEU H 131 -41.31 76.56 -22.98
N GLU H 132 -41.40 77.87 -23.22
CA GLU H 132 -42.56 78.63 -22.79
C GLU H 132 -43.78 78.33 -23.65
N LYS H 133 -43.58 78.16 -24.97
CA LYS H 133 -44.70 77.79 -25.83
C LYS H 133 -45.23 76.41 -25.47
N MET H 134 -44.33 75.45 -25.22
CA MET H 134 -44.74 74.10 -24.87
C MET H 134 -45.56 74.10 -23.59
N SER H 135 -45.04 74.73 -22.53
CA SER H 135 -45.78 74.81 -21.28
C SER H 135 -47.14 75.46 -21.50
N ARG H 136 -47.14 76.60 -22.17
CA ARG H 136 -48.40 77.31 -22.43
C ARG H 136 -49.34 76.46 -23.27
N MET H 137 -48.86 75.93 -24.39
CA MET H 137 -49.71 75.21 -25.33
C MET H 137 -50.40 74.03 -24.65
N ALA H 138 -49.63 73.22 -23.91
CA ALA H 138 -50.19 71.99 -23.34
C ALA H 138 -51.35 72.30 -22.40
N VAL H 139 -51.21 73.33 -21.55
CA VAL H 139 -52.26 73.67 -20.61
C VAL H 139 -53.51 74.14 -21.35
N GLU H 140 -53.33 74.99 -22.36
CA GLU H 140 -54.47 75.50 -23.11
C GLU H 140 -55.18 74.38 -23.84
N GLU H 141 -54.43 73.44 -24.43
CA GLU H 141 -55.03 72.42 -25.27
C GLU H 141 -55.72 71.34 -24.45
N THR H 142 -55.11 70.89 -23.36
CA THR H 142 -55.66 69.81 -22.55
C THR H 142 -56.55 70.31 -21.43
N GLY H 143 -56.42 71.58 -21.04
CA GLY H 143 -57.12 72.09 -19.89
C GLY H 143 -56.60 71.60 -18.56
N MET H 144 -55.41 71.00 -18.54
CA MET H 144 -54.85 70.36 -17.36
C MET H 144 -53.50 70.97 -17.03
N GLY H 145 -53.26 71.18 -15.73
CA GLY H 145 -52.00 71.74 -15.27
C GLY H 145 -52.01 73.26 -15.33
N ASN H 146 -50.89 73.83 -14.89
CA ASN H 146 -50.72 75.28 -14.96
C ASN H 146 -49.33 75.61 -15.51
N TYR H 147 -49.25 76.81 -16.09
CA TYR H 147 -48.09 77.20 -16.89
C TYR H 147 -46.82 77.25 -16.06
N GLU H 148 -46.87 77.89 -14.88
CA GLU H 148 -45.66 78.07 -14.09
C GLU H 148 -45.00 76.74 -13.76
N HIS H 149 -45.80 75.71 -13.52
CA HIS H 149 -45.25 74.42 -13.12
C HIS H 149 -44.85 73.56 -14.32
N LYS H 150 -45.55 73.69 -15.45
CA LYS H 150 -45.11 73.01 -16.67
C LYS H 150 -43.71 73.47 -17.08
N LEU H 151 -43.39 74.74 -16.85
CA LEU H 151 -42.04 75.21 -17.09
C LEU H 151 -41.02 74.38 -16.32
N ILE H 152 -41.31 74.09 -15.06
CA ILE H 152 -40.39 73.32 -14.22
C ILE H 152 -40.31 71.88 -14.70
N LYS H 153 -41.45 71.29 -15.06
CA LYS H 153 -41.47 69.89 -15.45
C LYS H 153 -40.78 69.67 -16.79
N ASN H 154 -41.10 70.50 -17.79
CA ASN H 154 -40.44 70.39 -19.08
C ASN H 154 -38.94 70.62 -18.94
N ARG H 155 -38.54 71.61 -18.14
CA ARG H 155 -37.13 71.82 -17.88
C ARG H 155 -36.51 70.59 -17.22
N LEU H 156 -37.19 70.04 -16.22
CA LEU H 156 -36.69 68.83 -15.56
C LEU H 156 -36.49 67.70 -16.56
N ALA H 157 -37.43 67.54 -17.50
CA ALA H 157 -37.32 66.46 -18.47
C ALA H 157 -36.09 66.65 -19.36
N GLY H 158 -35.80 67.89 -19.74
CA GLY H 158 -34.68 68.14 -20.63
C GLY H 158 -33.32 68.14 -19.96
N GLU H 159 -33.29 68.40 -18.64
CA GLU H 159 -32.03 68.55 -17.92
C GLU H 159 -31.59 67.29 -17.20
N LYS H 160 -32.52 66.51 -16.65
CA LYS H 160 -32.19 65.40 -15.78
C LYS H 160 -32.50 64.03 -16.35
N THR H 161 -32.98 63.95 -17.59
CA THR H 161 -33.18 62.66 -18.24
C THR H 161 -31.84 62.11 -18.68
N PRO H 162 -31.42 60.94 -18.19
CA PRO H 162 -30.07 60.46 -18.51
C PRO H 162 -29.85 60.27 -20.00
N GLY H 163 -28.64 60.59 -20.45
CA GLY H 163 -28.24 60.38 -21.83
C GLY H 163 -27.50 59.07 -22.01
N ILE H 164 -26.57 59.05 -22.96
CA ILE H 164 -25.84 57.82 -23.26
C ILE H 164 -25.01 57.35 -22.09
N GLU H 165 -24.64 58.26 -21.18
CA GLU H 165 -23.88 57.87 -20.00
C GLU H 165 -24.62 56.83 -19.16
N ASP H 166 -25.93 56.65 -19.39
CA ASP H 166 -26.70 55.65 -18.67
C ASP H 166 -26.38 54.23 -19.12
N LEU H 167 -25.75 54.06 -20.28
CA LEU H 167 -25.54 52.74 -20.88
C LEU H 167 -24.16 52.21 -20.46
N THR H 168 -24.09 51.79 -19.21
CA THR H 168 -22.84 51.34 -18.61
C THR H 168 -22.46 49.96 -19.16
N THR H 169 -21.29 49.49 -18.72
CA THR H 169 -20.72 48.24 -19.19
C THR H 169 -20.20 47.44 -18.00
N ASP H 170 -20.58 46.18 -17.91
CA ASP H 170 -20.08 45.27 -16.89
C ASP H 170 -19.01 44.37 -17.48
N ALA H 171 -17.96 44.10 -16.70
CA ALA H 171 -16.86 43.27 -17.15
C ALA H 171 -16.50 42.25 -16.08
N PHE H 172 -16.15 41.05 -16.53
CA PHE H 172 -15.68 39.97 -15.66
C PHE H 172 -14.48 39.31 -16.33
N SER H 173 -13.33 39.32 -15.67
CA SER H 173 -12.12 38.72 -16.21
C SER H 173 -11.57 37.67 -15.26
N GLY H 174 -11.18 36.54 -15.81
CA GLY H 174 -10.61 35.47 -15.03
C GLY H 174 -9.83 34.52 -15.90
N ASP H 175 -9.71 33.27 -15.41
CA ASP H 175 -8.95 32.27 -16.15
C ASP H 175 -9.59 31.94 -17.49
N ASN H 176 -10.90 32.11 -17.60
CA ASN H 176 -11.63 31.78 -18.83
C ASN H 176 -11.73 32.94 -19.80
N GLY H 177 -11.07 34.06 -19.51
CA GLY H 177 -11.03 35.18 -20.43
C GLY H 177 -11.74 36.41 -19.91
N LEU H 178 -12.48 37.07 -20.79
CA LEU H 178 -13.17 38.32 -20.46
C LEU H 178 -14.60 38.23 -20.96
N THR H 179 -15.54 38.55 -20.07
CA THR H 179 -16.94 38.67 -20.42
C THR H 179 -17.35 40.12 -20.31
N LEU H 180 -18.00 40.65 -21.36
CA LEU H 180 -18.57 41.98 -21.35
C LEU H 180 -20.09 41.89 -21.43
N VAL H 181 -20.76 42.81 -20.75
CA VAL H 181 -22.21 42.92 -20.80
C VAL H 181 -22.56 44.36 -21.17
N GLU H 182 -23.36 44.52 -22.23
CA GLU H 182 -23.65 45.84 -22.79
C GLU H 182 -25.16 46.03 -22.92
N TYR H 183 -25.57 47.28 -23.12
CA TYR H 183 -26.96 47.64 -23.41
C TYR H 183 -27.07 48.01 -24.88
N SER H 184 -27.72 47.16 -25.66
CA SER H 184 -27.90 47.40 -27.09
C SER H 184 -29.35 47.69 -27.44
N PRO H 185 -29.62 48.23 -28.62
CA PRO H 185 -30.97 48.72 -28.93
C PRO H 185 -31.96 47.57 -29.09
N PHE H 186 -33.23 47.94 -28.90
CA PHE H 186 -34.37 47.07 -29.20
C PHE H 186 -34.79 47.16 -30.66
N GLY H 187 -34.83 48.36 -31.20
CA GLY H 187 -35.30 48.59 -32.56
C GLY H 187 -36.25 49.76 -32.62
N VAL H 188 -37.47 49.52 -33.12
CA VAL H 188 -38.50 50.54 -33.16
C VAL H 188 -39.37 50.41 -31.91
N ILE H 189 -39.42 51.49 -31.13
CA ILE H 189 -40.22 51.53 -29.91
C ILE H 189 -41.49 52.34 -30.17
N GLY H 190 -42.64 51.74 -29.90
CA GLY H 190 -43.89 52.47 -29.97
C GLY H 190 -44.29 52.99 -28.60
N ALA H 191 -44.33 54.30 -28.44
CA ALA H 191 -44.58 54.94 -27.15
C ALA H 191 -45.94 55.62 -27.16
N ILE H 192 -46.71 55.41 -26.10
CA ILE H 192 -48.02 56.03 -25.94
C ILE H 192 -47.92 57.02 -24.78
N THR H 193 -48.08 58.31 -25.07
CA THR H 193 -47.87 59.34 -24.07
C THR H 193 -49.20 59.79 -23.46
N PRO H 194 -49.18 60.30 -22.24
CA PRO H 194 -50.42 60.67 -21.56
C PRO H 194 -50.88 62.08 -21.93
N THR H 195 -52.14 62.35 -21.58
CA THR H 195 -52.71 63.68 -21.77
C THR H 195 -52.27 64.63 -20.68
N THR H 196 -51.97 64.11 -19.48
CA THR H 196 -51.61 64.97 -18.37
C THR H 196 -50.21 65.55 -18.53
N ASN H 197 -49.29 64.77 -19.10
CA ASN H 197 -47.89 65.18 -19.28
C ASN H 197 -47.49 64.96 -20.72
N PRO H 198 -48.11 65.70 -21.65
CA PRO H 198 -47.92 65.39 -23.08
C PRO H 198 -46.52 65.69 -23.59
N THR H 199 -45.93 66.82 -23.21
CA THR H 199 -44.61 67.19 -23.70
C THR H 199 -43.47 66.66 -22.83
N GLU H 200 -43.69 66.56 -21.52
CA GLU H 200 -42.65 66.03 -20.64
C GLU H 200 -42.36 64.57 -20.95
N THR H 201 -43.39 63.80 -21.28
CA THR H 201 -43.20 62.38 -21.58
C THR H 201 -42.51 62.19 -22.93
N ILE H 202 -42.83 63.04 -23.91
CA ILE H 202 -42.18 62.93 -25.22
C ILE H 202 -40.70 63.26 -25.11
N VAL H 203 -40.37 64.34 -24.39
CA VAL H 203 -38.97 64.71 -24.20
C VAL H 203 -38.24 63.58 -23.47
N CYS H 204 -38.81 63.11 -22.37
CA CYS H 204 -38.15 62.07 -21.58
C CYS H 204 -37.99 60.79 -22.38
N ASN H 205 -39.07 60.32 -23.01
CA ASN H 205 -39.00 59.06 -23.73
C ASN H 205 -38.00 59.12 -24.87
N SER H 206 -38.05 60.18 -25.68
CA SER H 206 -37.20 60.24 -26.87
C SER H 206 -35.73 60.35 -26.51
N ILE H 207 -35.40 61.01 -25.40
CA ILE H 207 -33.99 61.09 -24.98
C ILE H 207 -33.47 59.70 -24.63
N GLY H 208 -34.19 58.99 -23.76
CA GLY H 208 -33.75 57.67 -23.35
C GLY H 208 -33.70 56.69 -24.51
N MET H 209 -34.73 56.71 -25.37
CA MET H 209 -34.83 55.73 -26.44
C MET H 209 -33.79 55.98 -27.53
N LEU H 210 -33.49 57.25 -27.81
CA LEU H 210 -32.43 57.55 -28.77
C LEU H 210 -31.05 57.33 -28.16
N ALA H 211 -30.89 57.64 -26.88
CA ALA H 211 -29.64 57.33 -26.20
C ALA H 211 -29.29 55.86 -26.35
N ALA H 212 -30.30 55.00 -26.32
CA ALA H 212 -30.12 53.56 -26.43
C ALA H 212 -30.07 53.07 -27.87
N GLY H 213 -30.11 53.97 -28.84
CA GLY H 213 -30.00 53.55 -30.23
C GLY H 213 -31.28 53.08 -30.87
N ASN H 214 -32.43 53.48 -30.36
CA ASN H 214 -33.71 53.14 -30.95
C ASN H 214 -34.24 54.31 -31.77
N SER H 215 -35.31 54.03 -32.52
CA SER H 215 -36.22 55.06 -33.01
C SER H 215 -37.56 54.89 -32.28
N VAL H 216 -38.31 55.98 -32.20
CA VAL H 216 -39.56 55.98 -31.44
C VAL H 216 -40.70 56.47 -32.32
N VAL H 217 -41.80 55.72 -32.30
CA VAL H 217 -43.06 56.15 -32.90
C VAL H 217 -43.97 56.57 -31.75
N PHE H 218 -44.30 57.86 -31.70
CA PHE H 218 -45.15 58.38 -30.64
C PHE H 218 -46.60 58.34 -31.09
N SER H 219 -47.47 57.79 -30.24
CA SER H 219 -48.91 57.71 -30.48
C SER H 219 -49.60 58.50 -29.38
N PRO H 220 -49.70 59.81 -29.51
CA PRO H 220 -50.29 60.63 -28.44
C PRO H 220 -51.82 60.55 -28.49
N HIS H 221 -52.43 61.12 -27.46
CA HIS H 221 -53.88 61.19 -27.38
C HIS H 221 -54.37 62.44 -28.09
N GLY H 222 -55.50 62.33 -28.78
CA GLY H 222 -56.01 63.43 -29.57
C GLY H 222 -56.16 64.73 -28.79
N ARG H 223 -56.31 64.62 -27.48
CA ARG H 223 -56.46 65.81 -26.65
C ARG H 223 -55.18 66.64 -26.56
N ALA H 224 -54.04 66.06 -26.91
CA ALA H 224 -52.76 66.77 -26.86
C ALA H 224 -52.06 66.72 -28.21
N ARG H 225 -52.83 66.63 -29.30
CA ARG H 225 -52.23 66.34 -30.60
C ARG H 225 -51.49 67.54 -31.18
N GLN H 226 -52.03 68.75 -31.01
CA GLN H 226 -51.36 69.92 -31.57
C GLN H 226 -50.03 70.18 -30.88
N VAL H 227 -50.00 70.10 -29.55
CA VAL H 227 -48.74 70.33 -28.83
C VAL H 227 -47.77 69.19 -29.07
N SER H 228 -48.28 67.96 -29.21
CA SER H 228 -47.41 66.81 -29.49
C SER H 228 -46.76 66.95 -30.85
N LEU H 229 -47.56 67.24 -31.89
CA LEU H 229 -47.02 67.28 -33.25
C LEU H 229 -45.98 68.37 -33.39
N LEU H 230 -46.23 69.55 -32.84
CA LEU H 230 -45.25 70.63 -32.92
C LEU H 230 -43.94 70.21 -32.29
N LEU H 231 -43.99 69.51 -31.16
CA LEU H 231 -42.76 69.05 -30.50
C LEU H 231 -42.03 68.04 -31.38
N VAL H 232 -42.75 67.08 -31.95
CA VAL H 232 -42.12 66.09 -32.82
C VAL H 232 -41.50 66.77 -34.02
N ARG H 233 -42.18 67.75 -34.61
CA ARG H 233 -41.63 68.46 -35.75
C ARG H 233 -40.37 69.23 -35.36
N LEU H 234 -40.41 69.94 -34.23
CA LEU H 234 -39.23 70.67 -33.78
C LEU H 234 -38.06 69.72 -33.54
N ILE H 235 -38.33 68.53 -32.98
CA ILE H 235 -37.26 67.57 -32.75
C ILE H 235 -36.64 67.13 -34.08
N ASN H 236 -37.48 66.83 -35.06
CA ASN H 236 -36.97 66.41 -36.36
C ASN H 236 -36.14 67.51 -37.01
N GLN H 237 -36.68 68.74 -37.04
CA GLN H 237 -35.95 69.86 -37.60
C GLN H 237 -34.56 69.98 -36.99
N LYS H 238 -34.46 69.85 -35.68
CA LYS H 238 -33.16 69.96 -35.02
C LYS H 238 -32.25 68.80 -35.40
N LEU H 239 -32.80 67.57 -35.45
CA LEU H 239 -31.98 66.42 -35.74
C LEU H 239 -31.46 66.45 -37.17
N ALA H 240 -32.30 66.86 -38.12
CA ALA H 240 -31.83 67.01 -39.50
C ALA H 240 -30.70 68.03 -39.56
N ALA H 241 -30.82 69.12 -38.81
CA ALA H 241 -29.72 70.08 -38.74
C ALA H 241 -28.45 69.46 -38.17
N LEU H 242 -28.59 68.50 -37.26
CA LEU H 242 -27.44 67.82 -36.68
C LEU H 242 -26.93 66.68 -37.56
N GLY H 243 -27.56 66.42 -38.71
CA GLY H 243 -27.10 65.38 -39.60
C GLY H 243 -27.50 63.98 -39.21
N ALA H 244 -28.67 63.82 -38.62
CA ALA H 244 -29.14 62.51 -38.18
C ALA H 244 -29.94 61.84 -39.28
N PRO H 245 -30.10 60.51 -39.21
CA PRO H 245 -31.02 59.84 -40.14
C PRO H 245 -32.45 60.31 -39.89
N GLU H 246 -33.16 60.57 -40.98
CA GLU H 246 -34.51 61.11 -40.87
C GLU H 246 -35.43 60.12 -40.16
N ASN H 247 -36.39 60.66 -39.41
CA ASN H 247 -37.48 59.91 -38.83
C ASN H 247 -37.04 59.05 -37.64
N LEU H 248 -36.19 59.61 -36.79
CA LEU H 248 -35.89 58.95 -35.52
C LEU H 248 -37.03 59.12 -34.53
N VAL H 249 -37.75 60.24 -34.61
CA VAL H 249 -38.96 60.47 -33.82
C VAL H 249 -40.09 60.80 -34.81
N VAL H 250 -41.15 60.00 -34.76
CA VAL H 250 -42.26 60.15 -35.71
C VAL H 250 -43.60 60.01 -34.98
N THR H 251 -44.62 60.57 -35.61
CA THR H 251 -45.99 60.44 -35.13
C THR H 251 -46.92 60.51 -36.33
N VAL H 252 -48.22 60.47 -36.06
CA VAL H 252 -49.23 60.50 -37.11
C VAL H 252 -49.91 61.86 -37.10
N GLU H 253 -50.55 62.18 -38.24
CA GLU H 253 -51.17 63.49 -38.40
C GLU H 253 -52.40 63.64 -37.54
N LYS H 254 -53.22 62.59 -37.42
CA LYS H 254 -54.48 62.64 -36.70
C LYS H 254 -54.48 61.54 -35.64
N PRO H 255 -53.87 61.81 -34.48
CA PRO H 255 -53.82 60.77 -33.42
C PRO H 255 -55.21 60.28 -33.05
N SER H 256 -55.31 58.98 -32.81
CA SER H 256 -56.58 58.36 -32.46
C SER H 256 -56.31 57.02 -31.81
N ARG H 257 -57.33 56.50 -31.12
CA ARG H 257 -57.24 55.15 -30.57
C ARG H 257 -57.04 54.12 -31.67
N GLU H 258 -57.62 54.35 -32.85
CA GLU H 258 -57.43 53.40 -33.95
C GLU H 258 -55.98 53.38 -34.40
N ASN H 259 -55.30 54.53 -34.38
CA ASN H 259 -53.90 54.57 -34.76
C ASN H 259 -53.03 53.90 -33.70
N THR H 260 -53.36 54.12 -32.43
CA THR H 260 -52.62 53.45 -31.36
C THR H 260 -52.72 51.94 -31.50
N LEU H 261 -53.93 51.43 -31.72
CA LEU H 261 -54.10 49.99 -31.92
C LEU H 261 -53.33 49.52 -33.15
N ALA H 262 -53.25 50.35 -34.19
CA ALA H 262 -52.47 49.99 -35.37
C ALA H 262 -51.00 49.85 -35.02
N MET H 263 -50.48 50.79 -34.24
CA MET H 263 -49.09 50.69 -33.79
C MET H 263 -48.88 49.45 -32.94
N MET H 264 -49.81 49.16 -32.03
CA MET H 264 -49.68 47.98 -31.19
C MET H 264 -49.61 46.71 -32.01
N ALA H 265 -50.18 46.70 -33.21
CA ALA H 265 -50.27 45.51 -34.03
C ALA H 265 -49.20 45.42 -35.10
N HIS H 266 -48.43 46.46 -35.32
CA HIS H 266 -47.48 46.46 -36.43
C HIS H 266 -46.35 45.47 -36.15
N PRO H 267 -45.98 44.63 -37.11
CA PRO H 267 -44.92 43.63 -36.83
C PRO H 267 -43.56 44.24 -36.59
N LYS H 268 -43.29 45.43 -37.13
CA LYS H 268 -41.98 46.06 -37.02
C LYS H 268 -41.80 46.83 -35.72
N VAL H 269 -42.81 46.88 -34.86
CA VAL H 269 -42.69 47.52 -33.55
C VAL H 269 -42.19 46.47 -32.58
N ARG H 270 -40.98 46.68 -32.04
CA ARG H 270 -40.34 45.68 -31.21
C ARG H 270 -40.68 45.83 -29.73
N MET H 271 -40.98 47.04 -29.28
CA MET H 271 -41.28 47.29 -27.88
C MET H 271 -42.34 48.38 -27.79
N LEU H 272 -43.27 48.21 -26.86
CA LEU H 272 -44.29 49.21 -26.56
C LEU H 272 -44.02 49.78 -25.18
N VAL H 273 -44.09 51.11 -25.05
CA VAL H 273 -43.93 51.80 -23.78
C VAL H 273 -45.17 52.66 -23.57
N ALA H 274 -45.99 52.27 -22.59
CA ALA H 274 -47.29 52.87 -22.38
C ALA H 274 -47.30 53.63 -21.06
N THR H 275 -47.47 54.94 -21.13
CA THR H 275 -47.65 55.80 -19.96
C THR H 275 -49.13 56.22 -19.93
N GLY H 276 -49.89 55.63 -19.02
CA GLY H 276 -51.31 55.95 -18.94
C GLY H 276 -52.04 55.22 -17.84
N GLY H 277 -53.28 54.83 -18.10
CA GLY H 277 -54.12 54.20 -17.12
C GLY H 277 -54.06 52.69 -17.18
N PRO H 278 -54.71 52.03 -16.21
CA PRO H 278 -54.67 50.55 -16.19
C PRO H 278 -55.21 49.91 -17.45
N ALA H 279 -56.22 50.51 -18.08
CA ALA H 279 -56.73 49.95 -19.33
C ALA H 279 -55.64 49.91 -20.38
N LEU H 280 -54.90 51.02 -20.54
CA LEU H 280 -53.82 51.06 -21.52
C LEU H 280 -52.75 50.02 -21.19
N VAL H 281 -52.35 49.94 -19.92
CA VAL H 281 -51.30 49.01 -19.53
C VAL H 281 -51.67 47.58 -19.94
N LYS H 282 -52.87 47.14 -19.55
CA LYS H 282 -53.30 45.81 -19.94
C LYS H 282 -53.34 45.65 -21.45
N ALA H 283 -53.67 46.71 -22.18
CA ALA H 283 -53.73 46.62 -23.63
C ALA H 283 -52.38 46.23 -24.21
N VAL H 284 -51.33 46.95 -23.81
CA VAL H 284 -50.00 46.72 -24.40
C VAL H 284 -49.40 45.40 -23.91
N LEU H 285 -49.76 44.95 -22.72
CA LEU H 285 -49.32 43.66 -22.22
C LEU H 285 -50.08 42.49 -22.84
N SER H 286 -50.92 42.75 -23.85
CA SER H 286 -51.69 41.71 -24.52
C SER H 286 -51.39 41.65 -26.02
N THR H 287 -50.43 42.43 -26.50
CA THR H 287 -50.15 42.55 -27.92
C THR H 287 -49.15 41.53 -28.43
N GLY H 288 -48.60 40.70 -27.56
CA GLY H 288 -47.56 39.77 -27.97
C GLY H 288 -46.21 40.40 -28.18
N LYS H 289 -45.94 41.55 -27.56
CA LYS H 289 -44.67 42.23 -27.67
C LYS H 289 -44.14 42.58 -26.28
N LYS H 290 -42.82 42.71 -26.18
CA LYS H 290 -42.22 43.31 -24.99
C LYS H 290 -42.90 44.64 -24.72
N ALA H 291 -43.38 44.83 -23.50
CA ALA H 291 -44.10 46.04 -23.16
C ALA H 291 -43.72 46.52 -21.77
N ILE H 292 -43.39 47.80 -21.66
CA ILE H 292 -43.25 48.48 -20.37
C ILE H 292 -44.55 49.21 -20.10
N GLY H 293 -45.09 49.03 -18.91
CA GLY H 293 -46.37 49.62 -18.56
C GLY H 293 -46.30 50.47 -17.31
N ALA H 294 -46.36 51.79 -17.47
CA ALA H 294 -46.40 52.70 -16.34
C ALA H 294 -47.85 52.97 -16.02
N GLY H 295 -48.31 52.49 -14.87
CA GLY H 295 -49.71 52.53 -14.50
C GLY H 295 -50.06 53.70 -13.60
N ALA H 296 -51.23 53.60 -12.99
CA ALA H 296 -51.78 54.67 -12.17
C ALA H 296 -51.50 54.40 -10.70
N GLY H 297 -51.67 55.45 -9.89
CA GLY H 297 -51.50 55.33 -8.45
C GLY H 297 -52.46 56.23 -7.71
N ASN H 298 -52.58 55.98 -6.41
CA ASN H 298 -53.38 56.78 -5.49
C ASN H 298 -52.54 57.11 -4.26
N PRO H 299 -51.53 57.96 -4.42
CA PRO H 299 -50.46 58.04 -3.40
C PRO H 299 -50.97 58.57 -2.07
N PRO H 300 -50.75 57.84 -0.99
CA PRO H 300 -51.03 58.39 0.34
C PRO H 300 -49.79 59.04 0.95
N VAL H 301 -50.04 60.02 1.81
CA VAL H 301 -48.99 60.70 2.55
C VAL H 301 -49.32 60.56 4.04
N VAL H 302 -48.40 59.99 4.80
CA VAL H 302 -48.59 59.70 6.21
C VAL H 302 -47.80 60.71 7.03
N VAL H 303 -48.42 61.20 8.11
CA VAL H 303 -47.78 62.13 9.04
C VAL H 303 -47.99 61.57 10.43
N ASP H 304 -46.89 61.32 11.16
CA ASP H 304 -46.94 60.81 12.52
C ASP H 304 -46.47 61.87 13.50
N GLU H 305 -46.55 61.53 14.79
CA GLU H 305 -46.31 62.51 15.85
C GLU H 305 -44.86 62.96 15.91
N THR H 306 -43.94 62.23 15.31
CA THR H 306 -42.52 62.55 15.37
C THR H 306 -42.08 63.48 14.26
N ALA H 307 -43.00 64.03 13.49
CA ALA H 307 -42.67 64.76 12.29
C ALA H 307 -42.65 66.27 12.52
N ASN H 308 -41.82 66.96 11.75
CA ASN H 308 -41.83 68.42 11.69
C ASN H 308 -43.12 68.84 11.00
N ILE H 309 -44.13 69.21 11.80
CA ILE H 309 -45.47 69.42 11.25
C ILE H 309 -45.51 70.66 10.35
N GLU H 310 -44.84 71.74 10.77
CA GLU H 310 -44.78 72.93 9.92
C GLU H 310 -44.20 72.59 8.56
N LYS H 311 -43.07 71.87 8.55
CA LYS H 311 -42.46 71.48 7.28
C LYS H 311 -43.35 70.51 6.50
N ALA H 312 -44.00 69.58 7.21
CA ALA H 312 -44.84 68.61 6.52
C ALA H 312 -46.00 69.30 5.81
N ALA H 313 -46.60 70.30 6.46
CA ALA H 313 -47.72 71.01 5.84
C ALA H 313 -47.28 71.71 4.56
N CYS H 314 -46.13 72.40 4.61
CA CYS H 314 -45.63 73.08 3.42
C CYS H 314 -45.32 72.09 2.30
N ASP H 315 -44.67 70.97 2.64
CA ASP H 315 -44.30 69.99 1.62
C ASP H 315 -45.55 69.35 1.01
N ILE H 316 -46.58 69.12 1.82
CA ILE H 316 -47.76 68.42 1.32
C ILE H 316 -48.56 69.29 0.37
N VAL H 317 -48.64 70.60 0.67
CA VAL H 317 -49.39 71.49 -0.21
C VAL H 317 -48.61 71.73 -1.50
N ASN H 318 -47.30 71.92 -1.40
CA ASN H 318 -46.49 72.09 -2.61
C ASN H 318 -46.58 70.87 -3.51
N GLY H 319 -46.49 69.67 -2.93
CA GLY H 319 -46.51 68.47 -3.73
C GLY H 319 -47.89 68.15 -4.29
N CYS H 320 -48.94 68.41 -3.51
CA CYS H 320 -50.29 68.11 -3.96
C CYS H 320 -50.73 69.08 -5.05
N SER H 321 -50.48 70.38 -4.86
CA SER H 321 -50.93 71.38 -5.80
C SER H 321 -50.04 71.47 -7.04
N PHE H 322 -48.86 70.86 -7.02
CA PHE H 322 -47.95 70.94 -8.15
C PHE H 322 -48.64 70.47 -9.43
N ASP H 323 -48.63 71.33 -10.45
CA ASP H 323 -49.32 71.09 -11.71
C ASP H 323 -50.75 70.64 -11.46
N ASN H 324 -51.37 71.21 -10.42
CA ASN H 324 -52.76 70.92 -10.09
C ASN H 324 -53.01 69.43 -9.91
N ASN H 325 -52.00 68.72 -9.40
CA ASN H 325 -52.14 67.35 -8.94
C ASN H 325 -52.20 66.32 -10.07
N ILE H 326 -51.77 66.68 -11.28
CA ILE H 326 -51.85 65.74 -12.40
C ILE H 326 -50.59 64.89 -12.55
N THR H 327 -49.52 65.20 -11.83
CA THR H 327 -48.36 64.32 -11.80
C THR H 327 -48.73 63.03 -11.08
N CYS H 328 -48.41 61.89 -11.71
CA CYS H 328 -48.88 60.59 -11.20
C CYS H 328 -48.39 60.31 -9.78
N THR H 329 -47.39 61.04 -9.30
CA THR H 329 -46.81 60.80 -7.99
C THR H 329 -47.35 61.74 -6.91
N ALA H 330 -48.28 62.62 -7.25
CA ALA H 330 -48.71 63.66 -6.32
C ALA H 330 -49.50 63.07 -5.17
N GLU H 331 -49.36 63.70 -4.00
CA GLU H 331 -50.20 63.36 -2.85
C GLU H 331 -51.67 63.47 -3.23
N LYS H 332 -52.46 62.46 -2.84
CA LYS H 332 -53.88 62.48 -3.11
C LYS H 332 -54.74 62.06 -1.91
N GLU H 333 -54.14 61.79 -0.76
CA GLU H 333 -54.87 61.65 0.50
C GLU H 333 -53.91 61.70 1.68
N ILE H 334 -54.26 62.46 2.71
CA ILE H 334 -53.47 62.56 3.92
C ILE H 334 -53.98 61.55 4.94
N ILE H 335 -53.05 60.83 5.57
CA ILE H 335 -53.37 59.93 6.67
C ILE H 335 -52.56 60.43 7.87
N ALA H 336 -53.24 61.03 8.84
CA ALA H 336 -52.60 61.74 9.93
C ALA H 336 -52.87 61.05 11.25
N VAL H 337 -51.84 60.98 12.09
CA VAL H 337 -52.01 60.49 13.46
C VAL H 337 -52.77 61.53 14.25
N ALA H 338 -53.76 61.07 15.02
CA ALA H 338 -54.71 61.98 15.66
C ALA H 338 -54.03 63.03 16.51
N GLN H 339 -52.94 62.67 17.19
CA GLN H 339 -52.31 63.59 18.13
C GLN H 339 -51.84 64.87 17.46
N ILE H 340 -51.48 64.79 16.18
CA ILE H 340 -50.90 65.92 15.46
C ILE H 340 -51.78 66.36 14.29
N ALA H 341 -52.98 65.78 14.16
CA ALA H 341 -53.85 66.14 13.05
C ALA H 341 -54.29 67.59 13.11
N ASP H 342 -54.69 68.07 14.30
CA ASP H 342 -55.21 69.43 14.41
C ASP H 342 -54.12 70.46 14.11
N TYR H 343 -52.94 70.31 14.74
CA TYR H 343 -51.85 71.22 14.45
C TYR H 343 -51.37 71.10 13.02
N LEU H 344 -51.61 69.95 12.38
CA LEU H 344 -51.29 69.79 10.97
C LEU H 344 -52.28 70.58 10.11
N ILE H 345 -53.57 70.40 10.37
CA ILE H 345 -54.58 71.16 9.62
C ILE H 345 -54.31 72.65 9.75
N PHE H 346 -53.94 73.11 10.96
CA PHE H 346 -53.63 74.51 11.16
C PHE H 346 -52.53 74.96 10.21
N ASN H 347 -51.44 74.20 10.13
CA ASN H 347 -50.34 74.57 9.26
C ASN H 347 -50.69 74.39 7.79
N LEU H 348 -51.47 73.36 7.46
CA LEU H 348 -51.97 73.22 6.10
C LEU H 348 -52.74 74.48 5.69
N LYS H 349 -53.58 75.00 6.58
CA LYS H 349 -54.32 76.22 6.26
C LYS H 349 -53.38 77.41 6.08
N LYS H 350 -52.35 77.51 6.93
CA LYS H 350 -51.40 78.60 6.81
C LYS H 350 -50.60 78.56 5.51
N ASN H 351 -50.62 77.43 4.79
CA ASN H 351 -49.82 77.25 3.59
C ASN H 351 -50.66 77.25 2.31
N GLY H 352 -51.93 77.62 2.39
CA GLY H 352 -52.78 77.73 1.23
C GLY H 352 -53.87 76.71 1.10
N ALA H 353 -54.16 75.94 2.15
CA ALA H 353 -55.24 74.97 2.12
C ALA H 353 -56.54 75.66 2.51
N TYR H 354 -57.58 75.43 1.72
CA TYR H 354 -58.93 75.90 2.01
C TYR H 354 -59.70 74.73 2.62
N GLU H 355 -60.04 74.84 3.90
CA GLU H 355 -60.71 73.75 4.61
C GLU H 355 -62.21 73.86 4.43
N ILE H 356 -62.84 72.73 4.09
CA ILE H 356 -64.28 72.63 3.94
C ILE H 356 -64.81 71.89 5.16
N LYS H 357 -65.57 72.59 6.01
CA LYS H 357 -66.25 71.97 7.13
C LYS H 357 -67.73 71.80 6.91
N ASP H 358 -68.34 72.64 6.08
CA ASP H 358 -69.77 72.58 5.82
C ASP H 358 -70.08 71.34 4.97
N PRO H 359 -70.81 70.35 5.50
CA PRO H 359 -71.10 69.16 4.67
C PRO H 359 -71.88 69.48 3.41
N ALA H 360 -72.68 70.56 3.42
CA ALA H 360 -73.41 70.93 2.20
C ALA H 360 -72.47 71.37 1.10
N VAL H 361 -71.43 72.13 1.45
CA VAL H 361 -70.44 72.54 0.46
C VAL H 361 -69.66 71.33 -0.03
N LEU H 362 -69.25 70.46 0.89
CA LEU H 362 -68.53 69.25 0.50
C LEU H 362 -69.37 68.40 -0.46
N GLN H 363 -70.69 68.46 -0.34
CA GLN H 363 -71.55 67.72 -1.26
C GLN H 363 -71.56 68.34 -2.64
N GLN H 364 -71.53 69.68 -2.72
CA GLN H 364 -71.44 70.33 -4.01
C GLN H 364 -70.16 69.95 -4.74
N LEU H 365 -69.03 69.94 -4.02
CA LEU H 365 -67.75 69.60 -4.64
C LEU H 365 -67.78 68.19 -5.21
N GLN H 366 -68.44 67.26 -4.53
CA GLN H 366 -68.57 65.91 -5.07
C GLN H 366 -69.35 65.91 -6.38
N ASP H 367 -70.52 66.56 -6.38
CA ASP H 367 -71.33 66.59 -7.58
C ASP H 367 -70.58 67.18 -8.77
N LEU H 368 -69.66 68.11 -8.51
CA LEU H 368 -68.90 68.74 -9.59
C LEU H 368 -67.83 67.79 -10.14
N VAL H 369 -66.96 67.28 -9.26
CA VAL H 369 -65.77 66.57 -9.70
C VAL H 369 -65.98 65.07 -9.87
N LEU H 370 -67.15 64.55 -9.53
CA LEU H 370 -67.42 63.12 -9.65
C LEU H 370 -68.48 62.88 -10.72
N THR H 371 -68.28 61.83 -11.51
CA THR H 371 -69.25 61.41 -12.50
C THR H 371 -70.29 60.51 -11.85
N ALA H 372 -71.30 60.11 -12.64
CA ALA H 372 -72.33 59.23 -12.12
C ALA H 372 -71.75 57.88 -11.70
N LYS H 373 -70.74 57.40 -12.40
CA LYS H 373 -70.11 56.14 -12.03
C LYS H 373 -69.32 56.24 -10.74
N GLY H 374 -68.97 57.45 -10.31
CA GLY H 374 -68.16 57.65 -9.13
C GLY H 374 -66.72 58.01 -9.40
N GLY H 375 -66.34 58.13 -10.68
CA GLY H 375 -64.97 58.45 -11.03
C GLY H 375 -64.77 59.94 -11.22
N PRO H 376 -63.52 60.35 -11.41
CA PRO H 376 -63.24 61.77 -11.58
C PRO H 376 -63.81 62.31 -12.87
N GLN H 377 -64.32 63.54 -12.81
CA GLN H 377 -64.85 64.21 -13.98
C GLN H 377 -63.68 64.70 -14.85
N THR H 378 -63.60 64.20 -16.08
CA THR H 378 -62.49 64.57 -16.95
C THR H 378 -62.37 66.08 -17.09
N LYS H 379 -63.48 66.80 -17.01
CA LYS H 379 -63.46 68.23 -17.23
C LYS H 379 -62.90 69.01 -16.04
N CYS H 380 -62.82 68.39 -14.87
CA CYS H 380 -62.25 69.04 -13.69
C CYS H 380 -60.83 68.61 -13.39
N VAL H 381 -60.34 67.56 -14.06
CA VAL H 381 -58.98 67.08 -13.82
C VAL H 381 -58.00 68.19 -14.20
N GLY H 382 -57.03 68.43 -13.32
CA GLY H 382 -55.97 69.38 -13.61
C GLY H 382 -56.34 70.84 -13.41
N LYS H 383 -57.51 71.14 -12.88
CA LYS H 383 -57.89 72.51 -12.60
C LYS H 383 -57.37 72.92 -11.23
N SER H 384 -57.10 74.23 -11.08
CA SER H 384 -56.56 74.74 -9.84
C SER H 384 -57.62 74.68 -8.72
N ALA H 385 -57.17 74.86 -7.49
CA ALA H 385 -58.08 74.90 -6.35
C ALA H 385 -59.02 76.09 -6.46
N VAL H 386 -58.52 77.24 -6.93
CA VAL H 386 -59.36 78.41 -7.11
C VAL H 386 -60.44 78.12 -8.16
N TRP H 387 -60.04 77.51 -9.27
CA TRP H 387 -61.00 77.19 -10.32
C TRP H 387 -62.11 76.29 -9.79
N LEU H 388 -61.74 75.22 -9.07
CA LEU H 388 -62.74 74.28 -8.58
C LEU H 388 -63.72 74.97 -7.62
N LEU H 389 -63.21 75.82 -6.73
CA LEU H 389 -64.08 76.50 -5.79
C LEU H 389 -65.00 77.51 -6.50
N SER H 390 -64.51 78.15 -7.56
CA SER H 390 -65.33 79.12 -8.27
C SER H 390 -66.51 78.45 -8.96
N GLN H 391 -66.36 77.20 -9.38
CA GLN H 391 -67.44 76.50 -10.07
C GLN H 391 -68.53 76.02 -9.13
N ILE H 392 -68.34 76.14 -7.82
CA ILE H 392 -69.39 75.89 -6.85
C ILE H 392 -69.74 77.17 -6.08
N GLY H 393 -69.37 78.33 -6.63
CA GLY H 393 -69.79 79.60 -6.08
C GLY H 393 -68.97 80.13 -4.93
N ILE H 394 -67.72 79.71 -4.80
CA ILE H 394 -66.82 80.21 -3.77
C ILE H 394 -65.67 80.92 -4.45
N SER H 395 -65.35 82.12 -3.98
CA SER H 395 -64.24 82.90 -4.50
C SER H 395 -63.18 83.05 -3.43
N VAL H 396 -61.93 82.71 -3.80
CA VAL H 396 -60.78 82.85 -2.92
C VAL H 396 -59.63 83.40 -3.74
N ASP H 397 -58.69 84.07 -3.05
CA ASP H 397 -57.57 84.70 -3.74
C ASP H 397 -56.55 83.66 -4.16
N ALA H 398 -55.46 84.13 -4.78
CA ALA H 398 -54.46 83.25 -5.36
C ALA H 398 -53.74 82.40 -4.32
N SER H 399 -53.89 82.72 -3.03
CA SER H 399 -53.14 81.99 -2.00
C SER H 399 -53.68 80.59 -1.78
N ILE H 400 -54.89 80.29 -2.25
CA ILE H 400 -55.48 78.96 -2.06
C ILE H 400 -54.93 78.02 -3.12
N LYS H 401 -54.26 76.96 -2.68
CA LYS H 401 -53.64 75.99 -3.58
C LYS H 401 -54.30 74.62 -3.55
N ILE H 402 -54.87 74.21 -2.42
CA ILE H 402 -55.55 72.92 -2.31
C ILE H 402 -56.86 73.11 -1.57
N ILE H 403 -57.78 72.17 -1.79
CA ILE H 403 -59.03 72.08 -1.04
C ILE H 403 -58.88 70.90 -0.07
N LEU H 404 -59.04 71.18 1.22
CA LEU H 404 -58.80 70.21 2.27
C LEU H 404 -60.09 69.88 3.01
N MET H 405 -60.28 68.61 3.33
CA MET H 405 -61.45 68.20 4.11
C MET H 405 -61.13 66.92 4.87
N GLU H 406 -61.52 66.84 6.13
CA GLU H 406 -61.31 65.64 6.92
C GLU H 406 -62.49 64.73 6.67
N VAL H 407 -62.28 63.49 6.28
CA VAL H 407 -63.37 62.60 5.92
C VAL H 407 -63.13 61.17 6.36
N PRO H 408 -64.15 60.32 6.29
CA PRO H 408 -63.89 58.93 6.55
C PRO H 408 -63.13 58.29 5.41
N ARG H 409 -62.47 57.20 5.70
CA ARG H 409 -61.62 56.53 4.72
C ARG H 409 -62.40 56.00 3.53
N GLU H 410 -63.72 55.84 3.65
CA GLU H 410 -64.52 55.33 2.55
C GLU H 410 -64.90 56.42 1.55
N HIS H 411 -64.50 57.67 1.78
CA HIS H 411 -64.95 58.77 0.95
C HIS H 411 -64.40 58.64 -0.47
N PRO H 412 -65.16 59.08 -1.48
CA PRO H 412 -64.67 58.97 -2.87
C PRO H 412 -63.35 59.71 -3.11
N PHE H 413 -63.18 60.90 -2.53
CA PHE H 413 -61.93 61.63 -2.70
C PHE H 413 -60.75 60.85 -2.13
N VAL H 414 -60.97 60.04 -1.11
CA VAL H 414 -59.90 59.18 -0.59
C VAL H 414 -59.64 58.03 -1.56
N GLN H 415 -60.72 57.40 -2.05
CA GLN H 415 -60.61 56.17 -2.82
C GLN H 415 -60.32 56.41 -4.31
N GLU H 416 -60.42 57.64 -4.79
CA GLU H 416 -60.26 57.92 -6.21
C GLU H 416 -58.98 58.70 -6.47
N GLU H 417 -58.36 58.42 -7.61
CA GLU H 417 -57.26 59.22 -8.14
C GLU H 417 -57.88 60.40 -8.88
N LEU H 418 -58.20 61.46 -8.13
CA LEU H 418 -58.88 62.60 -8.71
C LEU H 418 -57.99 63.31 -9.73
N MET H 419 -56.70 63.47 -9.41
CA MET H 419 -55.81 64.31 -10.20
C MET H 419 -56.27 65.76 -10.15
N MET H 420 -56.72 66.19 -8.97
CA MET H 420 -57.17 67.54 -8.70
C MET H 420 -56.61 67.96 -7.35
N PRO H 421 -56.35 69.24 -7.14
CA PRO H 421 -55.83 69.67 -5.84
C PRO H 421 -56.86 69.56 -4.74
N ILE H 422 -57.44 68.37 -4.59
CA ILE H 422 -58.45 68.08 -3.58
C ILE H 422 -57.85 67.02 -2.67
N LEU H 423 -57.55 67.39 -1.43
CA LEU H 423 -56.78 66.52 -0.54
C LEU H 423 -57.60 66.13 0.67
N PRO H 424 -58.09 64.89 0.75
CA PRO H 424 -58.75 64.44 1.98
C PRO H 424 -57.72 64.05 3.04
N LEU H 425 -58.14 64.20 4.30
CA LEU H 425 -57.31 63.85 5.45
C LEU H 425 -58.11 62.91 6.34
N VAL H 426 -57.63 61.70 6.49
CA VAL H 426 -58.27 60.73 7.33
C VAL H 426 -57.47 60.63 8.58
N ARG H 427 -58.14 60.63 9.72
CA ARG H 427 -57.51 60.58 11.00
C ARG H 427 -57.45 59.20 11.55
N VAL H 428 -56.30 58.81 12.06
CA VAL H 428 -56.12 57.52 12.67
C VAL H 428 -55.40 57.71 13.96
N GLU H 429 -55.59 56.78 14.86
CA GLU H 429 -55.00 56.84 16.15
C GLU H 429 -53.51 56.68 16.27
N THR H 430 -52.91 55.73 15.58
CA THR H 430 -51.49 55.50 15.71
C THR H 430 -50.77 55.38 14.42
N VAL H 431 -49.48 55.62 14.44
CA VAL H 431 -48.72 55.55 13.19
C VAL H 431 -48.82 54.15 12.58
N ASP H 432 -48.98 53.12 13.43
CA ASP H 432 -49.14 51.77 12.91
C ASP H 432 -50.47 51.61 12.19
N ASP H 433 -51.53 52.25 12.70
CA ASP H 433 -52.79 52.27 11.99
C ASP H 433 -52.68 53.06 10.68
N ALA H 434 -51.87 54.12 10.68
CA ALA H 434 -51.70 54.91 9.47
C ALA H 434 -51.01 54.12 8.37
N ILE H 435 -49.99 53.33 8.74
CA ILE H 435 -49.30 52.52 7.74
C ILE H 435 -50.21 51.44 7.19
N ASP H 436 -51.10 50.90 8.03
CA ASP H 436 -52.06 49.91 7.55
C ASP H 436 -53.06 50.53 6.58
N LEU H 437 -53.52 51.75 6.89
CA LEU H 437 -54.49 52.40 6.00
C LEU H 437 -53.83 52.85 4.71
N ALA H 438 -52.57 53.30 4.77
CA ALA H 438 -51.88 53.73 3.57
C ALA H 438 -51.72 52.59 2.58
N ILE H 439 -51.44 51.39 3.06
CA ILE H 439 -51.31 50.25 2.16
C ILE H 439 -52.65 49.90 1.52
N GLU H 440 -53.72 49.92 2.31
CA GLU H 440 -55.05 49.66 1.77
C GLU H 440 -55.41 50.68 0.69
N VAL H 441 -55.37 51.97 1.05
CA VAL H 441 -55.83 53.03 0.16
C VAL H 441 -54.98 53.10 -1.11
N GLU H 442 -53.75 52.61 -1.07
CA GLU H 442 -52.89 52.63 -2.26
C GLU H 442 -53.39 51.69 -3.34
N HIS H 443 -54.27 50.76 -3.00
CA HIS H 443 -54.96 49.91 -3.97
C HIS H 443 -53.99 48.99 -4.72
N ASP H 444 -52.89 48.62 -4.06
CA ASP H 444 -51.91 47.70 -4.63
C ASP H 444 -51.34 48.21 -5.95
N ASN H 445 -51.47 49.50 -6.22
CA ASN H 445 -50.85 50.07 -7.42
C ASN H 445 -49.33 49.97 -7.36
N ARG H 446 -48.78 49.96 -6.14
CA ARG H 446 -47.33 49.90 -5.94
C ARG H 446 -46.64 50.98 -6.77
N HIS H 447 -47.17 52.20 -6.67
CA HIS H 447 -46.68 53.33 -7.43
C HIS H 447 -45.90 54.29 -6.52
N THR H 448 -46.60 55.14 -5.77
CA THR H 448 -45.94 56.14 -4.94
C THR H 448 -46.63 56.25 -3.58
N ALA H 449 -45.83 56.63 -2.58
CA ALA H 449 -46.33 56.93 -1.25
C ALA H 449 -45.33 57.83 -0.54
N ILE H 450 -45.82 58.61 0.42
CA ILE H 450 -45.01 59.61 1.12
C ILE H 450 -45.21 59.43 2.62
N MET H 451 -44.17 59.75 3.38
CA MET H 451 -44.24 59.71 4.84
C MET H 451 -43.45 60.86 5.43
N HIS H 452 -43.98 61.44 6.51
CA HIS H 452 -43.30 62.48 7.26
C HIS H 452 -43.12 61.97 8.69
N SER H 453 -41.86 61.86 9.11
CA SER H 453 -41.52 61.31 10.41
C SER H 453 -40.01 61.42 10.58
N THR H 454 -39.55 61.54 11.83
CA THR H 454 -38.12 61.58 12.11
C THR H 454 -37.62 60.29 12.73
N ASP H 455 -38.51 59.32 12.96
CA ASP H 455 -38.16 58.05 13.61
C ASP H 455 -37.73 57.07 12.53
N VAL H 456 -36.44 56.73 12.50
CA VAL H 456 -35.91 55.85 11.47
C VAL H 456 -36.66 54.52 11.45
N ARG H 457 -37.18 54.10 12.60
CA ARG H 457 -37.89 52.83 12.67
C ARG H 457 -39.22 52.91 11.93
N LYS H 458 -39.96 53.99 12.12
CA LYS H 458 -41.24 54.14 11.44
C LYS H 458 -41.04 54.43 9.96
N LEU H 459 -40.02 55.23 9.62
CA LEU H 459 -39.67 55.43 8.21
C LEU H 459 -39.40 54.10 7.53
N THR H 460 -38.58 53.26 8.15
CA THR H 460 -38.25 51.95 7.58
C THR H 460 -39.49 51.09 7.44
N LYS H 461 -40.28 50.98 8.52
CA LYS H 461 -41.40 50.05 8.52
C LYS H 461 -42.35 50.32 7.37
N MET H 462 -42.74 51.59 7.19
CA MET H 462 -43.68 51.91 6.12
C MET H 462 -43.04 51.70 4.75
N ALA H 463 -41.79 52.10 4.59
CA ALA H 463 -41.10 51.88 3.33
C ALA H 463 -41.09 50.40 2.96
N LYS H 464 -40.73 49.53 3.91
CA LYS H 464 -40.64 48.11 3.62
C LYS H 464 -42.02 47.54 3.27
N LEU H 465 -43.06 47.95 3.99
CA LEU H 465 -44.34 47.26 3.89
C LEU H 465 -45.12 47.70 2.64
N ILE H 466 -45.09 48.99 2.31
CA ILE H 466 -45.99 49.45 1.25
C ILE H 466 -45.47 49.06 -0.12
N GLN H 467 -44.16 48.85 -0.27
CA GLN H 467 -43.59 48.25 -1.48
C GLN H 467 -43.96 49.02 -2.74
N THR H 468 -43.85 50.34 -2.69
CA THR H 468 -44.15 51.17 -3.84
C THR H 468 -42.88 51.43 -4.65
N THR H 469 -43.08 51.70 -5.95
CA THR H 469 -41.94 52.00 -6.82
C THR H 469 -41.21 53.25 -6.36
N ILE H 470 -41.93 54.21 -5.77
CA ILE H 470 -41.33 55.43 -5.23
C ILE H 470 -41.84 55.62 -3.81
N PHE H 471 -40.93 55.92 -2.89
CA PHE H 471 -41.27 56.23 -1.51
C PHE H 471 -40.44 57.45 -1.12
N VAL H 472 -41.13 58.51 -0.68
CA VAL H 472 -40.48 59.77 -0.33
C VAL H 472 -40.68 60.02 1.16
N LYS H 473 -39.63 60.49 1.83
CA LYS H 473 -39.61 60.69 3.27
C LYS H 473 -39.24 62.14 3.57
N ASN H 474 -40.11 62.84 4.30
CA ASN H 474 -39.83 64.18 4.80
C ASN H 474 -39.58 65.16 3.65
N GLY H 475 -40.44 65.10 2.65
CA GLY H 475 -40.36 66.02 1.54
C GLY H 475 -41.57 65.93 0.64
N PRO H 476 -41.67 66.87 -0.30
CA PRO H 476 -42.77 66.81 -1.27
C PRO H 476 -42.64 65.60 -2.18
N SER H 477 -43.78 65.11 -2.65
CA SER H 477 -43.78 63.88 -3.45
C SER H 477 -42.87 63.99 -4.67
N TYR H 478 -42.75 65.18 -5.26
CA TYR H 478 -41.97 65.29 -6.49
C TYR H 478 -40.47 65.17 -6.26
N ALA H 479 -40.02 64.98 -5.01
CA ALA H 479 -38.61 64.69 -4.77
C ALA H 479 -38.22 63.33 -5.32
N GLY H 480 -39.18 62.41 -5.42
CA GLY H 480 -38.96 61.17 -6.13
C GLY H 480 -38.80 61.33 -7.63
N HIS H 481 -39.14 62.50 -8.17
CA HIS H 481 -38.93 62.79 -9.59
C HIS H 481 -37.60 63.45 -9.87
N GLY H 482 -36.84 63.83 -8.85
CA GLY H 482 -35.55 64.46 -9.03
C GLY H 482 -35.52 65.94 -8.74
N ALA H 483 -36.66 66.54 -8.40
CA ALA H 483 -36.73 67.96 -8.06
C ALA H 483 -36.80 68.05 -6.54
N GLY H 484 -35.62 68.01 -5.91
CA GLY H 484 -35.51 68.02 -4.47
C GLY H 484 -35.06 66.72 -3.86
N GLY H 485 -34.97 65.66 -4.66
CA GLY H 485 -34.43 64.39 -4.21
C GLY H 485 -33.23 63.97 -5.04
N GLU H 486 -32.40 63.09 -4.48
CA GLU H 486 -31.22 62.62 -5.18
C GLU H 486 -31.61 61.59 -6.24
N GLY H 487 -30.96 61.68 -7.39
CA GLY H 487 -31.21 60.80 -8.51
C GLY H 487 -31.56 61.57 -9.77
N TYR H 488 -31.92 60.82 -10.81
CA TYR H 488 -32.34 61.41 -12.07
C TYR H 488 -33.85 61.52 -12.12
N SER H 489 -34.36 62.06 -13.22
CA SER H 489 -35.80 62.26 -13.39
C SER H 489 -36.33 61.41 -14.54
N THR H 490 -37.63 61.12 -14.47
CA THR H 490 -38.32 60.41 -15.53
C THR H 490 -39.79 60.78 -15.46
N PHE H 491 -40.54 60.42 -16.50
CA PHE H 491 -41.98 60.59 -16.53
C PHE H 491 -42.69 59.32 -17.00
N THR H 492 -41.98 58.19 -16.99
CA THR H 492 -42.57 56.88 -17.20
C THR H 492 -42.13 56.01 -16.02
N ILE H 493 -43.01 55.85 -15.05
CA ILE H 493 -42.71 55.17 -13.79
C ILE H 493 -43.42 53.83 -13.84
N ALA H 494 -42.65 52.76 -14.07
CA ALA H 494 -43.21 51.44 -14.30
C ALA H 494 -43.34 50.69 -12.98
N GLY H 495 -44.58 50.48 -12.54
CA GLY H 495 -44.85 49.66 -11.38
C GLY H 495 -45.19 48.23 -11.78
N PRO H 496 -46.20 48.06 -12.66
CA PRO H 496 -46.59 46.71 -13.07
C PRO H 496 -45.43 45.88 -13.62
N THR H 497 -44.76 46.39 -14.65
CA THR H 497 -43.69 45.64 -15.30
C THR H 497 -42.34 45.77 -14.61
N GLY H 498 -42.26 46.54 -13.53
CA GLY H 498 -41.13 46.49 -12.62
C GLY H 498 -39.87 47.21 -13.04
N GLU H 499 -39.87 47.93 -14.16
CA GLU H 499 -38.67 48.62 -14.59
C GLU H 499 -38.28 49.77 -13.66
N GLY H 500 -39.19 50.26 -12.83
CA GLY H 500 -38.90 51.38 -11.96
C GLY H 500 -38.95 52.72 -12.66
N LEU H 501 -37.98 53.59 -12.37
CA LEU H 501 -37.88 54.88 -13.04
C LEU H 501 -37.14 54.68 -14.36
N THR H 502 -37.90 54.57 -15.45
CA THR H 502 -37.30 54.20 -16.73
C THR H 502 -36.24 55.20 -17.16
N SER H 503 -35.31 54.72 -17.97
CA SER H 503 -34.26 55.53 -18.58
C SER H 503 -33.73 54.74 -19.77
N ALA H 504 -32.65 55.23 -20.38
CA ALA H 504 -32.08 54.57 -21.55
C ALA H 504 -31.91 53.07 -21.33
N LYS H 505 -31.41 52.68 -20.16
CA LYS H 505 -31.26 51.26 -19.85
C LYS H 505 -32.55 50.49 -20.11
N SER H 506 -33.69 51.06 -19.72
CA SER H 506 -34.96 50.37 -19.83
C SER H 506 -35.36 50.10 -21.27
N PHE H 507 -34.78 50.82 -22.22
CA PHE H 507 -35.11 50.68 -23.63
C PHE H 507 -34.01 49.94 -24.39
N ALA H 508 -33.34 49.01 -23.74
CA ALA H 508 -32.22 48.31 -24.31
C ALA H 508 -32.21 46.85 -23.87
N ARG H 509 -31.68 46.00 -24.74
CA ARG H 509 -31.47 44.60 -24.44
C ARG H 509 -30.07 44.41 -23.87
N ARG H 510 -29.94 43.52 -22.89
CA ARG H 510 -28.64 43.21 -22.32
C ARG H 510 -27.99 42.08 -23.11
N ARG H 511 -26.76 42.31 -23.57
CA ARG H 511 -26.04 41.36 -24.39
C ARG H 511 -24.75 40.96 -23.69
N LYS H 512 -24.37 39.69 -23.85
CA LYS H 512 -23.19 39.12 -23.21
C LYS H 512 -22.20 38.71 -24.30
N CYS H 513 -20.97 39.23 -24.20
CA CYS H 513 -19.90 38.94 -25.15
C CYS H 513 -18.76 38.29 -24.39
N VAL H 514 -18.38 37.08 -24.82
CA VAL H 514 -17.42 36.24 -24.08
C VAL H 514 -16.20 36.01 -24.95
N MET H 515 -15.07 36.57 -24.54
CA MET H 515 -13.77 36.36 -25.20
C MET H 515 -13.04 35.26 -24.44
N VAL H 516 -13.10 34.03 -24.96
CA VAL H 516 -12.62 32.86 -24.23
C VAL H 516 -11.10 32.87 -24.18
N GLU H 517 -10.55 32.98 -22.97
CA GLU H 517 -9.12 32.82 -22.71
C GLU H 517 -8.29 33.89 -23.41
N ALA H 518 -8.77 35.12 -23.38
CA ALA H 518 -8.01 36.27 -23.87
C ALA H 518 -8.58 37.53 -23.23
N LEU H 519 -7.74 38.56 -23.17
CA LEU H 519 -8.08 39.84 -22.55
C LEU H 519 -8.27 39.73 -21.04
N ASN H 520 -7.75 38.67 -20.44
CA ASN H 520 -7.69 38.55 -18.98
C ASN H 520 -6.30 39.01 -18.54
N ILE H 521 -6.14 40.31 -18.53
CA ILE H 521 -4.87 40.92 -18.27
C ILE H 521 -4.60 41.42 -16.89
N ARG H 522 -5.25 40.86 -15.91
CA ARG H 522 -5.02 41.26 -14.54
C ARG H 522 -3.63 40.80 -14.17
N ALA I 82 43.88 -42.38 -23.38
CA ALA I 82 43.86 -41.28 -22.42
C ALA I 82 42.45 -40.72 -22.45
N ALA I 83 41.96 -40.14 -21.37
CA ALA I 83 40.58 -39.65 -21.39
C ALA I 83 40.42 -38.18 -21.71
N VAL I 84 39.42 -37.91 -22.53
CA VAL I 84 39.08 -36.59 -22.98
C VAL I 84 38.09 -36.01 -22.01
N SER I 85 38.27 -34.78 -21.59
CA SER I 85 37.38 -34.17 -20.66
C SER I 85 36.05 -33.87 -21.25
N ASP I 86 35.00 -33.91 -20.46
CA ASP I 86 33.71 -33.55 -20.97
C ASP I 86 33.37 -32.14 -20.56
N GLY I 87 34.28 -31.47 -19.91
CA GLY I 87 34.09 -30.10 -19.50
C GLY I 87 33.39 -29.86 -18.18
N VAL I 88 32.95 -30.92 -17.50
CA VAL I 88 32.22 -30.79 -16.25
C VAL I 88 33.13 -31.26 -15.12
N PHE I 89 33.39 -30.38 -14.16
CA PHE I 89 34.39 -30.60 -13.14
C PHE I 89 33.76 -30.64 -11.75
N GLU I 90 34.47 -31.30 -10.82
CA GLU I 90 33.94 -31.46 -9.47
C GLU I 90 33.90 -30.14 -8.73
N THR I 91 34.96 -29.33 -8.85
CA THR I 91 35.06 -28.07 -8.14
C THR I 91 35.21 -26.94 -9.15
N MET I 92 34.92 -25.72 -8.67
CA MET I 92 35.07 -24.55 -9.52
C MET I 92 36.55 -24.28 -9.83
N ASP I 93 37.43 -24.45 -8.84
CA ASP I 93 38.85 -24.21 -9.07
C ASP I 93 39.40 -25.14 -10.14
N ALA I 94 38.94 -26.40 -10.16
CA ALA I 94 39.39 -27.33 -11.18
C ALA I 94 38.95 -26.88 -12.57
N ALA I 95 37.70 -26.41 -12.69
CA ALA I 95 37.22 -25.94 -13.98
C ALA I 95 37.98 -24.69 -14.44
N VAL I 96 38.24 -23.77 -13.52
CA VAL I 96 38.89 -22.52 -13.91
C VAL I 96 40.32 -22.78 -14.36
N GLU I 97 41.02 -23.70 -13.70
CA GLU I 97 42.37 -24.05 -14.14
C GLU I 97 42.34 -24.73 -15.50
N ALA I 98 41.38 -25.63 -15.72
CA ALA I 98 41.27 -26.28 -17.02
C ALA I 98 41.02 -25.28 -18.13
N ALA I 99 40.14 -24.31 -17.88
CA ALA I 99 39.86 -23.29 -18.88
C ALA I 99 41.05 -22.35 -19.07
N ALA I 100 41.85 -22.17 -18.02
CA ALA I 100 43.05 -21.34 -18.16
C ALA I 100 44.07 -22.02 -19.07
N LEU I 101 44.38 -23.29 -18.81
CA LEU I 101 45.24 -24.04 -19.71
C LEU I 101 44.66 -24.08 -21.11
N ALA I 102 43.34 -24.24 -21.21
CA ALA I 102 42.71 -24.34 -22.52
C ALA I 102 42.93 -23.06 -23.32
N GLN I 103 42.69 -21.90 -22.70
CA GLN I 103 42.82 -20.64 -23.42
C GLN I 103 44.25 -20.38 -23.85
N GLN I 104 45.23 -20.86 -23.06
CA GLN I 104 46.63 -20.76 -23.48
C GLN I 104 46.86 -21.57 -24.75
N GLN I 105 46.35 -22.80 -24.78
CA GLN I 105 46.44 -23.60 -25.99
C GLN I 105 45.64 -22.95 -27.13
N TYR I 106 44.54 -22.27 -26.79
CA TYR I 106 43.71 -21.63 -27.79
C TYR I 106 44.45 -20.50 -28.51
N LEU I 107 45.39 -19.84 -27.81
CA LEU I 107 46.15 -18.76 -28.41
C LEU I 107 47.07 -19.22 -29.53
N LEU I 108 47.28 -20.52 -29.68
CA LEU I 108 48.05 -21.05 -30.79
C LEU I 108 47.19 -21.35 -32.02
N CYS I 109 45.87 -21.29 -31.86
CA CYS I 109 44.97 -21.67 -32.94
C CYS I 109 44.74 -20.52 -33.91
N SER I 110 44.27 -20.87 -35.10
CA SER I 110 44.04 -19.92 -36.17
C SER I 110 42.61 -19.39 -36.12
N MET I 111 42.39 -18.25 -36.76
CA MET I 111 41.03 -17.75 -36.94
C MET I 111 40.16 -18.79 -37.63
N SER I 112 40.74 -19.56 -38.56
CA SER I 112 39.99 -20.65 -39.16
C SER I 112 39.56 -21.66 -38.09
N ASP I 113 40.48 -22.01 -37.18
CA ASP I 113 40.13 -22.92 -36.09
C ASP I 113 38.95 -22.39 -35.29
N ARG I 114 39.02 -21.11 -34.88
CA ARG I 114 37.91 -20.50 -34.15
C ARG I 114 36.59 -20.70 -34.89
N ALA I 115 36.59 -20.44 -36.21
CA ALA I 115 35.38 -20.58 -36.99
C ALA I 115 34.85 -22.00 -36.97
N ARG I 116 35.73 -22.98 -37.12
CA ARG I 116 35.31 -24.38 -37.07
C ARG I 116 34.64 -24.69 -35.75
N PHE I 117 35.21 -24.19 -34.65
CA PHE I 117 34.63 -24.41 -33.33
C PHE I 117 33.30 -23.68 -33.19
N VAL I 118 33.26 -22.41 -33.60
CA VAL I 118 32.01 -21.66 -33.56
C VAL I 118 30.92 -22.40 -34.33
N GLN I 119 31.27 -22.91 -35.52
CA GLN I 119 30.30 -23.69 -36.28
C GLN I 119 29.88 -24.93 -35.52
N GLY I 120 30.83 -25.57 -34.82
CA GLY I 120 30.48 -26.77 -34.06
C GLY I 120 29.39 -26.50 -33.04
N ILE I 121 29.51 -25.40 -32.31
CA ILE I 121 28.49 -25.03 -31.33
C ILE I 121 27.14 -24.87 -32.03
N ARG I 122 27.13 -24.13 -33.15
CA ARG I 122 25.90 -23.98 -33.92
C ARG I 122 25.35 -25.35 -34.32
N ASP I 123 26.22 -26.24 -34.80
CA ASP I 123 25.75 -27.55 -35.24
C ASP I 123 25.14 -28.34 -34.09
N VAL I 124 25.59 -28.10 -32.86
CA VAL I 124 25.09 -28.88 -31.73
C VAL I 124 23.67 -28.46 -31.37
N ILE I 125 23.44 -27.15 -31.25
CA ILE I 125 22.12 -26.67 -30.85
C ILE I 125 21.13 -26.73 -32.01
N LEU I 126 21.62 -26.60 -33.25
CA LEU I 126 20.74 -26.63 -34.41
C LEU I 126 20.46 -28.04 -34.91
N ASN I 127 21.19 -29.05 -34.44
CA ASN I 127 20.79 -30.43 -34.64
C ASN I 127 19.37 -30.63 -34.12
N GLN I 128 18.48 -31.12 -34.98
CA GLN I 128 17.05 -31.07 -34.68
C GLN I 128 16.71 -31.84 -33.42
N ASP I 129 17.28 -33.03 -33.25
CA ASP I 129 16.99 -33.83 -32.07
C ASP I 129 17.52 -33.17 -30.80
N THR I 130 18.72 -32.59 -30.87
CA THR I 130 19.25 -31.87 -29.71
C THR I 130 18.45 -30.60 -29.44
N LEU I 131 18.03 -29.90 -30.50
CA LEU I 131 17.24 -28.70 -30.33
C LEU I 131 15.97 -28.99 -29.55
N GLU I 132 15.25 -30.05 -29.94
CA GLU I 132 14.01 -30.37 -29.26
C GLU I 132 14.26 -30.81 -27.83
N LYS I 133 15.30 -31.61 -27.60
CA LYS I 133 15.63 -32.05 -26.25
C LYS I 133 15.93 -30.86 -25.34
N MET I 134 16.86 -30.01 -25.76
CA MET I 134 17.19 -28.83 -24.97
C MET I 134 15.96 -27.98 -24.68
N SER I 135 15.04 -27.89 -25.63
CA SER I 135 13.87 -27.06 -25.44
C SER I 135 12.92 -27.69 -24.43
N ARG I 136 12.59 -28.97 -24.61
CA ARG I 136 11.73 -29.66 -23.67
C ARG I 136 12.39 -29.77 -22.29
N MET I 137 13.66 -30.17 -22.27
CA MET I 137 14.36 -30.38 -21.01
C MET I 137 14.38 -29.12 -20.16
N ALA I 138 14.55 -27.95 -20.79
CA ALA I 138 14.67 -26.71 -20.04
C ALA I 138 13.34 -26.33 -19.39
N VAL I 139 12.24 -26.45 -20.13
CA VAL I 139 10.94 -26.08 -19.59
C VAL I 139 10.54 -27.02 -18.46
N GLU I 140 10.87 -28.31 -18.59
CA GLU I 140 10.48 -29.27 -17.57
C GLU I 140 11.31 -29.12 -16.30
N GLU I 141 12.59 -28.75 -16.44
CA GLU I 141 13.43 -28.62 -15.26
C GLU I 141 13.15 -27.31 -14.52
N THR I 142 13.05 -26.20 -15.24
CA THR I 142 12.84 -24.91 -14.60
C THR I 142 11.37 -24.60 -14.35
N GLY I 143 10.48 -25.15 -15.17
CA GLY I 143 9.07 -24.82 -15.09
C GLY I 143 8.69 -23.50 -15.73
N MET I 144 9.63 -22.83 -16.35
CA MET I 144 9.40 -21.54 -16.94
C MET I 144 9.44 -21.56 -18.45
N GLY I 145 8.51 -20.87 -19.10
CA GLY I 145 8.44 -20.82 -20.54
C GLY I 145 7.70 -21.96 -21.17
N ASN I 146 7.65 -21.99 -22.48
CA ASN I 146 7.00 -23.09 -23.18
C ASN I 146 7.86 -23.60 -24.28
N TYR I 147 7.71 -24.87 -24.58
CA TYR I 147 8.52 -25.59 -25.52
C TYR I 147 8.55 -25.14 -26.92
N GLU I 148 7.42 -24.78 -27.48
CA GLU I 148 7.42 -24.37 -28.88
C GLU I 148 8.20 -23.08 -29.10
N HIS I 149 8.25 -22.20 -28.10
CA HIS I 149 8.97 -20.95 -28.23
C HIS I 149 10.44 -21.07 -27.85
N LYS I 150 10.82 -22.08 -27.06
CA LYS I 150 12.23 -22.36 -26.84
C LYS I 150 12.89 -22.90 -28.09
N LEU I 151 12.15 -23.68 -28.89
CA LEU I 151 12.65 -24.11 -30.19
C LEU I 151 13.08 -22.90 -31.02
N ILE I 152 12.31 -21.82 -30.96
CA ILE I 152 12.65 -20.61 -31.69
C ILE I 152 13.88 -19.95 -31.08
N LYS I 153 13.83 -19.69 -29.76
CA LYS I 153 14.90 -18.93 -29.12
C LYS I 153 16.23 -19.65 -29.22
N ASN I 154 16.24 -20.96 -29.00
CA ASN I 154 17.47 -21.73 -29.18
C ASN I 154 17.97 -21.62 -30.62
N ARG I 155 17.07 -21.80 -31.59
CA ARG I 155 17.45 -21.63 -32.98
C ARG I 155 17.97 -20.22 -33.24
N LEU I 156 17.35 -19.22 -32.63
CA LEU I 156 17.82 -17.84 -32.83
C LEU I 156 19.23 -17.66 -32.30
N ALA I 157 19.55 -18.30 -31.18
CA ALA I 157 20.88 -18.15 -30.60
C ALA I 157 21.92 -18.87 -31.45
N GLY I 158 21.59 -20.06 -31.94
CA GLY I 158 22.53 -20.83 -32.73
C GLY I 158 22.74 -20.31 -34.14
N GLU I 159 21.76 -19.60 -34.69
CA GLU I 159 21.83 -19.12 -36.06
C GLU I 159 22.33 -17.69 -36.18
N LYS I 160 21.94 -16.80 -35.28
CA LYS I 160 22.13 -15.37 -35.49
C LYS I 160 23.09 -14.74 -34.47
N THR I 161 23.74 -15.53 -33.64
CA THR I 161 24.79 -14.99 -32.77
C THR I 161 26.04 -14.75 -33.62
N PRO I 162 26.59 -13.53 -33.65
CA PRO I 162 27.75 -13.29 -34.50
C PRO I 162 28.93 -14.21 -34.19
N GLY I 163 29.68 -14.53 -35.23
CA GLY I 163 30.89 -15.31 -35.14
C GLY I 163 32.14 -14.46 -35.26
N ILE I 164 33.23 -15.06 -35.77
CA ILE I 164 34.49 -14.35 -35.85
C ILE I 164 34.37 -13.13 -36.75
N GLU I 165 33.42 -13.12 -37.68
CA GLU I 165 33.27 -11.97 -38.56
C GLU I 165 32.97 -10.69 -37.78
N ASP I 166 32.53 -10.81 -36.53
CA ASP I 166 32.25 -9.65 -35.70
C ASP I 166 33.52 -8.91 -35.29
N LEU I 167 34.69 -9.54 -35.44
CA LEU I 167 35.94 -8.96 -34.95
C LEU I 167 36.60 -8.16 -36.07
N THR I 168 36.04 -6.99 -36.33
CA THR I 168 36.50 -6.16 -37.43
C THR I 168 37.83 -5.49 -37.09
N THR I 169 38.39 -4.82 -38.08
CA THR I 169 39.67 -4.15 -37.95
C THR I 169 39.56 -2.71 -38.44
N ASP I 170 40.06 -1.78 -37.63
CA ASP I 170 40.13 -0.38 -38.02
C ASP I 170 41.56 -0.04 -38.42
N ALA I 171 41.70 0.78 -39.45
CA ALA I 171 43.00 1.16 -39.96
C ALA I 171 43.06 2.66 -40.21
N PHE I 172 44.21 3.24 -39.89
CA PHE I 172 44.49 4.66 -40.16
C PHE I 172 45.89 4.73 -40.76
N SER I 173 46.00 5.35 -41.93
CA SER I 173 47.28 5.46 -42.62
C SER I 173 47.53 6.91 -43.04
N GLY I 174 48.77 7.34 -42.87
CA GLY I 174 49.16 8.69 -43.21
C GLY I 174 50.67 8.88 -43.21
N ASP I 175 51.12 10.11 -42.99
CA ASP I 175 52.55 10.40 -43.02
C ASP I 175 53.29 9.67 -41.90
N ASN I 176 52.67 9.54 -40.74
CA ASN I 176 53.29 8.82 -39.63
C ASN I 176 53.20 7.32 -39.77
N GLY I 177 52.67 6.81 -40.88
CA GLY I 177 52.65 5.38 -41.13
C GLY I 177 51.27 4.76 -41.12
N LEU I 178 51.16 3.58 -40.54
CA LEU I 178 49.92 2.83 -40.46
C LEU I 178 49.61 2.51 -39.01
N THR I 179 48.31 2.54 -38.67
CA THR I 179 47.85 2.18 -37.35
C THR I 179 46.68 1.22 -37.49
N LEU I 180 46.77 0.05 -36.86
CA LEU I 180 45.70 -0.91 -36.83
C LEU I 180 45.12 -1.01 -35.42
N VAL I 181 43.83 -1.31 -35.34
CA VAL I 181 43.16 -1.59 -34.08
C VAL I 181 42.44 -2.91 -34.23
N GLU I 182 42.63 -3.80 -33.26
CA GLU I 182 42.11 -5.16 -33.32
C GLU I 182 41.39 -5.50 -32.02
N TYR I 183 40.66 -6.62 -32.06
CA TYR I 183 39.96 -7.15 -30.89
C TYR I 183 40.63 -8.48 -30.51
N SER I 184 41.33 -8.48 -29.38
CA SER I 184 42.03 -9.65 -28.89
C SER I 184 41.37 -10.21 -27.64
N PRO I 185 41.72 -11.43 -27.25
CA PRO I 185 40.99 -12.08 -26.14
C PRO I 185 41.34 -11.47 -24.79
N PHE I 186 40.39 -11.64 -23.85
CA PHE I 186 40.64 -11.32 -22.45
C PHE I 186 41.39 -12.46 -21.77
N GLY I 187 40.97 -13.69 -22.04
CA GLY I 187 41.50 -14.85 -21.36
C GLY I 187 40.38 -15.77 -20.91
N VAL I 188 40.37 -16.12 -19.63
CA VAL I 188 39.32 -16.95 -19.07
C VAL I 188 38.17 -16.04 -18.65
N ILE I 189 36.98 -16.31 -19.18
CA ILE I 189 35.78 -15.56 -18.87
C ILE I 189 34.87 -16.42 -17.99
N GLY I 190 34.36 -15.83 -16.92
CA GLY I 190 33.40 -16.48 -16.06
C GLY I 190 32.02 -15.90 -16.31
N ALA I 191 31.10 -16.74 -16.74
CA ALA I 191 29.75 -16.34 -17.09
C ALA I 191 28.74 -16.96 -16.14
N ILE I 192 27.69 -16.21 -15.84
CA ILE I 192 26.65 -16.59 -14.89
C ILE I 192 25.32 -16.49 -15.62
N THR I 193 24.67 -17.64 -15.84
CA THR I 193 23.49 -17.70 -16.69
C THR I 193 22.20 -17.73 -15.88
N PRO I 194 21.12 -17.23 -16.41
CA PRO I 194 19.82 -17.14 -15.79
C PRO I 194 19.00 -18.37 -15.82
N THR I 195 18.00 -18.44 -14.99
CA THR I 195 17.11 -19.55 -15.01
C THR I 195 16.14 -19.52 -16.20
N THR I 196 15.81 -18.36 -16.70
CA THR I 196 14.92 -18.27 -17.84
C THR I 196 15.39 -18.71 -19.22
N ASN I 197 16.54 -18.26 -19.64
CA ASN I 197 17.15 -18.68 -20.90
C ASN I 197 18.43 -19.44 -20.61
N PRO I 198 18.35 -20.61 -19.98
CA PRO I 198 19.59 -21.33 -19.62
C PRO I 198 20.39 -21.78 -20.83
N THR I 199 19.74 -22.45 -21.79
CA THR I 199 20.46 -22.95 -22.95
C THR I 199 20.78 -21.83 -23.93
N GLU I 200 19.81 -20.95 -24.20
CA GLU I 200 20.03 -19.87 -25.14
C GLU I 200 21.25 -19.03 -24.75
N THR I 201 21.43 -18.79 -23.45
CA THR I 201 22.52 -17.94 -23.01
C THR I 201 23.87 -18.66 -23.07
N ILE I 202 23.90 -19.97 -22.82
CA ILE I 202 25.15 -20.71 -22.94
C ILE I 202 25.60 -20.74 -24.40
N VAL I 203 24.65 -20.92 -25.32
CA VAL I 203 25.00 -20.95 -26.73
C VAL I 203 25.53 -19.59 -27.17
N CYS I 204 24.80 -18.52 -26.83
CA CYS I 204 25.16 -17.21 -27.33
C CYS I 204 26.42 -16.67 -26.67
N ASN I 205 26.61 -16.97 -25.38
CA ASN I 205 27.83 -16.55 -24.70
C ASN I 205 29.04 -17.29 -25.25
N SER I 206 28.94 -18.62 -25.35
CA SER I 206 30.11 -19.42 -25.72
C SER I 206 30.54 -19.12 -27.16
N ILE I 207 29.57 -18.98 -28.07
CA ILE I 207 29.92 -18.62 -29.45
C ILE I 207 30.70 -17.32 -29.47
N GLY I 208 30.14 -16.27 -28.87
CA GLY I 208 30.80 -14.98 -28.88
C GLY I 208 32.15 -15.02 -28.20
N MET I 209 32.26 -15.76 -27.10
CA MET I 209 33.49 -15.76 -26.32
C MET I 209 34.58 -16.58 -26.99
N LEU I 210 34.24 -17.72 -27.59
CA LEU I 210 35.21 -18.52 -28.32
C LEU I 210 35.60 -17.85 -29.64
N ALA I 211 34.65 -17.18 -30.30
CA ALA I 211 34.99 -16.41 -31.49
C ALA I 211 36.08 -15.41 -31.17
N ALA I 212 35.99 -14.75 -30.02
CA ALA I 212 36.96 -13.75 -29.61
C ALA I 212 38.25 -14.34 -29.07
N GLY I 213 38.37 -15.67 -29.01
CA GLY I 213 39.58 -16.30 -28.56
C GLY I 213 39.67 -16.53 -27.07
N ASN I 214 38.56 -16.54 -26.35
CA ASN I 214 38.55 -16.80 -24.92
C ASN I 214 38.12 -18.23 -24.64
N SER I 215 38.32 -18.64 -23.39
CA SER I 215 37.65 -19.80 -22.82
C SER I 215 36.59 -19.31 -21.85
N VAL I 216 35.59 -20.14 -21.61
CA VAL I 216 34.45 -19.73 -20.79
C VAL I 216 34.23 -20.75 -19.67
N VAL I 217 34.15 -20.26 -18.45
CA VAL I 217 33.71 -21.05 -17.30
C VAL I 217 32.28 -20.62 -16.98
N PHE I 218 31.34 -21.56 -17.08
CA PHE I 218 29.94 -21.29 -16.79
C PHE I 218 29.61 -21.72 -15.36
N SER I 219 29.02 -20.80 -14.59
CA SER I 219 28.40 -21.12 -13.30
C SER I 219 26.89 -21.07 -13.52
N PRO I 220 26.26 -22.18 -13.87
CA PRO I 220 24.83 -22.14 -14.23
C PRO I 220 23.92 -22.12 -13.01
N HIS I 221 22.72 -21.61 -13.24
CA HIS I 221 21.67 -21.61 -12.23
C HIS I 221 21.38 -23.03 -11.77
N GLY I 222 21.25 -23.21 -10.46
CA GLY I 222 20.97 -24.53 -9.91
C GLY I 222 19.65 -25.10 -10.39
N ARG I 223 18.68 -24.24 -10.71
CA ARG I 223 17.40 -24.71 -11.21
C ARG I 223 17.47 -25.18 -12.65
N ALA I 224 18.57 -24.94 -13.36
CA ALA I 224 18.77 -25.41 -14.71
C ALA I 224 20.00 -26.31 -14.81
N ARG I 225 20.28 -27.07 -13.74
CA ARG I 225 21.50 -27.85 -13.66
C ARG I 225 21.56 -28.90 -14.76
N GLN I 226 20.56 -29.76 -14.84
CA GLN I 226 20.65 -30.93 -15.72
C GLN I 226 20.80 -30.51 -17.18
N VAL I 227 20.00 -29.54 -17.62
CA VAL I 227 20.03 -29.14 -19.03
C VAL I 227 21.31 -28.39 -19.34
N SER I 228 21.76 -27.53 -18.43
CA SER I 228 22.98 -26.77 -18.67
C SER I 228 24.17 -27.70 -18.84
N LEU I 229 24.35 -28.65 -17.92
CA LEU I 229 25.51 -29.53 -17.98
C LEU I 229 25.46 -30.45 -19.18
N LEU I 230 24.26 -30.86 -19.61
CA LEU I 230 24.16 -31.68 -20.81
C LEU I 230 24.64 -30.89 -22.03
N LEU I 231 24.20 -29.64 -22.17
CA LEU I 231 24.63 -28.81 -23.29
C LEU I 231 26.15 -28.66 -23.29
N VAL I 232 26.74 -28.36 -22.13
CA VAL I 232 28.19 -28.21 -22.05
C VAL I 232 28.87 -29.50 -22.50
N ARG I 233 28.40 -30.65 -22.02
CA ARG I 233 29.00 -31.91 -22.42
C ARG I 233 28.88 -32.11 -23.93
N LEU I 234 27.71 -31.81 -24.50
CA LEU I 234 27.53 -31.92 -25.94
C LEU I 234 28.51 -31.00 -26.69
N ILE I 235 28.67 -29.77 -26.20
CA ILE I 235 29.62 -28.84 -26.83
C ILE I 235 31.02 -29.40 -26.76
N ASN I 236 31.44 -29.88 -25.58
CA ASN I 236 32.79 -30.42 -25.45
C ASN I 236 32.99 -31.63 -26.36
N GLN I 237 31.94 -32.43 -26.57
CA GLN I 237 32.06 -33.58 -27.45
C GLN I 237 32.32 -33.15 -28.89
N LYS I 238 31.50 -32.22 -29.39
CA LYS I 238 31.69 -31.73 -30.76
C LYS I 238 33.06 -31.11 -30.92
N LEU I 239 33.48 -30.27 -29.97
CA LEU I 239 34.77 -29.60 -30.08
C LEU I 239 35.92 -30.59 -30.07
N ALA I 240 35.79 -31.70 -29.34
CA ALA I 240 36.81 -32.74 -29.40
C ALA I 240 36.88 -33.35 -30.79
N ALA I 241 35.72 -33.55 -31.43
CA ALA I 241 35.68 -34.09 -32.78
C ALA I 241 36.34 -33.14 -33.77
N LEU I 242 36.31 -31.84 -33.50
CA LEU I 242 36.94 -30.84 -34.35
C LEU I 242 38.39 -30.58 -33.97
N GLY I 243 38.92 -31.29 -32.97
CA GLY I 243 40.31 -31.14 -32.61
C GLY I 243 40.65 -29.89 -31.83
N ALA I 244 39.66 -29.29 -31.17
CA ALA I 244 39.93 -28.13 -30.34
C ALA I 244 40.72 -28.55 -29.10
N PRO I 245 41.42 -27.61 -28.47
CA PRO I 245 41.95 -27.90 -27.13
C PRO I 245 40.83 -28.23 -26.16
N GLU I 246 41.14 -29.06 -25.18
CA GLU I 246 40.14 -29.48 -24.22
C GLU I 246 39.74 -28.32 -23.31
N ASN I 247 38.47 -28.30 -22.91
CA ASN I 247 38.01 -27.44 -21.84
C ASN I 247 37.87 -25.98 -22.28
N LEU I 248 37.58 -25.75 -23.56
CA LEU I 248 37.24 -24.41 -24.00
C LEU I 248 35.95 -23.91 -23.36
N VAL I 249 35.03 -24.83 -23.06
CA VAL I 249 33.78 -24.51 -22.38
C VAL I 249 33.63 -25.50 -21.23
N VAL I 250 33.62 -24.98 -20.00
CA VAL I 250 33.57 -25.85 -18.82
C VAL I 250 32.53 -25.34 -17.83
N THR I 251 32.16 -26.24 -16.92
CA THR I 251 31.26 -25.91 -15.82
C THR I 251 31.53 -26.88 -14.68
N VAL I 252 30.65 -26.88 -13.68
CA VAL I 252 30.83 -27.66 -12.46
C VAL I 252 29.68 -28.65 -12.33
N GLU I 253 29.96 -29.77 -11.66
CA GLU I 253 28.97 -30.83 -11.53
C GLU I 253 27.83 -30.44 -10.60
N LYS I 254 28.11 -29.58 -9.61
CA LYS I 254 27.14 -29.21 -8.57
C LYS I 254 26.99 -27.69 -8.59
N PRO I 255 26.21 -27.15 -9.52
CA PRO I 255 26.03 -25.69 -9.57
C PRO I 255 25.43 -25.17 -8.27
N SER I 256 25.99 -24.06 -7.80
CA SER I 256 25.54 -23.49 -6.53
C SER I 256 26.03 -22.05 -6.43
N ARG I 257 25.32 -21.27 -5.61
CA ARG I 257 25.74 -19.90 -5.32
C ARG I 257 27.18 -19.86 -4.85
N GLU I 258 27.62 -20.88 -4.11
CA GLU I 258 28.96 -20.87 -3.56
C GLU I 258 30.02 -20.99 -4.66
N ASN I 259 29.69 -21.71 -5.74
CA ASN I 259 30.62 -21.81 -6.85
C ASN I 259 30.69 -20.50 -7.64
N THR I 260 29.56 -19.82 -7.81
CA THR I 260 29.59 -18.50 -8.42
C THR I 260 30.53 -17.57 -7.64
N LEU I 261 30.41 -17.55 -6.32
CA LEU I 261 31.31 -16.72 -5.52
C LEU I 261 32.76 -17.16 -5.66
N ALA I 262 32.99 -18.47 -5.80
CA ALA I 262 34.35 -18.96 -5.99
C ALA I 262 34.89 -18.50 -7.34
N MET I 263 34.06 -18.58 -8.39
CA MET I 263 34.47 -18.12 -9.70
C MET I 263 34.75 -16.63 -9.70
N MET I 264 33.94 -15.86 -8.97
CA MET I 264 34.16 -14.42 -8.86
C MET I 264 35.43 -14.09 -8.10
N ALA I 265 35.94 -15.02 -7.29
CA ALA I 265 37.13 -14.77 -6.51
C ALA I 265 38.41 -15.26 -7.17
N HIS I 266 38.30 -16.16 -8.15
CA HIS I 266 39.48 -16.84 -8.67
C HIS I 266 40.38 -15.85 -9.40
N PRO I 267 41.69 -15.88 -9.14
CA PRO I 267 42.58 -14.89 -9.80
C PRO I 267 42.72 -15.09 -11.30
N LYS I 268 42.62 -16.32 -11.79
CA LYS I 268 42.83 -16.58 -13.20
C LYS I 268 41.62 -16.24 -14.07
N VAL I 269 40.47 -15.95 -13.47
CA VAL I 269 39.31 -15.48 -14.23
C VAL I 269 39.52 -14.00 -14.54
N ARG I 270 39.53 -13.65 -15.83
CA ARG I 270 39.90 -12.32 -16.27
C ARG I 270 38.73 -11.40 -16.49
N MET I 271 37.54 -11.90 -16.79
CA MET I 271 36.38 -11.08 -17.00
C MET I 271 35.16 -11.80 -16.51
N LEU I 272 34.16 -11.09 -16.03
CA LEU I 272 32.96 -11.75 -15.62
C LEU I 272 31.80 -11.19 -16.37
N VAL I 273 30.98 -12.05 -16.89
CA VAL I 273 29.81 -11.61 -17.57
C VAL I 273 28.61 -12.17 -16.86
N ALA I 274 27.71 -11.31 -16.41
CA ALA I 274 26.54 -11.78 -15.69
C ALA I 274 25.25 -11.46 -16.34
N THR I 275 24.43 -12.46 -16.49
CA THR I 275 23.11 -12.33 -17.10
C THR I 275 22.10 -12.74 -16.03
N GLY I 276 21.49 -11.73 -15.39
CA GLY I 276 20.58 -11.97 -14.28
C GLY I 276 19.92 -10.72 -13.74
N GLY I 277 19.75 -10.67 -12.42
CA GLY I 277 19.05 -9.58 -11.78
C GLY I 277 19.97 -8.55 -11.14
N PRO I 278 19.38 -7.51 -10.54
CA PRO I 278 20.21 -6.40 -10.03
C PRO I 278 21.20 -6.81 -8.95
N ALA I 279 20.86 -7.77 -8.09
CA ALA I 279 21.81 -8.23 -7.10
C ALA I 279 23.05 -8.81 -7.78
N LEU I 280 22.84 -9.73 -8.74
CA LEU I 280 23.96 -10.33 -9.45
C LEU I 280 24.84 -9.28 -10.09
N VAL I 281 24.25 -8.30 -10.76
CA VAL I 281 25.02 -7.26 -11.44
C VAL I 281 25.91 -6.55 -10.44
N LYS I 282 25.32 -5.97 -9.40
CA LYS I 282 26.11 -5.25 -8.40
C LYS I 282 27.18 -6.13 -7.78
N ALA I 283 26.92 -7.43 -7.66
CA ALA I 283 27.89 -8.32 -7.03
C ALA I 283 29.13 -8.48 -7.89
N VAL I 284 28.96 -8.64 -9.22
CA VAL I 284 30.11 -8.87 -10.08
C VAL I 284 30.90 -7.59 -10.29
N LEU I 285 30.26 -6.43 -10.16
CA LEU I 285 30.95 -5.14 -10.20
C LEU I 285 31.68 -4.84 -8.89
N SER I 286 31.73 -5.79 -7.96
CA SER I 286 32.35 -5.59 -6.65
C SER I 286 33.46 -6.60 -6.39
N THR I 287 34.03 -7.19 -7.45
CA THR I 287 35.01 -8.25 -7.31
C THR I 287 36.42 -7.82 -7.66
N GLY I 288 36.64 -6.55 -8.00
CA GLY I 288 37.94 -6.12 -8.47
C GLY I 288 38.27 -6.56 -9.88
N LYS I 289 37.30 -7.06 -10.63
CA LYS I 289 37.52 -7.57 -11.97
C LYS I 289 36.69 -6.79 -12.98
N LYS I 290 37.17 -6.79 -14.22
CA LYS I 290 36.34 -6.33 -15.34
C LYS I 290 35.09 -7.19 -15.40
N ALA I 291 33.94 -6.55 -15.57
CA ALA I 291 32.69 -7.29 -15.57
C ALA I 291 31.68 -6.61 -16.48
N ILE I 292 30.86 -7.44 -17.14
CA ILE I 292 29.71 -6.98 -17.89
C ILE I 292 28.47 -7.41 -17.13
N GLY I 293 27.54 -6.48 -16.93
CA GLY I 293 26.33 -6.75 -16.18
C GLY I 293 25.08 -6.56 -17.01
N ALA I 294 24.39 -7.67 -17.30
CA ALA I 294 23.12 -7.64 -18.02
C ALA I 294 22.01 -7.75 -16.97
N GLY I 295 21.47 -6.60 -16.57
CA GLY I 295 20.50 -6.51 -15.51
C GLY I 295 19.08 -6.75 -15.96
N ALA I 296 18.15 -6.30 -15.14
CA ALA I 296 16.73 -6.54 -15.36
C ALA I 296 16.07 -5.33 -16.02
N GLY I 297 14.82 -5.53 -16.45
CA GLY I 297 14.03 -4.48 -17.05
C GLY I 297 12.59 -4.53 -16.59
N ASN I 298 11.83 -3.54 -17.06
CA ASN I 298 10.39 -3.47 -16.81
C ASN I 298 9.76 -2.78 -18.01
N PRO I 299 9.71 -3.44 -19.15
CA PRO I 299 9.51 -2.74 -20.43
C PRO I 299 8.09 -2.24 -20.57
N PRO I 300 7.90 -0.92 -20.66
CA PRO I 300 6.59 -0.39 -21.05
C PRO I 300 6.39 -0.41 -22.55
N VAL I 301 5.12 -0.37 -22.95
CA VAL I 301 4.74 -0.27 -24.36
C VAL I 301 3.69 0.82 -24.47
N VAL I 302 4.09 1.97 -25.03
CA VAL I 302 3.21 3.11 -25.21
C VAL I 302 2.47 2.98 -26.53
N VAL I 303 1.18 3.34 -26.52
CA VAL I 303 0.34 3.33 -27.71
C VAL I 303 -0.40 4.66 -27.76
N ASP I 304 -0.15 5.44 -28.81
CA ASP I 304 -0.84 6.71 -28.97
C ASP I 304 -1.88 6.61 -30.09
N GLU I 305 -2.51 7.75 -30.38
CA GLU I 305 -3.68 7.78 -31.27
C GLU I 305 -3.31 7.59 -32.73
N THR I 306 -2.06 7.82 -33.11
CA THR I 306 -1.64 7.66 -34.50
C THR I 306 -1.32 6.22 -34.86
N ALA I 307 -1.44 5.28 -33.93
CA ALA I 307 -0.97 3.92 -34.13
C ALA I 307 -1.99 3.09 -34.91
N ASN I 308 -1.48 2.10 -35.65
CA ASN I 308 -2.30 1.04 -36.22
C ASN I 308 -2.71 0.11 -35.08
N ILE I 309 -3.92 0.31 -34.56
CA ILE I 309 -4.32 -0.36 -33.32
C ILE I 309 -4.44 -1.87 -33.53
N GLU I 310 -4.99 -2.30 -34.66
CA GLU I 310 -5.12 -3.73 -34.92
C GLU I 310 -3.74 -4.40 -34.88
N LYS I 311 -2.76 -3.82 -35.58
CA LYS I 311 -1.42 -4.38 -35.58
C LYS I 311 -0.80 -4.29 -34.18
N ALA I 312 -0.93 -3.13 -33.54
CA ALA I 312 -0.37 -2.96 -32.19
C ALA I 312 -0.84 -4.06 -31.26
N ALA I 313 -2.16 -4.25 -31.15
CA ALA I 313 -2.69 -5.26 -30.24
C ALA I 313 -2.14 -6.64 -30.57
N CYS I 314 -1.93 -6.94 -31.85
CA CYS I 314 -1.37 -8.24 -32.22
C CYS I 314 0.10 -8.35 -31.82
N ASP I 315 0.88 -7.29 -32.02
CA ASP I 315 2.29 -7.33 -31.64
C ASP I 315 2.45 -7.40 -30.14
N ILE I 316 1.61 -6.66 -29.39
CA ILE I 316 1.74 -6.64 -27.95
C ILE I 316 1.43 -8.01 -27.36
N VAL I 317 0.37 -8.66 -27.84
CA VAL I 317 0.04 -9.99 -27.35
C VAL I 317 1.18 -10.96 -27.67
N ASN I 318 1.65 -10.94 -28.92
CA ASN I 318 2.71 -11.86 -29.33
C ASN I 318 4.00 -11.61 -28.52
N GLY I 319 4.38 -10.34 -28.37
CA GLY I 319 5.60 -10.03 -27.65
C GLY I 319 5.51 -10.37 -26.17
N CYS I 320 4.37 -10.08 -25.55
CA CYS I 320 4.21 -10.36 -24.12
C CYS I 320 4.12 -11.85 -23.85
N SER I 321 3.36 -12.58 -24.66
CA SER I 321 3.12 -13.99 -24.41
C SER I 321 4.29 -14.88 -24.82
N PHE I 322 5.26 -14.34 -25.57
CA PHE I 322 6.34 -15.16 -26.10
C PHE I 322 7.19 -15.73 -24.97
N ASP I 323 7.28 -17.06 -24.94
CA ASP I 323 8.00 -17.78 -23.88
C ASP I 323 7.39 -17.49 -22.51
N ASN I 324 6.09 -17.19 -22.50
CA ASN I 324 5.36 -16.90 -21.27
C ASN I 324 5.99 -15.73 -20.51
N ASN I 325 6.50 -14.76 -21.26
CA ASN I 325 6.92 -13.46 -20.75
C ASN I 325 8.26 -13.49 -20.01
N ILE I 326 9.02 -14.58 -20.09
CA ILE I 326 10.28 -14.67 -19.34
C ILE I 326 11.46 -14.04 -20.08
N THR I 327 11.27 -13.59 -21.32
CA THR I 327 12.33 -12.86 -22.01
C THR I 327 12.46 -11.47 -21.41
N CYS I 328 13.70 -11.08 -21.09
CA CYS I 328 13.92 -9.83 -20.34
C CYS I 328 13.44 -8.60 -21.08
N THR I 329 13.17 -8.70 -22.39
CA THR I 329 12.70 -7.56 -23.16
C THR I 329 11.19 -7.57 -23.37
N ALA I 330 10.50 -8.62 -22.95
CA ALA I 330 9.08 -8.76 -23.25
C ALA I 330 8.27 -7.65 -22.59
N GLU I 331 7.22 -7.21 -23.30
CA GLU I 331 6.30 -6.21 -22.76
C GLU I 331 5.75 -6.66 -21.41
N LYS I 332 5.72 -5.74 -20.44
CA LYS I 332 5.21 -6.07 -19.11
C LYS I 332 4.31 -4.99 -18.54
N GLU I 333 3.87 -4.01 -19.35
CA GLU I 333 2.82 -3.07 -18.97
C GLU I 333 2.47 -2.18 -20.16
N ILE I 334 1.18 -1.92 -20.37
CA ILE I 334 0.71 -1.07 -21.45
C ILE I 334 0.41 0.31 -20.90
N ILE I 335 0.78 1.34 -21.65
CA ILE I 335 0.44 2.72 -21.32
C ILE I 335 -0.28 3.28 -22.55
N ALA I 336 -1.61 3.15 -22.56
CA ALA I 336 -2.41 3.51 -23.72
C ALA I 336 -2.98 4.91 -23.56
N VAL I 337 -3.06 5.62 -24.68
CA VAL I 337 -3.72 6.92 -24.73
C VAL I 337 -5.23 6.72 -24.72
N ALA I 338 -5.93 7.57 -23.97
CA ALA I 338 -7.35 7.34 -23.71
C ALA I 338 -8.16 7.24 -25.00
N GLN I 339 -7.85 8.07 -26.00
CA GLN I 339 -8.63 8.06 -27.24
C GLN I 339 -8.78 6.66 -27.82
N ILE I 340 -7.71 5.86 -27.76
CA ILE I 340 -7.67 4.56 -28.41
C ILE I 340 -7.65 3.40 -27.43
N ALA I 341 -7.67 3.68 -26.13
CA ALA I 341 -7.57 2.62 -25.13
C ALA I 341 -8.64 1.55 -25.35
N ASP I 342 -9.88 1.97 -25.58
CA ASP I 342 -10.97 1.00 -25.71
C ASP I 342 -10.82 0.16 -26.98
N TYR I 343 -10.59 0.82 -28.12
CA TYR I 343 -10.38 0.07 -29.36
C TYR I 343 -9.16 -0.84 -29.25
N LEU I 344 -8.17 -0.43 -28.46
CA LEU I 344 -7.00 -1.29 -28.23
C LEU I 344 -7.39 -2.52 -27.43
N ILE I 345 -8.12 -2.33 -26.33
CA ILE I 345 -8.57 -3.46 -25.52
C ILE I 345 -9.44 -4.40 -26.34
N PHE I 346 -10.35 -3.83 -27.14
CA PHE I 346 -11.15 -4.65 -28.05
C PHE I 346 -10.26 -5.56 -28.89
N ASN I 347 -9.26 -4.97 -29.56
CA ASN I 347 -8.39 -5.77 -30.42
C ASN I 347 -7.50 -6.69 -29.60
N LEU I 348 -7.05 -6.25 -28.42
CA LEU I 348 -6.27 -7.14 -27.56
C LEU I 348 -7.04 -8.41 -27.26
N LYS I 349 -8.34 -8.29 -26.99
CA LYS I 349 -9.14 -9.47 -26.64
C LYS I 349 -9.32 -10.40 -27.82
N LYS I 350 -9.50 -9.84 -29.02
CA LYS I 350 -9.64 -10.68 -30.21
C LYS I 350 -8.35 -11.39 -30.58
N ASN I 351 -7.20 -10.90 -30.11
CA ASN I 351 -5.92 -11.54 -30.39
C ASN I 351 -5.49 -12.51 -29.29
N GLY I 352 -6.38 -12.83 -28.35
CA GLY I 352 -6.10 -13.83 -27.34
C GLY I 352 -5.90 -13.32 -25.93
N ALA I 353 -6.24 -12.06 -25.66
CA ALA I 353 -6.13 -11.52 -24.32
C ALA I 353 -7.43 -11.76 -23.55
N TYR I 354 -7.31 -12.38 -22.38
CA TYR I 354 -8.45 -12.56 -21.49
C TYR I 354 -8.53 -11.37 -20.54
N GLU I 355 -9.63 -10.62 -20.63
CA GLU I 355 -9.76 -9.41 -19.83
C GLU I 355 -10.44 -9.71 -18.51
N ILE I 356 -9.92 -9.11 -17.44
CA ILE I 356 -10.46 -9.25 -16.10
C ILE I 356 -11.11 -7.94 -15.71
N LYS I 357 -12.43 -7.98 -15.52
CA LYS I 357 -13.20 -6.83 -15.05
C LYS I 357 -13.51 -6.89 -13.58
N ASP I 358 -13.60 -8.09 -13.01
CA ASP I 358 -14.03 -8.29 -11.63
C ASP I 358 -12.89 -7.98 -10.67
N PRO I 359 -12.98 -6.93 -9.85
CA PRO I 359 -11.92 -6.69 -8.87
C PRO I 359 -11.72 -7.85 -7.92
N ALA I 360 -12.74 -8.68 -7.70
CA ALA I 360 -12.56 -9.86 -6.87
C ALA I 360 -11.66 -10.88 -7.56
N VAL I 361 -11.85 -11.06 -8.87
CA VAL I 361 -11.01 -12.00 -9.62
C VAL I 361 -9.59 -11.46 -9.74
N LEU I 362 -9.45 -10.15 -9.92
CA LEU I 362 -8.11 -9.56 -9.94
C LEU I 362 -7.38 -9.83 -8.64
N GLN I 363 -8.08 -9.69 -7.50
CA GLN I 363 -7.45 -9.98 -6.21
C GLN I 363 -7.02 -11.44 -6.13
N GLN I 364 -7.85 -12.36 -6.64
CA GLN I 364 -7.46 -13.76 -6.67
C GLN I 364 -6.15 -13.95 -7.42
N LEU I 365 -5.97 -13.21 -8.52
CA LEU I 365 -4.73 -13.33 -9.29
C LEU I 365 -3.57 -12.70 -8.54
N GLN I 366 -3.77 -11.54 -7.92
CA GLN I 366 -2.72 -10.93 -7.12
C GLN I 366 -2.22 -11.90 -6.06
N ASP I 367 -3.15 -12.55 -5.35
CA ASP I 367 -2.76 -13.48 -4.30
C ASP I 367 -2.03 -14.69 -4.86
N LEU I 368 -2.32 -15.07 -6.10
CA LEU I 368 -1.68 -16.24 -6.68
C LEU I 368 -0.23 -15.96 -7.06
N VAL I 369 0.04 -14.80 -7.65
CA VAL I 369 1.32 -14.55 -8.31
C VAL I 369 2.29 -13.71 -7.50
N LEU I 370 1.80 -12.90 -6.56
CA LEU I 370 2.66 -12.04 -5.76
C LEU I 370 2.96 -12.70 -4.43
N THR I 371 4.16 -12.42 -3.92
CA THR I 371 4.60 -12.96 -2.64
C THR I 371 4.22 -11.98 -1.53
N ALA I 372 4.69 -12.25 -0.30
CA ALA I 372 4.43 -11.34 0.81
C ALA I 372 5.07 -9.98 0.55
N LYS I 373 6.32 -9.98 0.09
CA LYS I 373 7.03 -8.73 -0.20
C LYS I 373 6.52 -8.04 -1.46
N GLY I 374 5.48 -8.57 -2.11
CA GLY I 374 4.93 -7.95 -3.30
C GLY I 374 5.66 -8.27 -4.59
N GLY I 375 6.62 -9.18 -4.56
CA GLY I 375 7.35 -9.56 -5.75
C GLY I 375 6.79 -10.80 -6.40
N PRO I 376 7.25 -11.11 -7.61
CA PRO I 376 6.70 -12.26 -8.33
C PRO I 376 7.06 -13.57 -7.66
N GLN I 377 6.10 -14.50 -7.69
CA GLN I 377 6.27 -15.81 -7.07
C GLN I 377 6.88 -16.76 -8.08
N THR I 378 8.05 -17.32 -7.73
CA THR I 378 8.82 -18.14 -8.66
C THR I 378 7.96 -19.20 -9.33
N LYS I 379 7.08 -19.86 -8.56
CA LYS I 379 6.30 -20.96 -9.11
C LYS I 379 5.36 -20.51 -10.22
N CYS I 380 5.11 -19.21 -10.35
CA CYS I 380 4.26 -18.71 -11.41
C CYS I 380 5.02 -18.09 -12.57
N VAL I 381 6.29 -17.72 -12.34
CA VAL I 381 7.11 -17.17 -13.41
C VAL I 381 7.13 -18.12 -14.58
N GLY I 382 6.88 -17.59 -15.77
CA GLY I 382 6.97 -18.37 -16.99
C GLY I 382 5.88 -19.38 -17.18
N LYS I 383 4.74 -19.22 -16.54
CA LYS I 383 3.60 -20.11 -16.75
C LYS I 383 2.67 -19.51 -17.78
N SER I 384 1.91 -20.39 -18.44
CA SER I 384 0.97 -19.93 -19.47
C SER I 384 -0.22 -19.22 -18.84
N ALA I 385 -0.86 -18.36 -19.62
CA ALA I 385 -2.05 -17.67 -19.15
C ALA I 385 -3.16 -18.68 -18.83
N VAL I 386 -3.27 -19.73 -19.65
CA VAL I 386 -4.20 -20.81 -19.35
C VAL I 386 -3.95 -21.36 -17.96
N TRP I 387 -2.70 -21.77 -17.69
CA TRP I 387 -2.37 -22.35 -16.39
C TRP I 387 -2.68 -21.37 -15.26
N LEU I 388 -2.22 -20.13 -15.38
CA LEU I 388 -2.48 -19.15 -14.33
C LEU I 388 -3.97 -19.00 -14.08
N LEU I 389 -4.77 -19.02 -15.13
CA LEU I 389 -6.21 -18.84 -14.96
C LEU I 389 -6.85 -20.04 -14.26
N SER I 390 -6.42 -21.26 -14.63
CA SER I 390 -6.98 -22.45 -14.00
C SER I 390 -6.70 -22.49 -12.50
N GLN I 391 -5.60 -21.86 -12.06
CA GLN I 391 -5.28 -21.81 -10.65
C GLN I 391 -6.24 -20.92 -9.86
N ILE I 392 -7.10 -20.16 -10.52
CA ILE I 392 -8.12 -19.38 -9.84
C ILE I 392 -9.52 -19.75 -10.32
N GLY I 393 -9.66 -20.93 -10.92
CA GLY I 393 -10.97 -21.48 -11.24
C GLY I 393 -11.54 -21.09 -12.59
N ILE I 394 -10.72 -20.56 -13.49
CA ILE I 394 -11.18 -20.08 -14.79
C ILE I 394 -10.59 -20.98 -15.87
N SER I 395 -11.46 -21.59 -16.67
CA SER I 395 -11.06 -22.47 -17.74
C SER I 395 -11.19 -21.76 -19.08
N VAL I 396 -10.09 -21.73 -19.84
CA VAL I 396 -10.07 -21.13 -21.16
C VAL I 396 -9.24 -22.03 -22.07
N ASP I 397 -9.52 -21.95 -23.37
CA ASP I 397 -8.82 -22.79 -24.33
C ASP I 397 -7.47 -22.19 -24.70
N ALA I 398 -6.71 -22.91 -25.52
CA ALA I 398 -5.35 -22.51 -25.84
C ALA I 398 -5.28 -21.21 -26.64
N SER I 399 -6.41 -20.66 -27.06
CA SER I 399 -6.39 -19.40 -27.81
C SER I 399 -6.06 -18.21 -26.91
N ILE I 400 -6.26 -18.35 -25.60
CA ILE I 400 -5.93 -17.29 -24.66
C ILE I 400 -4.43 -17.31 -24.42
N LYS I 401 -3.79 -16.15 -24.55
CA LYS I 401 -2.34 -16.03 -24.43
C LYS I 401 -1.88 -15.09 -23.32
N ILE I 402 -2.64 -14.03 -23.03
CA ILE I 402 -2.29 -13.13 -21.94
C ILE I 402 -3.53 -12.85 -21.10
N ILE I 403 -3.28 -12.41 -19.86
CA ILE I 403 -4.33 -11.93 -18.95
C ILE I 403 -4.24 -10.41 -18.92
N LEU I 404 -5.31 -9.75 -19.31
CA LEU I 404 -5.33 -8.30 -19.47
C LEU I 404 -6.22 -7.68 -18.39
N MET I 405 -5.84 -6.49 -17.95
CA MET I 405 -6.64 -5.77 -16.97
C MET I 405 -6.16 -4.33 -16.88
N GLU I 406 -7.11 -3.39 -16.85
CA GLU I 406 -6.81 -1.98 -16.75
C GLU I 406 -6.78 -1.57 -15.27
N VAL I 407 -5.64 -1.06 -14.82
CA VAL I 407 -5.41 -0.77 -13.41
C VAL I 407 -4.67 0.55 -13.28
N PRO I 408 -4.62 1.15 -12.09
CA PRO I 408 -3.83 2.37 -11.92
C PRO I 408 -2.33 2.10 -11.98
N ARG I 409 -1.58 3.17 -12.22
CA ARG I 409 -0.14 3.05 -12.40
C ARG I 409 0.54 2.40 -11.20
N GLU I 410 -0.01 2.58 -10.00
CA GLU I 410 0.62 2.06 -8.79
C GLU I 410 0.36 0.58 -8.56
N HIS I 411 -0.40 -0.08 -9.43
CA HIS I 411 -0.74 -1.48 -9.22
C HIS I 411 0.53 -2.33 -9.23
N PRO I 412 0.62 -3.37 -8.39
CA PRO I 412 1.85 -4.18 -8.38
C PRO I 412 2.21 -4.75 -9.73
N PHE I 413 1.22 -5.22 -10.51
CA PHE I 413 1.50 -5.82 -11.80
C PHE I 413 2.24 -4.84 -12.72
N VAL I 414 1.99 -3.54 -12.59
CA VAL I 414 2.71 -2.55 -13.37
C VAL I 414 4.14 -2.41 -12.88
N GLN I 415 4.31 -2.24 -11.56
CA GLN I 415 5.60 -1.90 -10.98
C GLN I 415 6.57 -3.07 -10.92
N GLU I 416 6.08 -4.31 -10.91
CA GLU I 416 6.93 -5.47 -10.78
C GLU I 416 7.20 -6.10 -12.14
N GLU I 417 8.39 -6.68 -12.28
CA GLU I 417 8.75 -7.47 -13.47
C GLU I 417 8.25 -8.89 -13.20
N LEU I 418 6.98 -9.13 -13.53
CA LEU I 418 6.36 -10.40 -13.19
C LEU I 418 6.94 -11.56 -13.97
N MET I 419 7.37 -11.34 -15.22
CA MET I 419 7.78 -12.44 -16.09
C MET I 419 6.67 -13.47 -16.21
N MET I 420 5.44 -12.99 -16.39
CA MET I 420 4.26 -13.81 -16.59
C MET I 420 3.42 -13.17 -17.67
N PRO I 421 2.65 -13.94 -18.42
CA PRO I 421 1.74 -13.33 -19.42
C PRO I 421 0.59 -12.59 -18.75
N ILE I 422 0.92 -11.66 -17.86
CA ILE I 422 -0.03 -10.82 -17.15
C ILE I 422 0.30 -9.40 -17.53
N LEU I 423 -0.58 -8.75 -18.28
CA LEU I 423 -0.29 -7.44 -18.86
C LEU I 423 -1.26 -6.39 -18.34
N PRO I 424 -0.84 -5.56 -17.37
CA PRO I 424 -1.70 -4.44 -16.96
C PRO I 424 -1.68 -3.34 -18.00
N LEU I 425 -2.74 -2.55 -18.01
CA LEU I 425 -2.89 -1.42 -18.92
C LEU I 425 -3.23 -0.18 -18.10
N VAL I 426 -2.50 0.90 -18.34
CA VAL I 426 -2.74 2.18 -17.67
C VAL I 426 -3.21 3.17 -18.72
N ARG I 427 -4.27 3.90 -18.40
CA ARG I 427 -4.89 4.85 -19.32
C ARG I 427 -4.43 6.26 -18.99
N VAL I 428 -3.98 6.99 -20.01
CA VAL I 428 -3.50 8.35 -19.85
C VAL I 428 -4.11 9.23 -20.93
N GLU I 429 -4.07 10.54 -20.70
CA GLU I 429 -4.77 11.47 -21.58
C GLU I 429 -4.01 11.70 -22.88
N THR I 430 -2.77 12.16 -22.80
CA THR I 430 -1.98 12.52 -23.97
C THR I 430 -0.82 11.56 -24.17
N VAL I 431 -0.25 11.60 -25.37
CA VAL I 431 0.94 10.80 -25.67
C VAL I 431 2.11 11.25 -24.79
N ASP I 432 2.19 12.56 -24.49
CA ASP I 432 3.23 13.03 -23.60
C ASP I 432 3.03 12.52 -22.18
N ASP I 433 1.78 12.35 -21.75
CA ASP I 433 1.54 11.71 -20.46
C ASP I 433 2.09 10.29 -20.44
N ALA I 434 1.97 9.58 -21.56
CA ALA I 434 2.46 8.20 -21.63
C ALA I 434 3.98 8.16 -21.64
N ILE I 435 4.62 9.06 -22.39
CA ILE I 435 6.08 9.09 -22.44
C ILE I 435 6.64 9.36 -21.06
N ASP I 436 6.05 10.31 -20.33
CA ASP I 436 6.51 10.59 -18.98
C ASP I 436 6.30 9.38 -18.06
N LEU I 437 5.16 8.69 -18.22
CA LEU I 437 4.87 7.57 -17.34
C LEU I 437 5.76 6.37 -17.64
N ALA I 438 6.02 6.11 -18.93
CA ALA I 438 6.86 4.98 -19.30
C ALA I 438 8.27 5.15 -18.73
N ILE I 439 8.80 6.37 -18.78
CA ILE I 439 10.09 6.65 -18.16
C ILE I 439 10.04 6.30 -16.68
N GLU I 440 8.95 6.68 -16.00
CA GLU I 440 8.83 6.43 -14.57
C GLU I 440 8.66 4.94 -14.29
N VAL I 441 7.80 4.27 -15.07
CA VAL I 441 7.56 2.85 -14.85
C VAL I 441 8.80 2.03 -15.15
N GLU I 442 9.65 2.49 -16.07
CA GLU I 442 10.83 1.73 -16.45
C GLU I 442 11.84 1.60 -15.31
N HIS I 443 11.70 2.40 -14.26
CA HIS I 443 12.52 2.27 -13.05
C HIS I 443 13.99 2.55 -13.32
N ASP I 444 14.30 3.32 -14.36
CA ASP I 444 15.66 3.68 -14.69
C ASP I 444 16.55 2.45 -14.89
N ASN I 445 15.94 1.32 -15.23
CA ASN I 445 16.74 0.17 -15.65
C ASN I 445 17.42 0.44 -16.99
N ARG I 446 16.84 1.31 -17.80
CA ARG I 446 17.38 1.66 -19.12
C ARG I 446 17.69 0.39 -19.90
N HIS I 447 16.71 -0.51 -19.95
CA HIS I 447 16.84 -1.81 -20.59
C HIS I 447 16.06 -1.85 -21.90
N THR I 448 14.73 -1.85 -21.84
CA THR I 448 13.90 -1.98 -23.04
C THR I 448 12.62 -1.17 -22.88
N ALA I 449 12.09 -0.73 -24.02
CA ALA I 449 10.82 -0.04 -24.07
C ALA I 449 10.30 -0.09 -25.51
N ILE I 450 8.97 -0.05 -25.64
CA ILE I 450 8.32 -0.19 -26.94
C ILE I 450 7.36 0.99 -27.12
N MET I 451 7.08 1.29 -28.39
CA MET I 451 6.12 2.32 -28.73
C MET I 451 5.44 1.96 -30.04
N HIS I 452 4.12 2.13 -30.07
CA HIS I 452 3.34 2.01 -31.30
C HIS I 452 2.81 3.40 -31.65
N SER I 453 3.12 3.84 -32.86
CA SER I 453 2.87 5.22 -33.28
C SER I 453 3.37 5.42 -34.70
N THR I 454 2.66 6.23 -35.49
CA THR I 454 3.11 6.55 -36.83
C THR I 454 3.63 7.98 -36.96
N ASP I 455 3.53 8.78 -35.91
CA ASP I 455 4.04 10.15 -35.94
C ASP I 455 5.56 10.11 -35.74
N VAL I 456 6.31 10.51 -36.76
CA VAL I 456 7.76 10.49 -36.67
C VAL I 456 8.24 11.31 -35.48
N ARG I 457 7.49 12.34 -35.10
CA ARG I 457 7.93 13.22 -34.02
C ARG I 457 7.77 12.56 -32.66
N LYS I 458 6.65 11.86 -32.46
CA LYS I 458 6.43 11.19 -31.18
C LYS I 458 7.30 9.94 -31.04
N LEU I 459 7.56 9.24 -32.14
CA LEU I 459 8.52 8.14 -32.12
C LEU I 459 9.90 8.63 -31.72
N THR I 460 10.31 9.79 -32.26
CA THR I 460 11.62 10.33 -31.91
C THR I 460 11.66 10.79 -30.46
N LYS I 461 10.60 11.48 -30.00
CA LYS I 461 10.61 12.02 -28.65
C LYS I 461 10.79 10.92 -27.61
N MET I 462 9.95 9.89 -27.66
CA MET I 462 10.03 8.84 -26.65
C MET I 462 11.35 8.09 -26.74
N ALA I 463 11.78 7.75 -27.95
CA ALA I 463 13.05 7.04 -28.12
C ALA I 463 14.20 7.82 -27.48
N LYS I 464 14.23 9.13 -27.68
CA LYS I 464 15.31 9.94 -27.14
C LYS I 464 15.26 9.97 -25.62
N LEU I 465 14.09 10.20 -25.03
CA LEU I 465 14.02 10.51 -23.61
C LEU I 465 14.20 9.27 -22.73
N ILE I 466 13.59 8.14 -23.12
CA ILE I 466 13.58 6.98 -22.22
C ILE I 466 14.96 6.32 -22.14
N GLN I 467 15.81 6.52 -23.13
CA GLN I 467 17.25 6.18 -23.03
C GLN I 467 17.47 4.71 -22.69
N THR I 468 16.65 3.84 -23.25
CA THR I 468 16.80 2.42 -22.99
C THR I 468 17.87 1.81 -23.89
N THR I 469 18.38 0.66 -23.47
CA THR I 469 19.35 -0.05 -24.29
C THR I 469 18.71 -0.57 -25.57
N ILE I 470 17.42 -0.89 -25.52
CA ILE I 470 16.66 -1.34 -26.69
C ILE I 470 15.38 -0.54 -26.76
N PHE I 471 15.06 -0.04 -27.95
CA PHE I 471 13.79 0.64 -28.20
C PHE I 471 13.21 0.07 -29.49
N VAL I 472 12.01 -0.48 -29.40
CA VAL I 472 11.31 -1.08 -30.54
C VAL I 472 10.11 -0.21 -30.88
N LYS I 473 9.93 0.06 -32.17
CA LYS I 473 8.85 0.92 -32.66
C LYS I 473 7.99 0.12 -33.61
N ASN I 474 6.69 0.04 -33.31
CA ASN I 474 5.70 -0.53 -34.23
C ASN I 474 5.98 -2.00 -34.54
N GLY I 475 6.35 -2.76 -33.51
CA GLY I 475 6.50 -4.19 -33.63
C GLY I 475 6.55 -4.86 -32.28
N PRO I 476 6.55 -6.19 -32.26
CA PRO I 476 6.70 -6.91 -31.00
C PRO I 476 8.05 -6.63 -30.37
N SER I 477 8.10 -6.72 -29.04
CA SER I 477 9.34 -6.42 -28.32
C SER I 477 10.50 -7.24 -28.84
N TYR I 478 10.27 -8.51 -29.15
CA TYR I 478 11.37 -9.38 -29.54
C TYR I 478 11.98 -9.00 -30.89
N ALA I 479 11.48 -7.95 -31.56
CA ALA I 479 12.15 -7.45 -32.75
C ALA I 479 13.45 -6.73 -32.40
N GLY I 480 13.69 -6.42 -31.13
CA GLY I 480 14.98 -5.90 -30.70
C GLY I 480 16.03 -6.95 -30.45
N HIS I 481 15.62 -8.23 -30.47
CA HIS I 481 16.52 -9.36 -30.33
C HIS I 481 17.00 -9.92 -31.68
N GLY I 482 16.59 -9.31 -32.79
CA GLY I 482 16.96 -9.79 -34.10
C GLY I 482 15.96 -10.73 -34.75
N ALA I 483 14.96 -11.19 -34.01
CA ALA I 483 13.90 -12.03 -34.56
C ALA I 483 12.70 -11.13 -34.83
N GLY I 484 12.73 -10.46 -35.98
CA GLY I 484 11.70 -9.52 -36.37
C GLY I 484 12.21 -8.12 -36.64
N GLY I 485 13.43 -7.80 -36.22
CA GLY I 485 14.04 -6.53 -36.51
C GLY I 485 15.40 -6.72 -37.15
N GLU I 486 15.99 -5.61 -37.57
CA GLU I 486 17.28 -5.63 -38.25
C GLU I 486 18.42 -5.63 -37.24
N GLY I 487 19.31 -6.60 -37.38
CA GLY I 487 20.42 -6.76 -36.47
C GLY I 487 20.68 -8.21 -36.11
N TYR I 488 21.62 -8.44 -35.19
CA TYR I 488 21.96 -9.77 -34.72
C TYR I 488 21.24 -10.06 -33.41
N SER I 489 21.38 -11.30 -32.95
CA SER I 489 20.71 -11.77 -31.75
C SER I 489 21.69 -11.89 -30.60
N THR I 490 21.16 -11.72 -29.38
CA THR I 490 21.95 -11.88 -28.16
C THR I 490 20.98 -12.09 -27.00
N PHE I 491 21.43 -12.87 -26.02
CA PHE I 491 20.68 -13.10 -24.80
C PHE I 491 21.43 -12.56 -23.58
N THR I 492 22.19 -11.49 -23.80
CA THR I 492 22.93 -10.80 -22.73
C THR I 492 22.94 -9.32 -23.12
N ILE I 493 21.90 -8.61 -22.68
CA ILE I 493 21.73 -7.20 -23.00
C ILE I 493 22.24 -6.40 -21.81
N ALA I 494 23.37 -5.71 -22.00
CA ALA I 494 24.03 -5.00 -20.92
C ALA I 494 23.60 -3.54 -20.94
N GLY I 495 22.84 -3.15 -19.91
CA GLY I 495 22.45 -1.77 -19.73
C GLY I 495 23.33 -1.06 -18.72
N PRO I 496 23.44 -1.61 -17.51
CA PRO I 496 24.27 -0.96 -16.49
C PRO I 496 25.70 -0.70 -16.93
N THR I 497 26.34 -1.65 -17.58
CA THR I 497 27.72 -1.47 -18.00
C THR I 497 27.85 -0.91 -19.42
N GLY I 498 26.75 -0.81 -20.17
CA GLY I 498 26.71 -0.01 -21.37
C GLY I 498 27.16 -0.68 -22.65
N GLU I 499 27.45 -1.97 -22.63
CA GLU I 499 27.89 -2.64 -23.85
C GLU I 499 26.75 -2.85 -24.84
N GLY I 500 25.50 -2.74 -24.41
CA GLY I 500 24.38 -2.98 -25.28
C GLY I 500 24.18 -4.45 -25.59
N LEU I 501 23.88 -4.76 -26.83
CA LEU I 501 23.68 -6.15 -27.26
C LEU I 501 25.05 -6.81 -27.41
N THR I 502 25.46 -7.55 -26.39
CA THR I 502 26.83 -8.05 -26.35
C THR I 502 27.06 -9.03 -27.49
N SER I 503 28.30 -9.04 -27.99
CA SER I 503 28.75 -9.95 -29.02
C SER I 503 30.25 -10.18 -28.83
N ALA I 504 30.88 -10.79 -29.82
CA ALA I 504 32.30 -11.12 -29.70
C ALA I 504 33.13 -9.90 -29.33
N LYS I 505 32.86 -8.75 -29.97
CA LYS I 505 33.60 -7.53 -29.63
C LYS I 505 33.55 -7.26 -28.13
N SER I 506 32.40 -7.50 -27.50
CA SER I 506 32.24 -7.18 -26.09
C SER I 506 33.19 -8.00 -25.22
N PHE I 507 33.54 -9.20 -25.66
CA PHE I 507 34.41 -10.09 -24.92
C PHE I 507 35.86 -10.02 -25.38
N ALA I 508 36.32 -8.84 -25.79
CA ALA I 508 37.65 -8.68 -26.35
C ALA I 508 38.23 -7.34 -25.93
N ARG I 509 39.56 -7.30 -25.83
CA ARG I 509 40.29 -6.07 -25.54
C ARG I 509 40.68 -5.37 -26.83
N ARG I 510 40.62 -4.04 -26.80
CA ARG I 510 41.02 -3.23 -27.96
C ARG I 510 42.53 -3.00 -27.90
N ARG I 511 43.22 -3.33 -29.00
CA ARG I 511 44.66 -3.19 -29.10
C ARG I 511 45.01 -2.30 -30.27
N LYS I 512 46.05 -1.49 -30.08
CA LYS I 512 46.51 -0.53 -31.09
C LYS I 512 47.93 -0.90 -31.50
N CYS I 513 48.13 -1.09 -32.80
CA CYS I 513 49.42 -1.47 -33.37
C CYS I 513 49.88 -0.36 -34.28
N VAL I 514 51.04 0.22 -33.98
CA VAL I 514 51.53 1.42 -34.66
C VAL I 514 52.80 1.09 -35.41
N MET I 515 52.74 1.19 -36.74
CA MET I 515 53.89 0.98 -37.62
C MET I 515 54.34 2.36 -38.09
N VAL I 516 55.41 2.87 -37.48
CA VAL I 516 55.83 4.25 -37.72
C VAL I 516 56.52 4.36 -39.09
N GLU I 517 55.93 5.18 -39.97
CA GLU I 517 56.54 5.54 -41.25
C GLU I 517 56.76 4.32 -42.15
N ALA I 518 55.75 3.44 -42.20
CA ALA I 518 55.78 2.31 -43.12
C ALA I 518 54.35 1.82 -43.31
N LEU I 519 54.13 1.16 -44.44
CA LEU I 519 52.83 0.60 -44.82
C LEU I 519 51.77 1.67 -45.05
N ASN I 520 52.19 2.92 -45.24
CA ASN I 520 51.30 3.99 -45.68
C ASN I 520 51.48 4.09 -47.20
N ILE I 521 50.77 3.22 -47.87
CA ILE I 521 50.94 3.06 -49.28
C ILE I 521 49.93 3.70 -50.16
N ARG I 522 49.22 4.67 -49.65
CA ARG I 522 48.26 5.36 -50.45
C ARG I 522 48.98 6.24 -51.41
N ALA J 83 57.66 35.06 -61.30
CA ALA J 83 57.43 34.29 -62.51
C ALA J 83 56.59 33.05 -62.23
N VAL J 84 56.05 32.94 -61.02
CA VAL J 84 55.19 31.83 -60.67
C VAL J 84 53.92 31.98 -61.46
N SER J 85 53.34 30.89 -61.88
CA SER J 85 52.15 31.01 -62.66
C SER J 85 50.99 31.38 -61.82
N ASP J 86 50.05 32.07 -62.42
CA ASP J 86 48.78 32.36 -61.78
C ASP J 86 47.72 31.31 -62.09
N GLY J 87 48.06 30.29 -62.87
CA GLY J 87 47.15 29.22 -63.19
C GLY J 87 46.33 29.42 -64.45
N VAL J 88 46.44 30.58 -65.09
CA VAL J 88 45.64 30.90 -66.26
C VAL J 88 46.55 30.83 -67.48
N PHE J 89 46.17 30.02 -68.45
CA PHE J 89 46.95 29.79 -69.63
C PHE J 89 46.18 30.12 -70.86
N GLU J 90 46.90 30.44 -71.91
CA GLU J 90 46.32 30.75 -73.18
C GLU J 90 45.68 29.62 -73.92
N THR J 91 46.27 28.43 -73.89
CA THR J 91 45.68 27.32 -74.61
C THR J 91 45.32 26.20 -73.68
N MET J 92 44.37 25.40 -74.05
CA MET J 92 43.99 24.31 -73.21
C MET J 92 45.11 23.34 -73.07
N ASP J 93 45.78 23.03 -74.15
CA ASP J 93 46.89 22.09 -74.07
C ASP J 93 47.97 22.60 -73.13
N ALA J 94 48.17 23.92 -73.08
CA ALA J 94 49.14 24.47 -72.13
C ALA J 94 48.70 24.23 -70.70
N ALA J 95 47.42 24.42 -70.41
CA ALA J 95 46.91 24.21 -69.06
C ALA J 95 46.95 22.74 -68.68
N VAL J 96 46.48 21.87 -69.56
CA VAL J 96 46.53 20.43 -69.29
C VAL J 96 47.96 19.98 -69.02
N GLU J 97 48.89 20.38 -69.90
CA GLU J 97 50.29 20.01 -69.71
C GLU J 97 50.82 20.51 -68.37
N ALA J 98 50.47 21.74 -68.00
CA ALA J 98 50.91 22.28 -66.71
C ALA J 98 50.36 21.45 -65.55
N ALA J 99 49.07 21.09 -65.62
CA ALA J 99 48.46 20.32 -64.55
C ALA J 99 49.01 18.90 -64.50
N ALA J 100 49.43 18.36 -65.63
CA ALA J 100 50.06 17.03 -65.62
C ALA J 100 51.42 17.09 -64.93
N LEU J 101 52.20 18.14 -65.18
CA LEU J 101 53.46 18.30 -64.48
C LEU J 101 53.23 18.61 -63.01
N ALA J 102 52.18 19.39 -62.71
CA ALA J 102 51.85 19.67 -61.32
C ALA J 102 51.48 18.39 -60.58
N GLN J 103 50.71 17.52 -61.22
CA GLN J 103 50.26 16.30 -60.56
C GLN J 103 51.44 15.37 -60.28
N GLN J 104 52.37 15.24 -61.23
CA GLN J 104 53.54 14.40 -61.02
C GLN J 104 54.32 14.88 -59.81
N GLN J 105 54.55 16.19 -59.71
CA GLN J 105 55.23 16.75 -58.54
C GLN J 105 54.39 16.59 -57.29
N TYR J 106 53.06 16.60 -57.44
CA TYR J 106 52.16 16.49 -56.29
C TYR J 106 52.26 15.11 -55.64
N LEU J 107 52.51 14.06 -56.44
CA LEU J 107 52.64 12.71 -55.90
C LEU J 107 53.78 12.60 -54.90
N LEU J 108 54.71 13.56 -54.91
CA LEU J 108 55.81 13.56 -53.95
C LEU J 108 55.46 14.26 -52.65
N CYS J 109 54.33 14.97 -52.59
CA CYS J 109 53.95 15.68 -51.39
C CYS J 109 53.39 14.72 -50.35
N SER J 110 53.30 15.21 -49.11
CA SER J 110 52.79 14.43 -48.00
C SER J 110 51.30 14.72 -47.80
N MET J 111 50.65 13.84 -47.03
CA MET J 111 49.27 14.09 -46.65
C MET J 111 49.15 15.40 -45.88
N SER J 112 50.16 15.72 -45.07
CA SER J 112 50.18 17.01 -44.39
C SER J 112 50.22 18.16 -45.40
N ASP J 113 50.98 17.99 -46.48
CA ASP J 113 51.01 19.01 -47.53
C ASP J 113 49.62 19.24 -48.11
N ARG J 114 48.97 18.15 -48.55
CA ARG J 114 47.60 18.26 -49.05
C ARG J 114 46.72 19.05 -48.08
N ALA J 115 46.75 18.67 -46.80
CA ALA J 115 45.90 19.33 -45.82
C ALA J 115 46.17 20.83 -45.78
N ARG J 116 47.44 21.23 -45.88
CA ARG J 116 47.77 22.65 -45.90
C ARG J 116 47.18 23.34 -47.13
N PHE J 117 47.24 22.67 -48.28
CA PHE J 117 46.69 23.27 -49.50
C PHE J 117 45.17 23.32 -49.44
N VAL J 118 44.54 22.25 -48.96
CA VAL J 118 43.08 22.25 -48.80
C VAL J 118 42.67 23.40 -47.91
N GLN J 119 43.34 23.57 -46.76
CA GLN J 119 43.06 24.68 -45.88
C GLN J 119 43.28 26.01 -46.58
N GLY J 120 44.30 26.08 -47.43
CA GLY J 120 44.53 27.32 -48.16
C GLY J 120 43.35 27.71 -49.02
N ILE J 121 42.74 26.75 -49.71
CA ILE J 121 41.59 27.05 -50.55
C ILE J 121 40.44 27.59 -49.70
N ARG J 122 40.16 26.93 -48.58
CA ARG J 122 39.14 27.43 -47.66
C ARG J 122 39.44 28.87 -47.26
N ASP J 123 40.68 29.14 -46.83
CA ASP J 123 41.03 30.49 -46.40
C ASP J 123 40.79 31.52 -47.51
N VAL J 124 40.97 31.12 -48.77
CA VAL J 124 40.79 32.06 -49.87
C VAL J 124 39.33 32.48 -49.98
N ILE J 125 38.41 31.51 -50.00
CA ILE J 125 37.01 31.84 -50.19
C ILE J 125 36.38 32.35 -48.90
N LEU J 126 36.87 31.93 -47.74
CA LEU J 126 36.31 32.35 -46.47
C LEU J 126 36.88 33.68 -45.97
N ASN J 127 37.83 34.26 -46.70
CA ASN J 127 38.27 35.63 -46.40
C ASN J 127 37.11 36.57 -46.65
N GLN J 128 36.73 37.33 -45.62
CA GLN J 128 35.48 38.09 -45.68
C GLN J 128 35.44 39.01 -46.90
N ASP J 129 36.58 39.58 -47.28
CA ASP J 129 36.60 40.48 -48.43
C ASP J 129 36.47 39.70 -49.74
N THR J 130 37.20 38.59 -49.86
CA THR J 130 37.05 37.76 -51.05
C THR J 130 35.67 37.12 -51.11
N LEU J 131 35.13 36.72 -49.96
CA LEU J 131 33.81 36.10 -49.93
C LEU J 131 32.75 37.04 -50.52
N GLU J 132 32.70 38.28 -50.04
CA GLU J 132 31.72 39.23 -50.56
C GLU J 132 32.01 39.57 -52.01
N LYS J 133 33.28 39.64 -52.40
CA LYS J 133 33.63 40.01 -53.76
C LYS J 133 33.20 38.94 -54.75
N MET J 134 33.44 37.67 -54.43
CA MET J 134 33.06 36.59 -55.33
C MET J 134 31.54 36.49 -55.45
N SER J 135 30.83 36.68 -54.36
CA SER J 135 29.40 36.61 -54.43
C SER J 135 28.80 37.69 -55.26
N ARG J 136 29.23 38.91 -55.02
CA ARG J 136 28.71 40.01 -55.75
C ARG J 136 29.05 39.93 -57.19
N MET J 137 30.27 39.53 -57.49
CA MET J 137 30.73 39.46 -58.84
C MET J 137 30.03 38.46 -59.70
N ALA J 138 29.78 37.30 -59.19
CA ALA J 138 29.14 36.31 -59.98
C ALA J 138 27.74 36.68 -60.37
N VAL J 139 27.01 37.26 -59.44
CA VAL J 139 25.67 37.65 -59.71
C VAL J 139 25.62 38.72 -60.73
N GLU J 140 26.46 39.72 -60.59
CA GLU J 140 26.50 40.80 -61.57
C GLU J 140 26.91 40.27 -62.94
N GLU J 141 27.81 39.30 -62.98
CA GLU J 141 28.34 38.83 -64.26
C GLU J 141 27.39 37.86 -64.96
N THR J 142 26.83 36.91 -64.22
CA THR J 142 25.91 35.95 -64.80
C THR J 142 24.47 36.46 -64.83
N GLY J 143 24.12 37.40 -63.96
CA GLY J 143 22.74 37.84 -63.85
C GLY J 143 21.83 36.86 -63.15
N MET J 144 22.38 35.84 -62.51
CA MET J 144 21.59 34.78 -61.88
C MET J 144 21.89 34.72 -60.39
N GLY J 145 20.86 34.46 -59.60
CA GLY J 145 20.98 34.40 -58.16
C GLY J 145 20.96 35.78 -57.54
N ASN J 146 21.15 35.81 -56.22
CA ASN J 146 21.23 37.07 -55.49
C ASN J 146 22.41 37.04 -54.53
N TYR J 147 22.92 38.24 -54.23
CA TYR J 147 24.16 38.38 -53.48
C TYR J 147 24.06 37.72 -52.10
N GLU J 148 22.99 38.01 -51.35
CA GLU J 148 22.92 37.57 -49.97
C GLU J 148 23.05 36.05 -49.85
N HIS J 149 22.47 35.31 -50.79
CA HIS J 149 22.48 33.85 -50.69
C HIS J 149 23.75 33.23 -51.27
N LYS J 150 24.45 33.93 -52.17
CA LYS J 150 25.76 33.47 -52.60
C LYS J 150 26.75 33.47 -51.44
N LEU J 151 26.63 34.46 -50.54
CA LEU J 151 27.47 34.49 -49.35
C LEU J 151 27.32 33.20 -48.55
N ILE J 152 26.11 32.65 -48.52
CA ILE J 152 25.86 31.42 -47.78
C ILE J 152 26.39 30.21 -48.55
N LYS J 153 26.09 30.16 -49.85
CA LYS J 153 26.51 29.01 -50.65
C LYS J 153 28.03 28.96 -50.77
N ASN J 154 28.68 30.10 -51.00
CA ASN J 154 30.13 30.12 -51.04
C ASN J 154 30.72 29.71 -49.70
N ARG J 155 30.19 30.25 -48.60
CA ARG J 155 30.67 29.84 -47.29
C ARG J 155 30.44 28.36 -47.05
N LEU J 156 29.33 27.82 -47.56
CA LEU J 156 29.05 26.40 -47.40
C LEU J 156 30.14 25.56 -48.05
N ALA J 157 30.52 25.90 -49.29
CA ALA J 157 31.54 25.13 -50.00
C ALA J 157 32.86 25.15 -49.23
N GLY J 158 33.30 26.33 -48.78
CA GLY J 158 34.59 26.43 -48.12
C GLY J 158 34.61 25.81 -46.74
N GLU J 159 33.46 25.75 -46.06
CA GLU J 159 33.42 25.26 -44.69
C GLU J 159 33.16 23.76 -44.59
N LYS J 160 32.22 23.24 -45.41
CA LYS J 160 31.71 21.90 -45.20
C LYS J 160 32.11 20.91 -46.27
N THR J 161 32.89 21.31 -47.27
CA THR J 161 33.42 20.35 -48.24
C THR J 161 34.46 19.48 -47.56
N PRO J 162 34.35 18.15 -47.64
CA PRO J 162 35.31 17.29 -46.94
C PRO J 162 36.74 17.53 -47.41
N GLY J 163 37.67 17.35 -46.48
CA GLY J 163 39.10 17.41 -46.76
C GLY J 163 39.71 16.02 -46.87
N ILE J 164 40.96 15.91 -46.44
CA ILE J 164 41.65 14.62 -46.56
C ILE J 164 41.07 13.59 -45.60
N GLU J 165 40.36 14.02 -44.56
CA GLU J 165 39.72 13.07 -43.66
C GLU J 165 38.72 12.17 -44.39
N ASP J 166 38.29 12.57 -45.59
CA ASP J 166 37.37 11.74 -46.37
C ASP J 166 38.04 10.47 -46.88
N LEU J 167 39.36 10.49 -47.05
CA LEU J 167 40.08 9.37 -47.66
C LEU J 167 40.44 8.38 -46.57
N THR J 168 39.46 7.54 -46.23
CA THR J 168 39.61 6.56 -45.16
C THR J 168 40.25 5.28 -45.68
N THR J 169 40.55 4.39 -44.75
CA THR J 169 41.23 3.13 -45.05
C THR J 169 40.44 1.97 -44.46
N ASP J 170 40.12 0.99 -45.29
CA ASP J 170 39.52 -0.25 -44.84
C ASP J 170 40.61 -1.30 -44.62
N ALA J 171 40.40 -2.17 -43.64
CA ALA J 171 41.38 -3.18 -43.29
C ALA J 171 40.68 -4.49 -42.96
N PHE J 172 41.30 -5.59 -43.38
CA PHE J 172 40.85 -6.94 -43.04
C PHE J 172 42.08 -7.75 -42.68
N SER J 173 41.97 -8.56 -41.62
CA SER J 173 43.11 -9.34 -41.15
C SER J 173 42.64 -10.69 -40.68
N GLY J 174 43.46 -11.71 -40.93
CA GLY J 174 43.16 -13.07 -40.56
C GLY J 174 44.37 -13.96 -40.74
N ASP J 175 44.13 -15.25 -41.01
CA ASP J 175 45.24 -16.17 -41.18
C ASP J 175 46.06 -15.86 -42.42
N ASN J 176 45.42 -15.32 -43.46
CA ASN J 176 46.11 -15.01 -44.70
C ASN J 176 46.85 -13.67 -44.67
N GLY J 177 46.84 -12.99 -43.53
CA GLY J 177 47.61 -11.78 -43.37
C GLY J 177 46.75 -10.54 -43.19
N LEU J 178 47.20 -9.44 -43.79
CA LEU J 178 46.53 -8.14 -43.70
C LEU J 178 46.23 -7.63 -45.10
N THR J 179 45.09 -6.96 -45.23
CA THR J 179 44.70 -6.34 -46.48
C THR J 179 44.23 -4.92 -46.19
N LEU J 180 44.81 -3.95 -46.88
CA LEU J 180 44.39 -2.56 -46.79
C LEU J 180 43.75 -2.14 -48.10
N VAL J 181 42.77 -1.25 -48.01
CA VAL J 181 42.14 -0.65 -49.18
C VAL J 181 42.23 0.87 -49.02
N GLU J 182 42.83 1.52 -50.00
CA GLU J 182 43.13 2.95 -49.94
C GLU J 182 42.48 3.69 -51.10
N TYR J 183 42.46 5.02 -50.97
CA TYR J 183 41.96 5.92 -52.01
C TYR J 183 43.14 6.71 -52.56
N SER J 184 43.57 6.37 -53.76
CA SER J 184 44.73 7.00 -54.37
C SER J 184 44.35 7.86 -55.56
N PRO J 185 45.23 8.75 -56.02
CA PRO J 185 44.85 9.71 -57.06
C PRO J 185 44.53 9.04 -58.38
N PHE J 186 43.77 9.75 -59.20
CA PHE J 186 43.50 9.41 -60.59
C PHE J 186 44.55 10.00 -61.52
N GLY J 187 44.80 11.30 -61.38
CA GLY J 187 45.73 12.02 -62.22
C GLY J 187 45.29 13.45 -62.44
N VAL J 188 45.23 13.86 -63.70
CA VAL J 188 44.72 15.18 -64.05
C VAL J 188 43.22 15.05 -64.32
N ILE J 189 42.43 15.89 -63.64
CA ILE J 189 40.98 15.86 -63.74
C ILE J 189 40.52 17.12 -64.47
N GLY J 190 39.69 16.95 -65.48
CA GLY J 190 39.08 18.06 -66.17
C GLY J 190 37.67 18.29 -65.68
N ALA J 191 37.44 19.45 -65.07
CA ALA J 191 36.16 19.80 -64.46
C ALA J 191 35.49 20.92 -65.26
N ILE J 192 34.17 20.83 -65.38
CA ILE J 192 33.37 21.79 -66.13
C ILE J 192 32.34 22.37 -65.18
N THR J 193 32.41 23.70 -64.93
CA THR J 193 31.58 24.32 -63.90
C THR J 193 30.41 25.07 -64.52
N PRO J 194 29.27 25.12 -63.82
CA PRO J 194 28.08 25.76 -64.37
C PRO J 194 28.02 27.26 -64.09
N THR J 195 27.30 27.95 -64.93
CA THR J 195 27.13 29.37 -64.82
C THR J 195 26.35 29.71 -63.58
N THR J 196 25.47 28.81 -63.23
CA THR J 196 24.63 28.95 -62.09
C THR J 196 25.35 29.05 -60.76
N ASN J 197 26.33 28.20 -60.51
CA ASN J 197 27.08 28.22 -59.27
C ASN J 197 28.50 28.12 -59.67
N PRO J 198 29.05 29.19 -60.21
CA PRO J 198 30.41 29.15 -60.78
C PRO J 198 31.50 29.11 -59.73
N THR J 199 31.34 29.89 -58.66
CA THR J 199 32.37 29.93 -57.63
C THR J 199 32.19 28.80 -56.62
N GLU J 200 30.94 28.44 -56.31
CA GLU J 200 30.72 27.35 -55.36
C GLU J 200 31.29 26.04 -55.89
N THR J 201 31.14 25.78 -57.18
CA THR J 201 31.58 24.51 -57.75
C THR J 201 33.09 24.44 -57.87
N ILE J 202 33.75 25.57 -58.17
CA ILE J 202 35.20 25.57 -58.25
C ILE J 202 35.80 25.27 -56.88
N VAL J 203 35.26 25.89 -55.83
CA VAL J 203 35.75 25.63 -54.48
C VAL J 203 35.48 24.19 -54.08
N CYS J 204 34.28 23.70 -54.38
CA CYS J 204 33.91 22.36 -53.95
C CYS J 204 34.73 21.29 -54.66
N ASN J 205 34.94 21.45 -55.98
CA ASN J 205 35.71 20.48 -56.73
C ASN J 205 37.18 20.51 -56.34
N SER J 206 37.76 21.70 -56.30
CA SER J 206 39.20 21.81 -56.06
C SER J 206 39.59 21.23 -54.72
N ILE J 207 38.79 21.46 -53.68
CA ILE J 207 39.09 20.91 -52.36
C ILE J 207 39.10 19.39 -52.43
N GLY J 208 38.03 18.80 -52.95
CA GLY J 208 37.94 17.35 -53.01
C GLY J 208 38.98 16.75 -53.93
N MET J 209 39.28 17.41 -55.05
CA MET J 209 40.21 16.85 -56.01
C MET J 209 41.64 16.93 -55.50
N LEU J 210 42.04 18.09 -54.97
CA LEU J 210 43.37 18.22 -54.40
C LEU J 210 43.55 17.33 -53.18
N ALA J 211 42.50 17.20 -52.36
CA ALA J 211 42.60 16.36 -51.18
C ALA J 211 42.91 14.91 -51.57
N ALA J 212 42.30 14.43 -52.64
CA ALA J 212 42.56 13.08 -53.13
C ALA J 212 43.88 12.96 -53.88
N GLY J 213 44.64 14.05 -53.99
CA GLY J 213 45.94 13.99 -54.63
C GLY J 213 45.95 14.22 -56.12
N ASN J 214 44.91 14.85 -56.67
CA ASN J 214 44.84 15.13 -58.09
C ASN J 214 45.19 16.60 -58.35
N SER J 215 45.40 16.90 -59.62
CA SER J 215 45.36 18.26 -60.14
C SER J 215 44.07 18.43 -60.92
N VAL J 216 43.66 19.68 -61.12
CA VAL J 216 42.38 19.97 -61.77
C VAL J 216 42.57 21.04 -62.84
N VAL J 217 41.95 20.81 -63.99
CA VAL J 217 41.81 21.81 -65.05
C VAL J 217 40.35 22.20 -65.10
N PHE J 218 40.06 23.48 -64.86
CA PHE J 218 38.69 23.98 -64.91
C PHE J 218 38.40 24.57 -66.28
N SER J 219 37.25 24.17 -66.83
CA SER J 219 36.73 24.70 -68.10
C SER J 219 35.38 25.33 -67.81
N PRO J 220 35.37 26.55 -67.27
CA PRO J 220 34.09 27.20 -66.95
C PRO J 220 33.43 27.70 -68.23
N HIS J 221 32.32 28.37 -68.05
CA HIS J 221 31.57 28.93 -69.14
C HIS J 221 31.88 30.37 -69.28
N GLY J 222 31.59 30.93 -70.44
CA GLY J 222 31.87 32.29 -70.76
C GLY J 222 31.18 33.30 -69.92
N ARG J 223 29.96 33.00 -69.54
CA ARG J 223 29.15 33.88 -68.74
C ARG J 223 29.75 34.21 -67.40
N ALA J 224 30.47 33.28 -66.80
CA ALA J 224 31.15 33.49 -65.56
C ALA J 224 32.63 33.52 -65.75
N ARG J 225 33.10 33.99 -66.89
CA ARG J 225 34.52 33.97 -67.22
C ARG J 225 35.34 34.73 -66.19
N GLN J 226 34.95 35.98 -65.91
CA GLN J 226 35.80 36.85 -65.10
C GLN J 226 35.89 36.37 -63.66
N VAL J 227 34.74 36.00 -63.07
CA VAL J 227 34.75 35.56 -61.68
C VAL J 227 35.47 34.23 -61.53
N SER J 228 35.28 33.32 -62.49
CA SER J 228 35.95 32.03 -62.43
C SER J 228 37.46 32.20 -62.46
N LEU J 229 37.98 33.07 -63.33
CA LEU J 229 39.41 33.25 -63.44
C LEU J 229 39.99 33.89 -62.19
N LEU J 230 39.31 34.88 -61.62
CA LEU J 230 39.83 35.53 -60.43
C LEU J 230 39.98 34.54 -59.28
N LEU J 231 39.07 33.56 -59.19
CA LEU J 231 39.17 32.57 -58.12
C LEU J 231 40.34 31.63 -58.35
N VAL J 232 40.56 31.23 -59.60
CA VAL J 232 41.71 30.38 -59.90
C VAL J 232 43.01 31.08 -59.55
N ARG J 233 43.16 32.34 -59.99
CA ARG J 233 44.37 33.09 -59.69
C ARG J 233 44.58 33.22 -58.19
N LEU J 234 43.51 33.54 -57.46
CA LEU J 234 43.61 33.65 -56.01
C LEU J 234 44.07 32.33 -55.39
N ILE J 235 43.57 31.22 -55.92
CA ILE J 235 43.96 29.91 -55.38
C ILE J 235 45.44 29.65 -55.67
N ASN J 236 45.88 29.94 -56.90
CA ASN J 236 47.30 29.75 -57.23
C ASN J 236 48.18 30.63 -56.36
N GLN J 237 47.74 31.86 -56.09
CA GLN J 237 48.52 32.73 -55.21
C GLN J 237 48.64 32.13 -53.82
N LYS J 238 47.50 31.75 -53.22
CA LYS J 238 47.52 31.19 -51.86
C LYS J 238 48.35 29.91 -51.82
N LEU J 239 48.21 29.05 -52.83
CA LEU J 239 48.96 27.80 -52.84
C LEU J 239 50.45 28.07 -53.03
N ALA J 240 50.81 29.00 -53.92
CA ALA J 240 52.21 29.36 -54.08
C ALA J 240 52.79 29.88 -52.77
N ALA J 241 52.00 30.65 -52.02
CA ALA J 241 52.44 31.12 -50.72
C ALA J 241 52.63 29.97 -49.72
N LEU J 242 51.96 28.85 -49.94
CA LEU J 242 52.11 27.68 -49.09
C LEU J 242 53.15 26.70 -49.61
N GLY J 243 53.77 27.00 -50.74
CA GLY J 243 54.84 26.16 -51.25
C GLY J 243 54.38 24.94 -52.02
N ALA J 244 53.24 25.03 -52.68
CA ALA J 244 52.73 23.89 -53.45
C ALA J 244 53.31 23.91 -54.86
N PRO J 245 53.36 22.76 -55.52
CA PRO J 245 53.72 22.76 -56.94
C PRO J 245 52.82 23.69 -57.74
N GLU J 246 53.43 24.49 -58.60
CA GLU J 246 52.68 25.40 -59.44
C GLU J 246 51.65 24.65 -60.27
N ASN J 247 50.51 25.30 -60.53
CA ASN J 247 49.53 24.82 -61.49
C ASN J 247 48.80 23.58 -61.00
N LEU J 248 48.52 23.51 -59.70
CA LEU J 248 47.64 22.46 -59.19
C LEU J 248 46.19 22.71 -59.60
N VAL J 249 45.82 23.98 -59.74
CA VAL J 249 44.50 24.38 -60.23
C VAL J 249 44.73 25.33 -61.41
N VAL J 250 44.20 24.99 -62.58
CA VAL J 250 44.44 25.76 -63.79
C VAL J 250 43.14 25.99 -64.53
N THR J 251 43.20 26.90 -65.51
CA THR J 251 42.09 27.19 -66.40
C THR J 251 42.65 27.97 -67.58
N VAL J 252 41.83 28.27 -68.57
CA VAL J 252 42.26 28.93 -69.76
C VAL J 252 41.76 30.33 -69.77
N GLU J 253 42.47 31.24 -70.41
CA GLU J 253 42.12 32.66 -70.41
C GLU J 253 40.79 33.02 -70.99
N LYS J 254 40.42 32.39 -72.06
CA LYS J 254 39.15 32.69 -72.64
C LYS J 254 38.31 31.44 -72.67
N PRO J 255 37.54 31.19 -71.63
CA PRO J 255 36.71 29.98 -71.61
C PRO J 255 35.75 29.95 -72.79
N SER J 256 35.76 28.82 -73.49
CA SER J 256 34.90 28.66 -74.67
C SER J 256 34.49 27.21 -74.80
N ARG J 257 33.38 27.00 -75.51
CA ARG J 257 32.92 25.65 -75.77
C ARG J 257 34.00 24.81 -76.44
N GLU J 258 34.84 25.43 -77.28
CA GLU J 258 35.89 24.68 -77.98
C GLU J 258 37.00 24.28 -77.03
N ASN J 259 37.25 25.09 -75.98
CA ASN J 259 38.23 24.69 -74.97
C ASN J 259 37.75 23.49 -74.18
N THR J 260 36.46 23.45 -73.84
CA THR J 260 35.91 22.28 -73.16
C THR J 260 36.10 21.03 -74.02
N LEU J 261 35.82 21.13 -75.31
CA LEU J 261 36.00 19.99 -76.20
C LEU J 261 37.47 19.56 -76.28
N ALA J 262 38.39 20.53 -76.22
CA ALA J 262 39.81 20.19 -76.22
C ALA J 262 40.17 19.42 -74.96
N MET J 263 39.76 19.92 -73.79
CA MET J 263 40.03 19.23 -72.54
C MET J 263 39.47 17.83 -72.55
N MET J 264 38.24 17.67 -73.06
CA MET J 264 37.62 16.34 -73.09
C MET J 264 38.39 15.38 -73.97
N ALA J 265 39.13 15.90 -74.97
CA ALA J 265 39.86 15.07 -75.91
C ALA J 265 41.31 14.87 -75.53
N HIS J 266 41.88 15.71 -74.68
CA HIS J 266 43.29 15.64 -74.39
C HIS J 266 43.62 14.27 -73.78
N PRO J 267 44.71 13.62 -74.21
CA PRO J 267 45.01 12.28 -73.68
C PRO J 267 45.49 12.29 -72.23
N LYS J 268 46.06 13.40 -71.75
CA LYS J 268 46.59 13.45 -70.40
C LYS J 268 45.53 13.71 -69.34
N VAL J 269 44.29 13.99 -69.73
CA VAL J 269 43.19 14.11 -68.79
C VAL J 269 42.66 12.72 -68.49
N ARG J 270 42.71 12.33 -67.22
CA ARG J 270 42.33 10.97 -66.82
C ARG J 270 40.89 10.84 -66.36
N MET J 271 40.26 11.93 -65.94
CA MET J 271 38.88 11.89 -65.47
C MET J 271 38.23 13.23 -65.73
N LEU J 272 36.98 13.18 -66.21
CA LEU J 272 36.18 14.38 -66.42
C LEU J 272 35.05 14.44 -65.39
N VAL J 273 34.84 15.62 -64.81
CA VAL J 273 33.73 15.87 -63.91
C VAL J 273 32.91 17.00 -64.51
N ALA J 274 31.65 16.71 -64.84
CA ALA J 274 30.77 17.65 -65.50
C ALA J 274 29.59 17.99 -64.59
N THR J 275 29.53 19.24 -64.15
CA THR J 275 28.39 19.75 -63.40
C THR J 275 27.61 20.66 -64.34
N GLY J 276 26.54 20.12 -64.93
CA GLY J 276 25.76 20.88 -65.89
C GLY J 276 24.54 20.15 -66.41
N GLY J 277 24.18 20.42 -67.66
CA GLY J 277 22.95 19.92 -68.22
C GLY J 277 23.09 18.51 -68.77
N PRO J 278 21.97 17.98 -69.25
CA PRO J 278 21.97 16.60 -69.75
C PRO J 278 22.88 16.38 -70.95
N ALA J 279 22.92 17.32 -71.89
CA ALA J 279 23.77 17.12 -73.08
C ALA J 279 25.25 17.15 -72.71
N LEU J 280 25.62 18.00 -71.76
CA LEU J 280 27.00 18.02 -71.28
C LEU J 280 27.35 16.69 -70.61
N VAL J 281 26.42 16.13 -69.84
CA VAL J 281 26.67 14.85 -69.19
C VAL J 281 26.90 13.77 -70.23
N LYS J 282 26.03 13.70 -71.25
CA LYS J 282 26.23 12.74 -72.32
C LYS J 282 27.55 12.97 -73.03
N ALA J 283 28.01 14.23 -73.11
CA ALA J 283 29.24 14.54 -73.81
C ALA J 283 30.45 13.90 -73.12
N VAL J 284 30.60 14.14 -71.82
CA VAL J 284 31.77 13.64 -71.12
C VAL J 284 31.75 12.11 -71.05
N LEU J 285 30.56 11.51 -71.11
CA LEU J 285 30.44 10.05 -71.11
C LEU J 285 30.66 9.46 -72.49
N SER J 286 31.12 10.26 -73.45
CA SER J 286 31.40 9.80 -74.81
C SER J 286 32.86 10.03 -75.20
N THR J 287 33.72 10.38 -74.25
CA THR J 287 35.08 10.78 -74.54
C THR J 287 36.09 9.64 -74.37
N GLY J 288 35.63 8.43 -74.10
CA GLY J 288 36.54 7.34 -73.81
C GLY J 288 37.29 7.46 -72.50
N LYS J 289 36.83 8.34 -71.60
CA LYS J 289 37.48 8.56 -70.32
C LYS J 289 36.50 8.31 -69.18
N LYS J 290 37.06 8.02 -68.01
CA LYS J 290 36.27 8.00 -66.78
C LYS J 290 35.64 9.36 -66.57
N ALA J 291 34.33 9.38 -66.33
CA ALA J 291 33.61 10.65 -66.20
C ALA J 291 32.50 10.55 -65.16
N ILE J 292 32.40 11.59 -64.34
CA ILE J 292 31.29 11.76 -63.43
C ILE J 292 30.33 12.78 -64.03
N GLY J 293 29.05 12.42 -64.12
CA GLY J 293 28.07 13.29 -64.73
C GLY J 293 27.02 13.75 -63.75
N ALA J 294 26.99 15.05 -63.48
CA ALA J 294 26.05 15.65 -62.53
C ALA J 294 24.95 16.33 -63.34
N GLY J 295 23.85 15.61 -63.57
CA GLY J 295 22.78 16.09 -64.41
C GLY J 295 21.75 16.94 -63.67
N ALA J 296 20.75 17.37 -64.42
CA ALA J 296 19.74 18.30 -63.93
C ALA J 296 18.59 17.55 -63.26
N GLY J 297 17.76 18.31 -62.54
CA GLY J 297 16.63 17.75 -61.85
C GLY J 297 15.36 18.57 -62.07
N ASN J 298 14.27 18.06 -61.49
CA ASN J 298 12.97 18.76 -61.50
C ASN J 298 12.29 18.43 -60.17
N PRO J 299 12.86 18.90 -59.06
CA PRO J 299 12.50 18.33 -57.75
C PRO J 299 11.08 18.65 -57.35
N PRO J 300 10.23 17.63 -57.20
CA PRO J 300 8.90 17.87 -56.64
C PRO J 300 8.93 17.84 -55.12
N VAL J 301 8.04 18.63 -54.53
CA VAL J 301 7.82 18.62 -53.09
C VAL J 301 6.37 18.20 -52.86
N VAL J 302 6.19 17.09 -52.15
CA VAL J 302 4.87 16.54 -51.85
C VAL J 302 4.49 16.93 -50.43
N VAL J 303 3.26 17.40 -50.27
CA VAL J 303 2.71 17.77 -48.97
C VAL J 303 1.42 16.98 -48.78
N ASP J 304 1.39 16.12 -47.78
CA ASP J 304 0.22 15.30 -47.49
C ASP J 304 -0.50 15.85 -46.26
N GLU J 305 -1.62 15.21 -45.92
CA GLU J 305 -2.50 15.75 -44.88
C GLU J 305 -1.94 15.60 -43.48
N THR J 306 -0.88 14.81 -43.29
CA THR J 306 -0.27 14.64 -41.98
C THR J 306 0.89 15.61 -41.75
N ALA J 307 1.07 16.58 -42.64
CA ALA J 307 2.20 17.48 -42.56
C ALA J 307 1.88 18.68 -41.68
N ASN J 308 2.92 19.22 -41.05
CA ASN J 308 2.86 20.54 -40.43
C ASN J 308 2.81 21.57 -41.55
N ILE J 309 1.61 22.06 -41.86
CA ILE J 309 1.42 22.88 -43.05
C ILE J 309 2.09 24.24 -42.88
N GLU J 310 2.01 24.83 -41.69
CA GLU J 310 2.64 26.13 -41.48
C GLU J 310 4.15 26.05 -41.70
N LYS J 311 4.79 25.02 -41.14
CA LYS J 311 6.23 24.85 -41.34
C LYS J 311 6.53 24.47 -42.79
N ALA J 312 5.68 23.62 -43.39
CA ALA J 312 5.89 23.23 -44.77
C ALA J 312 5.91 24.45 -45.69
N ALA J 313 4.92 25.33 -45.54
CA ALA J 313 4.87 26.52 -46.39
C ALA J 313 6.13 27.36 -46.22
N CYS J 314 6.65 27.46 -45.00
CA CYS J 314 7.86 28.23 -44.76
C CYS J 314 9.06 27.58 -45.44
N ASP J 315 9.23 26.26 -45.25
CA ASP J 315 10.35 25.57 -45.85
C ASP J 315 10.31 25.60 -47.38
N ILE J 316 9.11 25.56 -47.96
CA ILE J 316 9.01 25.53 -49.41
C ILE J 316 9.41 26.87 -50.01
N VAL J 317 8.96 27.97 -49.41
CA VAL J 317 9.33 29.28 -49.92
C VAL J 317 10.83 29.50 -49.77
N ASN J 318 11.41 29.01 -48.67
CA ASN J 318 12.84 29.16 -48.47
C ASN J 318 13.63 28.36 -49.49
N GLY J 319 13.27 27.08 -49.67
CA GLY J 319 13.99 26.24 -50.60
C GLY J 319 13.84 26.67 -52.04
N CYS J 320 12.66 27.18 -52.39
CA CYS J 320 12.39 27.57 -53.77
C CYS J 320 13.07 28.90 -54.10
N SER J 321 12.93 29.90 -53.23
CA SER J 321 13.46 31.23 -53.49
C SER J 321 14.95 31.36 -53.21
N PHE J 322 15.58 30.30 -52.67
CA PHE J 322 17.00 30.37 -52.34
C PHE J 322 17.82 30.54 -53.61
N ASP J 323 18.66 31.59 -53.62
CA ASP J 323 19.44 31.94 -54.81
C ASP J 323 18.56 32.03 -56.04
N ASN J 324 17.31 32.48 -55.85
CA ASN J 324 16.33 32.61 -56.93
C ASN J 324 16.21 31.32 -57.74
N ASN J 325 16.36 30.18 -57.07
CA ASN J 325 16.00 28.85 -57.58
C ASN J 325 17.05 28.23 -58.49
N ILE J 326 18.26 28.79 -58.57
CA ILE J 326 19.27 28.24 -59.47
C ILE J 326 20.07 27.10 -58.86
N THR J 327 19.88 26.80 -57.58
CA THR J 327 20.47 25.61 -57.00
C THR J 327 19.76 24.38 -57.55
N CYS J 328 20.55 23.40 -58.01
CA CYS J 328 19.96 22.29 -58.75
C CYS J 328 18.97 21.47 -57.92
N THR J 329 19.04 21.56 -56.59
CA THR J 329 18.14 20.79 -55.74
C THR J 329 16.87 21.56 -55.36
N ALA J 330 16.78 22.85 -55.68
CA ALA J 330 15.65 23.65 -55.24
C ALA J 330 14.33 23.09 -55.74
N GLU J 331 13.29 23.24 -54.93
CA GLU J 331 11.96 22.79 -55.29
C GLU J 331 11.48 23.53 -56.54
N LYS J 332 10.81 22.81 -57.44
CA LYS J 332 10.34 23.40 -58.67
C LYS J 332 8.90 23.03 -59.03
N GLU J 333 8.20 22.27 -58.19
CA GLU J 333 6.75 22.12 -58.34
C GLU J 333 6.20 21.48 -57.07
N ILE J 334 5.03 21.95 -56.64
CA ILE J 334 4.36 21.42 -55.45
C ILE J 334 3.33 20.40 -55.90
N ILE J 335 3.23 19.29 -55.16
CA ILE J 335 2.19 18.29 -55.35
C ILE J 335 1.50 18.15 -54.01
N ALA J 336 0.28 18.66 -53.91
CA ALA J 336 -0.41 18.84 -52.63
C ALA J 336 -1.67 18.01 -52.59
N VAL J 337 -1.88 17.29 -51.48
CA VAL J 337 -3.12 16.57 -51.26
C VAL J 337 -4.27 17.55 -51.12
N ALA J 338 -5.43 17.18 -51.65
CA ALA J 338 -6.52 18.14 -51.84
C ALA J 338 -7.00 18.73 -50.52
N GLN J 339 -7.16 17.91 -49.49
CA GLN J 339 -7.75 18.43 -48.26
C GLN J 339 -6.85 19.41 -47.51
N ILE J 340 -5.58 19.56 -47.90
CA ILE J 340 -4.71 20.56 -47.29
C ILE J 340 -4.19 21.57 -48.30
N ALA J 341 -4.58 21.46 -49.57
CA ALA J 341 -4.04 22.35 -50.60
C ALA J 341 -4.40 23.81 -50.31
N ASP J 342 -5.69 24.10 -50.13
CA ASP J 342 -6.10 25.49 -49.89
C ASP J 342 -5.39 26.08 -48.68
N TYR J 343 -5.19 25.28 -47.63
CA TYR J 343 -4.53 25.78 -46.43
C TYR J 343 -3.03 25.97 -46.66
N LEU J 344 -2.43 25.12 -47.50
CA LEU J 344 -1.03 25.32 -47.86
C LEU J 344 -0.83 26.61 -48.65
N ILE J 345 -1.67 26.84 -49.66
CA ILE J 345 -1.59 28.08 -50.43
C ILE J 345 -1.73 29.28 -49.50
N PHE J 346 -2.65 29.20 -48.54
CA PHE J 346 -2.85 30.30 -47.61
C PHE J 346 -1.56 30.64 -46.87
N ASN J 347 -0.93 29.64 -46.26
CA ASN J 347 0.31 29.89 -45.54
C ASN J 347 1.47 30.22 -46.47
N LEU J 348 1.48 29.64 -47.67
CA LEU J 348 2.49 30.02 -48.65
C LEU J 348 2.44 31.52 -48.93
N LYS J 349 1.23 32.08 -49.04
CA LYS J 349 1.11 33.51 -49.28
C LYS J 349 1.53 34.32 -48.07
N LYS J 350 1.32 33.80 -46.87
CA LYS J 350 1.75 34.49 -45.66
C LYS J 350 3.27 34.46 -45.48
N ASN J 351 3.99 33.65 -46.26
CA ASN J 351 5.43 33.54 -46.14
C ASN J 351 6.19 34.14 -47.32
N GLY J 352 5.49 34.76 -48.27
CA GLY J 352 6.16 35.51 -49.32
C GLY J 352 5.81 35.08 -50.73
N ALA J 353 4.77 34.26 -50.88
CA ALA J 353 4.37 33.78 -52.20
C ALA J 353 3.28 34.67 -52.77
N TYR J 354 3.52 35.22 -53.97
CA TYR J 354 2.53 35.99 -54.70
C TYR J 354 1.72 35.01 -55.54
N GLU J 355 0.45 34.84 -55.20
CA GLU J 355 -0.40 33.92 -55.95
C GLU J 355 -0.94 34.59 -57.21
N ILE J 356 -0.95 33.83 -58.30
CA ILE J 356 -1.58 34.25 -59.55
C ILE J 356 -2.84 33.40 -59.73
N LYS J 357 -3.98 34.08 -59.91
CA LYS J 357 -5.23 33.40 -60.18
C LYS J 357 -5.84 33.79 -61.52
N ASP J 358 -5.41 34.90 -62.12
CA ASP J 358 -5.95 35.37 -63.39
C ASP J 358 -5.22 34.68 -64.53
N PRO J 359 -5.89 33.85 -65.34
CA PRO J 359 -5.19 33.19 -66.45
C PRO J 359 -4.59 34.16 -67.44
N ALA J 360 -5.08 35.36 -67.52
CA ALA J 360 -4.48 36.29 -68.44
C ALA J 360 -3.12 36.61 -67.99
N VAL J 361 -2.99 36.81 -66.71
CA VAL J 361 -1.72 37.13 -66.13
C VAL J 361 -0.74 36.01 -66.22
N LEU J 362 -1.23 34.81 -66.02
CA LEU J 362 -0.40 33.67 -66.09
C LEU J 362 0.14 33.56 -67.49
N GLN J 363 -0.70 33.81 -68.47
CA GLN J 363 -0.25 33.72 -69.86
C GLN J 363 0.86 34.73 -70.13
N GLN J 364 0.78 35.92 -69.52
CA GLN J 364 1.85 36.89 -69.68
C GLN J 364 3.16 36.36 -69.09
N LEU J 365 3.09 35.71 -67.92
CA LEU J 365 4.29 35.18 -67.30
C LEU J 365 4.87 34.04 -68.12
N GLN J 366 4.02 33.18 -68.70
CA GLN J 366 4.50 32.11 -69.56
C GLN J 366 5.27 32.70 -70.74
N ASP J 367 4.68 33.67 -71.43
CA ASP J 367 5.32 34.28 -72.59
C ASP J 367 6.64 34.94 -72.23
N LEU J 368 6.82 35.31 -70.96
CA LEU J 368 8.06 35.96 -70.53
C LEU J 368 9.17 34.94 -70.28
N VAL J 369 8.86 33.88 -69.53
CA VAL J 369 9.89 32.99 -69.01
C VAL J 369 10.08 31.74 -69.86
N LEU J 370 9.28 31.56 -70.91
CA LEU J 370 9.45 30.44 -71.82
C LEU J 370 9.96 30.94 -73.17
N THR J 371 10.48 30.00 -73.96
CA THR J 371 11.01 30.29 -75.28
C THR J 371 10.04 29.79 -76.35
N ALA J 372 10.47 29.88 -77.61
CA ALA J 372 9.63 29.43 -78.71
C ALA J 372 9.29 27.95 -78.58
N LYS J 373 10.31 27.12 -78.33
CA LYS J 373 10.06 25.68 -78.22
C LYS J 373 9.41 25.32 -76.88
N GLY J 374 9.67 26.11 -75.84
CA GLY J 374 8.98 25.93 -74.57
C GLY J 374 9.89 25.74 -73.38
N GLY J 375 11.19 25.92 -73.57
CA GLY J 375 12.16 25.77 -72.50
C GLY J 375 12.41 27.07 -71.78
N PRO J 376 13.09 27.00 -70.63
CA PRO J 376 13.34 28.20 -69.84
C PRO J 376 14.05 29.29 -70.65
N GLN J 377 13.69 30.53 -70.37
CA GLN J 377 14.30 31.69 -71.00
C GLN J 377 15.55 32.08 -70.23
N THR J 378 16.71 32.04 -70.90
CA THR J 378 17.97 32.32 -70.23
C THR J 378 17.94 33.68 -69.55
N LYS J 379 17.34 34.69 -70.20
CA LYS J 379 17.34 36.03 -69.63
C LYS J 379 16.67 36.06 -68.26
N CYS J 380 15.69 35.19 -68.03
CA CYS J 380 14.92 35.20 -66.79
C CYS J 380 15.45 34.25 -65.72
N VAL J 381 16.32 33.31 -66.09
CA VAL J 381 16.84 32.36 -65.11
C VAL J 381 17.61 33.10 -64.04
N GLY J 382 17.32 32.79 -62.78
CA GLY J 382 18.04 33.38 -61.67
C GLY J 382 17.59 34.76 -61.26
N LYS J 383 16.51 35.28 -61.84
CA LYS J 383 15.99 36.58 -61.45
C LYS J 383 15.02 36.42 -60.29
N SER J 384 14.94 37.46 -59.46
CA SER J 384 14.06 37.42 -58.30
C SER J 384 12.60 37.39 -58.75
N ALA J 385 11.72 37.02 -57.80
CA ALA J 385 10.29 37.07 -58.08
C ALA J 385 9.84 38.52 -58.33
N VAL J 386 10.37 39.45 -57.54
CA VAL J 386 10.07 40.87 -57.75
C VAL J 386 10.38 41.26 -59.19
N TRP J 387 11.61 40.97 -59.64
CA TRP J 387 12.00 41.33 -61.01
C TRP J 387 11.06 40.71 -62.03
N LEU J 388 10.77 39.41 -61.89
CA LEU J 388 9.92 38.73 -62.86
C LEU J 388 8.52 39.34 -62.90
N LEU J 389 7.98 39.74 -61.75
CA LEU J 389 6.63 40.29 -61.72
C LEU J 389 6.58 41.65 -62.40
N SER J 390 7.61 42.49 -62.21
CA SER J 390 7.61 43.81 -62.82
C SER J 390 7.66 43.73 -64.34
N GLN J 391 8.30 42.69 -64.89
CA GLN J 391 8.35 42.54 -66.34
C GLN J 391 6.96 42.39 -66.94
N ILE J 392 5.96 42.07 -66.13
CA ILE J 392 4.57 42.00 -66.57
C ILE J 392 3.72 43.06 -65.88
N GLY J 393 4.34 44.12 -65.38
CA GLY J 393 3.61 45.26 -64.86
C GLY J 393 3.01 45.07 -63.49
N ILE J 394 3.64 44.27 -62.63
CA ILE J 394 3.20 44.06 -61.26
C ILE J 394 4.34 44.50 -60.35
N SER J 395 4.02 45.38 -59.40
CA SER J 395 5.01 45.96 -58.49
C SER J 395 4.73 45.47 -57.08
N VAL J 396 5.63 44.64 -56.56
CA VAL J 396 5.55 44.14 -55.21
C VAL J 396 6.82 44.54 -54.47
N ASP J 397 6.80 44.41 -53.15
CA ASP J 397 7.95 44.74 -52.33
C ASP J 397 8.80 43.47 -52.11
N ALA J 398 9.94 43.65 -51.44
CA ALA J 398 10.91 42.58 -51.28
C ALA J 398 10.39 41.43 -50.43
N SER J 399 9.21 41.55 -49.84
CA SER J 399 8.66 40.44 -49.07
C SER J 399 8.14 39.34 -49.99
N ILE J 400 7.86 39.64 -51.25
CA ILE J 400 7.47 38.62 -52.22
C ILE J 400 8.73 37.87 -52.65
N LYS J 401 8.68 36.54 -52.56
CA LYS J 401 9.84 35.70 -52.82
C LYS J 401 9.62 34.66 -53.91
N ILE J 402 8.40 34.19 -54.10
CA ILE J 402 8.09 33.25 -55.17
C ILE J 402 6.78 33.64 -55.83
N ILE J 403 6.56 33.10 -57.03
CA ILE J 403 5.32 33.29 -57.77
C ILE J 403 4.59 31.96 -57.76
N LEU J 404 3.42 31.94 -57.13
CA LEU J 404 2.66 30.71 -56.91
C LEU J 404 1.45 30.68 -57.84
N MET J 405 1.13 29.50 -58.36
CA MET J 405 -0.06 29.33 -59.18
C MET J 405 -0.47 27.86 -59.17
N GLU J 406 -1.77 27.60 -59.17
CA GLU J 406 -2.31 26.25 -59.20
C GLU J 406 -2.66 25.90 -60.64
N VAL J 407 -1.91 24.99 -61.23
CA VAL J 407 -2.08 24.62 -62.64
C VAL J 407 -2.27 23.10 -62.71
N PRO J 408 -2.60 22.56 -63.88
CA PRO J 408 -2.61 21.09 -64.03
C PRO J 408 -1.20 20.56 -64.28
N ARG J 409 -1.07 19.24 -64.14
CA ARG J 409 0.25 18.62 -64.18
C ARG J 409 0.92 18.79 -65.54
N GLU J 410 0.13 18.95 -66.61
CA GLU J 410 0.69 19.13 -67.93
C GLU J 410 1.27 20.52 -68.16
N HIS J 411 1.12 21.43 -67.22
CA HIS J 411 1.52 22.82 -67.43
C HIS J 411 3.03 22.90 -67.61
N PRO J 412 3.51 23.79 -68.49
CA PRO J 412 4.97 23.90 -68.69
C PRO J 412 5.78 24.14 -67.42
N PHE J 413 5.31 25.01 -66.53
CA PHE J 413 6.08 25.32 -65.33
C PHE J 413 6.33 24.07 -64.49
N VAL J 414 5.42 23.10 -64.52
CA VAL J 414 5.63 21.84 -63.81
C VAL J 414 6.72 21.02 -64.50
N GLN J 415 6.56 20.82 -65.82
CA GLN J 415 7.44 19.92 -66.56
C GLN J 415 8.83 20.52 -66.75
N GLU J 416 8.90 21.82 -67.01
CA GLU J 416 10.18 22.45 -67.30
C GLU J 416 10.92 22.82 -66.03
N GLU J 417 12.24 22.69 -66.07
CA GLU J 417 13.10 23.10 -64.96
C GLU J 417 13.41 24.59 -65.13
N LEU J 418 12.51 25.43 -64.61
CA LEU J 418 12.62 26.86 -64.87
C LEU J 418 13.90 27.44 -64.28
N MET J 419 14.27 27.00 -63.08
CA MET J 419 15.35 27.63 -62.32
C MET J 419 15.04 29.10 -62.09
N MET J 420 13.80 29.36 -61.67
CA MET J 420 13.31 30.68 -61.32
C MET J 420 12.37 30.53 -60.13
N PRO J 421 12.22 31.56 -59.31
CA PRO J 421 11.27 31.47 -58.19
C PRO J 421 9.82 31.46 -58.66
N ILE J 422 9.50 30.52 -59.55
CA ILE J 422 8.15 30.32 -60.07
C ILE J 422 7.75 28.91 -59.68
N LEU J 423 6.85 28.78 -58.70
CA LEU J 423 6.52 27.49 -58.12
C LEU J 423 5.07 27.12 -58.42
N PRO J 424 4.82 26.21 -59.36
CA PRO J 424 3.46 25.75 -59.59
C PRO J 424 3.04 24.71 -58.57
N LEU J 425 1.73 24.64 -58.34
CA LEU J 425 1.13 23.66 -57.44
C LEU J 425 0.13 22.84 -58.21
N VAL J 426 0.17 21.52 -58.01
CA VAL J 426 -0.78 20.59 -58.62
C VAL J 426 -1.55 19.91 -57.50
N ARG J 427 -2.87 19.88 -57.63
CA ARG J 427 -3.72 19.27 -56.62
C ARG J 427 -4.01 17.83 -57.01
N VAL J 428 -3.92 16.93 -56.02
CA VAL J 428 -4.18 15.51 -56.22
C VAL J 428 -5.03 15.04 -55.04
N GLU J 429 -5.67 13.89 -55.23
CA GLU J 429 -6.67 13.45 -54.26
C GLU J 429 -6.01 12.90 -52.99
N THR J 430 -5.09 11.95 -53.13
CA THR J 430 -4.51 11.25 -51.99
C THR J 430 -2.99 11.31 -52.07
N VAL J 431 -2.34 10.90 -50.96
CA VAL J 431 -0.89 10.90 -50.90
C VAL J 431 -0.31 9.94 -51.92
N ASP J 432 -0.98 8.80 -52.14
CA ASP J 432 -0.49 7.84 -53.13
C ASP J 432 -0.51 8.43 -54.53
N ASP J 433 -1.54 9.22 -54.84
CA ASP J 433 -1.56 9.93 -56.12
C ASP J 433 -0.42 10.94 -56.20
N ALA J 434 -0.14 11.63 -55.08
CA ALA J 434 0.96 12.59 -55.07
C ALA J 434 2.29 11.91 -55.32
N ILE J 435 2.48 10.71 -54.77
CA ILE J 435 3.74 10.00 -54.96
C ILE J 435 3.88 9.56 -56.41
N ASP J 436 2.82 9.00 -56.98
CA ASP J 436 2.87 8.58 -58.39
C ASP J 436 3.18 9.78 -59.29
N LEU J 437 2.52 10.91 -59.07
CA LEU J 437 2.75 12.07 -59.90
C LEU J 437 4.15 12.63 -59.71
N ALA J 438 4.67 12.58 -58.48
CA ALA J 438 6.01 13.10 -58.22
C ALA J 438 7.06 12.28 -58.96
N ILE J 439 6.91 10.95 -58.96
CA ILE J 439 7.80 10.10 -59.74
C ILE J 439 7.72 10.47 -61.22
N GLU J 440 6.49 10.66 -61.72
CA GLU J 440 6.29 11.00 -63.12
C GLU J 440 6.94 12.32 -63.47
N VAL J 441 6.67 13.36 -62.66
CA VAL J 441 7.15 14.70 -62.96
C VAL J 441 8.66 14.81 -62.84
N GLU J 442 9.30 13.91 -62.09
CA GLU J 442 10.74 13.99 -61.92
C GLU J 442 11.50 13.60 -63.18
N HIS J 443 10.83 12.94 -64.13
CA HIS J 443 11.41 12.63 -65.44
C HIS J 443 12.59 11.66 -65.32
N ASP J 444 12.51 10.75 -64.35
CA ASP J 444 13.54 9.72 -64.15
C ASP J 444 14.94 10.32 -64.10
N ASN J 445 15.04 11.60 -63.72
CA ASN J 445 16.35 12.17 -63.48
C ASN J 445 17.01 11.57 -62.26
N ARG J 446 16.21 11.06 -61.32
CA ARG J 446 16.72 10.45 -60.09
C ARG J 446 17.71 11.40 -59.41
N HIS J 447 17.26 12.64 -59.23
CA HIS J 447 18.10 13.70 -58.68
C HIS J 447 17.68 14.06 -57.27
N THR J 448 16.59 14.82 -57.13
CA THR J 448 16.15 15.32 -55.83
C THR J 448 14.63 15.25 -55.75
N ALA J 449 14.13 15.04 -54.53
CA ALA J 449 12.71 15.14 -54.24
C ALA J 449 12.55 15.52 -52.78
N ILE J 450 11.41 16.13 -52.46
CA ILE J 450 11.12 16.58 -51.11
C ILE J 450 9.72 16.10 -50.74
N MET J 451 9.53 15.85 -49.44
CA MET J 451 8.24 15.46 -48.92
C MET J 451 8.04 16.05 -47.55
N HIS J 452 6.83 16.56 -47.30
CA HIS J 452 6.41 17.02 -45.98
C HIS J 452 5.32 16.10 -45.48
N SER J 453 5.57 15.47 -44.32
CA SER J 453 4.68 14.46 -43.79
C SER J 453 5.21 13.98 -42.44
N THR J 454 4.32 13.57 -41.55
CA THR J 454 4.71 12.99 -40.27
C THR J 454 4.43 11.50 -40.19
N ASP J 455 3.69 10.93 -41.14
CA ASP J 455 3.40 9.51 -41.14
C ASP J 455 4.65 8.76 -41.57
N VAL J 456 5.24 8.00 -40.65
CA VAL J 456 6.48 7.29 -40.96
C VAL J 456 6.28 6.34 -42.13
N ARG J 457 5.07 5.83 -42.31
CA ARG J 457 4.83 4.87 -43.40
C ARG J 457 4.86 5.56 -44.76
N LYS J 458 4.34 6.78 -44.85
CA LYS J 458 4.29 7.47 -46.13
C LYS J 458 5.61 8.16 -46.47
N LEU J 459 6.34 8.64 -45.46
CA LEU J 459 7.71 9.09 -45.71
C LEU J 459 8.55 7.96 -46.29
N THR J 460 8.39 6.75 -45.74
CA THR J 460 9.15 5.60 -46.22
C THR J 460 8.76 5.26 -47.65
N LYS J 461 7.46 5.16 -47.94
CA LYS J 461 7.01 4.74 -49.25
C LYS J 461 7.59 5.64 -50.34
N MET J 462 7.44 6.96 -50.20
CA MET J 462 7.87 7.86 -51.26
C MET J 462 9.39 7.82 -51.44
N ALA J 463 10.13 7.85 -50.33
CA ALA J 463 11.59 7.81 -50.43
C ALA J 463 12.04 6.55 -51.16
N LYS J 464 11.42 5.41 -50.86
CA LYS J 464 11.77 4.17 -51.55
C LYS J 464 11.48 4.26 -53.05
N LEU J 465 10.31 4.78 -53.42
CA LEU J 465 9.85 4.68 -54.79
C LEU J 465 10.47 5.72 -55.71
N ILE J 466 10.72 6.94 -55.20
CA ILE J 466 11.20 8.00 -56.07
C ILE J 466 12.66 7.76 -56.45
N GLN J 467 13.43 7.08 -55.61
CA GLN J 467 14.79 6.63 -55.95
C GLN J 467 15.68 7.79 -56.37
N THR J 468 15.54 8.92 -55.71
CA THR J 468 16.36 10.10 -56.01
C THR J 468 17.67 10.05 -55.23
N THR J 469 18.69 10.71 -55.79
CA THR J 469 19.98 10.77 -55.12
C THR J 469 19.87 11.50 -53.79
N ILE J 470 19.07 12.57 -53.74
CA ILE J 470 18.80 13.31 -52.53
C ILE J 470 17.31 13.28 -52.26
N PHE J 471 16.93 12.99 -51.01
CA PHE J 471 15.54 13.03 -50.58
C PHE J 471 15.49 13.73 -49.24
N VAL J 472 14.71 14.80 -49.16
CA VAL J 472 14.59 15.61 -47.96
C VAL J 472 13.19 15.47 -47.41
N LYS J 473 13.09 15.25 -46.09
CA LYS J 473 11.82 15.06 -45.42
C LYS J 473 11.65 16.15 -44.38
N ASN J 474 10.55 16.91 -44.50
CA ASN J 474 10.16 17.90 -43.50
C ASN J 474 11.22 18.99 -43.34
N GLY J 475 11.74 19.47 -44.46
CA GLY J 475 12.65 20.58 -44.45
C GLY J 475 12.81 21.19 -45.83
N PRO J 476 13.44 22.35 -45.90
CA PRO J 476 13.76 22.93 -47.22
C PRO J 476 14.72 22.03 -47.99
N SER J 477 14.67 22.15 -49.32
CA SER J 477 15.45 21.25 -50.16
C SER J 477 16.94 21.38 -49.87
N TYR J 478 17.43 22.60 -49.64
CA TYR J 478 18.86 22.78 -49.44
C TYR J 478 19.37 22.12 -48.16
N ALA J 479 18.51 21.46 -47.39
CA ALA J 479 18.98 20.64 -46.27
C ALA J 479 19.72 19.40 -46.76
N GLY J 480 19.46 18.95 -47.99
CA GLY J 480 20.21 17.86 -48.58
C GLY J 480 21.63 18.24 -48.95
N HIS J 481 21.91 19.54 -49.02
CA HIS J 481 23.26 20.05 -49.23
C HIS J 481 24.03 20.23 -47.93
N GLY J 482 23.55 19.66 -46.83
CA GLY J 482 24.21 19.83 -45.56
C GLY J 482 24.09 21.21 -44.95
N ALA J 483 23.16 22.02 -45.44
CA ALA J 483 22.89 23.35 -44.90
C ALA J 483 21.52 23.32 -44.24
N GLY J 484 21.46 22.71 -43.07
CA GLY J 484 20.20 22.42 -42.39
C GLY J 484 19.93 20.94 -42.21
N GLY J 485 20.73 20.07 -42.81
CA GLY J 485 20.63 18.64 -42.60
C GLY J 485 21.99 18.06 -42.27
N GLU J 486 21.97 16.83 -41.77
CA GLU J 486 23.21 16.16 -41.40
C GLU J 486 23.95 15.70 -42.65
N GLY J 487 25.29 15.71 -42.55
CA GLY J 487 26.16 15.31 -43.64
C GLY J 487 27.03 16.46 -44.10
N TYR J 488 27.88 16.14 -45.07
CA TYR J 488 28.75 17.13 -45.70
C TYR J 488 28.06 17.75 -46.91
N SER J 489 28.65 18.83 -47.42
CA SER J 489 28.08 19.59 -48.50
C SER J 489 28.82 19.33 -49.81
N THR J 490 28.09 19.41 -50.91
CA THR J 490 28.68 19.32 -52.24
C THR J 490 27.84 20.14 -53.21
N PHE J 491 28.45 20.52 -54.33
CA PHE J 491 27.74 21.20 -55.41
C PHE J 491 27.85 20.42 -56.71
N THR J 492 28.28 19.16 -56.65
CA THR J 492 28.31 18.26 -57.79
C THR J 492 27.58 17.00 -57.34
N ILE J 493 26.32 16.85 -57.75
CA ILE J 493 25.47 15.74 -57.35
C ILE J 493 25.29 14.83 -58.54
N ALA J 494 25.73 13.59 -58.41
CA ALA J 494 25.79 12.65 -59.52
C ALA J 494 24.64 11.66 -59.40
N GLY J 495 23.68 11.77 -60.31
CA GLY J 495 22.61 10.80 -60.41
C GLY J 495 22.85 9.80 -61.52
N PRO J 496 23.16 10.30 -62.73
CA PRO J 496 23.44 9.37 -63.84
C PRO J 496 24.58 8.41 -63.57
N THR J 497 25.72 8.89 -63.10
CA THR J 497 26.87 8.03 -62.86
C THR J 497 26.88 7.44 -61.45
N GLY J 498 25.98 7.86 -60.57
CA GLY J 498 25.69 7.12 -59.37
C GLY J 498 26.67 7.27 -58.23
N GLU J 499 27.42 8.37 -58.17
CA GLU J 499 28.34 8.59 -57.07
C GLU J 499 27.70 9.33 -55.90
N GLY J 500 26.47 9.82 -56.05
CA GLY J 500 25.82 10.56 -54.97
C GLY J 500 26.40 11.96 -54.84
N LEU J 501 26.59 12.38 -53.59
CA LEU J 501 27.19 13.70 -53.30
C LEU J 501 28.70 13.58 -53.37
N THR J 502 29.30 14.04 -54.46
CA THR J 502 30.71 13.80 -54.70
C THR J 502 31.56 14.45 -53.61
N SER J 503 32.58 13.71 -53.17
CA SER J 503 33.57 14.21 -52.23
C SER J 503 34.93 13.74 -52.72
N ALA J 504 35.95 13.90 -51.89
CA ALA J 504 37.30 13.47 -52.29
C ALA J 504 37.31 12.01 -52.73
N LYS J 505 36.59 11.15 -52.02
CA LYS J 505 36.53 9.74 -52.38
C LYS J 505 36.19 9.56 -53.86
N SER J 506 35.24 10.35 -54.36
CA SER J 506 34.75 10.17 -55.72
C SER J 506 35.85 10.40 -56.75
N PHE J 507 36.86 11.19 -56.40
CA PHE J 507 37.94 11.54 -57.32
C PHE J 507 39.18 10.69 -57.09
N ALA J 508 39.00 9.46 -56.63
CA ALA J 508 40.11 8.60 -56.24
C ALA J 508 39.86 7.18 -56.71
N ARG J 509 40.95 6.48 -57.00
CA ARG J 509 40.91 5.07 -57.35
C ARG J 509 41.06 4.23 -56.09
N ARG J 510 40.35 3.10 -56.05
CA ARG J 510 40.44 2.18 -54.92
C ARG J 510 41.52 1.13 -55.20
N ARG J 511 42.46 0.99 -54.27
CA ARG J 511 43.58 0.07 -54.39
C ARG J 511 43.58 -0.91 -53.23
N LYS J 512 43.93 -2.16 -53.52
CA LYS J 512 43.96 -3.23 -52.53
C LYS J 512 45.40 -3.69 -52.36
N CYS J 513 45.92 -3.58 -51.15
CA CYS J 513 47.28 -3.99 -50.82
C CYS J 513 47.21 -5.19 -49.88
N VAL J 514 47.85 -6.30 -50.27
CA VAL J 514 47.70 -7.58 -49.59
C VAL J 514 49.06 -8.01 -49.05
N MET J 515 49.18 -8.09 -47.74
CA MET J 515 50.40 -8.57 -47.07
C MET J 515 50.15 -10.02 -46.64
N VAL J 516 50.71 -10.97 -47.39
CA VAL J 516 50.36 -12.37 -47.23
C VAL J 516 51.02 -12.94 -45.98
N GLU J 517 50.19 -13.47 -45.07
CA GLU J 517 50.65 -14.17 -43.87
C GLU J 517 51.63 -13.32 -43.05
N ALA J 518 51.26 -12.06 -42.86
CA ALA J 518 52.03 -11.17 -42.00
C ALA J 518 51.16 -9.99 -41.61
N LEU J 519 51.53 -9.35 -40.50
CA LEU J 519 50.79 -8.22 -39.94
C LEU J 519 49.38 -8.61 -39.53
N ASN J 520 49.17 -9.89 -39.22
CA ASN J 520 47.93 -10.40 -38.65
C ASN J 520 48.20 -10.59 -37.15
N ILE J 521 48.17 -9.47 -36.47
CA ILE J 521 48.53 -9.41 -35.10
C ILE J 521 47.43 -9.43 -34.09
N ARG J 522 46.31 -10.03 -34.40
CA ARG J 522 45.23 -10.09 -33.49
C ARG J 522 45.51 -11.18 -32.52
PA NAP K . 26.06 -33.31 2.36
O1A NAP K . 27.17 -33.16 1.43
O2A NAP K . 26.56 -33.02 3.69
O5B NAP K . 24.91 -32.25 2.03
C5B NAP K . 23.68 -32.25 2.66
C4B NAP K . 23.19 -30.81 3.00
O4B NAP K . 24.04 -30.26 3.81
C3B NAP K . 23.16 -29.85 1.81
O3B NAP K . 22.13 -28.98 1.88
C2B NAP K . 24.44 -29.08 2.02
O2B NAP K . 24.42 -27.94 1.09
C1B NAP K . 24.37 -28.80 3.29
N9A NAP K . 25.62 -28.49 3.91
C8A NAP K . 26.78 -29.11 3.90
N7A NAP K . 27.63 -28.42 4.61
C5A NAP K . 27.02 -27.37 5.08
C6A NAP K . 27.44 -26.35 5.85
N6A NAP K . 28.73 -26.14 6.41
N1A NAP K . 26.64 -25.40 6.18
C2A NAP K . 25.40 -25.41 5.76
N3A NAP K . 24.96 -26.40 4.98
C4A NAP K . 25.78 -27.39 4.65
O3 NAP K . 25.57 -34.80 2.24
PN NAP K . 25.17 -35.43 0.84
O1N NAP K . 26.00 -34.88 -0.20
O2N NAP K . 23.82 -35.18 0.44
O5D NAP K . 25.47 -36.99 0.83
C5D NAP K . 25.24 -37.86 1.87
C4D NAP K . 26.31 -37.71 2.94
O4D NAP K . 25.68 -37.77 4.05
C3D NAP K . 27.25 -38.89 3.00
O3D NAP K . 28.36 -38.51 3.62
C2D NAP K . 26.49 -39.90 3.84
O2D NAP K . 27.42 -40.84 4.47
C1D NAP K . 25.91 -39.18 4.74
N1N NAP K . 24.66 -39.74 5.13
C2N NAP K . 24.46 -40.06 6.40
C3N NAP K . 23.28 -40.62 6.79
C7N NAP K . 23.02 -40.98 8.25
O7N NAP K . 21.96 -41.20 8.62
N7N NAP K . 24.06 -41.10 9.21
C4N NAP K . 22.32 -40.83 5.92
C5N NAP K . 22.51 -40.50 4.64
C6N NAP K . 23.70 -39.96 4.25
P2B NAP K . 25.22 -28.21 -0.25
O1X NAP K . 26.23 -29.27 -0.06
O2X NAP K . 24.23 -28.53 -1.26
O3X NAP K . 25.93 -27.00 -0.65
K K L . 36.03 -47.40 1.99
PA NAP M . 25.37 -18.75 35.80
O1A NAP M . 24.28 -17.77 36.02
O2A NAP M . 25.21 -19.50 34.54
O5B NAP M . 26.75 -17.91 35.73
C5B NAP M . 26.96 -16.91 36.67
C4B NAP M . 28.48 -16.61 36.81
O4B NAP M . 28.79 -15.59 36.06
C3B NAP M . 28.84 -16.22 38.25
O3B NAP M . 29.24 -17.30 38.95
C2B NAP M . 30.00 -15.28 38.02
O2B NAP M . 31.19 -16.04 37.55
C1B NAP M . 29.57 -14.58 37.02
N9A NAP M . 28.64 -13.60 37.47
C8A NAP M . 27.33 -13.56 37.62
N7A NAP M . 27.01 -12.35 38.08
C5A NAP M . 28.14 -11.65 38.23
C6A NAP M . 28.41 -10.38 38.69
N6A NAP M . 27.48 -9.37 39.13
N1A NAP M . 29.63 -9.93 38.73
C2A NAP M . 30.66 -10.71 38.33
N3A NAP M . 30.40 -11.97 37.90
C4A NAP M . 29.14 -12.43 37.85
O3 NAP M . 25.38 -19.71 37.09
PN NAP M . 24.67 -19.08 38.35
O1N NAP M . 25.06 -17.67 38.44
O2N NAP M . 24.90 -19.91 39.50
O5D NAP M . 23.12 -19.01 38.09
C5D NAP M . 22.39 -20.16 38.27
C4D NAP M . 21.47 -20.35 37.08
O4D NAP M . 21.50 -21.61 36.88
C3D NAP M . 20.04 -20.05 37.49
O3D NAP M . 19.39 -19.35 36.56
C2D NAP M . 19.44 -21.43 37.64
O2D NAP M . 17.99 -21.35 37.49
C1D NAP M . 20.01 -22.07 36.71
N1N NAP M . 20.06 -23.41 37.08
C2N NAP M . 19.52 -24.36 36.33
C3N NAP M . 19.59 -25.65 36.75
C7N NAP M . 18.97 -26.73 35.91
O7N NAP M . 19.16 -27.85 36.10
N7N NAP M . 18.11 -26.35 34.86
C4N NAP M . 20.17 -25.95 37.91
C5N NAP M . 20.72 -24.99 38.66
C6N NAP M . 20.65 -23.71 38.22
P2B NAP M . 32.64 -15.75 38.23
O1X NAP M . 33.69 -15.67 37.19
O2X NAP M . 32.93 -16.79 39.25
O3X NAP M . 32.60 -14.43 38.91
K K N . 9.65 -14.40 39.75
PA NAP O . -22.55 -70.05 33.53
O1A NAP O . -21.43 -70.33 34.48
O2A NAP O . -23.47 -68.94 33.87
O5B NAP O . -23.49 -71.34 33.54
C5B NAP O . -24.28 -71.41 32.43
C4B NAP O . -23.82 -72.67 31.68
O4B NAP O . -23.72 -73.73 32.44
C3B NAP O . -24.96 -72.94 30.71
O3B NAP O . -24.43 -72.81 29.48
C2B NAP O . -25.43 -74.36 31.08
O2B NAP O . -24.61 -75.30 30.30
C1B NAP O . -25.10 -74.53 32.32
N9A NAP O . -26.04 -73.98 33.26
C8A NAP O . -25.89 -73.46 34.46
N7A NAP O . -27.06 -73.07 34.91
C5A NAP O . -27.96 -73.38 33.99
C6A NAP O . -29.31 -73.21 33.97
N6A NAP O . -30.14 -72.63 35.00
N1A NAP O . -30.02 -73.59 32.93
C2A NAP O . -29.39 -74.16 31.88
N3A NAP O . -28.05 -74.32 31.91
C4A NAP O . -27.34 -73.94 32.98
O3 NAP O . -21.96 -69.80 32.05
PN NAP O . -21.81 -68.32 31.55
O1N NAP O . -21.33 -68.32 30.17
O2N NAP O . -23.12 -67.77 31.64
O5D NAP O . -20.90 -67.52 32.54
C5D NAP O . -21.41 -66.39 33.11
C4D NAP O . -20.63 -66.16 34.39
O4D NAP O . -19.39 -66.02 34.08
C3D NAP O . -21.02 -64.85 35.05
O3D NAP O . -21.03 -65.06 36.36
C2D NAP O . -19.89 -63.90 34.66
O2D NAP O . -19.78 -62.85 35.69
C1D NAP O . -18.85 -64.65 34.66
N1N NAP O . -17.98 -64.22 33.64
C2N NAP O . -16.74 -63.81 33.88
C3N NAP O . -15.96 -63.39 32.84
C7N NAP O . -14.54 -62.94 33.06
O7N NAP O . -13.87 -62.75 32.14
N7N NAP O . -14.05 -62.75 34.38
C4N NAP O . -16.41 -63.40 31.60
C5N NAP O . -17.65 -63.81 31.36
C6N NAP O . -18.43 -64.24 32.39
P2B NAP O . -25.34 -75.91 29.00
O1X NAP O . -26.75 -76.11 29.41
O2X NAP O . -24.64 -77.18 28.72
O3X NAP O . -25.25 -75.01 27.82
K K P . -26.02 -56.55 41.58
PA NAP Q . 12.06 -84.67 48.58
O1A NAP Q . 11.31 -84.25 47.38
O2A NAP Q . 12.89 -85.84 48.27
O5B NAP Q . 11.02 -85.14 49.71
C5B NAP Q . 10.20 -84.20 50.29
C4B NAP Q . 10.05 -84.65 51.76
O4B NAP Q . 9.41 -85.79 51.82
C3B NAP Q . 11.43 -85.01 52.31
O3B NAP Q . 12.10 -83.91 52.69
C2B NAP Q . 11.04 -85.85 53.51
O2B NAP Q . 10.62 -84.94 54.60
C1B NAP Q . 10.02 -86.55 53.10
O3 NAP Q . 13.08 -83.60 49.13
PN NAP Q . 12.80 -82.12 48.74
O1N NAP Q . 13.15 -81.28 49.88
O2N NAP Q . 11.37 -81.97 48.48
O5D NAP Q . 13.67 -81.80 47.44
C5D NAP Q . 13.47 -82.66 46.39
C4D NAP Q . 12.98 -81.96 45.10
O4D NAP Q . 13.02 -80.67 45.16
C3D NAP Q . 13.94 -82.29 43.96
O3D NAP Q . 13.27 -83.04 43.08
C2D NAP Q . 14.29 -80.92 43.39
O2D NAP Q . 14.50 -81.03 41.93
C1D NAP Q . 13.24 -80.24 43.65
N1N NAP Q . 13.57 -78.87 43.73
C2N NAP Q . 13.06 -77.98 42.90
C3N NAP Q . 13.45 -76.66 43.02
C7N NAP Q . 12.89 -75.63 42.09
O7N NAP Q . 13.01 -74.51 42.32
N7N NAP Q . 12.23 -76.07 40.91
C4N NAP Q . 14.32 -76.28 43.96
C5N NAP Q . 14.81 -77.18 44.80
C6N NAP Q . 14.42 -78.49 44.67
P2B NAP Q . 9.79 -85.57 55.84
O1X NAP Q . 10.49 -85.18 57.07
O2X NAP Q . 9.72 -87.05 55.74
O3X NAP Q . 8.43 -84.96 55.88
K K R . 20.97 -87.60 35.94
PA NAP S . 1.48 48.67 19.46
O1A NAP S . 0.88 49.36 20.61
O2A NAP S . 1.78 49.60 18.35
O5B NAP S . 2.86 48.03 20.00
C5B NAP S . 2.98 47.69 21.35
C4B NAP S . 4.43 47.93 21.87
O4B NAP S . 5.10 46.81 22.05
C3B NAP S . 5.26 48.74 20.86
O3B NAP S . 5.09 50.04 21.16
C2B NAP S . 6.71 48.29 21.11
O2B NAP S . 7.38 49.16 22.12
C1B NAP S . 6.62 47.07 21.56
N9A NAP S . 6.95 46.11 20.55
C8A NAP S . 7.11 46.08 19.24
N7A NAP S . 7.42 44.83 18.89
C5A NAP S . 7.44 44.10 20.00
C6A NAP S . 7.70 42.79 20.24
N6A NAP S . 8.02 41.77 19.32
N1A NAP S . 7.65 42.31 21.46
C2A NAP S . 7.34 43.11 22.48
N3A NAP S . 7.09 44.41 22.25
C4A NAP S . 7.15 44.89 21.01
O3 NAP S . 0.48 47.48 18.98
PN NAP S . -0.46 46.63 19.97
O1N NAP S . -0.23 45.21 19.74
O2N NAP S . -0.07 47.04 21.35
O5D NAP S . -2.00 46.89 19.72
C5D NAP S . -2.48 48.05 20.27
C4D NAP S . -2.83 49.11 19.21
O4D NAP S . -3.25 48.57 18.14
C3D NAP S . -4.02 49.92 19.71
O3D NAP S . -3.69 51.20 19.65
C2D NAP S . -5.11 49.58 18.71
O2D NAP S . -6.07 50.68 18.62
C1D NAP S . -4.46 49.46 17.62
N1N NAP S . -5.16 48.65 16.70
C2N NAP S . -5.68 49.14 15.59
C3N NAP S . -6.36 48.32 14.73
C7N NAP S . -6.97 48.85 13.47
O7N NAP S . -7.35 48.11 12.68
N7N NAP S . -7.11 50.23 13.22
C4N NAP S . -6.48 47.03 14.98
C5N NAP S . -5.94 46.54 16.08
C6N NAP S . -5.27 47.36 16.94
P2B NAP S . 8.01 50.58 21.58
O1X NAP S . 7.25 51.75 22.12
O2X NAP S . 7.86 50.62 20.09
O3X NAP S . 9.45 50.73 21.97
K K T . -11.61 56.21 26.59
PA NAP U . 12.91 67.24 -12.99
O1A NAP U . 13.71 66.60 -14.06
O2A NAP U . 12.61 66.21 -11.95
O5B NAP U . 13.71 68.51 -12.33
C5B NAP U . 13.80 68.67 -10.94
C4B NAP U . 14.77 69.82 -10.51
O4B NAP U . 15.40 70.36 -11.52
C3B NAP U . 14.04 71.02 -9.88
O3B NAP U . 14.91 71.79 -9.20
C2B NAP U . 13.58 71.77 -11.13
O2B NAP U . 13.11 73.17 -10.89
C1B NAP U . 14.65 71.75 -11.86
O3 NAP U . 11.63 67.76 -13.79
PN NAP U . 10.15 67.28 -13.48
O1N NAP U . 9.36 68.47 -13.40
O2N NAP U . 10.13 66.63 -12.18
O5D NAP U . 9.55 66.36 -14.62
C5D NAP U . 10.29 65.27 -14.94
C4D NAP U . 9.82 63.99 -14.24
O4D NAP U . 8.57 64.02 -13.93
C3D NAP U . 9.91 62.87 -15.25
O3D NAP U . 10.48 61.86 -14.61
C2D NAP U . 8.47 62.51 -15.57
O2D NAP U . 8.40 61.12 -16.06
C1D NAP U . 7.95 62.64 -14.40
N1N NAP U . 6.53 62.77 -14.51
C2N NAP U . 5.70 61.84 -14.06
C3N NAP U . 4.35 62.01 -14.20
C7N NAP U . 3.38 60.97 -13.69
O7N NAP U . 2.27 61.26 -13.60
N7N NAP U . 3.83 59.66 -13.33
C4N NAP U . 3.85 63.08 -14.78
C5N NAP U . 4.69 64.00 -15.23
C6N NAP U . 6.03 63.84 -15.07
P2B NAP U . 13.87 74.27 -9.93
O1X NAP U . 13.53 73.96 -8.52
O2X NAP U . 15.36 74.18 -10.12
O3X NAP U . 13.40 75.65 -10.24
K K V . 14.12 55.77 -23.86
PA NAP W . -41.80 24.17 -26.66
O1A NAP W . -41.87 23.42 -27.90
O2A NAP W . -42.03 25.60 -26.82
O5B NAP W . -42.86 23.64 -25.62
C5B NAP W . -42.36 23.63 -24.32
C4B NAP W . -43.46 24.06 -23.34
O4B NAP W . -44.17 25.05 -23.81
C3B NAP W . -44.41 22.89 -23.22
O3B NAP W . -44.66 22.76 -21.92
C2B NAP W . -45.62 23.38 -24.03
O2B NAP W . -46.78 22.65 -23.50
C1B NAP W . -45.72 24.66 -23.84
N9A NAP W . -46.19 25.40 -24.98
C8A NAP W . -45.74 25.48 -26.22
N7A NAP W . -46.50 26.32 -26.91
C5A NAP W . -47.43 26.78 -26.09
C6A NAP W . -48.45 27.66 -26.30
N6A NAP W . -48.79 28.34 -27.52
N1A NAP W . -49.27 27.97 -25.33
C2A NAP W . -49.09 27.41 -24.14
N3A NAP W . -48.10 26.55 -23.94
C4A NAP W . -47.26 26.22 -24.91
O3 NAP W . -40.34 23.89 -26.00
PN NAP W . -39.43 22.57 -26.11
O1N NAP W . -39.51 21.90 -24.85
O2N NAP W . -39.88 21.77 -27.26
O5D NAP W . -37.93 23.03 -26.23
C5D NAP W . -37.57 23.51 -27.45
C4D NAP W . -37.45 25.02 -27.54
O4D NAP W . -37.04 25.50 -26.45
C3D NAP W . -36.32 25.33 -28.48
O3D NAP W . -36.73 26.20 -29.39
C2D NAP W . -35.30 26.00 -27.59
O2D NAP W . -34.37 26.79 -28.37
C1D NAP W . -36.05 26.70 -26.85
N1N NAP W . -35.31 27.06 -25.70
C2N NAP W . -34.93 28.29 -25.42
C3N NAP W . -34.21 28.52 -24.28
C7N NAP W . -33.70 29.87 -23.83
O7N NAP W . -33.24 29.98 -22.80
N7N NAP W . -33.74 31.02 -24.64
C4N NAP W . -33.88 27.52 -23.50
C5N NAP W . -34.27 26.30 -23.78
C6N NAP W . -34.99 26.07 -24.89
P2B NAP W . -47.06 21.22 -24.22
O1X NAP W . -47.28 20.19 -23.15
O2X NAP W . -48.24 21.46 -25.08
O3X NAP W . -45.97 20.75 -25.13
K K X . -29.29 24.93 -38.01
PA NAP Y . -56.32 58.67 -19.36
O1A NAP Y . -56.97 58.37 -18.07
O2A NAP Y . -55.54 57.49 -19.80
O5B NAP Y . -57.49 59.00 -20.39
C5B NAP Y . -57.46 60.23 -21.02
C4B NAP Y . -57.38 60.03 -22.54
O4B NAP Y . -58.16 59.07 -22.93
C3B NAP Y . -57.87 61.31 -23.24
O3B NAP Y . -56.88 61.84 -24.00
C2B NAP Y . -59.04 60.85 -24.12
O2B NAP Y . -58.52 60.29 -25.37
C1B NAP Y . -59.47 59.80 -23.51
N9A NAP Y . -60.45 60.07 -22.50
C8A NAP Y . -60.50 60.05 -21.18
N7A NAP Y . -61.74 60.34 -20.82
C5A NAP Y . -62.48 60.49 -21.92
C6A NAP Y . -63.80 60.78 -22.14
N6A NAP Y . -64.86 61.02 -21.21
N1A NAP Y . -64.25 60.89 -23.37
C2A NAP Y . -63.44 60.72 -24.41
N3A NAP Y . -62.14 60.42 -24.20
C4A NAP Y . -61.67 60.32 -22.95
O3 NAP Y . -55.55 60.05 -19.22
PN NAP Y . -53.98 60.11 -19.29
O1N NAP Y . -53.54 61.31 -19.94
O2N NAP Y . -53.51 58.99 -20.10
O5D NAP Y . -53.33 60.18 -17.85
C5D NAP Y . -53.99 59.61 -16.82
C4D NAP Y . -53.29 58.36 -16.29
O4D NAP Y . -52.04 58.31 -16.57
C3D NAP Y . -53.31 58.42 -14.78
O3D NAP Y . -53.87 57.30 -14.35
C2D NAP Y . -51.85 58.47 -14.41
O2D NAP Y . -51.67 57.95 -13.05
C1D NAP Y . -51.30 57.73 -15.31
N1N NAP Y . -49.96 58.15 -15.44
C2N NAP Y . -48.96 57.38 -15.07
C3N NAP Y . -47.68 57.83 -15.17
C7N NAP Y . -46.54 56.93 -14.76
O7N NAP Y . -45.45 57.18 -15.07
N7N NAP Y . -46.82 55.78 -13.98
C4N NAP Y . -47.45 59.05 -15.64
C5N NAP Y . -48.45 59.83 -16.00
C6N NAP Y . -49.73 59.38 -15.89
P2B NAP Y . -58.53 61.21 -26.69
O1X NAP Y . -58.12 60.30 -27.80
O2X NAP Y . -59.88 61.70 -26.98
O3X NAP Y . -57.63 62.36 -26.52
K K Z . -57.38 59.94 -3.56
PA NAP AA . 19.09 -14.14 -10.71
O1A NAP AA . 18.10 -14.08 -9.65
O2A NAP AA . 19.86 -12.93 -10.53
O5B NAP AA . 20.05 -15.39 -10.51
C5B NAP AA . 20.84 -15.84 -11.54
C4B NAP AA . 22.20 -16.31 -10.98
O4B NAP AA . 22.67 -15.38 -10.23
C3B NAP AA . 22.07 -17.49 -10.03
O3B NAP AA . 23.14 -18.31 -10.12
C2B NAP AA . 22.13 -16.79 -8.69
O2B NAP AA . 22.32 -17.81 -7.68
C1B NAP AA . 23.12 -15.99 -8.84
N9A NAP AA . 22.99 -14.86 -7.98
C8A NAP AA . 21.97 -14.07 -7.69
N7A NAP AA . 22.38 -13.13 -6.85
C5A NAP AA . 23.66 -13.33 -6.62
C6A NAP AA . 24.56 -12.67 -5.85
N6A NAP AA . 24.38 -11.52 -5.01
N1A NAP AA . 25.79 -13.08 -5.80
C2A NAP AA . 26.16 -14.13 -6.50
N3A NAP AA . 25.28 -14.79 -7.25
C4A NAP AA . 24.03 -14.38 -7.32
O3 NAP AA . 18.34 -14.20 -12.10
PN NAP AA . 17.34 -15.30 -12.66
O1N NAP AA . 16.26 -15.48 -11.73
O2N NAP AA . 17.96 -16.56 -12.98
O5D NAP AA . 16.68 -14.73 -13.97
C5D NAP AA . 15.81 -13.69 -13.83
C4D NAP AA . 16.51 -12.36 -14.04
O4D NAP AA . 17.32 -12.42 -15.03
C3D NAP AA . 15.44 -11.39 -14.51
O3D NAP AA . 15.53 -10.30 -13.77
C2D NAP AA . 15.88 -11.07 -15.92
O2D NAP AA . 15.31 -9.78 -16.34
C1D NAP AA . 17.15 -11.06 -15.82
N1N NAP AA . 17.69 -11.24 -17.11
C2N NAP AA . 18.32 -10.29 -17.77
C3N NAP AA . 18.78 -10.54 -19.02
C7N NAP AA . 19.53 -9.53 -19.86
O7N NAP AA . 19.96 -9.89 -20.84
N7N NAP AA . 19.69 -8.15 -19.51
C4N NAP AA . 18.59 -11.74 -19.58
C5N NAP AA . 17.95 -12.68 -18.91
C6N NAP AA . 17.50 -12.42 -17.66
P2B NAP AA . 21.02 -17.96 -6.77
O1X NAP AA . 20.21 -16.75 -6.88
O2X NAP AA . 20.25 -19.12 -7.24
O3X NAP AA . 21.40 -18.14 -5.37
K K BA . 5.24 -4.75 -15.02
PA NAP CA . 23.27 25.64 -68.77
O1A NAP CA . 23.82 24.28 -68.54
O2A NAP CA . 21.81 25.66 -68.93
O5B NAP CA . 23.94 26.23 -70.09
C5B NAP CA . 24.61 27.43 -69.91
C4B NAP CA . 25.81 27.56 -70.87
O4B NAP CA . 25.55 27.02 -72.03
C3B NAP CA . 26.00 29.04 -71.10
O3B NAP CA . 27.09 29.49 -70.44
C2B NAP CA . 26.19 29.14 -72.60
O2B NAP CA . 27.62 28.86 -72.94
C1B NAP CA . 25.38 28.23 -73.05
N9A NAP CA . 24.03 28.72 -73.01
C8A NAP CA . 23.20 29.14 -72.07
N7A NAP CA . 22.05 29.50 -72.64
C5A NAP CA . 22.14 29.29 -73.95
C6A NAP CA . 21.27 29.47 -75.01
N6A NAP CA . 19.90 29.97 -75.06
N1A NAP CA . 21.66 29.17 -76.22
C2A NAP CA . 22.89 28.69 -76.45
N3A NAP CA . 23.74 28.51 -75.41
C4A NAP CA . 23.37 28.81 -74.17
O3 NAP CA . 23.66 26.63 -67.58
PN NAP CA . 24.48 26.08 -66.33
O1N NAP CA . 24.29 26.97 -65.19
O2N NAP CA . 25.88 26.00 -66.65
O5D NAP CA . 23.93 24.64 -66.00
C5D NAP CA . 22.74 24.58 -65.34
C4D NAP CA . 22.40 23.10 -65.38
O4D NAP CA . 23.22 22.53 -64.56
C3D NAP CA . 21.02 22.84 -64.80
O3D NAP CA . 20.48 21.80 -65.44
C2D NAP CA . 21.33 22.49 -63.37
O2D NAP CA . 20.18 21.78 -62.82
C1D NAP CA . 22.32 21.71 -63.55
N1N NAP CA . 23.07 21.61 -62.36
C2N NAP CA . 23.36 20.43 -61.85
C3N NAP CA . 24.06 20.39 -60.70
C7N NAP CA . 24.41 19.09 -60.04
O7N NAP CA . 25.22 19.12 -59.22
N7N NAP CA . 23.75 17.88 -60.39
C4N NAP CA . 24.44 21.49 -60.08
C5N NAP CA . 24.14 22.67 -60.61
C6N NAP CA . 23.45 22.72 -61.77
P2B NAP CA . 28.69 30.07 -72.69
O1X NAP CA . 28.57 31.05 -73.79
O2X NAP CA . 28.42 30.75 -71.40
O3X NAP CA . 30.08 29.54 -72.68
K K DA . 9.53 22.40 -62.89
#